data_5W5E
#
_entry.id   5W5E
#
_cell.length_a   1
_cell.length_b   1
_cell.length_c   1
_cell.angle_alpha   90.00
_cell.angle_beta   90.00
_cell.angle_gamma   90.00
#
_symmetry.space_group_name_H-M   'P 1'
#
_entity_poly.entity_id   1
_entity_poly.type   'polypeptide(L)'
_entity_poly.pdbx_seq_one_letter_code
;MMIPQTLTNTNLFIDGVSFAGDVPSLTLPKLAVKTEQYRAGGMDAPVSIDMGLEAMEAKFSTNGARREALNFFGLADQSA
FNGVFRGSFKGQKGASVPVVATLRGLLKEVDPGDWKAGEKAEFKYAVAVSYYKLEVDGREVYEIDPVNGVRAINGVDQLA
GMRNDLGL
;
_entity_poly.pdbx_strand_id   A,B,C,D,E,F,G,H,I,J,K,L,M,N,O,P,Q,R,S,T,U,V,W,X,Y,Z,a,b,c,d
#
# COMPACT_ATOMS: atom_id res chain seq x y z
N MET A 2 -7.89 -11.70 -36.16
CA MET A 2 -6.57 -11.63 -36.77
C MET A 2 -6.39 -10.34 -37.56
N ILE A 3 -6.44 -9.21 -36.87
CA ILE A 3 -6.07 -7.94 -37.48
C ILE A 3 -5.76 -6.95 -36.36
N PRO A 4 -4.72 -6.11 -36.46
CA PRO A 4 -4.52 -5.09 -35.44
C PRO A 4 -5.68 -4.11 -35.42
N GLN A 5 -5.99 -3.65 -34.21
CA GLN A 5 -7.15 -2.79 -34.01
C GLN A 5 -7.13 -2.28 -32.58
N THR A 6 -7.58 -1.05 -32.40
CA THR A 6 -7.66 -0.48 -31.07
C THR A 6 -8.44 0.81 -31.12
N LEU A 7 -8.55 1.46 -29.97
CA LEU A 7 -9.25 2.72 -29.86
C LEU A 7 -8.43 3.85 -30.46
N THR A 8 -9.11 4.76 -31.13
CA THR A 8 -8.50 5.95 -31.70
C THR A 8 -9.15 7.23 -31.22
N ASN A 9 -10.45 7.20 -30.92
CA ASN A 9 -11.17 8.39 -30.51
C ASN A 9 -12.49 7.96 -29.89
N THR A 10 -13.07 8.87 -29.13
CA THR A 10 -14.25 8.56 -28.32
C THR A 10 -15.20 9.74 -28.35
N ASN A 11 -16.33 9.59 -27.66
CA ASN A 11 -17.30 10.66 -27.47
C ASN A 11 -18.32 10.18 -26.45
N LEU A 12 -19.00 11.15 -25.84
CA LEU A 12 -19.99 10.89 -24.80
C LEU A 12 -21.27 11.66 -25.11
N PHE A 13 -22.40 10.99 -24.98
CA PHE A 13 -23.70 11.63 -25.02
C PHE A 13 -24.40 11.44 -23.69
N ILE A 14 -25.01 12.52 -23.21
CA ILE A 14 -25.89 12.50 -22.06
C ILE A 14 -27.10 13.35 -22.40
N ASP A 15 -28.29 12.75 -22.36
CA ASP A 15 -29.53 13.46 -22.65
C ASP A 15 -29.50 14.08 -24.04
N GLY A 16 -28.85 13.40 -24.98
CA GLY A 16 -28.70 13.89 -26.32
C GLY A 16 -27.66 14.98 -26.50
N VAL A 17 -27.08 15.48 -25.42
CA VAL A 17 -26.06 16.51 -25.50
C VAL A 17 -24.73 15.84 -25.82
N SER A 18 -24.03 16.37 -26.81
CA SER A 18 -22.72 15.86 -27.18
C SER A 18 -21.65 16.54 -26.35
N PHE A 19 -20.78 15.74 -25.77
CA PHE A 19 -19.53 16.21 -25.17
C PHE A 19 -18.36 15.90 -26.09
N ALA A 20 -18.55 16.07 -27.38
CA ALA A 20 -17.45 15.96 -28.31
C ALA A 20 -16.54 17.14 -28.07
N GLY A 21 -15.55 16.96 -27.19
CA GLY A 21 -14.66 18.03 -26.82
C GLY A 21 -14.20 18.03 -25.38
N ASP A 22 -14.89 17.32 -24.48
CA ASP A 22 -14.50 17.31 -23.06
C ASP A 22 -14.70 15.95 -22.38
N VAL A 23 -14.11 14.89 -22.91
CA VAL A 23 -14.12 13.59 -22.25
C VAL A 23 -12.71 12.99 -22.25
N PRO A 24 -11.79 13.53 -21.44
CA PRO A 24 -10.42 13.00 -21.43
C PRO A 24 -10.33 11.52 -21.11
N SER A 25 -11.05 11.07 -20.10
CA SER A 25 -11.08 9.67 -19.71
C SER A 25 -12.52 9.19 -19.78
N LEU A 26 -12.71 8.07 -20.47
CA LEU A 26 -13.99 7.41 -20.54
C LEU A 26 -13.81 5.96 -20.10
N THR A 27 -14.72 5.49 -19.25
CA THR A 27 -14.63 4.15 -18.69
C THR A 27 -15.97 3.43 -18.85
N LEU A 28 -15.94 2.33 -19.52
CA LEU A 28 -17.05 1.41 -19.61
C LEU A 28 -17.10 0.59 -18.31
N PRO A 29 -18.29 0.33 -17.75
CA PRO A 29 -18.33 -0.33 -16.44
C PRO A 29 -17.74 -1.73 -16.51
N LYS A 30 -16.90 -2.03 -15.55
CA LYS A 30 -16.31 -3.35 -15.45
C LYS A 30 -17.41 -4.38 -15.24
N LEU A 31 -17.23 -5.54 -15.86
CA LEU A 31 -18.17 -6.64 -15.76
C LEU A 31 -17.48 -7.82 -15.11
N ALA A 32 -18.17 -8.41 -14.14
CA ALA A 32 -17.67 -9.56 -13.43
C ALA A 32 -18.87 -10.37 -12.98
N VAL A 33 -18.59 -11.58 -12.55
CA VAL A 33 -19.57 -12.42 -11.90
C VAL A 33 -19.11 -12.63 -10.46
N LYS A 34 -20.07 -12.92 -9.58
CA LYS A 34 -19.77 -13.18 -8.18
C LYS A 34 -19.31 -14.63 -8.06
N THR A 35 -18.08 -14.88 -8.51
CA THR A 35 -17.54 -16.23 -8.40
C THR A 35 -17.34 -16.58 -6.95
N GLU A 36 -17.97 -17.65 -6.54
CA GLU A 36 -17.73 -18.26 -5.24
C GLU A 36 -16.85 -19.47 -5.46
N GLN A 37 -15.60 -19.37 -5.03
CA GLN A 37 -14.68 -20.49 -5.15
C GLN A 37 -15.23 -21.68 -4.39
N TYR A 38 -15.58 -22.72 -5.12
CA TYR A 38 -16.34 -23.83 -4.58
C TYR A 38 -15.48 -25.08 -4.58
N ARG A 39 -15.27 -25.63 -3.40
CA ARG A 39 -14.61 -26.91 -3.21
C ARG A 39 -15.49 -27.78 -2.35
N ALA A 40 -15.66 -29.03 -2.78
CA ALA A 40 -16.49 -29.99 -2.09
C ALA A 40 -15.71 -31.29 -1.94
N GLY A 41 -16.37 -32.30 -1.40
CA GLY A 41 -15.75 -33.59 -1.28
C GLY A 41 -15.60 -34.25 -2.63
N GLY A 42 -14.51 -35.00 -2.78
CA GLY A 42 -14.25 -35.72 -4.00
C GLY A 42 -13.58 -34.90 -5.07
N MET A 43 -13.26 -33.64 -4.80
CA MET A 43 -12.57 -32.78 -5.75
C MET A 43 -11.44 -32.05 -5.05
N ASP A 44 -10.25 -32.13 -5.64
CA ASP A 44 -9.06 -31.52 -5.03
C ASP A 44 -9.08 -30.01 -5.15
N ALA A 45 -9.31 -29.49 -6.36
CA ALA A 45 -9.11 -28.09 -6.67
C ALA A 45 -10.45 -27.36 -6.72
N PRO A 46 -10.57 -26.16 -6.15
CA PRO A 46 -11.85 -25.46 -6.19
C PRO A 46 -12.23 -25.03 -7.60
N VAL A 47 -13.54 -25.03 -7.85
CA VAL A 47 -14.11 -24.51 -9.10
C VAL A 47 -14.96 -23.31 -8.75
N SER A 48 -14.83 -22.26 -9.53
CA SER A 48 -15.66 -21.08 -9.39
C SER A 48 -17.07 -21.36 -9.89
N ILE A 49 -18.06 -20.75 -9.25
CA ILE A 49 -19.46 -20.88 -9.64
C ILE A 49 -20.01 -19.49 -9.93
N ASP A 50 -20.77 -19.38 -11.01
CA ASP A 50 -21.44 -18.14 -11.38
C ASP A 50 -22.68 -17.98 -10.51
N MET A 51 -22.63 -17.02 -9.57
CA MET A 51 -23.74 -16.73 -8.67
C MET A 51 -24.31 -15.34 -8.90
N GLY A 52 -24.20 -14.83 -10.12
CA GLY A 52 -24.70 -13.52 -10.47
C GLY A 52 -23.57 -12.53 -10.73
N LEU A 53 -23.98 -11.34 -11.13
CA LEU A 53 -23.02 -10.30 -11.49
C LEU A 53 -22.65 -9.46 -10.29
N GLU A 54 -21.51 -8.78 -10.42
CA GLU A 54 -21.08 -7.79 -9.45
C GLU A 54 -21.78 -6.47 -9.73
N ALA A 55 -21.58 -5.52 -8.83
CA ALA A 55 -22.06 -4.17 -9.07
C ALA A 55 -21.29 -3.54 -10.20
N MET A 56 -22.02 -2.87 -11.09
CA MET A 56 -21.43 -2.13 -12.18
C MET A 56 -21.10 -0.73 -11.71
N GLU A 57 -20.08 -0.14 -12.34
CA GLU A 57 -19.77 1.26 -12.10
C GLU A 57 -19.06 1.81 -13.31
N ALA A 58 -19.67 2.79 -13.96
CA ALA A 58 -19.04 3.52 -15.03
C ALA A 58 -18.35 4.76 -14.48
N LYS A 59 -17.49 5.35 -15.31
CA LYS A 59 -16.80 6.57 -14.95
C LYS A 59 -16.51 7.36 -16.22
N PHE A 60 -16.56 8.68 -16.08
CA PHE A 60 -16.18 9.59 -17.14
C PHE A 60 -15.87 10.92 -16.52
N SER A 61 -14.97 11.67 -17.15
CA SER A 61 -14.43 12.89 -16.57
C SER A 61 -14.56 14.05 -17.54
N THR A 62 -14.61 15.24 -16.97
CA THR A 62 -14.63 16.50 -17.71
C THR A 62 -13.66 17.46 -17.04
N ASN A 63 -13.15 18.40 -17.82
CA ASN A 63 -12.24 19.42 -17.32
C ASN A 63 -12.88 20.78 -17.16
N GLY A 64 -14.10 20.97 -17.68
CA GLY A 64 -14.82 22.21 -17.52
C GLY A 64 -16.12 22.03 -16.78
N ALA A 65 -16.68 23.13 -16.29
CA ALA A 65 -17.94 23.07 -15.55
C ALA A 65 -19.06 22.81 -16.54
N ARG A 66 -19.19 21.54 -16.90
CA ARG A 66 -20.21 21.12 -17.86
C ARG A 66 -21.50 20.96 -17.08
N ARG A 67 -22.29 22.03 -17.08
CA ARG A 67 -23.52 22.06 -16.30
C ARG A 67 -24.46 20.91 -16.65
N GLU A 68 -24.43 20.46 -17.90
CA GLU A 68 -25.03 19.18 -18.23
C GLU A 68 -24.12 18.08 -17.69
N ALA A 69 -24.72 17.19 -16.89
CA ALA A 69 -24.09 16.11 -16.14
C ALA A 69 -23.40 16.59 -14.87
N LEU A 70 -23.40 17.89 -14.57
CA LEU A 70 -23.28 18.35 -13.19
C LEU A 70 -24.64 18.43 -12.52
N ASN A 71 -25.69 18.61 -13.30
CA ASN A 71 -27.05 18.75 -12.79
C ASN A 71 -27.81 17.43 -12.72
N PHE A 72 -27.12 16.30 -12.86
CA PHE A 72 -27.72 14.98 -12.71
C PHE A 72 -27.23 14.22 -11.49
N PHE A 73 -26.49 14.87 -10.61
CA PHE A 73 -26.05 14.27 -9.37
C PHE A 73 -27.18 14.27 -8.35
N GLY A 74 -27.27 13.19 -7.59
CA GLY A 74 -28.09 13.21 -6.41
C GLY A 74 -29.56 13.47 -6.67
N LEU A 75 -30.02 13.19 -7.88
CA LEU A 75 -31.43 13.34 -8.19
C LEU A 75 -32.21 12.26 -7.46
N ALA A 76 -33.43 12.61 -7.03
CA ALA A 76 -34.29 11.63 -6.42
C ALA A 76 -34.66 10.53 -7.40
N ASP A 77 -34.85 10.90 -8.66
CA ASP A 77 -35.22 9.94 -9.70
C ASP A 77 -33.95 9.25 -10.19
N GLN A 78 -33.56 8.21 -9.45
CA GLN A 78 -32.53 7.32 -9.94
C GLN A 78 -32.98 6.70 -11.26
N SER A 79 -32.00 6.36 -12.09
CA SER A 79 -32.16 5.85 -13.46
C SER A 79 -32.61 6.92 -14.43
N ALA A 80 -32.74 8.18 -14.00
CA ALA A 80 -32.95 9.28 -14.92
C ALA A 80 -31.65 9.69 -15.61
N PHE A 81 -30.51 9.36 -15.02
CA PHE A 81 -29.24 9.61 -15.68
C PHE A 81 -29.03 8.62 -16.79
N ASN A 82 -29.41 8.98 -18.02
CA ASN A 82 -29.11 8.16 -19.17
C ASN A 82 -27.65 8.39 -19.56
N GLY A 83 -27.25 7.85 -20.70
CA GLY A 83 -25.88 8.00 -21.14
C GLY A 83 -25.51 7.04 -22.23
N VAL A 84 -24.62 7.47 -23.11
CA VAL A 84 -24.12 6.64 -24.21
C VAL A 84 -22.61 6.83 -24.28
N PHE A 85 -21.87 5.76 -24.06
CA PHE A 85 -20.43 5.73 -24.25
C PHE A 85 -20.13 5.21 -25.65
N ARG A 86 -19.54 6.06 -26.48
CA ARG A 86 -19.14 5.70 -27.83
C ARG A 86 -17.63 5.61 -27.94
N GLY A 87 -17.18 4.66 -28.76
CA GLY A 87 -15.77 4.47 -29.02
C GLY A 87 -15.54 3.99 -30.43
N SER A 88 -14.62 4.63 -31.13
CA SER A 88 -14.31 4.32 -32.53
C SER A 88 -13.07 3.46 -32.58
N PHE A 89 -13.25 2.17 -32.82
CA PHE A 89 -12.15 1.23 -32.95
C PHE A 89 -11.81 1.10 -34.43
N LYS A 90 -10.62 1.56 -34.79
CA LYS A 90 -10.12 1.46 -36.15
C LYS A 90 -9.10 0.32 -36.22
N GLY A 91 -9.24 -0.52 -37.23
CA GLY A 91 -8.29 -1.59 -37.46
C GLY A 91 -7.01 -1.05 -38.05
N GLN A 92 -6.14 -1.98 -38.44
CA GLN A 92 -5.01 -1.60 -39.28
C GLN A 92 -5.50 -1.04 -40.59
N LYS A 93 -6.25 -1.83 -41.34
CA LYS A 93 -6.80 -1.39 -42.60
C LYS A 93 -7.85 -0.31 -42.35
N GLY A 94 -8.30 0.30 -43.44
CA GLY A 94 -9.22 1.41 -43.35
C GLY A 94 -10.64 0.98 -43.05
N ALA A 95 -10.86 0.54 -41.80
CA ALA A 95 -12.17 0.13 -41.34
C ALA A 95 -12.34 0.58 -39.90
N SER A 96 -13.56 0.97 -39.56
CA SER A 96 -13.88 1.51 -38.24
C SER A 96 -15.05 0.74 -37.66
N VAL A 97 -14.88 0.33 -36.41
CA VAL A 97 -15.86 -0.48 -35.68
C VAL A 97 -16.45 0.39 -34.58
N PRO A 98 -17.72 0.77 -34.64
CA PRO A 98 -18.31 1.52 -33.54
C PRO A 98 -18.65 0.61 -32.37
N VAL A 99 -18.35 1.09 -31.17
CA VAL A 99 -18.72 0.43 -29.92
C VAL A 99 -19.57 1.41 -29.13
N VAL A 100 -20.71 0.94 -28.66
CA VAL A 100 -21.71 1.77 -27.99
C VAL A 100 -22.13 1.06 -26.72
N ALA A 101 -22.12 1.79 -25.61
CA ALA A 101 -22.61 1.29 -24.34
C ALA A 101 -23.65 2.26 -23.79
N THR A 102 -24.90 1.97 -24.07
CA THR A 102 -25.98 2.71 -23.45
C THR A 102 -25.99 2.41 -21.96
N LEU A 103 -26.04 3.46 -21.17
CA LEU A 103 -26.12 3.36 -19.72
C LEU A 103 -27.36 4.07 -19.21
N ARG A 104 -27.78 3.66 -18.02
CA ARG A 104 -28.87 4.32 -17.33
C ARG A 104 -28.77 3.95 -15.87
N GLY A 105 -28.67 4.94 -15.01
CA GLY A 105 -28.48 4.69 -13.61
C GLY A 105 -28.42 5.95 -12.78
N LEU A 106 -27.44 6.03 -11.89
CA LEU A 106 -27.28 7.13 -10.95
C LEU A 106 -25.92 7.76 -11.15
N LEU A 107 -25.88 9.09 -11.25
CA LEU A 107 -24.59 9.77 -11.16
C LEU A 107 -24.16 9.72 -9.71
N LYS A 108 -23.35 8.71 -9.38
CA LYS A 108 -23.08 8.39 -7.99
C LYS A 108 -22.26 9.47 -7.31
N GLU A 109 -21.30 10.04 -8.02
CA GLU A 109 -20.22 10.77 -7.38
C GLU A 109 -19.73 11.88 -8.29
N VAL A 110 -19.34 12.99 -7.67
CA VAL A 110 -18.70 14.11 -8.36
C VAL A 110 -17.50 14.50 -7.53
N ASP A 111 -16.31 14.42 -8.12
CA ASP A 111 -15.05 14.56 -7.39
C ASP A 111 -14.15 15.52 -8.14
N PRO A 112 -14.35 16.82 -7.96
CA PRO A 112 -13.43 17.81 -8.53
C PRO A 112 -12.04 17.64 -7.97
N GLY A 113 -11.08 17.42 -8.86
CA GLY A 113 -9.72 17.25 -8.46
C GLY A 113 -9.13 18.53 -7.90
N ASP A 114 -7.84 18.46 -7.59
CA ASP A 114 -7.14 19.59 -7.02
C ASP A 114 -7.00 20.69 -8.07
N TRP A 115 -7.52 21.87 -7.76
CA TRP A 115 -7.36 23.05 -8.61
C TRP A 115 -6.02 23.68 -8.28
N LYS A 116 -5.04 23.53 -9.18
CA LYS A 116 -3.66 23.89 -8.92
C LYS A 116 -3.22 25.17 -9.65
N ALA A 117 -4.15 25.94 -10.21
CA ALA A 117 -3.85 27.26 -10.77
C ALA A 117 -2.82 27.17 -11.90
N GLY A 118 -3.27 26.55 -12.99
CA GLY A 118 -2.43 26.31 -14.15
C GLY A 118 -2.35 24.84 -14.51
N GLU A 119 -3.36 24.08 -14.07
CA GLU A 119 -3.45 22.66 -14.37
C GLU A 119 -4.91 22.33 -14.60
N LYS A 120 -5.15 21.25 -15.33
CA LYS A 120 -6.51 20.88 -15.69
C LYS A 120 -7.34 20.62 -14.44
N ALA A 121 -8.64 20.91 -14.55
CA ALA A 121 -9.52 20.73 -13.41
C ALA A 121 -9.76 19.25 -13.14
N GLU A 122 -10.14 18.50 -14.17
CA GLU A 122 -10.30 17.06 -14.10
C GLU A 122 -11.38 16.67 -13.06
N PHE A 123 -12.61 17.07 -13.39
CA PHE A 123 -13.76 16.58 -12.64
C PHE A 123 -13.92 15.09 -12.90
N LYS A 124 -13.80 14.29 -11.84
CA LYS A 124 -14.07 12.86 -11.91
C LYS A 124 -15.50 12.63 -11.49
N TYR A 125 -16.23 11.85 -12.29
CA TYR A 125 -17.54 11.38 -11.96
C TYR A 125 -17.51 9.86 -11.83
N ALA A 126 -18.51 9.33 -11.16
CA ALA A 126 -18.78 7.90 -11.15
C ALA A 126 -20.28 7.70 -11.27
N VAL A 127 -20.66 6.65 -11.97
CA VAL A 127 -22.05 6.33 -12.24
C VAL A 127 -22.32 4.93 -11.69
N ALA A 128 -23.40 4.81 -10.93
CA ALA A 128 -23.90 3.50 -10.52
C ALA A 128 -24.95 3.06 -11.53
N VAL A 129 -24.66 1.99 -12.25
CA VAL A 129 -25.40 1.61 -13.44
C VAL A 129 -26.56 0.72 -13.04
N SER A 130 -27.75 1.03 -13.55
CA SER A 130 -28.93 0.20 -13.42
C SER A 130 -29.39 -0.37 -14.75
N TYR A 131 -28.64 -0.16 -15.83
CA TYR A 131 -28.95 -0.77 -17.11
C TYR A 131 -27.73 -0.62 -18.00
N TYR A 132 -27.41 -1.70 -18.71
CA TYR A 132 -26.17 -1.77 -19.50
C TYR A 132 -26.43 -2.54 -20.77
N LYS A 133 -26.38 -1.86 -21.90
CA LYS A 133 -26.44 -2.48 -23.22
C LYS A 133 -25.18 -2.11 -23.97
N LEU A 134 -24.34 -3.09 -24.26
CA LEU A 134 -23.14 -2.90 -25.07
C LEU A 134 -23.41 -3.38 -26.48
N GLU A 135 -23.05 -2.56 -27.46
CA GLU A 135 -23.20 -2.88 -28.87
C GLU A 135 -21.87 -2.69 -29.56
N VAL A 136 -21.56 -3.62 -30.47
CA VAL A 136 -20.35 -3.57 -31.27
C VAL A 136 -20.77 -3.69 -32.72
N ASP A 137 -20.40 -2.70 -33.54
CA ASP A 137 -20.68 -2.72 -34.97
C ASP A 137 -22.17 -2.83 -35.23
N GLY A 138 -22.95 -2.14 -34.41
CA GLY A 138 -24.39 -2.12 -34.55
C GLY A 138 -25.11 -3.35 -34.07
N ARG A 139 -24.39 -4.33 -33.53
CA ARG A 139 -24.97 -5.58 -33.07
C ARG A 139 -24.94 -5.64 -31.54
N GLU A 140 -26.04 -6.13 -30.97
CA GLU A 140 -26.10 -6.35 -29.53
C GLU A 140 -25.07 -7.38 -29.14
N VAL A 141 -24.15 -6.98 -28.26
CA VAL A 141 -23.30 -7.91 -27.55
C VAL A 141 -23.94 -8.31 -26.23
N TYR A 142 -24.16 -7.33 -25.33
CA TYR A 142 -24.85 -7.60 -24.06
C TYR A 142 -26.11 -6.78 -23.93
N GLU A 143 -26.94 -7.20 -22.98
CA GLU A 143 -27.90 -6.32 -22.36
C GLU A 143 -28.18 -6.83 -20.96
N ILE A 144 -27.74 -6.09 -19.95
CA ILE A 144 -28.19 -6.32 -18.58
C ILE A 144 -29.43 -5.47 -18.39
N ASP A 145 -30.41 -6.02 -17.67
CA ASP A 145 -31.41 -5.23 -16.97
C ASP A 145 -31.53 -5.89 -15.60
N PRO A 146 -30.88 -5.34 -14.57
CA PRO A 146 -30.86 -6.06 -13.28
C PRO A 146 -32.24 -6.29 -12.69
N VAL A 147 -33.04 -5.22 -12.62
CA VAL A 147 -34.29 -5.26 -11.87
C VAL A 147 -35.32 -6.14 -12.57
N ASN A 148 -35.23 -6.27 -13.89
CA ASN A 148 -36.10 -7.17 -14.65
C ASN A 148 -35.50 -8.56 -14.84
N GLY A 149 -34.23 -8.76 -14.50
CA GLY A 149 -33.63 -10.07 -14.60
C GLY A 149 -33.19 -10.45 -15.99
N VAL A 150 -32.57 -9.53 -16.73
CA VAL A 150 -32.07 -9.77 -18.06
C VAL A 150 -30.56 -9.80 -18.00
N ARG A 151 -29.97 -10.85 -18.58
CA ARG A 151 -28.53 -10.93 -18.85
C ARG A 151 -28.42 -11.58 -20.22
N ALA A 152 -28.44 -10.76 -21.25
CA ALA A 152 -28.52 -11.25 -22.63
C ALA A 152 -27.14 -11.28 -23.24
N ILE A 153 -26.84 -12.35 -23.97
CA ILE A 153 -25.65 -12.47 -24.78
C ILE A 153 -26.10 -12.66 -26.22
N ASN A 154 -25.77 -11.71 -27.08
CA ASN A 154 -26.14 -11.76 -28.49
C ASN A 154 -27.65 -11.91 -28.67
N GLY A 155 -28.43 -11.36 -27.74
CA GLY A 155 -29.86 -11.48 -27.77
C GLY A 155 -30.43 -12.69 -27.05
N VAL A 156 -29.58 -13.50 -26.41
CA VAL A 156 -30.00 -14.71 -25.72
C VAL A 156 -29.96 -14.43 -24.23
N ASP A 157 -31.13 -14.26 -23.62
CA ASP A 157 -31.22 -14.06 -22.17
C ASP A 157 -30.77 -15.32 -21.46
N GLN A 158 -29.59 -15.26 -20.85
CA GLN A 158 -29.07 -16.40 -20.10
C GLN A 158 -29.88 -16.69 -18.84
N LEU A 159 -30.67 -15.73 -18.38
CA LEU A 159 -31.42 -15.84 -17.13
C LEU A 159 -32.84 -16.34 -17.33
N ALA A 160 -33.19 -16.82 -18.53
CA ALA A 160 -34.56 -17.27 -18.77
C ALA A 160 -34.93 -18.44 -17.87
N GLY A 161 -33.97 -19.32 -17.59
CA GLY A 161 -34.23 -20.43 -16.68
C GLY A 161 -34.53 -19.95 -15.28
N MET A 162 -33.78 -18.95 -14.81
CA MET A 162 -34.04 -18.37 -13.50
C MET A 162 -35.41 -17.71 -13.45
N ARG A 163 -35.78 -17.00 -14.52
CA ARG A 163 -37.08 -16.34 -14.57
C ARG A 163 -38.20 -17.36 -14.56
N ASN A 164 -38.00 -18.49 -15.23
CA ASN A 164 -39.00 -19.56 -15.18
C ASN A 164 -39.07 -20.16 -13.78
N ASP A 165 -37.93 -20.38 -13.15
CA ASP A 165 -37.91 -21.00 -11.83
C ASP A 165 -38.58 -20.11 -10.79
N LEU A 166 -38.32 -18.81 -10.86
CA LEU A 166 -38.88 -17.85 -9.91
C LEU A 166 -40.23 -17.32 -10.33
N GLY A 167 -40.71 -17.63 -11.54
CA GLY A 167 -41.97 -17.10 -12.00
C GLY A 167 -41.94 -15.59 -12.10
N LEU A 168 -41.03 -15.08 -12.92
CA LEU A 168 -40.71 -13.65 -12.97
C LEU A 168 -40.17 -13.19 -11.63
N MET B 2 -19.48 20.91 -26.27
CA MET B 2 -18.60 20.77 -27.42
C MET B 2 -17.70 21.98 -27.60
N ILE B 3 -16.82 22.21 -26.63
CA ILE B 3 -15.77 23.21 -26.79
C ILE B 3 -14.67 22.90 -25.77
N PRO B 4 -13.38 22.98 -26.11
CA PRO B 4 -12.36 22.81 -25.09
C PRO B 4 -12.45 23.89 -24.03
N GLN B 5 -12.16 23.50 -22.80
CA GLN B 5 -12.31 24.39 -21.66
C GLN B 5 -11.70 23.72 -20.44
N THR B 6 -11.11 24.53 -19.58
CA THR B 6 -10.54 24.00 -18.34
C THR B 6 -10.18 25.16 -17.43
N LEU B 7 -9.60 24.82 -16.28
CA LEU B 7 -9.18 25.80 -15.31
C LEU B 7 -7.91 26.49 -15.78
N THR B 8 -7.84 27.79 -15.53
CA THR B 8 -6.67 28.60 -15.82
C THR B 8 -6.13 29.32 -14.61
N ASN B 9 -7.00 29.69 -13.66
CA ASN B 9 -6.58 30.44 -12.50
C ASN B 9 -7.69 30.37 -11.46
N THR B 10 -7.33 30.66 -10.22
CA THR B 10 -8.22 30.46 -9.09
C THR B 10 -8.04 31.61 -8.10
N ASN B 11 -8.81 31.56 -7.03
CA ASN B 11 -8.69 32.51 -5.92
C ASN B 11 -9.58 32.01 -4.79
N LEU B 12 -9.26 32.47 -3.58
CA LEU B 12 -9.96 32.08 -2.36
C LEU B 12 -10.34 33.30 -1.57
N PHE B 13 -11.57 33.34 -1.09
CA PHE B 13 -12.02 34.33 -0.13
C PHE B 13 -12.42 33.65 1.16
N ILE B 14 -12.00 34.24 2.27
CA ILE B 14 -12.44 33.85 3.60
C ILE B 14 -12.72 35.13 4.37
N ASP B 15 -13.95 35.28 4.85
CA ASP B 15 -14.36 36.45 5.62
C ASP B 15 -14.10 37.73 4.84
N GLY B 16 -14.29 37.68 3.52
CA GLY B 16 -14.05 38.80 2.65
C GLY B 16 -12.60 39.08 2.35
N VAL B 17 -11.67 38.39 3.01
CA VAL B 17 -10.25 38.59 2.77
C VAL B 17 -9.86 37.82 1.52
N SER B 18 -9.17 38.47 0.61
CA SER B 18 -8.69 37.82 -0.60
C SER B 18 -7.34 37.19 -0.35
N PHE B 19 -7.21 35.93 -0.74
CA PHE B 19 -5.93 35.24 -0.83
C PHE B 19 -5.49 35.14 -2.28
N ALA B 20 -5.71 36.20 -3.05
CA ALA B 20 -5.17 36.26 -4.39
C ALA B 20 -3.67 36.38 -4.27
N GLY B 21 -2.99 35.25 -4.26
CA GLY B 21 -1.55 35.22 -4.09
C GLY B 21 -1.01 34.04 -3.31
N ASP B 22 -1.84 33.33 -2.54
CA ASP B 22 -1.36 32.20 -1.74
C ASP B 22 -2.34 31.03 -1.65
N VAL B 23 -2.78 30.51 -2.79
CA VAL B 23 -3.60 29.29 -2.80
C VAL B 23 -3.06 28.31 -3.85
N PRO B 24 -1.92 27.66 -3.57
CA PRO B 24 -1.35 26.73 -4.55
C PRO B 24 -2.28 25.61 -4.94
N SER B 25 -2.94 24.99 -3.98
CA SER B 25 -3.89 23.91 -4.22
C SER B 25 -5.23 24.33 -3.64
N LEU B 26 -6.27 24.21 -4.47
CA LEU B 26 -7.63 24.46 -4.05
C LEU B 26 -8.47 23.23 -4.39
N THR B 27 -9.28 22.79 -3.44
CA THR B 27 -10.09 21.59 -3.60
C THR B 27 -11.54 21.87 -3.24
N LEU B 28 -12.41 21.67 -4.17
CA LEU B 28 -13.84 21.68 -3.96
C LEU B 28 -14.25 20.36 -3.30
N PRO B 29 -15.16 20.36 -2.33
CA PRO B 29 -15.45 19.11 -1.61
C PRO B 29 -16.05 18.07 -2.54
N LYS B 30 -15.53 16.87 -2.44
CA LYS B 30 -16.04 15.76 -3.21
C LYS B 30 -17.49 15.51 -2.84
N LEU B 31 -18.29 15.16 -3.83
CA LEU B 31 -19.69 14.87 -3.66
C LEU B 31 -19.96 13.43 -4.04
N ALA B 32 -20.69 12.75 -3.17
CA ALA B 32 -21.06 11.36 -3.40
C ALA B 32 -22.38 11.12 -2.70
N VAL B 33 -22.98 10.00 -3.01
CA VAL B 33 -24.15 9.51 -2.31
C VAL B 33 -23.75 8.22 -1.61
N LYS B 34 -24.47 7.90 -0.54
CA LYS B 34 -24.23 6.67 0.20
C LYS B 34 -24.92 5.52 -0.54
N THR B 35 -24.33 5.12 -1.66
CA THR B 35 -24.90 4.01 -2.41
C THR B 35 -24.77 2.73 -1.61
N GLU B 36 -25.90 2.13 -1.36
CA GLU B 36 -25.96 0.79 -0.80
C GLU B 36 -26.25 -0.18 -1.94
N GLN B 37 -25.25 -0.97 -2.30
CA GLN B 37 -25.43 -1.97 -3.35
C GLN B 37 -26.54 -2.92 -2.94
N TYR B 38 -27.63 -2.89 -3.67
CA TYR B 38 -28.85 -3.57 -3.27
C TYR B 38 -29.15 -4.69 -4.25
N ARG B 39 -29.20 -5.90 -3.73
CA ARG B 39 -29.63 -7.08 -4.47
C ARG B 39 -30.71 -7.77 -3.68
N ALA B 40 -31.78 -8.14 -4.38
CA ALA B 40 -32.92 -8.80 -3.78
C ALA B 40 -33.29 -10.01 -4.62
N GLY B 41 -34.37 -10.66 -4.24
CA GLY B 41 -34.84 -11.79 -5.01
C GLY B 41 -35.42 -11.34 -6.34
N GLY B 42 -35.22 -12.17 -7.35
CA GLY B 42 -35.75 -11.90 -8.66
C GLY B 42 -34.89 -10.99 -9.51
N MET B 43 -33.73 -10.57 -8.99
CA MET B 43 -32.80 -9.75 -9.75
C MET B 43 -31.39 -10.31 -9.61
N ASP B 44 -30.72 -10.50 -10.74
CA ASP B 44 -29.38 -11.08 -10.74
C ASP B 44 -28.34 -10.10 -10.23
N ALA B 45 -28.32 -8.89 -10.78
CA ALA B 45 -27.25 -7.94 -10.56
C ALA B 45 -27.65 -6.87 -9.56
N PRO B 46 -26.78 -6.49 -8.61
CA PRO B 46 -27.18 -5.47 -7.64
C PRO B 46 -27.35 -4.10 -8.27
N VAL B 47 -28.29 -3.35 -7.71
CA VAL B 47 -28.52 -1.95 -8.09
C VAL B 47 -28.21 -1.09 -6.88
N SER B 48 -27.48 -0.01 -7.12
CA SER B 48 -27.20 0.97 -6.08
C SER B 48 -28.45 1.79 -5.75
N ILE B 49 -28.59 2.16 -4.49
CA ILE B 49 -29.70 2.98 -4.02
C ILE B 49 -29.15 4.24 -3.38
N ASP B 50 -29.77 5.37 -3.69
CA ASP B 50 -29.40 6.64 -3.09
C ASP B 50 -29.99 6.72 -1.69
N MET B 51 -29.14 6.63 -0.67
CA MET B 51 -29.55 6.70 0.72
C MET B 51 -28.99 7.92 1.43
N GLY B 52 -28.75 9.00 0.68
CA GLY B 52 -28.22 10.24 1.22
C GLY B 52 -26.79 10.48 0.77
N LEU B 53 -26.28 11.63 1.17
CA LEU B 53 -24.95 12.05 0.77
C LEU B 53 -23.90 11.58 1.76
N GLU B 54 -22.66 11.54 1.28
CA GLU B 54 -21.51 11.28 2.12
C GLU B 54 -21.10 12.56 2.83
N ALA B 55 -20.14 12.43 3.74
CA ALA B 55 -19.56 13.59 4.36
C ALA B 55 -18.76 14.38 3.35
N MET B 56 -18.93 15.70 3.37
CA MET B 56 -18.17 16.59 2.55
C MET B 56 -16.87 16.96 3.24
N GLU B 57 -15.85 17.27 2.44
CA GLU B 57 -14.61 17.79 2.98
C GLU B 57 -13.93 18.60 1.90
N ALA B 58 -13.75 19.88 2.16
CA ALA B 58 -12.97 20.76 1.32
C ALA B 58 -11.53 20.81 1.80
N LYS B 59 -10.65 21.32 0.94
CA LYS B 59 -9.26 21.48 1.28
C LYS B 59 -8.70 22.66 0.50
N PHE B 60 -7.78 23.37 1.14
CA PHE B 60 -7.05 24.45 0.50
C PHE B 60 -5.78 24.67 1.31
N SER B 61 -4.73 25.13 0.63
CA SER B 61 -3.42 25.22 1.21
C SER B 61 -2.83 26.61 1.03
N THR B 62 -1.93 26.95 1.94
CA THR B 62 -1.17 28.19 1.90
C THR B 62 0.28 27.87 2.20
N ASN B 63 1.17 28.72 1.72
CA ASN B 63 2.60 28.57 1.96
C ASN B 63 3.15 29.56 2.97
N GLY B 64 2.37 30.57 3.35
CA GLY B 64 2.78 31.51 4.37
C GLY B 64 1.88 31.49 5.57
N ALA B 65 2.34 32.07 6.68
CA ALA B 65 1.56 32.11 7.91
C ALA B 65 0.45 33.12 7.72
N ARG B 66 -0.60 32.68 7.04
CA ARG B 66 -1.75 33.53 6.77
C ARG B 66 -2.62 33.50 8.00
N ARG B 67 -2.42 34.49 8.86
CA ARG B 67 -3.11 34.55 10.15
C ARG B 67 -4.62 34.51 9.97
N GLU B 68 -5.12 35.09 8.89
CA GLU B 68 -6.49 34.83 8.48
C GLU B 68 -6.57 33.41 7.94
N ALA B 69 -7.47 32.62 8.51
CA ALA B 69 -7.69 31.19 8.26
C ALA B 69 -6.68 30.31 8.99
N LEU B 70 -5.71 30.88 9.71
CA LEU B 70 -5.08 30.16 10.82
C LEU B 70 -5.86 30.37 12.11
N ASN B 71 -6.57 31.49 12.21
CA ASN B 71 -7.31 31.84 13.41
C ASN B 71 -8.76 31.35 13.39
N PHE B 72 -9.11 30.47 12.45
CA PHE B 72 -10.45 29.87 12.38
C PHE B 72 -10.45 28.37 12.69
N PHE B 73 -9.34 27.84 13.16
CA PHE B 73 -9.27 26.45 13.58
C PHE B 73 -9.88 26.28 14.96
N GLY B 74 -10.59 25.17 15.14
CA GLY B 74 -10.95 24.77 16.47
C GLY B 74 -11.82 25.75 17.22
N LEU B 75 -12.53 26.62 16.50
CA LEU B 75 -13.42 27.54 17.14
C LEU B 75 -14.62 26.78 17.69
N ALA B 76 -15.14 27.25 18.82
CA ALA B 76 -16.33 26.64 19.38
C ALA B 76 -17.51 26.82 18.45
N ASP B 77 -17.59 27.98 17.79
CA ASP B 77 -18.69 28.27 16.87
C ASP B 77 -18.38 27.62 15.53
N GLN B 78 -18.73 26.34 15.44
CA GLN B 78 -18.74 25.67 14.15
C GLN B 78 -19.70 26.41 13.21
N SER B 79 -19.40 26.31 11.91
CA SER B 79 -20.09 27.00 10.82
C SER B 79 -19.79 28.49 10.80
N ALA B 80 -18.92 28.99 11.67
CA ALA B 80 -18.43 30.36 11.54
C ALA B 80 -17.36 30.48 10.47
N PHE B 81 -16.71 29.37 10.12
CA PHE B 81 -15.77 29.39 9.02
C PHE B 81 -16.51 29.46 7.70
N ASN B 82 -16.70 30.66 7.17
CA ASN B 82 -17.27 30.81 5.84
C ASN B 82 -16.16 30.56 4.83
N GLY B 83 -16.45 30.81 3.55
CA GLY B 83 -15.47 30.58 2.51
C GLY B 83 -16.08 30.57 1.14
N VAL B 84 -15.30 31.01 0.16
CA VAL B 84 -15.72 31.04 -1.24
C VAL B 84 -14.56 30.52 -2.08
N PHE B 85 -14.78 29.40 -2.75
CA PHE B 85 -13.83 28.87 -3.72
C PHE B 85 -14.21 29.35 -5.10
N ARG B 86 -13.33 30.14 -5.71
CA ARG B 86 -13.55 30.66 -7.06
C ARG B 86 -12.59 30.00 -8.04
N GLY B 87 -13.07 29.78 -9.25
CA GLY B 87 -12.28 29.22 -10.32
C GLY B 87 -12.69 29.77 -11.66
N SER B 88 -11.71 30.21 -12.44
CA SER B 88 -11.95 30.82 -13.75
C SER B 88 -11.71 29.78 -14.83
N PHE B 89 -12.79 29.27 -15.41
CA PHE B 89 -12.73 28.30 -16.49
C PHE B 89 -12.82 29.06 -17.80
N LYS B 90 -11.74 29.05 -18.57
CA LYS B 90 -11.68 29.67 -19.88
C LYS B 90 -11.79 28.59 -20.95
N GLY B 91 -12.65 28.82 -21.93
CA GLY B 91 -12.79 27.93 -23.04
C GLY B 91 -11.62 28.06 -24.00
N GLN B 92 -11.75 27.38 -25.14
CA GLN B 92 -10.82 27.65 -26.23
C GLN B 92 -10.98 29.09 -26.69
N LYS B 93 -12.17 29.46 -27.12
CA LYS B 93 -12.44 30.82 -27.54
C LYS B 93 -12.36 31.77 -26.35
N GLY B 94 -12.41 33.05 -26.64
CA GLY B 94 -12.24 34.06 -25.62
C GLY B 94 -13.47 34.23 -24.76
N ALA B 95 -13.73 33.25 -23.91
CA ALA B 95 -14.86 33.29 -22.99
C ALA B 95 -14.43 32.67 -21.67
N SER B 96 -14.93 33.22 -20.57
CA SER B 96 -14.56 32.81 -19.23
C SER B 96 -15.81 32.48 -18.44
N VAL B 97 -15.79 31.32 -17.79
CA VAL B 97 -16.92 30.81 -17.01
C VAL B 97 -16.53 30.85 -15.54
N PRO B 98 -17.15 31.70 -14.72
CA PRO B 98 -16.84 31.66 -13.29
C PRO B 98 -17.54 30.50 -12.61
N VAL B 99 -16.80 29.84 -11.72
CA VAL B 99 -17.32 28.78 -10.86
C VAL B 99 -17.08 29.20 -9.42
N VAL B 100 -18.13 29.14 -8.61
CA VAL B 100 -18.12 29.62 -7.24
C VAL B 100 -18.71 28.54 -6.36
N ALA B 101 -18.01 28.22 -5.28
CA ALA B 101 -18.49 27.29 -4.27
C ALA B 101 -18.43 27.97 -2.91
N THR B 102 -19.54 28.55 -2.51
CA THR B 102 -19.67 29.06 -1.16
C THR B 102 -19.65 27.89 -0.19
N LEU B 103 -18.80 28.00 0.83
CA LEU B 103 -18.70 27.00 1.88
C LEU B 103 -18.96 27.63 3.23
N ARG B 104 -19.36 26.80 4.17
CA ARG B 104 -19.53 27.22 5.55
C ARG B 104 -19.49 25.97 6.41
N GLY B 105 -18.58 25.92 7.35
CA GLY B 105 -18.40 24.75 8.17
C GLY B 105 -17.34 24.91 9.22
N LEU B 106 -16.46 23.92 9.34
CA LEU B 106 -15.43 23.87 10.35
C LEU B 106 -14.08 23.76 9.68
N LEU B 107 -13.12 24.59 10.10
CA LEU B 107 -11.74 24.35 9.70
C LEU B 107 -11.25 23.14 10.49
N LYS B 108 -11.36 21.97 9.88
CA LYS B 108 -11.17 20.72 10.60
C LYS B 108 -9.74 20.53 11.05
N GLU B 109 -8.78 20.91 10.22
CA GLU B 109 -7.42 20.43 10.35
C GLU B 109 -6.45 21.46 9.83
N VAL B 110 -5.30 21.53 10.48
CA VAL B 110 -4.17 22.36 10.07
C VAL B 110 -2.93 21.49 10.15
N ASP B 111 -2.27 21.30 9.00
CA ASP B 111 -1.19 20.32 8.86
C ASP B 111 -0.01 20.99 8.18
N PRO B 112 0.81 21.71 8.94
CA PRO B 112 2.05 22.27 8.38
C PRO B 112 2.97 21.16 7.92
N GLY B 113 3.33 21.20 6.65
CA GLY B 113 4.21 20.21 6.10
C GLY B 113 5.61 20.33 6.67
N ASP B 114 6.50 19.50 6.14
CA ASP B 114 7.87 19.47 6.58
C ASP B 114 8.58 20.75 6.17
N TRP B 115 9.11 21.47 7.15
CA TRP B 115 9.92 22.65 6.90
C TRP B 115 11.34 22.21 6.63
N LYS B 116 11.75 22.28 5.36
CA LYS B 116 13.02 21.70 4.90
C LYS B 116 14.10 22.73 4.62
N ALA B 117 13.91 23.98 5.03
CA ALA B 117 14.97 25.00 4.98
C ALA B 117 15.43 25.24 3.54
N GLY B 118 14.51 25.81 2.76
CA GLY B 118 14.74 26.07 1.35
C GLY B 118 13.69 25.41 0.48
N GLU B 119 12.53 25.12 1.07
CA GLU B 119 11.41 24.53 0.36
C GLU B 119 10.13 25.15 0.89
N LYS B 120 9.09 25.11 0.07
CA LYS B 120 7.84 25.74 0.44
C LYS B 120 7.27 25.13 1.72
N ALA B 121 6.57 25.96 2.49
CA ALA B 121 6.02 25.49 3.75
C ALA B 121 4.86 24.55 3.52
N GLU B 122 3.90 24.97 2.69
CA GLU B 122 2.77 24.15 2.27
C GLU B 122 1.93 23.71 3.48
N PHE B 123 1.31 24.72 4.10
CA PHE B 123 0.29 24.46 5.11
C PHE B 123 -0.91 23.81 4.43
N LYS B 124 -1.23 22.59 4.83
CA LYS B 124 -2.44 21.92 4.37
C LYS B 124 -3.53 22.14 5.40
N TYR B 125 -4.70 22.55 4.93
CA TYR B 125 -5.89 22.64 5.73
C TYR B 125 -6.92 21.65 5.22
N ALA B 126 -7.88 21.33 6.07
CA ALA B 126 -9.07 20.62 5.68
C ALA B 126 -10.26 21.25 6.37
N VAL B 127 -11.39 21.28 5.66
CA VAL B 127 -12.61 21.89 6.13
C VAL B 127 -13.69 20.83 6.15
N ALA B 128 -14.40 20.73 7.26
CA ALA B 128 -15.61 19.92 7.34
C ALA B 128 -16.81 20.81 7.03
N VAL B 129 -17.47 20.52 5.93
CA VAL B 129 -18.45 21.44 5.35
C VAL B 129 -19.81 21.17 5.94
N SER B 130 -20.49 22.24 6.37
CA SER B 130 -21.87 22.19 6.81
C SER B 130 -22.80 22.95 5.89
N TYR B 131 -22.31 23.46 4.76
CA TYR B 131 -23.15 24.10 3.77
C TYR B 131 -22.35 24.23 2.49
N TYR B 132 -23.01 23.94 1.38
CA TYR B 132 -22.34 23.86 0.08
C TYR B 132 -23.27 24.37 -1.00
N LYS B 133 -22.92 25.52 -1.58
CA LYS B 133 -23.61 26.05 -2.75
C LYS B 133 -22.60 26.22 -3.86
N LEU B 134 -22.77 25.45 -4.93
CA LEU B 134 -21.95 25.55 -6.12
C LEU B 134 -22.70 26.35 -7.18
N GLU B 135 -22.02 27.32 -7.77
CA GLU B 135 -22.58 28.14 -8.83
C GLU B 135 -21.64 28.12 -10.02
N VAL B 136 -22.22 28.04 -11.22
CA VAL B 136 -21.49 28.06 -12.48
C VAL B 136 -22.10 29.16 -13.32
N ASP B 137 -21.27 30.12 -13.74
CA ASP B 137 -21.70 31.18 -14.63
C ASP B 137 -22.84 31.98 -14.01
N GLY B 138 -22.76 32.19 -12.70
CA GLY B 138 -23.76 32.95 -11.98
C GLY B 138 -25.04 32.22 -11.71
N ARG B 139 -25.16 30.95 -12.10
CA ARG B 139 -26.37 30.17 -11.92
C ARG B 139 -26.16 29.11 -10.85
N GLU B 140 -27.17 28.92 -10.01
CA GLU B 140 -27.13 27.86 -9.02
C GLU B 140 -27.08 26.52 -9.71
N VAL B 141 -26.04 25.76 -9.44
CA VAL B 141 -26.00 24.35 -9.78
C VAL B 141 -26.51 23.52 -8.61
N TYR B 142 -25.83 23.59 -7.45
CA TYR B 142 -26.29 22.90 -6.25
C TYR B 142 -26.55 23.85 -5.11
N GLU B 143 -27.27 23.35 -4.11
CA GLU B 143 -27.20 23.88 -2.78
C GLU B 143 -27.54 22.77 -1.81
N ILE B 144 -26.55 22.34 -1.03
CA ILE B 144 -26.80 21.49 0.12
C ILE B 144 -27.02 22.41 1.30
N ASP B 145 -27.97 22.05 2.16
CA ASP B 145 -27.99 22.50 3.54
C ASP B 145 -28.32 21.24 4.35
N PRO B 146 -27.32 20.58 4.94
CA PRO B 146 -27.61 19.29 5.59
C PRO B 146 -28.62 19.38 6.71
N VAL B 147 -28.41 20.32 7.63
CA VAL B 147 -29.17 20.36 8.86
C VAL B 147 -30.61 20.78 8.60
N ASN B 148 -30.86 21.54 7.54
CA ASN B 148 -32.21 21.92 7.15
C ASN B 148 -32.81 20.95 6.13
N GLY B 149 -32.02 20.04 5.57
CA GLY B 149 -32.56 19.06 4.65
C GLY B 149 -32.75 19.58 3.24
N VAL B 150 -31.79 20.33 2.71
CA VAL B 150 -31.84 20.86 1.36
C VAL B 150 -30.81 20.11 0.54
N ARG B 151 -31.23 19.61 -0.63
CA ARG B 151 -30.35 19.10 -1.66
C ARG B 151 -30.96 19.59 -2.97
N ALA B 152 -30.55 20.77 -3.40
CA ALA B 152 -31.16 21.44 -4.53
C ALA B 152 -30.34 21.20 -5.78
N ILE B 153 -31.01 20.94 -6.89
CA ILE B 153 -30.41 20.87 -8.20
C ILE B 153 -31.08 21.92 -9.07
N ASN B 154 -30.31 22.90 -9.51
CA ASN B 154 -30.82 24.00 -10.33
C ASN B 154 -32.00 24.71 -9.67
N GLY B 155 -31.99 24.77 -8.34
CA GLY B 155 -33.08 25.36 -7.59
C GLY B 155 -34.20 24.42 -7.22
N VAL B 156 -34.10 23.14 -7.55
CA VAL B 156 -35.13 22.15 -7.28
C VAL B 156 -34.67 21.29 -6.11
N ASP B 157 -35.25 21.52 -4.94
CA ASP B 157 -34.95 20.71 -3.76
C ASP B 157 -35.42 19.27 -4.00
N GLN B 158 -34.47 18.37 -4.20
CA GLN B 158 -34.80 16.97 -4.39
C GLN B 158 -35.36 16.31 -3.14
N LEU B 159 -35.15 16.93 -1.98
CA LEU B 159 -35.55 16.37 -0.69
C LEU B 159 -36.91 16.85 -0.21
N ALA B 160 -37.68 17.52 -1.08
CA ALA B 160 -38.98 18.04 -0.65
C ALA B 160 -39.91 16.91 -0.24
N GLY B 161 -39.83 15.77 -0.92
CA GLY B 161 -40.66 14.64 -0.54
C GLY B 161 -40.30 14.12 0.83
N MET B 162 -39.00 14.06 1.13
CA MET B 162 -38.56 13.63 2.45
C MET B 162 -39.03 14.60 3.52
N ARG B 163 -38.94 15.91 3.23
CA ARG B 163 -39.38 16.91 4.20
C ARG B 163 -40.87 16.82 4.45
N ASN B 164 -41.64 16.52 3.41
CA ASN B 164 -43.07 16.29 3.60
C ASN B 164 -43.33 15.05 4.42
N ASP B 165 -42.60 13.97 4.14
CA ASP B 165 -42.81 12.71 4.84
C ASP B 165 -42.48 12.84 6.32
N LEU B 166 -41.39 13.54 6.63
CA LEU B 166 -40.95 13.71 8.01
C LEU B 166 -41.56 14.92 8.69
N GLY B 167 -42.30 15.76 7.96
CA GLY B 167 -42.86 16.95 8.54
C GLY B 167 -41.79 17.89 9.04
N LEU B 168 -40.93 18.34 8.14
CA LEU B 168 -39.71 19.07 8.47
C LEU B 168 -38.79 18.19 9.31
N MET C 2 -2.73 38.71 0.17
CA MET C 2 -2.42 39.02 -1.22
C MET C 2 -0.96 39.43 -1.39
N ILE C 3 -0.05 38.53 -1.09
CA ILE C 3 1.36 38.74 -1.43
C ILE C 3 2.06 37.38 -1.43
N PRO C 4 2.94 37.08 -2.38
CA PRO C 4 3.69 35.83 -2.29
C PRO C 4 4.56 35.80 -1.05
N GLN C 5 4.68 34.61 -0.47
CA GLN C 5 5.40 34.44 0.79
C GLN C 5 5.53 32.96 1.06
N THR C 6 6.65 32.58 1.67
CA THR C 6 6.86 31.19 2.03
C THR C 6 8.07 31.10 2.94
N LEU C 7 8.41 29.86 3.30
CA LEU C 7 9.56 29.60 4.16
C LEU C 7 10.84 29.75 3.36
N THR C 8 11.85 30.31 4.00
CA THR C 8 13.18 30.45 3.44
C THR C 8 14.25 29.82 4.29
N ASN C 9 14.07 29.79 5.61
CA ASN C 9 15.08 29.27 6.52
C ASN C 9 14.42 29.03 7.86
N THR C 10 15.07 28.20 8.67
CA THR C 10 14.50 27.73 9.92
C THR C 10 15.59 27.67 10.99
N ASN C 11 15.21 27.27 12.19
CA ASN C 11 16.14 27.03 13.29
C ASN C 11 15.36 26.38 14.42
N LEU C 12 16.10 25.69 15.29
CA LEU C 12 15.53 24.95 16.42
C LEU C 12 16.27 25.32 17.69
N PHE C 13 15.52 25.57 18.75
CA PHE C 13 16.07 25.72 20.08
C PHE C 13 15.51 24.63 20.98
N ILE C 14 16.39 24.04 21.78
CA ILE C 14 16.03 23.12 22.83
C ILE C 14 16.87 23.49 24.05
N ASP C 15 16.21 23.81 25.16
CA ASP C 15 16.89 24.17 26.41
C ASP C 15 17.84 25.34 26.19
N GLY C 16 17.46 26.26 25.32
CA GLY C 16 18.28 27.40 24.99
C GLY C 16 19.44 27.11 24.06
N VAL C 17 19.69 25.85 23.74
CA VAL C 17 20.76 25.49 22.83
C VAL C 17 20.28 25.69 21.40
N SER C 18 21.08 26.37 20.61
CA SER C 18 20.75 26.59 19.20
C SER C 18 21.28 25.43 18.37
N PHE C 19 20.41 24.89 17.53
CA PHE C 19 20.79 23.97 16.46
C PHE C 19 20.79 24.69 15.12
N ALA C 20 21.27 25.92 15.11
CA ALA C 20 21.46 26.62 13.86
C ALA C 20 22.60 25.93 13.14
N GLY C 21 22.26 24.95 12.30
CA GLY C 21 23.26 24.16 11.60
C GLY C 21 22.91 22.71 11.40
N ASP C 22 21.97 22.15 12.16
CA ASP C 22 21.62 20.73 12.03
C ASP C 22 20.13 20.43 12.20
N VAL C 23 19.28 21.07 11.42
CA VAL C 23 17.84 20.75 11.40
C VAL C 23 17.36 20.62 9.95
N PRO C 24 17.73 19.54 9.25
CA PRO C 24 17.30 19.39 7.86
C PRO C 24 15.80 19.41 7.66
N SER C 25 15.07 18.70 8.50
CA SER C 25 13.61 18.66 8.45
C SER C 25 13.08 19.12 9.79
N LEU C 26 12.16 20.07 9.74
CA LEU C 26 11.46 20.55 10.91
C LEU C 26 9.96 20.43 10.66
N THR C 27 9.23 19.91 11.64
CA THR C 27 7.80 19.68 11.51
C THR C 27 7.07 20.25 12.72
N LEU C 28 6.18 21.15 12.45
CA LEU C 28 5.24 21.66 13.42
C LEU C 28 4.12 20.63 13.62
N PRO C 29 3.65 20.39 14.85
CA PRO C 29 2.68 19.31 15.04
C PRO C 29 1.39 19.60 14.32
N LYS C 30 0.90 18.58 13.62
CA LYS C 30 -0.36 18.68 12.92
C LYS C 30 -1.47 18.94 13.92
N LEU C 31 -2.43 19.76 13.52
CA LEU C 31 -3.57 20.10 14.33
C LEU C 31 -4.83 19.64 13.65
N ALA C 32 -5.68 18.97 14.43
CA ALA C 32 -6.95 18.48 13.93
C ALA C 32 -7.91 18.46 15.10
N VAL C 33 -9.17 18.29 14.78
CA VAL C 33 -10.21 18.06 15.76
C VAL C 33 -10.74 16.66 15.55
N LYS C 34 -11.30 16.07 16.60
CA LYS C 34 -11.88 14.74 16.53
C LYS C 34 -13.29 14.86 15.94
N THR C 35 -13.34 15.11 14.63
CA THR C 35 -14.64 15.23 13.98
C THR C 35 -15.33 13.89 14.00
N GLU C 36 -16.50 13.87 14.57
CA GLU C 36 -17.40 12.74 14.51
C GLU C 36 -18.46 13.05 13.47
N GLN C 37 -18.40 12.38 12.33
CA GLN C 37 -19.40 12.58 11.29
C GLN C 37 -20.77 12.24 11.84
N TYR C 38 -21.61 13.25 11.94
CA TYR C 38 -22.87 13.14 12.66
C TYR C 38 -24.03 13.27 11.69
N ARG C 39 -24.84 12.22 11.63
CA ARG C 39 -26.09 12.22 10.87
C ARG C 39 -27.20 11.78 11.79
N ALA C 40 -28.30 12.51 11.76
CA ALA C 40 -29.45 12.24 12.58
C ALA C 40 -30.70 12.25 11.71
N GLY C 41 -31.84 12.11 12.35
CA GLY C 41 -33.09 12.18 11.62
C GLY C 41 -33.38 13.59 11.16
N GLY C 42 -33.99 13.69 10.00
CA GLY C 42 -34.37 14.97 9.45
C GLY C 42 -33.27 15.67 8.70
N MET C 43 -32.10 15.05 8.57
CA MET C 43 -31.00 15.62 7.81
C MET C 43 -30.40 14.56 6.90
N ASP C 44 -30.25 14.91 5.62
CA ASP C 44 -29.75 13.96 4.64
C ASP C 44 -28.25 13.72 4.80
N ALA C 45 -27.47 14.80 4.86
CA ALA C 45 -26.02 14.72 4.77
C ALA C 45 -25.38 14.86 6.15
N PRO C 46 -24.37 14.06 6.48
CA PRO C 46 -23.76 14.18 7.81
C PRO C 46 -23.02 15.50 7.98
N VAL C 47 -23.03 15.99 9.21
CA VAL C 47 -22.26 17.17 9.61
C VAL C 47 -21.24 16.73 10.64
N SER C 48 -20.01 17.19 10.48
CA SER C 48 -18.96 16.94 11.45
C SER C 48 -19.19 17.76 12.71
N ILE C 49 -18.82 17.20 13.86
CA ILE C 49 -18.94 17.87 15.15
C ILE C 49 -17.56 17.93 15.79
N ASP C 50 -17.23 19.08 16.35
CA ASP C 50 -15.97 19.27 17.07
C ASP C 50 -16.10 18.65 18.46
N MET C 51 -15.42 17.53 18.67
CA MET C 51 -15.43 16.80 19.94
C MET C 51 -14.06 16.81 20.61
N GLY C 52 -13.26 17.82 20.34
CA GLY C 52 -11.94 17.97 20.92
C GLY C 52 -10.84 17.76 19.87
N LEU C 53 -9.62 17.93 20.33
CA LEU C 53 -8.47 17.85 19.44
C LEU C 53 -7.93 16.43 19.38
N GLU C 54 -7.17 16.18 18.31
CA GLU C 54 -6.44 14.94 18.16
C GLU C 54 -5.13 15.03 18.94
N ALA C 55 -4.43 13.91 19.00
CA ALA C 55 -3.10 13.91 19.57
C ALA C 55 -2.15 14.69 18.69
N MET C 56 -1.34 15.53 19.31
CA MET C 56 -0.31 16.27 18.63
C MET C 56 0.95 15.43 18.54
N GLU C 57 1.75 15.69 17.50
CA GLU C 57 3.06 15.07 17.38
C GLU C 57 3.92 15.97 16.53
N ALA C 58 5.00 16.47 17.12
CA ALA C 58 6.02 17.20 16.40
C ALA C 58 7.12 16.25 15.95
N LYS C 59 7.94 16.73 15.02
CA LYS C 59 9.07 15.97 14.54
C LYS C 59 10.17 16.93 14.12
N PHE C 60 11.41 16.50 14.34
CA PHE C 60 12.58 17.23 13.87
C PHE C 60 13.73 16.25 13.82
N SER C 61 14.67 16.51 12.91
CA SER C 61 15.73 15.57 12.62
C SER C 61 17.08 16.25 12.70
N THR C 62 18.10 15.43 12.98
CA THR C 62 19.49 15.85 13.00
C THR C 62 20.30 14.80 12.26
N ASN C 63 21.45 15.21 11.73
CA ASN C 63 22.36 14.33 11.04
C ASN C 63 23.59 13.97 11.84
N GLY C 64 23.84 14.66 12.95
CA GLY C 64 24.96 14.35 13.82
C GLY C 64 24.51 13.95 15.21
N ALA C 65 25.41 13.34 15.96
CA ALA C 65 25.10 12.88 17.32
C ALA C 65 25.03 14.11 18.21
N ARG C 66 23.88 14.78 18.14
CA ARG C 66 23.65 15.98 18.92
C ARG C 66 23.23 15.53 20.30
N ARG C 67 24.22 15.44 21.20
CA ARG C 67 23.98 14.93 22.54
C ARG C 67 22.89 15.71 23.27
N GLU C 68 22.77 17.00 22.98
CA GLU C 68 21.59 17.74 23.37
C GLU C 68 20.44 17.30 22.47
N ALA C 69 19.35 16.87 23.09
CA ALA C 69 18.15 16.29 22.48
C ALA C 69 18.33 14.83 22.09
N LEU C 70 19.52 14.23 22.28
CA LEU C 70 19.62 12.79 22.45
C LEU C 70 19.44 12.40 23.90
N ASN C 71 19.76 13.31 24.82
CA ASN C 71 19.69 13.05 26.25
C ASN C 71 18.34 13.44 26.86
N PHE C 72 17.32 13.71 26.05
CA PHE C 72 15.97 14.00 26.52
C PHE C 72 14.96 12.91 26.17
N PHE C 73 15.42 11.78 25.67
CA PHE C 73 14.55 10.65 25.39
C PHE C 73 14.23 9.90 26.67
N GLY C 74 12.99 9.45 26.77
CA GLY C 74 12.66 8.48 27.79
C GLY C 74 12.89 8.96 29.21
N LEU C 75 12.90 10.27 29.43
CA LEU C 75 13.04 10.78 30.76
C LEU C 75 11.76 10.51 31.54
N ALA C 76 11.92 10.25 32.84
CA ALA C 76 10.76 10.06 33.69
C ALA C 76 9.93 11.33 33.76
N ASP C 77 10.58 12.49 33.77
CA ASP C 77 9.90 13.77 33.85
C ASP C 77 9.43 14.15 32.45
N GLN C 78 8.27 13.61 32.08
CA GLN C 78 7.59 14.09 30.89
C GLN C 78 7.30 15.58 31.04
N SER C 79 7.24 16.26 29.91
CA SER C 79 7.07 17.71 29.77
C SER C 79 8.33 18.47 30.15
N ALA C 80 9.42 17.79 30.49
CA ALA C 80 10.71 18.46 30.64
C ALA C 80 11.35 18.76 29.31
N PHE C 81 10.96 18.05 28.25
CA PHE C 81 11.44 18.37 26.92
C PHE C 81 10.77 19.64 26.42
N ASN C 82 11.42 20.78 26.62
CA ASN C 82 10.92 22.02 26.03
C ASN C 82 11.33 22.05 24.56
N GLY C 83 11.11 23.18 23.91
CA GLY C 83 11.46 23.30 22.51
C GLY C 83 10.82 24.49 21.86
N VAL C 84 11.51 25.05 20.87
CA VAL C 84 11.02 26.19 20.11
C VAL C 84 11.31 25.93 18.64
N PHE C 85 10.26 25.82 17.84
CA PHE C 85 10.38 25.73 16.39
C PHE C 85 10.24 27.12 15.80
N ARG C 86 11.30 27.60 15.16
CA ARG C 86 11.32 28.90 14.51
C ARG C 86 11.35 28.73 13.00
N GLY C 87 10.67 29.64 12.31
CA GLY C 87 10.64 29.66 10.87
C GLY C 87 10.54 31.07 10.34
N SER C 88 11.40 31.41 9.38
CA SER C 88 11.46 32.75 8.81
C SER C 88 10.71 32.76 7.49
N PHE C 89 9.52 33.34 7.49
CA PHE C 89 8.70 33.46 6.29
C PHE C 89 8.97 34.83 5.69
N LYS C 90 9.58 34.84 4.51
CA LYS C 90 9.85 36.06 3.77
C LYS C 90 8.85 36.19 2.64
N GLY C 91 8.25 37.38 2.51
CA GLY C 91 7.35 37.66 1.43
C GLY C 91 8.09 37.86 0.13
N GLN C 92 7.35 38.27 -0.89
CA GLN C 92 7.99 38.75 -2.11
C GLN C 92 8.84 39.97 -1.80
N LYS C 93 8.21 41.02 -1.28
CA LYS C 93 8.92 42.22 -0.90
C LYS C 93 9.84 41.93 0.28
N GLY C 94 10.67 42.92 0.59
CA GLY C 94 11.67 42.75 1.64
C GLY C 94 11.09 42.83 3.02
N ALA C 95 10.34 41.80 3.41
CA ALA C 95 9.74 41.71 4.73
C ALA C 95 9.81 40.27 5.20
N SER C 96 10.02 40.09 6.49
CA SER C 96 10.20 38.77 7.09
C SER C 96 9.23 38.62 8.25
N VAL C 97 8.53 37.49 8.26
CA VAL C 97 7.51 37.18 9.27
C VAL C 97 8.04 36.04 10.13
N PRO C 98 8.36 36.27 11.41
CA PRO C 98 8.76 35.15 12.25
C PRO C 98 7.57 34.33 12.69
N VAL C 99 7.75 33.01 12.66
CA VAL C 99 6.78 32.05 13.17
C VAL C 99 7.48 31.22 14.24
N VAL C 100 6.84 31.11 15.39
CA VAL C 100 7.40 30.47 16.57
C VAL C 100 6.37 29.51 17.13
N ALA C 101 6.80 28.28 17.39
CA ALA C 101 5.97 27.28 18.03
C ALA C 101 6.71 26.74 19.24
N THR C 102 6.43 27.32 20.39
CA THR C 102 6.91 26.77 21.64
C THR C 102 6.26 25.42 21.88
N LEU C 103 7.07 24.42 22.18
CA LEU C 103 6.60 23.09 22.49
C LEU C 103 7.09 22.67 23.87
N ARG C 104 6.36 21.72 24.45
CA ARG C 104 6.76 21.12 25.71
C ARG C 104 6.04 19.79 25.83
N GLY C 105 6.80 18.72 25.98
CA GLY C 105 6.21 17.40 26.00
C GLY C 105 7.23 16.31 26.24
N LEU C 106 7.14 15.26 25.43
CA LEU C 106 7.98 14.07 25.56
C LEU C 106 8.72 13.85 24.25
N LEU C 107 10.03 13.63 24.34
CA LEU C 107 10.75 13.13 23.18
C LEU C 107 10.35 11.68 22.99
N LYS C 108 9.35 11.44 22.16
CA LYS C 108 8.71 10.14 22.09
C LYS C 108 9.64 9.07 21.53
N GLU C 109 10.42 9.42 20.52
CA GLU C 109 11.03 8.43 19.65
C GLU C 109 12.36 8.95 19.13
N VAL C 110 13.30 8.04 18.98
CA VAL C 110 14.60 8.30 18.36
C VAL C 110 14.84 7.17 17.37
N ASP C 111 14.97 7.52 16.09
CA ASP C 111 15.00 6.56 15.00
C ASP C 111 16.18 6.88 14.09
N PRO C 112 17.38 6.42 14.46
CA PRO C 112 18.53 6.56 13.56
C PRO C 112 18.31 5.79 12.27
N GLY C 113 18.38 6.51 11.16
CA GLY C 113 18.20 5.89 9.87
C GLY C 113 19.33 4.95 9.54
N ASP C 114 19.27 4.42 8.33
CA ASP C 114 20.26 3.49 7.86
C ASP C 114 21.59 4.19 7.65
N TRP C 115 22.62 3.72 8.34
CA TRP C 115 23.97 4.22 8.16
C TRP C 115 24.59 3.50 6.97
N LYS C 116 24.72 4.21 5.85
CA LYS C 116 25.11 3.60 4.58
C LYS C 116 26.54 3.91 4.16
N ALA C 117 27.37 4.45 5.05
CA ALA C 117 28.80 4.61 4.80
C ALA C 117 29.06 5.50 3.59
N GLY C 118 28.71 6.77 3.77
CA GLY C 118 28.82 7.77 2.72
C GLY C 118 27.49 8.44 2.42
N GLU C 119 26.59 8.40 3.41
CA GLU C 119 25.29 9.04 3.30
C GLU C 119 24.94 9.62 4.65
N LYS C 120 24.06 10.62 4.63
CA LYS C 120 23.72 11.31 5.86
C LYS C 120 23.09 10.34 6.87
N ALA C 121 23.32 10.64 8.15
CA ALA C 121 22.81 9.76 9.20
C ALA C 121 21.30 9.89 9.32
N GLU C 122 20.81 11.13 9.43
CA GLU C 122 19.39 11.43 9.45
C GLU C 122 18.70 10.75 10.65
N PHE C 123 19.08 11.20 11.83
CA PHE C 123 18.35 10.83 13.04
C PHE C 123 16.96 11.45 12.98
N LYS C 124 15.94 10.62 12.97
CA LYS C 124 14.56 11.06 13.07
C LYS C 124 14.14 11.00 14.52
N TYR C 125 13.54 12.09 15.00
CA TYR C 125 12.93 12.14 16.31
C TYR C 125 11.43 12.37 16.13
N ALA C 126 10.69 12.05 17.18
CA ALA C 126 9.29 12.42 17.29
C ALA C 126 9.04 12.87 18.71
N VAL C 127 8.17 13.87 18.84
CA VAL C 127 7.84 14.47 20.13
C VAL C 127 6.35 14.32 20.34
N ALA C 128 5.96 13.84 21.51
CA ALA C 128 4.57 13.87 21.94
C ALA C 128 4.34 15.13 22.74
N VAL C 129 3.50 16.00 22.21
CA VAL C 129 3.39 17.36 22.70
C VAL C 129 2.35 17.43 23.81
N SER C 130 2.72 18.07 24.92
CA SER C 130 1.79 18.38 26.00
C SER C 130 1.55 19.87 26.17
N TYR C 131 2.07 20.69 25.26
CA TYR C 131 1.80 22.12 25.28
C TYR C 131 2.23 22.69 23.94
N TYR C 132 1.39 23.56 23.39
CA TYR C 132 1.59 24.08 22.04
C TYR C 132 1.14 25.53 21.99
N LYS C 133 2.10 26.43 21.81
CA LYS C 133 1.82 27.85 21.57
C LYS C 133 2.45 28.24 20.25
N LEU C 134 1.62 28.57 19.28
CA LEU C 134 2.07 29.06 17.98
C LEU C 134 1.94 30.58 17.95
N GLU C 135 3.01 31.24 17.51
CA GLU C 135 3.04 32.69 17.38
C GLU C 135 3.48 33.04 15.97
N VAL C 136 2.84 34.07 15.42
CA VAL C 136 3.15 34.58 14.09
C VAL C 136 3.37 36.08 14.25
N ASP C 137 4.56 36.55 13.85
CA ASP C 137 4.88 37.96 13.86
C ASP C 137 4.75 38.53 15.27
N GLY C 138 5.17 37.74 16.25
CA GLY C 138 5.14 38.16 17.64
C GLY C 138 3.78 38.13 18.29
N ARG C 139 2.74 37.69 17.58
CA ARG C 139 1.38 37.66 18.08
C ARG C 139 0.94 36.23 18.33
N GLU C 140 0.26 36.01 19.45
CA GLU C 140 -0.31 34.71 19.73
C GLU C 140 -1.35 34.36 18.68
N VAL C 141 -1.12 33.26 17.98
CA VAL C 141 -2.15 32.64 17.16
C VAL C 141 -2.90 31.59 17.98
N TYR C 142 -2.20 30.55 18.46
CA TYR C 142 -2.82 29.55 19.33
C TYR C 142 -2.14 29.46 20.67
N GLU C 143 -2.83 28.82 21.60
CA GLU C 143 -2.19 28.21 22.75
C GLU C 143 -3.06 27.06 23.20
N ILE C 144 -2.56 25.83 23.04
CA ILE C 144 -3.16 24.68 23.69
C ILE C 144 -2.46 24.53 25.02
N ASP C 145 -3.24 24.18 26.05
CA ASP C 145 -2.70 23.51 27.24
C ASP C 145 -3.69 22.38 27.52
N PRO C 146 -3.38 21.15 27.12
CA PRO C 146 -4.40 20.09 27.26
C PRO C 146 -4.84 19.84 28.68
N VAL C 147 -3.89 19.69 29.59
CA VAL C 147 -4.19 19.23 30.94
C VAL C 147 -4.93 20.30 31.72
N ASN C 148 -4.72 21.56 31.40
CA ASN C 148 -5.45 22.66 32.02
C ASN C 148 -6.70 23.06 31.26
N GLY C 149 -6.90 22.54 30.05
CA GLY C 149 -8.11 22.82 29.31
C GLY C 149 -8.10 24.15 28.59
N VAL C 150 -6.99 24.52 27.96
CA VAL C 150 -6.86 25.75 27.21
C VAL C 150 -6.82 25.40 25.73
N ARG C 151 -7.65 26.09 24.94
CA ARG C 151 -7.56 26.07 23.49
C ARG C 151 -7.85 27.51 23.07
N ALA C 152 -6.80 28.32 22.99
CA ALA C 152 -6.92 29.75 22.78
C ALA C 152 -6.72 30.06 21.31
N ILE C 153 -7.55 30.96 20.80
CA ILE C 153 -7.40 31.53 19.47
C ILE C 153 -7.25 33.02 19.63
N ASN C 154 -6.09 33.55 19.26
CA ASN C 154 -5.81 34.98 19.37
C ASN C 154 -6.00 35.49 20.81
N GLY C 155 -5.75 34.63 21.78
CA GLY C 155 -5.94 34.96 23.18
C GLY C 155 -7.33 34.66 23.72
N VAL C 156 -8.22 34.09 22.92
CA VAL C 156 -9.59 33.79 23.32
C VAL C 156 -9.69 32.29 23.57
N ASP C 157 -9.75 31.90 24.84
CA ASP C 157 -9.92 30.51 25.21
C ASP C 157 -11.29 30.04 24.75
N GLN C 158 -11.32 29.20 23.71
CA GLN C 158 -12.57 28.66 23.21
C GLN C 158 -13.22 27.68 24.19
N LEU C 159 -12.45 27.18 25.15
CA LEU C 159 -12.92 26.16 26.09
C LEU C 159 -13.44 26.74 27.40
N ALA C 160 -13.62 28.06 27.47
CA ALA C 160 -14.08 28.67 28.72
C ALA C 160 -15.46 28.16 29.11
N GLY C 161 -16.33 27.91 28.13
CA GLY C 161 -17.63 27.35 28.43
C GLY C 161 -17.54 25.97 29.02
N MET C 162 -16.64 25.14 28.48
CA MET C 162 -16.43 23.80 29.02
C MET C 162 -15.89 23.88 30.44
N ARG C 163 -14.95 24.80 30.69
CA ARG C 163 -14.39 24.93 32.02
C ARG C 163 -15.44 25.39 33.01
N ASN C 164 -16.35 26.26 32.58
CA ASN C 164 -17.46 26.65 33.45
C ASN C 164 -18.39 25.48 33.71
N ASP C 165 -18.70 24.70 32.67
CA ASP C 165 -19.62 23.58 32.81
C ASP C 165 -19.07 22.52 33.74
N LEU C 166 -17.77 22.23 33.62
CA LEU C 166 -17.13 21.21 34.43
C LEU C 166 -16.58 21.75 35.75
N GLY C 167 -16.61 23.05 35.96
CA GLY C 167 -16.06 23.62 37.17
C GLY C 167 -14.58 23.36 37.29
N LEU C 168 -13.81 23.84 36.32
CA LEU C 168 -12.41 23.49 36.14
C LEU C 168 -12.26 22.00 35.89
N MET D 2 25.61 23.89 16.72
CA MET D 2 25.82 24.87 15.66
C MET D 2 27.08 24.57 14.87
N ILE D 3 27.11 23.43 14.20
CA ILE D 3 28.17 23.14 13.24
C ILE D 3 27.69 22.03 12.32
N PRO D 4 27.93 22.08 11.01
CA PRO D 4 27.57 20.95 10.16
C PRO D 4 28.35 19.71 10.56
N GLN D 5 27.68 18.57 10.43
CA GLN D 5 28.25 17.31 10.88
C GLN D 5 27.34 16.18 10.43
N THR D 6 27.93 15.05 10.08
CA THR D 6 27.15 13.89 9.69
C THR D 6 28.06 12.68 9.61
N LEU D 7 27.48 11.56 9.21
CA LEU D 7 28.21 10.32 9.07
C LEU D 7 29.07 10.35 7.82
N THR D 8 30.27 9.79 7.93
CA THR D 8 31.19 9.65 6.82
C THR D 8 31.62 8.22 6.59
N ASN D 9 31.68 7.41 7.64
CA ASN D 9 32.14 6.04 7.51
C ASN D 9 31.75 5.29 8.77
N THR D 10 31.74 3.96 8.66
CA THR D 10 31.21 3.11 9.72
C THR D 10 32.08 1.87 9.84
N ASN D 11 31.73 1.00 10.77
CA ASN D 11 32.37 -0.30 10.95
C ASN D 11 31.55 -1.09 11.96
N LEU D 12 31.71 -2.41 11.90
CA LEU D 12 30.98 -3.34 12.75
C LEU D 12 31.95 -4.31 13.40
N PHE D 13 31.78 -4.53 14.69
CA PHE D 13 32.47 -5.59 15.40
C PHE D 13 31.46 -6.59 15.95
N ILE D 14 31.78 -7.87 15.79
CA ILE D 14 31.04 -8.95 16.41
C ILE D 14 32.07 -9.93 16.95
N ASP D 15 32.02 -10.18 18.26
CA ASP D 15 32.94 -11.12 18.91
C ASP D 15 34.39 -10.72 18.67
N GLY D 16 34.65 -9.41 18.62
CA GLY D 16 35.97 -8.90 18.35
C GLY D 16 36.41 -8.96 16.91
N VAL D 17 35.63 -9.60 16.04
CA VAL D 17 35.97 -9.69 14.63
C VAL D 17 35.56 -8.40 13.95
N SER D 18 36.46 -7.82 13.18
CA SER D 18 36.17 -6.61 12.44
C SER D 18 35.57 -6.97 11.09
N PHE D 19 34.46 -6.33 10.76
CA PHE D 19 33.90 -6.33 9.41
C PHE D 19 34.20 -5.01 8.72
N ALA D 20 35.39 -4.49 8.92
CA ALA D 20 35.82 -3.32 8.17
C ALA D 20 36.00 -3.76 6.74
N GLY D 21 34.94 -3.63 5.94
CA GLY D 21 34.96 -4.07 4.56
C GLY D 21 33.66 -4.65 4.04
N ASP D 22 32.73 -5.05 4.91
CA ASP D 22 31.46 -5.64 4.46
C ASP D 22 30.26 -5.25 5.32
N VAL D 23 30.00 -3.96 5.49
CA VAL D 23 28.79 -3.50 6.17
C VAL D 23 28.13 -2.38 5.34
N PRO D 24 27.51 -2.72 4.21
CA PRO D 24 26.89 -1.68 3.38
C PRO D 24 25.84 -0.85 4.11
N SER D 25 24.95 -1.50 4.85
CA SER D 25 23.93 -0.83 5.63
C SER D 25 24.10 -1.22 7.08
N LEU D 26 24.14 -0.21 7.94
CA LEU D 26 24.18 -0.40 9.37
C LEU D 26 23.03 0.38 10.00
N THR D 27 22.32 -0.26 10.92
CA THR D 27 21.14 0.33 11.55
C THR D 27 21.24 0.20 13.06
N LEU D 28 21.23 1.31 13.73
CA LEU D 28 21.10 1.38 15.16
C LEU D 28 19.63 1.15 15.54
N PRO D 29 19.34 0.39 16.61
CA PRO D 29 17.93 0.06 16.88
C PRO D 29 17.13 1.30 17.19
N LYS D 30 15.96 1.39 16.57
CA LYS D 30 15.06 2.49 16.82
C LYS D 30 14.64 2.47 18.28
N LEU D 31 14.50 3.66 18.85
CA LEU D 31 14.09 3.83 20.23
C LEU D 31 12.78 4.59 20.27
N ALA D 32 11.85 4.07 21.07
CA ALA D 32 10.55 4.67 21.23
C ALA D 32 10.07 4.31 22.63
N VAL D 33 9.02 5.00 23.04
CA VAL D 33 8.31 4.67 24.25
C VAL D 33 6.90 4.23 23.84
N LYS D 34 6.28 3.43 24.70
CA LYS D 34 4.92 2.97 24.47
C LYS D 34 3.96 4.07 24.89
N THR D 35 3.89 5.12 24.07
CA THR D 35 2.97 6.21 24.38
C THR D 35 1.55 5.71 24.27
N GLU D 36 0.82 5.85 25.34
CA GLU D 36 -0.62 5.64 25.36
C GLU D 36 -1.28 7.00 25.34
N GLN D 37 -1.90 7.34 24.22
CA GLN D 37 -2.61 8.60 24.10
C GLN D 37 -3.70 8.65 25.15
N TYR D 38 -3.55 9.56 26.10
CA TYR D 38 -4.38 9.58 27.30
C TYR D 38 -5.23 10.83 27.30
N ARG D 39 -6.54 10.63 27.31
CA ARG D 39 -7.52 11.69 27.47
C ARG D 39 -8.45 11.32 28.60
N ALA D 40 -8.69 12.28 29.48
CA ALA D 40 -9.55 12.08 30.64
C ALA D 40 -10.53 13.23 30.72
N GLY D 41 -11.33 13.24 31.77
CA GLY D 41 -12.24 14.33 31.98
C GLY D 41 -11.52 15.60 32.36
N GLY D 42 -12.05 16.72 31.91
CA GLY D 42 -11.49 18.01 32.23
C GLY D 42 -10.36 18.43 31.32
N MET D 43 -10.01 17.63 30.32
CA MET D 43 -8.97 17.97 29.37
C MET D 43 -9.45 17.68 27.96
N ASP D 44 -9.31 18.68 27.09
CA ASP D 44 -9.80 18.55 25.71
C ASP D 44 -8.91 17.63 24.88
N ALA D 45 -7.60 17.87 24.90
CA ALA D 45 -6.68 17.23 23.98
C ALA D 45 -5.92 16.10 24.67
N PRO D 46 -5.74 14.94 24.03
CA PRO D 46 -5.02 13.86 24.69
C PRO D 46 -3.55 14.17 24.90
N VAL D 47 -3.01 13.64 26.00
CA VAL D 47 -1.58 13.72 26.31
C VAL D 47 -1.04 12.31 26.30
N SER D 48 0.11 12.14 25.67
CA SER D 48 0.81 10.86 25.67
C SER D 48 1.44 10.61 27.03
N ILE D 49 1.48 9.34 27.44
CA ILE D 49 2.08 8.92 28.70
C ILE D 49 3.17 7.91 28.40
N ASP D 50 4.31 8.06 29.07
CA ASP D 50 5.41 7.11 28.95
C ASP D 50 5.10 5.89 29.79
N MET D 51 4.81 4.76 29.12
CA MET D 51 4.50 3.50 29.77
C MET D 51 5.54 2.43 29.47
N GLY D 52 6.78 2.85 29.22
CA GLY D 52 7.87 1.94 28.93
C GLY D 52 8.30 2.03 27.47
N LEU D 53 9.35 1.27 27.17
CA LEU D 53 9.93 1.30 25.84
C LEU D 53 9.29 0.27 24.93
N GLU D 54 9.46 0.49 23.63
CA GLU D 54 9.06 -0.48 22.63
C GLU D 54 10.15 -1.53 22.49
N ALA D 55 9.85 -2.55 21.69
CA ALA D 55 10.86 -3.54 21.35
C ALA D 55 11.91 -2.91 20.48
N MET D 56 13.17 -3.21 20.79
CA MET D 56 14.29 -2.78 20.00
C MET D 56 14.55 -3.78 18.89
N GLU D 57 15.11 -3.28 17.79
CA GLU D 57 15.56 -4.16 16.72
C GLU D 57 16.65 -3.47 15.95
N ALA D 58 17.84 -4.05 15.96
CA ALA D 58 18.94 -3.59 15.14
C ALA D 58 18.95 -4.34 13.82
N LYS D 59 19.72 -3.81 12.87
CA LYS D 59 19.87 -4.45 11.58
C LYS D 59 21.24 -4.10 11.02
N PHE D 60 21.82 -5.06 10.31
CA PHE D 60 23.07 -4.85 9.59
C PHE D 60 23.16 -5.90 8.52
N SER D 61 23.84 -5.57 7.43
CA SER D 61 23.85 -6.41 6.24
C SER D 61 25.28 -6.68 5.79
N THR D 62 25.44 -7.80 5.10
CA THR D 62 26.69 -8.21 4.48
C THR D 62 26.39 -8.70 3.08
N ASN D 63 27.39 -8.60 2.21
CA ASN D 63 27.27 -9.08 0.84
C ASN D 63 28.00 -10.38 0.58
N GLY D 64 28.84 -10.84 1.52
CA GLY D 64 29.52 -12.10 1.40
C GLY D 64 29.15 -13.07 2.49
N ALA D 65 29.46 -14.35 2.28
CA ALA D 65 29.14 -15.37 3.27
C ALA D 65 30.10 -15.22 4.44
N ARG D 66 29.77 -14.26 5.30
CA ARG D 66 30.60 -13.98 6.47
C ARG D 66 30.21 -14.97 7.53
N ARG D 67 30.95 -16.07 7.58
CA ARG D 67 30.64 -17.16 8.49
C ARG D 67 30.58 -16.70 9.94
N GLU D 68 31.36 -15.69 10.31
CA GLU D 68 31.13 -14.99 11.54
C GLU D 68 29.89 -14.11 11.37
N ALA D 69 28.93 -14.30 12.27
CA ALA D 69 27.59 -13.70 12.30
C ALA D 69 26.62 -14.37 11.33
N LEU D 70 27.05 -15.38 10.57
CA LEU D 70 26.12 -16.39 10.07
C LEU D 70 25.96 -17.52 11.08
N ASN D 71 26.96 -17.74 11.92
CA ASN D 71 26.95 -18.82 12.89
C ASN D 71 26.41 -18.39 14.25
N PHE D 72 25.77 -17.23 14.34
CA PHE D 72 25.12 -16.76 15.56
C PHE D 72 23.60 -16.71 15.46
N PHE D 73 23.03 -17.25 14.40
CA PHE D 73 21.59 -17.33 14.26
C PHE D 73 21.05 -18.48 15.08
N GLY D 74 19.89 -18.26 15.69
CA GLY D 74 19.14 -19.37 16.23
C GLY D 74 19.85 -20.14 17.31
N LEU D 75 20.82 -19.52 17.97
CA LEU D 75 21.51 -20.17 19.07
C LEU D 75 20.56 -20.28 20.25
N ALA D 76 20.69 -21.37 21.00
CA ALA D 76 19.89 -21.53 22.20
C ALA D 76 20.23 -20.45 23.22
N ASP D 77 21.50 -20.08 23.30
CA ASP D 77 21.96 -19.06 24.24
C ASP D 77 21.68 -17.69 23.65
N GLN D 78 20.44 -17.23 23.83
CA GLN D 78 20.12 -15.85 23.55
C GLN D 78 21.01 -14.94 24.40
N SER D 79 21.26 -13.75 23.87
CA SER D 79 22.16 -12.73 24.43
C SER D 79 23.62 -13.11 24.29
N ALA D 80 23.94 -14.23 23.64
CA ALA D 80 25.32 -14.53 23.29
C ALA D 80 25.77 -13.74 22.06
N PHE D 81 24.83 -13.27 21.25
CA PHE D 81 25.18 -12.41 20.14
C PHE D 81 25.53 -11.03 20.64
N ASN D 82 26.81 -10.77 20.87
CA ASN D 82 27.26 -9.43 21.20
C ASN D 82 27.33 -8.62 19.91
N GLY D 83 27.88 -7.41 20.01
CA GLY D 83 27.97 -6.56 18.84
C GLY D 83 28.28 -5.13 19.19
N VAL D 84 29.00 -4.45 18.31
CA VAL D 84 29.35 -3.05 18.47
C VAL D 84 29.12 -2.35 17.14
N PHE D 85 28.20 -1.40 17.12
CA PHE D 85 27.98 -0.54 15.97
C PHE D 85 28.78 0.74 16.16
N ARG D 86 29.75 0.96 15.28
CA ARG D 86 30.57 2.16 15.30
C ARG D 86 30.23 3.06 14.12
N GLY D 87 30.30 4.37 14.36
CA GLY D 87 30.07 5.36 13.34
C GLY D 87 30.92 6.58 13.57
N SER D 88 31.59 7.05 12.52
CA SER D 88 32.50 8.19 12.58
C SER D 88 31.78 9.41 12.06
N PHE D 89 31.37 10.29 12.96
CA PHE D 89 30.71 11.54 12.61
C PHE D 89 31.77 12.63 12.54
N LYS D 90 32.00 13.15 11.35
CA LYS D 90 32.94 14.24 11.13
C LYS D 90 32.15 15.53 10.94
N GLY D 91 32.58 16.58 11.64
CA GLY D 91 31.98 17.88 11.48
C GLY D 91 32.42 18.53 10.19
N GLN D 92 32.04 19.80 10.04
CA GLN D 92 32.63 20.61 8.98
C GLN D 92 34.13 20.73 9.20
N LYS D 93 34.52 21.28 10.34
CA LYS D 93 35.92 21.42 10.67
C LYS D 93 36.54 20.04 10.89
N GLY D 94 37.86 20.03 11.03
CA GLY D 94 38.59 18.79 11.15
C GLY D 94 38.47 18.17 12.53
N ALA D 95 37.29 17.64 12.83
CA ALA D 95 37.03 16.97 14.09
C ALA D 95 36.12 15.78 13.83
N SER D 96 36.35 14.71 14.58
CA SER D 96 35.63 13.45 14.40
C SER D 96 35.04 13.02 15.73
N VAL D 97 33.77 12.66 15.70
CA VAL D 97 33.00 12.27 16.89
C VAL D 97 32.70 10.78 16.77
N PRO D 98 33.27 9.92 17.60
CA PRO D 98 32.89 8.51 17.55
C PRO D 98 31.56 8.27 18.22
N VAL D 99 30.75 7.43 17.59
CA VAL D 99 29.48 6.97 18.13
C VAL D 99 29.54 5.45 18.19
N VAL D 100 29.20 4.90 19.35
CA VAL D 100 29.33 3.47 19.63
C VAL D 100 28.03 3.00 20.25
N ALA D 101 27.49 1.91 19.72
CA ALA D 101 26.32 1.26 20.27
C ALA D 101 26.64 -0.20 20.52
N THR D 102 27.03 -0.50 21.74
CA THR D 102 27.17 -1.89 22.14
C THR D 102 25.80 -2.54 22.17
N LEU D 103 25.70 -3.70 21.54
CA LEU D 103 24.48 -4.48 21.51
C LEU D 103 24.75 -5.87 22.07
N ARG D 104 23.67 -6.49 22.53
CA ARG D 104 23.72 -7.86 22.99
C ARG D 104 22.30 -8.40 22.97
N GLY D 105 22.08 -9.47 22.23
CA GLY D 105 20.75 -10.00 22.07
C GLY D 105 20.71 -11.25 21.23
N LEU D 106 19.78 -11.30 20.29
CA LEU D 106 19.53 -12.46 19.45
C LEU D 106 19.68 -12.06 18.00
N LEU D 107 20.43 -12.84 17.23
CA LEU D 107 20.38 -12.66 15.78
C LEU D 107 19.06 -13.23 15.31
N LYS D 108 18.06 -12.35 15.18
CA LYS D 108 16.69 -12.78 14.99
C LYS D 108 16.48 -13.45 13.65
N GLU D 109 17.11 -12.92 12.61
CA GLU D 109 16.69 -13.20 11.25
C GLU D 109 17.89 -13.14 10.31
N VAL D 110 17.85 -14.01 9.30
CA VAL D 110 18.83 -14.02 8.22
C VAL D 110 18.05 -14.13 6.93
N ASP D 111 18.19 -13.13 6.06
CA ASP D 111 17.34 -12.98 4.87
C ASP D 111 18.23 -12.71 3.67
N PRO D 112 18.79 -13.76 3.08
CA PRO D 112 19.54 -13.60 1.84
C PRO D 112 18.65 -13.09 0.73
N GLY D 113 19.02 -11.96 0.16
CA GLY D 113 18.26 -11.38 -0.91
C GLY D 113 18.31 -12.22 -2.16
N ASP D 114 17.69 -11.68 -3.21
CA ASP D 114 17.63 -12.37 -4.49
C ASP D 114 19.02 -12.42 -5.11
N TRP D 115 19.51 -13.63 -5.38
CA TRP D 115 20.76 -13.83 -6.09
C TRP D 115 20.49 -13.73 -7.58
N LYS D 116 20.90 -12.62 -8.20
CA LYS D 116 20.52 -12.29 -9.57
C LYS D 116 21.67 -12.48 -10.57
N ALA D 117 22.76 -13.14 -10.19
CA ALA D 117 23.81 -13.53 -11.12
C ALA D 117 24.43 -12.30 -11.80
N GLY D 118 25.13 -11.52 -10.97
CA GLY D 118 25.74 -10.27 -11.41
C GLY D 118 25.26 -9.08 -10.61
N GLU D 119 24.76 -9.36 -9.40
CA GLU D 119 24.30 -8.32 -8.49
C GLU D 119 24.69 -8.73 -7.09
N LYS D 120 24.79 -7.74 -6.21
CA LYS D 120 25.24 -7.99 -4.85
C LYS D 120 24.29 -8.96 -4.14
N ALA D 121 24.86 -9.75 -3.24
CA ALA D 121 24.06 -10.74 -2.52
C ALA D 121 23.13 -10.05 -1.52
N GLU D 122 23.69 -9.18 -0.69
CA GLU D 122 22.93 -8.37 0.25
C GLU D 122 22.15 -9.26 1.25
N PHE D 123 22.93 -9.97 2.06
CA PHE D 123 22.36 -10.66 3.21
C PHE D 123 21.84 -9.64 4.20
N LYS D 124 20.54 -9.66 4.45
CA LYS D 124 19.93 -8.83 5.49
C LYS D 124 19.82 -9.65 6.75
N TYR D 125 20.27 -9.07 7.86
CA TYR D 125 20.08 -9.63 9.18
C TYR D 125 19.19 -8.70 9.99
N ALA D 126 18.62 -9.26 11.04
CA ALA D 126 17.95 -8.48 12.07
C ALA D 126 18.32 -9.05 13.42
N VAL D 127 18.45 -8.17 14.40
CA VAL D 127 18.85 -8.52 15.75
C VAL D 127 17.75 -8.08 16.70
N ALA D 128 17.34 -8.97 17.57
CA ALA D 128 16.46 -8.62 18.68
C ALA D 128 17.32 -8.31 19.89
N VAL D 129 17.29 -7.06 20.33
CA VAL D 129 18.26 -6.53 21.27
C VAL D 129 17.76 -6.77 22.69
N SER D 130 18.65 -7.29 23.54
CA SER D 130 18.41 -7.43 24.96
C SER D 130 19.32 -6.55 25.79
N TYR D 131 20.12 -5.69 25.17
CA TYR D 131 20.94 -4.74 25.89
C TYR D 131 21.44 -3.70 24.90
N TYR D 132 21.38 -2.44 25.32
CA TYR D 132 21.68 -1.32 24.43
C TYR D 132 22.39 -0.24 25.20
N LYS D 133 23.66 -0.01 24.89
CA LYS D 133 24.44 1.10 25.42
C LYS D 133 24.92 1.93 24.25
N LEU D 134 24.44 3.16 24.15
CA LEU D 134 24.90 4.11 23.14
C LEU D 134 25.88 5.08 23.78
N GLU D 135 27.01 5.29 23.12
CA GLU D 135 28.04 6.21 23.57
C GLU D 135 28.37 7.16 22.43
N VAL D 136 28.56 8.43 22.79
CA VAL D 136 28.94 9.48 21.86
C VAL D 136 30.17 10.15 22.42
N ASP D 137 31.25 10.16 21.64
CA ASP D 137 32.48 10.84 22.02
C ASP D 137 33.02 10.29 23.33
N GLY D 138 32.90 8.98 23.50
CA GLY D 138 33.39 8.31 24.68
C GLY D 138 32.55 8.47 25.92
N ARG D 139 31.41 9.16 25.83
CA ARG D 139 30.54 9.41 26.96
C ARG D 139 29.25 8.60 26.82
N GLU D 140 28.80 8.04 27.93
CA GLU D 140 27.53 7.34 27.96
C GLU D 140 26.42 8.31 27.66
N VAL D 141 25.68 8.02 26.59
CA VAL D 141 24.40 8.67 26.34
C VAL D 141 23.27 7.85 26.96
N TYR D 142 23.09 6.60 26.50
CA TYR D 142 22.09 5.70 27.09
C TYR D 142 22.72 4.45 27.65
N GLU D 143 21.94 3.75 28.47
CA GLU D 143 22.13 2.34 28.70
C GLU D 143 20.78 1.75 29.07
N ILE D 144 20.22 0.92 28.19
CA ILE D 144 19.10 0.07 28.55
C ILE D 144 19.69 -1.23 29.07
N ASP D 145 19.07 -1.78 30.11
CA ASP D 145 19.15 -3.20 30.41
C ASP D 145 17.72 -3.61 30.74
N PRO D 146 16.99 -4.21 29.79
CA PRO D 146 15.56 -4.46 30.06
C PRO D 146 15.31 -5.36 31.25
N VAL D 147 16.00 -6.50 31.31
CA VAL D 147 15.68 -7.53 32.27
C VAL D 147 16.06 -7.10 33.68
N ASN D 148 17.05 -6.23 33.82
CA ASN D 148 17.43 -5.67 35.11
C ASN D 148 16.73 -4.36 35.43
N GLY D 149 16.03 -3.76 34.46
CA GLY D 149 15.28 -2.55 34.72
C GLY D 149 16.11 -1.29 34.71
N VAL D 150 17.04 -1.16 33.76
CA VAL D 150 17.88 0.01 33.62
C VAL D 150 17.43 0.77 32.40
N ARG D 151 17.22 2.08 32.56
CA ARG D 151 17.03 3.02 31.46
C ARG D 151 17.79 4.27 31.88
N ALA D 152 19.07 4.32 31.53
CA ALA D 152 19.96 5.36 32.01
C ALA D 152 20.10 6.43 30.95
N ILE D 153 20.08 7.69 31.39
CA ILE D 153 20.37 8.84 30.56
C ILE D 153 21.57 9.54 31.19
N ASN D 154 22.68 9.59 30.47
CA ASN D 154 23.91 10.22 30.94
C ASN D 154 24.35 9.65 32.28
N GLY D 155 24.08 8.37 32.51
CA GLY D 155 24.40 7.72 33.76
C GLY D 155 23.33 7.80 34.83
N VAL D 156 22.18 8.41 34.53
CA VAL D 156 21.10 8.58 35.49
C VAL D 156 20.00 7.58 35.15
N ASP D 157 19.89 6.52 35.95
CA ASP D 157 18.83 5.54 35.76
C ASP D 157 17.48 6.19 36.03
N GLN D 158 16.71 6.40 34.97
CA GLN D 158 15.38 6.99 35.11
C GLN D 158 14.41 6.04 35.81
N LEU D 159 14.72 4.76 35.87
CA LEU D 159 13.83 3.74 36.42
C LEU D 159 14.09 3.44 37.89
N ALA D 160 14.92 4.25 38.57
CA ALA D 160 15.23 3.98 39.97
C ALA D 160 13.99 4.03 40.83
N GLY D 161 13.06 4.94 40.52
CA GLY D 161 11.82 5.01 41.27
C GLY D 161 10.99 3.75 41.10
N MET D 162 10.92 3.23 39.88
CA MET D 162 10.22 1.99 39.63
C MET D 162 10.86 0.83 40.37
N ARG D 163 12.20 0.78 40.38
CA ARG D 163 12.90 -0.29 41.08
C ARG D 163 12.66 -0.22 42.58
N ASN D 164 12.58 1.00 43.12
CA ASN D 164 12.23 1.14 44.53
C ASN D 164 10.80 0.71 44.79
N ASP D 165 9.88 1.08 43.92
CA ASP D 165 8.47 0.75 44.11
C ASP D 165 8.25 -0.76 44.05
N LEU D 166 8.91 -1.42 43.12
CA LEU D 166 8.76 -2.87 42.94
C LEU D 166 9.72 -3.67 43.79
N GLY D 167 10.67 -3.03 44.47
CA GLY D 167 11.64 -3.77 45.26
C GLY D 167 12.49 -4.67 44.39
N LEU D 168 13.20 -4.07 43.44
CA LEU D 168 13.89 -4.80 42.38
C LEU D 168 12.89 -5.57 41.53
N MET E 2 37.20 -8.72 6.83
CA MET E 2 37.86 -7.53 6.31
C MET E 2 38.39 -7.74 4.91
N ILE E 3 37.49 -7.99 3.96
CA ILE E 3 37.87 -8.01 2.55
C ILE E 3 36.60 -7.82 1.73
N PRO E 4 36.60 -7.01 0.66
CA PRO E 4 35.42 -6.95 -0.19
C PRO E 4 35.13 -8.30 -0.83
N GLN E 5 33.84 -8.58 -0.98
CA GLN E 5 33.40 -9.88 -1.47
C GLN E 5 31.91 -9.82 -1.71
N THR E 6 31.47 -10.53 -2.74
CA THR E 6 30.04 -10.59 -3.03
C THR E 6 29.80 -11.67 -4.08
N LEU E 7 28.54 -11.80 -4.48
CA LEU E 7 28.13 -12.76 -5.48
C LEU E 7 28.55 -12.30 -6.86
N THR E 8 29.00 -13.24 -7.67
CA THR E 8 29.36 -13.00 -9.06
C THR E 8 28.60 -13.87 -10.03
N ASN E 9 28.23 -15.08 -9.62
CA ASN E 9 27.56 -16.01 -10.50
C ASN E 9 26.95 -17.12 -9.66
N THR E 10 26.00 -17.82 -10.24
CA THR E 10 25.19 -18.79 -9.51
C THR E 10 24.92 -20.00 -10.41
N ASN E 11 24.21 -20.97 -9.86
CA ASN E 11 23.76 -22.15 -10.61
C ASN E 11 22.80 -22.92 -9.71
N LEU E 12 21.97 -23.73 -10.36
CA LEU E 12 20.94 -24.52 -9.69
C LEU E 12 21.02 -25.96 -10.14
N PHE E 13 20.95 -26.88 -9.20
CA PHE E 13 20.79 -28.29 -9.49
C PHE E 13 19.48 -28.79 -8.90
N ILE E 14 18.77 -29.58 -9.69
CA ILE E 14 17.59 -30.30 -9.25
C ILE E 14 17.69 -31.71 -9.82
N ASP E 15 17.69 -32.71 -8.94
CA ASP E 15 17.76 -34.11 -9.35
C ASP E 15 19.00 -34.37 -10.21
N GLY E 16 20.09 -33.69 -9.88
CA GLY E 16 21.32 -33.80 -10.62
C GLY E 16 21.35 -33.06 -11.95
N VAL E 17 20.22 -32.51 -12.39
CA VAL E 17 20.16 -31.77 -13.64
C VAL E 17 20.69 -30.37 -13.39
N SER E 18 21.60 -29.92 -14.23
CA SER E 18 22.14 -28.57 -14.14
C SER E 18 21.26 -27.61 -14.92
N PHE E 19 20.90 -26.51 -14.27
CA PHE E 19 20.30 -25.36 -14.93
C PHE E 19 21.33 -24.25 -15.09
N ALA E 20 22.56 -24.62 -15.42
CA ALA E 20 23.54 -23.62 -15.76
C ALA E 20 23.13 -23.00 -17.07
N GLY E 21 22.37 -21.91 -16.99
CA GLY E 21 21.85 -21.26 -18.17
C GLY E 21 20.47 -20.65 -18.03
N ASP E 22 19.68 -21.06 -17.03
CA ASP E 22 18.32 -20.53 -16.87
C ASP E 22 17.90 -20.33 -15.41
N VAL E 23 18.67 -19.58 -14.64
CA VAL E 23 18.27 -19.21 -13.28
C VAL E 23 18.48 -17.70 -13.06
N PRO E 24 17.64 -16.85 -13.66
CA PRO E 24 17.82 -15.41 -13.50
C PRO E 24 17.79 -14.94 -12.07
N SER E 25 16.85 -15.42 -11.27
CA SER E 25 16.74 -15.07 -9.86
C SER E 25 16.82 -16.36 -9.06
N LEU E 26 17.69 -16.35 -8.06
CA LEU E 26 17.82 -17.45 -7.13
C LEU E 26 17.68 -16.90 -5.72
N THR E 27 16.88 -17.57 -4.89
CA THR E 27 16.60 -17.11 -3.53
C THR E 27 16.81 -18.24 -2.55
N LEU E 28 17.69 -18.03 -1.63
CA LEU E 28 17.89 -18.89 -0.48
C LEU E 28 16.77 -18.62 0.54
N PRO E 29 16.21 -19.64 1.19
CA PRO E 29 15.05 -19.38 2.05
C PRO E 29 15.43 -18.50 3.22
N LYS E 30 14.59 -17.51 3.47
CA LYS E 30 14.79 -16.62 4.59
C LYS E 30 14.72 -17.41 5.88
N LEU E 31 15.55 -17.04 6.83
CA LEU E 31 15.62 -17.68 8.13
C LEU E 31 15.26 -16.67 9.20
N ALA E 32 14.38 -17.09 10.10
CA ALA E 32 13.95 -16.25 11.20
C ALA E 32 13.58 -17.18 12.35
N VAL E 33 13.41 -16.58 13.50
CA VAL E 33 12.88 -17.26 14.67
C VAL E 33 11.54 -16.62 15.00
N LYS E 34 10.68 -17.38 15.66
CA LYS E 34 9.38 -16.88 16.08
C LYS E 34 9.57 -16.08 17.37
N THR E 35 10.14 -14.88 17.22
CA THR E 35 10.33 -14.03 18.39
C THR E 35 8.98 -13.60 18.93
N GLU E 36 8.75 -13.92 20.17
CA GLU E 36 7.62 -13.41 20.92
C GLU E 36 8.13 -12.29 21.81
N GLN E 37 7.76 -11.06 21.48
CA GLN E 37 8.15 -9.92 22.30
C GLN E 37 7.60 -10.10 23.70
N TYR E 38 8.50 -10.27 24.65
CA TYR E 38 8.13 -10.68 25.99
C TYR E 38 8.43 -9.56 26.97
N ARG E 39 7.39 -9.10 27.65
CA ARG E 39 7.51 -8.14 28.73
C ARG E 39 6.78 -8.69 29.93
N ALA E 40 7.43 -8.61 31.08
CA ALA E 40 6.89 -9.11 32.33
C ALA E 40 7.04 -8.04 33.40
N GLY E 41 6.67 -8.40 34.61
CA GLY E 41 6.84 -7.47 35.71
C GLY E 41 8.31 -7.31 36.07
N GLY E 42 8.66 -6.10 36.48
CA GLY E 42 10.01 -5.81 36.89
C GLY E 42 10.95 -5.47 35.75
N MET E 43 10.45 -5.44 34.52
CA MET E 43 11.26 -5.06 33.37
C MET E 43 10.49 -4.06 32.51
N ASP E 44 11.16 -2.96 32.19
CA ASP E 44 10.52 -1.89 31.42
C ASP E 44 10.35 -2.28 29.96
N ALA E 45 11.41 -2.74 29.31
CA ALA E 45 11.45 -2.92 27.88
C ALA E 45 11.28 -4.39 27.50
N PRO E 46 10.48 -4.72 26.49
CA PRO E 46 10.31 -6.13 26.13
C PRO E 46 11.57 -6.75 25.57
N VAL E 47 11.74 -8.04 25.86
CA VAL E 47 12.83 -8.84 25.30
C VAL E 47 12.21 -9.92 24.43
N SER E 48 12.77 -10.11 23.25
CA SER E 48 12.35 -11.19 22.36
C SER E 48 12.81 -12.54 22.89
N ILE E 49 12.00 -13.57 22.67
CA ILE E 49 12.32 -14.93 23.08
C ILE E 49 12.31 -15.82 21.85
N ASP E 50 13.30 -16.69 21.75
CA ASP E 50 13.37 -17.67 20.66
C ASP E 50 12.42 -18.81 20.97
N MET E 51 11.32 -18.89 20.21
CA MET E 51 10.31 -19.93 20.37
C MET E 51 10.22 -20.83 19.15
N GLY E 52 11.33 -20.98 18.42
CA GLY E 52 11.39 -21.82 17.24
C GLY E 52 11.53 -20.98 15.97
N LEU E 53 11.65 -21.69 14.87
CA LEU E 53 11.86 -21.05 13.58
C LEU E 53 10.54 -20.77 12.88
N GLU E 54 10.61 -19.83 11.93
CA GLU E 54 9.49 -19.55 11.05
C GLU E 54 9.46 -20.56 9.92
N ALA E 55 8.41 -20.50 9.13
CA ALA E 55 8.34 -21.30 7.92
C ALA E 55 9.38 -20.84 6.92
N MET E 56 10.09 -21.78 6.33
CA MET E 56 11.03 -21.50 5.28
C MET E 56 10.32 -21.46 3.94
N GLU E 57 10.88 -20.69 3.01
CA GLU E 57 10.40 -20.69 1.64
C GLU E 57 11.52 -20.25 0.74
N ALA E 58 11.92 -21.14 -0.16
CA ALA E 58 12.87 -20.83 -1.20
C ALA E 58 12.14 -20.39 -2.46
N LYS E 59 12.88 -19.78 -3.38
CA LYS E 59 12.34 -19.37 -4.65
C LYS E 59 13.44 -19.40 -5.70
N PHE E 60 13.04 -19.75 -6.91
CA PHE E 60 13.93 -19.71 -8.06
C PHE E 60 13.07 -19.66 -9.31
N SER E 61 13.60 -19.03 -10.35
CA SER E 61 12.84 -18.74 -11.54
C SER E 61 13.55 -19.24 -12.79
N THR E 62 12.75 -19.50 -13.81
CA THR E 62 13.23 -19.89 -15.13
C THR E 62 12.46 -19.11 -16.16
N ASN E 63 13.07 -18.93 -17.33
CA ASN E 63 12.43 -18.23 -18.44
C ASN E 63 11.97 -19.16 -19.54
N GLY E 64 12.37 -20.43 -19.52
CA GLY E 64 11.92 -21.40 -20.49
C GLY E 64 11.15 -22.53 -19.86
N ALA E 65 10.43 -23.29 -20.68
CA ALA E 65 9.63 -24.41 -20.18
C ALA E 65 10.59 -25.53 -19.82
N ARG E 66 11.18 -25.40 -18.65
CA ARG E 66 12.13 -26.38 -18.16
C ARG E 66 11.33 -27.51 -17.55
N ARG E 67 11.08 -28.53 -18.36
CA ARG E 67 10.23 -29.65 -17.96
C ARG E 67 10.74 -30.31 -16.68
N GLU E 68 12.05 -30.32 -16.48
CA GLU E 68 12.60 -30.63 -15.17
C GLU E 68 12.33 -29.45 -14.26
N ALA E 69 11.68 -29.72 -13.13
CA ALA E 69 11.20 -28.77 -12.12
C ALA E 69 9.90 -28.09 -12.52
N LEU E 70 9.36 -28.37 -13.71
CA LEU E 70 7.92 -28.21 -13.94
C LEU E 70 7.17 -29.47 -13.55
N ASN E 71 7.84 -30.62 -13.60
CA ASN E 71 7.22 -31.90 -13.31
C ASN E 71 7.36 -32.31 -11.85
N PHE E 72 7.76 -31.40 -10.97
CA PHE E 72 7.84 -31.66 -9.54
C PHE E 72 6.83 -30.87 -8.71
N PHE E 73 5.88 -30.21 -9.37
CA PHE E 73 4.81 -29.52 -8.69
C PHE E 73 3.75 -30.50 -8.23
N GLY E 74 3.21 -30.25 -7.04
CA GLY E 74 2.00 -30.93 -6.65
C GLY E 74 2.11 -32.43 -6.58
N LEU E 75 3.32 -32.95 -6.41
CA LEU E 75 3.50 -34.37 -6.26
C LEU E 75 2.96 -34.80 -4.90
N ALA E 76 2.41 -36.01 -4.86
CA ALA E 76 1.93 -36.54 -3.59
C ALA E 76 3.09 -36.75 -2.63
N ASP E 77 4.25 -37.16 -3.15
CA ASP E 77 5.42 -37.40 -2.33
C ASP E 77 6.11 -36.06 -2.07
N GLN E 78 5.61 -35.36 -1.06
CA GLN E 78 6.34 -34.21 -0.54
C GLN E 78 7.72 -34.65 -0.08
N SER E 79 8.66 -33.70 -0.14
CA SER E 79 10.08 -33.88 0.15
C SER E 79 10.80 -34.68 -0.93
N ALA E 80 10.12 -35.05 -2.02
CA ALA E 80 10.81 -35.61 -3.18
C ALA E 80 11.47 -34.53 -4.01
N PHE E 81 11.03 -33.28 -3.89
CA PHE E 81 11.70 -32.19 -4.56
C PHE E 81 13.00 -31.87 -3.86
N ASN E 82 14.10 -32.45 -4.32
CA ASN E 82 15.41 -32.08 -3.81
C ASN E 82 15.83 -30.78 -4.47
N GLY E 83 17.08 -30.37 -4.24
CA GLY E 83 17.57 -29.13 -4.81
C GLY E 83 18.85 -28.67 -4.18
N VAL E 84 19.68 -28.00 -4.96
CA VAL E 84 20.94 -27.44 -4.49
C VAL E 84 21.07 -26.04 -5.06
N PHE E 85 21.11 -25.05 -4.18
CA PHE E 85 21.38 -23.67 -4.56
C PHE E 85 22.86 -23.40 -4.38
N ARG E 86 23.55 -23.11 -5.49
CA ARG E 86 24.97 -22.80 -5.47
C ARG E 86 25.19 -21.33 -5.78
N GLY E 87 26.20 -20.76 -5.14
CA GLY E 87 26.58 -19.38 -5.36
C GLY E 87 28.07 -19.20 -5.20
N SER E 88 28.69 -18.53 -6.17
CA SER E 88 30.13 -18.31 -6.19
C SER E 88 30.42 -16.91 -5.69
N PHE E 89 30.91 -16.81 -4.45
CA PHE E 89 31.28 -15.54 -3.85
C PHE E 89 32.77 -15.34 -4.08
N LYS E 90 33.12 -14.34 -4.88
CA LYS E 90 34.50 -13.97 -5.14
C LYS E 90 34.85 -12.73 -4.33
N GLY E 91 35.99 -12.77 -3.66
CA GLY E 91 36.48 -11.63 -2.93
C GLY E 91 37.04 -10.58 -3.86
N GLN E 92 37.65 -9.57 -3.26
CA GLN E 92 38.45 -8.64 -4.06
C GLN E 92 39.61 -9.40 -4.70
N LYS E 93 40.45 -10.01 -3.89
CA LYS E 93 41.56 -10.79 -4.39
C LYS E 93 41.05 -12.03 -5.11
N GLY E 94 41.97 -12.72 -5.77
CA GLY E 94 41.60 -13.87 -6.58
C GLY E 94 41.30 -15.09 -5.76
N ALA E 95 40.16 -15.07 -5.07
CA ALA E 95 39.70 -16.20 -4.27
C ALA E 95 38.20 -16.32 -4.40
N SER E 96 37.72 -17.55 -4.41
CA SER E 96 36.30 -17.85 -4.62
C SER E 96 35.81 -18.73 -3.49
N VAL E 97 34.68 -18.33 -2.92
CA VAL E 97 34.06 -19.02 -1.78
C VAL E 97 32.77 -19.67 -2.27
N PRO E 98 32.69 -21.01 -2.33
CA PRO E 98 31.43 -21.63 -2.70
C PRO E 98 30.44 -21.62 -1.54
N VAL E 99 29.19 -21.32 -1.87
CA VAL E 99 28.07 -21.38 -0.93
C VAL E 99 27.05 -22.34 -1.51
N VAL E 100 26.62 -23.30 -0.70
CA VAL E 100 25.74 -24.38 -1.12
C VAL E 100 24.61 -24.48 -0.11
N ALA E 101 23.38 -24.52 -0.61
CA ALA E 101 22.20 -24.74 0.20
C ALA E 101 21.42 -25.91 -0.36
N THR E 102 21.67 -27.08 0.17
CA THR E 102 20.85 -28.24 -0.15
C THR E 102 19.46 -28.02 0.40
N LEU E 103 18.46 -28.23 -0.46
CA LEU E 103 17.07 -28.13 -0.09
C LEU E 103 16.35 -29.43 -0.36
N ARG E 104 15.25 -29.63 0.34
CA ARG E 104 14.38 -30.76 0.10
C ARG E 104 13.02 -30.42 0.69
N GLY E 105 11.99 -30.45 -0.13
CA GLY E 105 10.68 -30.06 0.30
C GLY E 105 9.63 -30.22 -0.77
N LEU E 106 8.80 -29.19 -0.93
CA LEU E 106 7.68 -29.20 -1.86
C LEU E 106 7.84 -28.05 -2.84
N LEU E 107 7.68 -28.34 -4.13
CA LEU E 107 7.53 -27.24 -5.08
C LEU E 107 6.14 -26.66 -4.89
N LYS E 108 6.07 -25.61 -4.08
CA LYS E 108 4.79 -25.12 -3.60
C LYS E 108 3.96 -24.51 -4.72
N GLU E 109 4.59 -23.79 -5.63
CA GLU E 109 3.89 -22.85 -6.48
C GLU E 109 4.61 -22.73 -7.81
N VAL E 110 3.81 -22.55 -8.86
CA VAL E 110 4.30 -22.27 -10.21
C VAL E 110 3.47 -21.11 -10.74
N ASP E 111 4.14 -20.01 -11.06
CA ASP E 111 3.49 -18.74 -11.37
C ASP E 111 4.09 -18.19 -12.65
N PRO E 112 3.63 -18.66 -13.81
CA PRO E 112 4.06 -18.07 -15.08
C PRO E 112 3.64 -16.61 -15.17
N GLY E 113 4.61 -15.75 -15.36
CA GLY E 113 4.33 -14.34 -15.46
C GLY E 113 3.57 -14.02 -16.74
N ASP E 114 3.35 -12.72 -16.94
CA ASP E 114 2.63 -12.25 -18.09
C ASP E 114 3.45 -12.48 -19.35
N TRP E 115 2.88 -13.23 -20.30
CA TRP E 115 3.49 -13.43 -21.60
C TRP E 115 3.13 -12.26 -22.49
N LYS E 116 4.10 -11.38 -22.74
CA LYS E 116 3.85 -10.10 -23.40
C LYS E 116 4.34 -10.04 -24.84
N ALA E 117 4.70 -11.19 -25.43
CA ALA E 117 4.99 -11.27 -26.86
C ALA E 117 6.18 -10.38 -27.24
N GLY E 118 7.34 -10.78 -26.73
CA GLY E 118 8.58 -10.03 -26.91
C GLY E 118 9.22 -9.65 -25.59
N GLU E 119 8.87 -10.40 -24.54
CA GLU E 119 9.44 -10.18 -23.22
C GLU E 119 9.64 -11.55 -22.58
N LYS E 120 10.55 -11.60 -21.61
CA LYS E 120 10.90 -12.86 -20.99
C LYS E 120 9.68 -13.47 -20.30
N ALA E 121 9.65 -14.80 -20.27
CA ALA E 121 8.51 -15.50 -19.69
C ALA E 121 8.51 -15.35 -18.18
N GLU E 122 9.65 -15.65 -17.55
CA GLU E 122 9.86 -15.47 -16.11
C GLU E 122 8.85 -16.30 -15.30
N PHE E 123 9.02 -17.62 -15.42
CA PHE E 123 8.31 -18.54 -14.54
C PHE E 123 8.84 -18.37 -13.13
N LYS E 124 7.97 -17.96 -12.22
CA LYS E 124 8.30 -17.89 -10.80
C LYS E 124 7.85 -19.16 -10.13
N TYR E 125 8.74 -19.77 -9.36
CA TYR E 125 8.43 -20.89 -8.51
C TYR E 125 8.60 -20.49 -7.06
N ALA E 126 7.98 -21.26 -6.19
CA ALA E 126 8.23 -21.19 -4.76
C ALA E 126 8.30 -22.60 -4.21
N VAL E 127 9.18 -22.80 -3.24
CA VAL E 127 9.41 -24.09 -2.63
C VAL E 127 9.12 -23.97 -1.14
N ALA E 128 8.34 -24.90 -0.62
CA ALA E 128 8.17 -25.04 0.82
C ALA E 128 9.18 -26.05 1.33
N VAL E 129 10.11 -25.59 2.15
CA VAL E 129 11.30 -26.36 2.49
C VAL E 129 11.01 -27.22 3.70
N SER E 130 11.38 -28.50 3.61
CA SER E 130 11.35 -29.43 4.73
C SER E 130 12.73 -29.88 5.16
N TYR E 131 13.79 -29.32 4.58
CA TYR E 131 15.15 -29.62 5.01
C TYR E 131 16.06 -28.56 4.41
N TYR E 132 16.99 -28.08 5.23
CA TYR E 132 17.84 -26.95 4.85
C TYR E 132 19.23 -27.15 5.43
N LYS E 133 20.20 -27.39 4.56
CA LYS E 133 21.61 -27.43 4.94
C LYS E 133 22.35 -26.39 4.14
N LEU E 134 22.88 -25.38 4.82
CA LEU E 134 23.70 -24.35 4.20
C LEU E 134 25.16 -24.65 4.48
N GLU E 135 25.98 -24.60 3.44
CA GLU E 135 27.41 -24.82 3.53
C GLU E 135 28.14 -23.65 2.90
N VAL E 136 29.22 -23.22 3.54
CA VAL E 136 30.07 -22.15 3.05
C VAL E 136 31.49 -22.70 3.02
N ASP E 137 32.12 -22.65 1.84
CA ASP E 137 33.50 -23.06 1.68
C ASP E 137 33.69 -24.51 2.11
N GLY E 138 32.71 -25.35 1.80
CA GLY E 138 32.76 -26.75 2.11
C GLY E 138 32.48 -27.10 3.55
N ARG E 139 32.18 -26.12 4.40
CA ARG E 139 31.94 -26.34 5.81
C ARG E 139 30.47 -26.15 6.13
N GLU E 140 29.94 -27.02 6.98
CA GLU E 140 28.57 -26.87 7.44
C GLU E 140 28.43 -25.59 8.23
N VAL E 141 27.56 -24.71 7.77
CA VAL E 141 27.10 -23.59 8.57
C VAL E 141 25.84 -23.97 9.34
N TYR E 142 24.76 -24.33 8.63
CA TYR E 142 23.53 -24.79 9.28
C TYR E 142 23.16 -26.19 8.83
N GLU E 143 22.26 -26.79 9.61
CA GLU E 143 21.43 -27.86 9.11
C GLU E 143 20.15 -27.85 9.92
N ILE E 144 19.03 -27.50 9.27
CA ILE E 144 17.71 -27.74 9.85
C ILE E 144 17.28 -29.11 9.38
N ASP E 145 16.63 -29.85 10.28
CA ASP E 145 15.73 -30.93 9.90
C ASP E 145 14.50 -30.74 10.79
N PRO E 146 13.43 -30.13 10.29
CA PRO E 146 12.31 -29.81 11.19
C PRO E 146 11.69 -31.03 11.85
N VAL E 147 11.37 -32.04 11.06
CA VAL E 147 10.57 -33.16 11.54
C VAL E 147 11.36 -34.02 12.51
N ASN E 148 12.69 -34.04 12.39
CA ASN E 148 13.54 -34.75 13.32
C ASN E 148 14.04 -33.87 14.46
N GLY E 149 13.82 -32.56 14.39
CA GLY E 149 14.21 -31.68 15.47
C GLY E 149 15.68 -31.32 15.48
N VAL E 150 16.26 -31.02 14.32
CA VAL E 150 17.65 -30.62 14.20
C VAL E 150 17.68 -29.14 13.86
N ARG E 151 18.49 -28.38 14.61
CA ARG E 151 18.85 -27.01 14.27
C ARG E 151 20.32 -26.90 14.63
N ALA E 152 21.18 -27.22 13.68
CA ALA E 152 22.61 -27.33 13.91
C ALA E 152 23.30 -26.04 13.50
N ILE E 153 24.24 -25.60 14.31
CA ILE E 153 25.13 -24.50 13.99
C ILE E 153 26.55 -25.04 14.04
N ASN E 154 27.23 -25.03 12.90
CA ASN E 154 28.59 -25.53 12.78
C ASN E 154 28.71 -26.98 13.28
N GLY E 155 27.65 -27.76 13.11
CA GLY E 155 27.61 -29.12 13.57
C GLY E 155 27.11 -29.30 15.00
N VAL E 156 26.70 -28.23 15.67
CA VAL E 156 26.23 -28.28 17.05
C VAL E 156 24.71 -28.15 17.03
N ASP E 157 24.01 -29.25 17.26
CA ASP E 157 22.56 -29.23 17.35
C ASP E 157 22.14 -28.42 18.57
N GLN E 158 21.59 -27.23 18.32
CA GLN E 158 21.11 -26.38 19.40
C GLN E 158 19.89 -26.96 20.10
N LEU E 159 19.20 -27.90 19.47
CA LEU E 159 17.96 -28.47 19.98
C LEU E 159 18.16 -29.75 20.77
N ALA E 160 19.40 -30.09 21.11
CA ALA E 160 19.65 -31.34 21.84
C ALA E 160 18.97 -31.32 23.20
N GLY E 161 18.92 -30.16 23.85
CA GLY E 161 18.24 -30.06 25.13
C GLY E 161 16.75 -30.31 24.99
N MET E 162 16.14 -29.78 23.93
CA MET E 162 14.73 -30.02 23.67
C MET E 162 14.48 -31.49 23.40
N ARG E 163 15.36 -32.13 22.62
CA ARG E 163 15.20 -33.54 22.32
C ARG E 163 15.32 -34.39 23.57
N ASN E 164 16.21 -34.01 24.48
CA ASN E 164 16.30 -34.71 25.76
C ASN E 164 15.05 -34.50 26.58
N ASP E 165 14.55 -33.27 26.62
CA ASP E 165 13.38 -32.96 27.44
C ASP E 165 12.15 -33.71 26.94
N LEU E 166 11.97 -33.77 25.62
CA LEU E 166 10.82 -34.43 25.02
C LEU E 166 11.05 -35.91 24.77
N GLY E 167 12.26 -36.42 24.98
CA GLY E 167 12.53 -37.81 24.72
C GLY E 167 12.34 -38.15 23.25
N LEU E 168 13.09 -37.48 22.39
CA LEU E 168 12.88 -37.51 20.94
C LEU E 168 11.51 -36.95 20.60
N MET F 2 20.45 -26.52 -19.61
CA MET F 2 21.67 -25.77 -19.89
C MET F 2 21.66 -25.20 -21.30
N ILE F 3 20.72 -24.31 -21.57
CA ILE F 3 20.74 -23.54 -22.81
C ILE F 3 19.87 -22.30 -22.61
N PRO F 4 20.27 -21.12 -23.08
CA PRO F 4 19.36 -19.97 -22.99
C PRO F 4 18.12 -20.21 -23.81
N GLN F 5 17.00 -19.69 -23.31
CA GLN F 5 15.70 -19.93 -23.92
C GLN F 5 14.68 -19.06 -23.22
N THR F 6 13.71 -18.58 -23.99
CA THR F 6 12.63 -17.78 -23.41
C THR F 6 11.54 -17.60 -24.45
N LEU F 7 10.52 -16.84 -24.06
CA LEU F 7 9.40 -16.56 -24.94
C LEU F 7 9.80 -15.55 -26.00
N THR F 8 9.31 -15.75 -27.20
CA THR F 8 9.51 -14.85 -28.32
C THR F 8 8.21 -14.36 -28.93
N ASN F 9 7.16 -15.19 -28.90
CA ASN F 9 5.90 -14.84 -29.52
C ASN F 9 4.84 -15.78 -28.99
N THR F 10 3.58 -15.37 -29.14
CA THR F 10 2.46 -16.06 -28.53
C THR F 10 1.29 -16.06 -29.49
N ASN F 11 0.19 -16.67 -29.07
CA ASN F 11 -1.07 -16.66 -29.81
C ASN F 11 -2.13 -17.28 -28.92
N LEU F 12 -3.39 -16.95 -29.22
CA LEU F 12 -4.55 -17.40 -28.46
C LEU F 12 -5.59 -17.97 -29.40
N PHE F 13 -6.14 -19.12 -29.04
CA PHE F 13 -7.30 -19.68 -29.70
C PHE F 13 -8.45 -19.78 -28.72
N ILE F 14 -9.63 -19.39 -29.20
CA ILE F 14 -10.87 -19.57 -28.48
C ILE F 14 -11.90 -20.07 -29.50
N ASP F 15 -12.47 -21.24 -29.25
CA ASP F 15 -13.48 -21.83 -30.14
C ASP F 15 -12.95 -21.97 -31.56
N GLY F 16 -11.66 -22.27 -31.69
CA GLY F 16 -11.01 -22.40 -32.96
C GLY F 16 -10.69 -21.09 -33.65
N VAL F 17 -11.14 -19.97 -33.12
CA VAL F 17 -10.85 -18.67 -33.70
C VAL F 17 -9.46 -18.25 -33.28
N SER F 18 -8.65 -17.83 -34.24
CA SER F 18 -7.31 -17.34 -33.94
C SER F 18 -7.36 -15.86 -33.64
N PHE F 19 -6.72 -15.48 -32.53
CA PHE F 19 -6.41 -14.09 -32.22
C PHE F 19 -4.95 -13.79 -32.49
N ALA F 20 -4.43 -14.34 -33.58
CA ALA F 20 -3.09 -13.98 -34.00
C ALA F 20 -3.14 -12.55 -34.47
N GLY F 21 -2.87 -11.62 -33.56
CA GLY F 21 -2.96 -10.20 -33.86
C GLY F 21 -3.46 -9.32 -32.74
N ASP F 22 -4.13 -9.87 -31.73
CA ASP F 22 -4.66 -9.06 -30.63
C ASP F 22 -4.58 -9.73 -29.25
N VAL F 23 -3.39 -10.15 -28.84
CA VAL F 23 -3.18 -10.66 -27.48
C VAL F 23 -1.94 -10.01 -26.86
N PRO F 24 -2.01 -8.73 -26.48
CA PRO F 24 -0.84 -8.07 -25.91
C PRO F 24 -0.29 -8.74 -24.67
N SER F 25 -1.16 -9.13 -23.75
CA SER F 25 -0.77 -9.83 -22.53
C SER F 25 -1.49 -11.15 -22.49
N LEU F 26 -0.73 -12.21 -22.27
CA LEU F 26 -1.27 -13.54 -22.08
C LEU F 26 -0.75 -14.10 -20.76
N THR F 27 -1.64 -14.69 -19.97
CA THR F 27 -1.29 -15.20 -18.66
C THR F 27 -1.79 -16.62 -18.50
N LEU F 28 -0.89 -17.51 -18.25
CA LEU F 28 -1.18 -18.88 -17.87
C LEU F 28 -1.60 -18.89 -16.39
N PRO F 29 -2.61 -19.67 -15.99
CA PRO F 29 -3.08 -19.58 -14.61
C PRO F 29 -2.01 -20.02 -13.64
N LYS F 30 -1.84 -19.22 -12.59
CA LYS F 30 -0.90 -19.54 -11.54
C LYS F 30 -1.30 -20.85 -10.88
N LEU F 31 -0.31 -21.64 -10.52
CA LEU F 31 -0.51 -22.91 -9.86
C LEU F 31 0.13 -22.87 -8.50
N ALA F 32 -0.63 -23.32 -7.50
CA ALA F 32 -0.16 -23.37 -6.14
C ALA F 32 -0.89 -24.52 -5.46
N VAL F 33 -0.39 -24.87 -4.29
CA VAL F 33 -1.05 -25.81 -3.41
C VAL F 33 -1.47 -25.05 -2.16
N LYS F 34 -2.50 -25.56 -1.49
CA LYS F 34 -2.97 -24.96 -0.24
C LYS F 34 -2.07 -25.42 0.90
N THR F 35 -0.85 -24.87 0.93
CA THR F 35 0.07 -25.25 2.00
C THR F 35 -0.46 -24.75 3.32
N GLU F 36 -0.65 -25.66 4.23
CA GLU F 36 -0.95 -25.36 5.61
C GLU F 36 0.34 -25.52 6.41
N GLN F 37 0.91 -24.41 6.85
CA GLN F 37 2.12 -24.47 7.66
C GLN F 37 1.84 -25.27 8.93
N TYR F 38 2.48 -26.41 9.04
CA TYR F 38 2.15 -27.39 10.06
C TYR F 38 3.31 -27.52 11.03
N ARG F 39 3.03 -27.23 12.29
CA ARG F 39 3.96 -27.44 13.39
C ARG F 39 3.26 -28.25 14.46
N ALA F 40 3.94 -29.26 14.95
CA ALA F 40 3.42 -30.16 15.97
C ALA F 40 4.45 -30.30 17.07
N GLY F 41 4.14 -31.16 18.03
CA GLY F 41 5.09 -31.44 19.08
C GLY F 41 6.26 -32.24 18.57
N GLY F 42 7.43 -31.96 19.13
CA GLY F 42 8.63 -32.68 18.78
C GLY F 42 9.33 -32.14 17.55
N MET F 43 8.82 -31.06 16.96
CA MET F 43 9.46 -30.44 15.81
C MET F 43 9.51 -28.93 16.01
N ASP F 44 10.69 -28.36 15.82
CA ASP F 44 10.89 -26.93 16.04
C ASP F 44 10.25 -26.10 14.93
N ALA F 45 10.57 -26.43 13.68
CA ALA F 45 10.23 -25.59 12.55
C ALA F 45 9.01 -26.12 11.80
N PRO F 46 8.07 -25.27 11.40
CA PRO F 46 6.89 -25.78 10.69
C PRO F 46 7.24 -26.35 9.32
N VAL F 47 6.48 -27.37 8.93
CA VAL F 47 6.57 -27.96 7.60
C VAL F 47 5.24 -27.73 6.90
N SER F 48 5.30 -27.31 5.65
CA SER F 48 4.11 -27.16 4.83
C SER F 48 3.56 -28.51 4.43
N ILE F 49 2.23 -28.61 4.33
CA ILE F 49 1.55 -29.83 3.91
C ILE F 49 0.71 -29.52 2.68
N ASP F 50 0.76 -30.41 1.71
CA ASP F 50 -0.05 -30.29 0.50
C ASP F 50 -1.47 -30.74 0.82
N MET F 51 -2.40 -29.78 0.87
CA MET F 51 -3.81 -30.04 1.15
C MET F 51 -4.70 -29.71 -0.04
N GLY F 52 -4.16 -29.81 -1.24
CA GLY F 52 -4.89 -29.55 -2.46
C GLY F 52 -4.42 -28.26 -3.13
N LEU F 53 -5.01 -27.99 -4.28
CA LEU F 53 -4.62 -26.85 -5.09
C LEU F 53 -5.43 -25.62 -4.73
N GLU F 54 -4.88 -24.47 -5.09
CA GLU F 54 -5.58 -23.20 -4.98
C GLU F 54 -6.50 -23.03 -6.18
N ALA F 55 -7.30 -21.98 -6.13
CA ALA F 55 -8.11 -21.62 -7.28
C ALA F 55 -7.22 -21.14 -8.41
N MET F 56 -7.51 -21.61 -9.61
CA MET F 56 -6.83 -21.18 -10.81
C MET F 56 -7.50 -19.93 -11.36
N GLU F 57 -6.72 -19.11 -12.05
CA GLU F 57 -7.27 -17.97 -12.76
C GLU F 57 -6.33 -17.62 -13.89
N ALA F 58 -6.83 -17.73 -15.12
CA ALA F 58 -6.12 -17.27 -16.29
C ALA F 58 -6.51 -15.84 -16.61
N LYS F 59 -5.71 -15.20 -17.47
CA LYS F 59 -6.00 -13.86 -17.91
C LYS F 59 -5.43 -13.67 -19.31
N PHE F 60 -6.15 -12.88 -20.11
CA PHE F 60 -5.69 -12.49 -21.43
C PHE F 60 -6.43 -11.24 -21.82
N SER F 61 -5.80 -10.41 -22.64
CA SER F 61 -6.31 -9.09 -22.95
C SER F 61 -6.37 -8.87 -24.45
N THR F 62 -7.27 -7.98 -24.85
CA THR F 62 -7.42 -7.55 -26.22
C THR F 62 -7.57 -6.04 -26.23
N ASN F 63 -7.21 -5.42 -27.34
CA ASN F 63 -7.32 -3.99 -27.52
C ASN F 63 -8.48 -3.58 -28.42
N GLY F 64 -9.10 -4.52 -29.12
CA GLY F 64 -10.25 -4.24 -29.95
C GLY F 64 -11.48 -4.98 -29.49
N ALA F 65 -12.64 -4.55 -29.96
CA ALA F 65 -13.91 -5.19 -29.59
C ALA F 65 -13.99 -6.52 -30.31
N ARG F 66 -13.30 -7.50 -29.75
CA ARG F 66 -13.26 -8.84 -30.31
C ARG F 66 -14.53 -9.54 -29.86
N ARG F 67 -15.56 -9.49 -30.70
CA ARG F 67 -16.86 -10.03 -30.35
C ARG F 67 -16.77 -11.51 -29.98
N GLU F 68 -15.85 -12.24 -30.58
CA GLU F 68 -15.49 -13.55 -30.05
C GLU F 68 -14.68 -13.34 -28.79
N ALA F 69 -15.14 -13.97 -27.71
CA ALA F 69 -14.64 -13.87 -26.33
C ALA F 69 -15.11 -12.61 -25.62
N LEU F 70 -15.87 -11.72 -26.28
CA LEU F 70 -16.78 -10.84 -25.57
C LEU F 70 -18.12 -11.50 -25.35
N ASN F 71 -18.49 -12.44 -26.21
CA ASN F 71 -19.78 -13.12 -26.15
C ASN F 71 -19.74 -14.40 -25.33
N PHE F 72 -18.67 -14.64 -24.56
CA PHE F 72 -18.57 -15.79 -23.67
C PHE F 72 -18.59 -15.40 -22.19
N PHE F 73 -18.88 -14.15 -21.88
CA PHE F 73 -19.01 -13.72 -20.50
C PHE F 73 -20.36 -14.12 -19.95
N GLY F 74 -20.37 -14.53 -18.68
CA GLY F 74 -21.61 -14.64 -17.97
C GLY F 74 -22.59 -15.63 -18.57
N LEU F 75 -22.10 -16.60 -19.34
CA LEU F 75 -22.96 -17.61 -19.88
C LEU F 75 -23.42 -18.53 -18.76
N ALA F 76 -24.65 -19.01 -18.87
CA ALA F 76 -25.16 -19.96 -17.90
C ALA F 76 -24.35 -21.25 -17.94
N ASP F 77 -23.93 -21.67 -19.14
CA ASP F 77 -23.16 -22.89 -19.30
C ASP F 77 -21.70 -22.59 -19.00
N GLN F 78 -21.39 -22.63 -17.70
CA GLN F 78 -19.99 -22.62 -17.29
C GLN F 78 -19.28 -23.82 -17.91
N SER F 79 -17.97 -23.66 -18.13
CA SER F 79 -17.08 -24.59 -18.79
C SER F 79 -17.32 -24.66 -20.29
N ALA F 80 -18.22 -23.84 -20.84
CA ALA F 80 -18.33 -23.70 -22.28
C ALA F 80 -17.24 -22.81 -22.85
N PHE F 81 -16.64 -21.96 -22.02
CA PHE F 81 -15.51 -21.17 -22.46
C PHE F 81 -14.27 -22.05 -22.57
N ASN F 82 -14.02 -22.57 -23.77
CA ASN F 82 -12.77 -23.29 -24.00
C ASN F 82 -11.65 -22.27 -24.21
N GLY F 83 -10.48 -22.74 -24.60
CA GLY F 83 -9.37 -21.85 -24.81
C GLY F 83 -8.05 -22.59 -24.89
N VAL F 84 -7.13 -22.04 -25.67
CA VAL F 84 -5.80 -22.60 -25.84
C VAL F 84 -4.80 -21.45 -25.78
N PHE F 85 -3.94 -21.47 -24.78
CA PHE F 85 -2.83 -20.54 -24.67
C PHE F 85 -1.59 -21.17 -25.29
N ARG F 86 -1.09 -20.57 -26.36
CA ARG F 86 0.11 -21.04 -27.04
C ARG F 86 1.25 -20.07 -26.81
N GLY F 87 2.46 -20.61 -26.70
CA GLY F 87 3.66 -19.83 -26.55
C GLY F 87 4.84 -20.49 -27.20
N SER F 88 5.58 -19.73 -28.00
CA SER F 88 6.73 -20.24 -28.75
C SER F 88 8.00 -19.89 -28.01
N PHE F 89 8.60 -20.88 -27.36
CA PHE F 89 9.86 -20.70 -26.63
C PHE F 89 10.99 -21.10 -27.57
N LYS F 90 11.80 -20.14 -27.95
CA LYS F 90 12.97 -20.37 -28.79
C LYS F 90 14.21 -20.33 -27.92
N GLY F 91 15.08 -21.33 -28.09
CA GLY F 91 16.34 -21.37 -27.40
C GLY F 91 17.32 -20.38 -27.99
N GLN F 92 18.56 -20.46 -27.51
CA GLN F 92 19.64 -19.75 -28.18
C GLN F 92 19.79 -20.28 -29.60
N LYS F 93 20.06 -21.57 -29.73
CA LYS F 93 20.20 -22.19 -31.02
C LYS F 93 18.85 -22.20 -31.74
N GLY F 94 18.89 -22.59 -33.01
CA GLY F 94 17.70 -22.56 -33.83
C GLY F 94 16.75 -23.69 -33.54
N ALA F 95 16.09 -23.62 -32.39
CA ALA F 95 15.11 -24.61 -31.98
C ALA F 95 13.97 -23.92 -31.27
N SER F 96 12.76 -24.42 -31.48
CA SER F 96 11.55 -23.82 -30.94
C SER F 96 10.77 -24.87 -30.18
N VAL F 97 10.35 -24.50 -28.97
CA VAL F 97 9.63 -25.40 -28.06
C VAL F 97 8.20 -24.87 -27.94
N PRO F 98 7.19 -25.57 -28.45
CA PRO F 98 5.82 -25.13 -28.24
C PRO F 98 5.34 -25.45 -26.84
N VAL F 99 4.64 -24.49 -26.25
CA VAL F 99 3.97 -24.65 -24.96
C VAL F 99 2.50 -24.36 -25.17
N VAL F 100 1.65 -25.27 -24.70
CA VAL F 100 0.22 -25.23 -24.93
C VAL F 100 -0.47 -25.45 -23.60
N ALA F 101 -1.43 -24.59 -23.28
CA ALA F 101 -2.26 -24.73 -22.10
C ALA F 101 -3.72 -24.68 -22.52
N THR F 102 -4.29 -25.85 -22.73
CA THR F 102 -5.72 -25.95 -22.95
C THR F 102 -6.45 -25.55 -21.67
N LEU F 103 -7.41 -24.65 -21.81
CA LEU F 103 -8.23 -24.21 -20.70
C LEU F 103 -9.70 -24.47 -21.01
N ARG F 104 -10.48 -24.55 -19.94
CA ARG F 104 -11.92 -24.67 -20.05
C ARG F 104 -12.52 -24.25 -18.73
N GLY F 105 -13.39 -23.25 -18.76
CA GLY F 105 -13.93 -22.71 -17.53
C GLY F 105 -14.94 -21.62 -17.78
N LEU F 106 -14.80 -20.53 -17.03
CA LEU F 106 -15.72 -19.41 -17.06
C LEU F 106 -14.96 -18.14 -17.41
N LEU F 107 -15.48 -17.38 -18.37
CA LEU F 107 -14.96 -16.03 -18.56
C LEU F 107 -15.45 -15.19 -17.39
N LYS F 108 -14.64 -15.08 -16.36
CA LYS F 108 -15.10 -14.53 -15.09
C LYS F 108 -15.41 -13.05 -15.19
N GLU F 109 -14.61 -12.30 -15.93
CA GLU F 109 -14.56 -10.86 -15.78
C GLU F 109 -14.20 -10.22 -17.11
N VAL F 110 -14.78 -9.06 -17.35
CA VAL F 110 -14.47 -8.21 -18.50
C VAL F 110 -14.29 -6.80 -17.96
N ASP F 111 -13.10 -6.23 -18.14
CA ASP F 111 -12.71 -4.98 -17.51
C ASP F 111 -12.10 -4.07 -18.56
N PRO F 112 -12.93 -3.37 -19.33
CA PRO F 112 -12.42 -2.36 -20.26
C PRO F 112 -11.70 -1.25 -19.52
N GLY F 113 -10.44 -1.05 -19.87
CA GLY F 113 -9.66 -0.02 -19.24
C GLY F 113 -10.15 1.36 -19.60
N ASP F 114 -9.41 2.35 -19.13
CA ASP F 114 -9.77 3.73 -19.37
C ASP F 114 -9.56 4.08 -20.83
N TRP F 115 -10.63 4.52 -21.49
CA TRP F 115 -10.57 4.99 -22.87
C TRP F 115 -10.12 6.45 -22.84
N LYS F 116 -8.87 6.70 -23.23
CA LYS F 116 -8.24 8.00 -23.08
C LYS F 116 -8.10 8.78 -24.38
N ALA F 117 -8.77 8.35 -25.45
CA ALA F 117 -8.84 9.12 -26.69
C ALA F 117 -7.45 9.36 -27.29
N GLY F 118 -6.86 8.26 -27.73
CA GLY F 118 -5.51 8.26 -28.28
C GLY F 118 -4.59 7.31 -27.54
N GLU F 119 -5.18 6.32 -26.87
CA GLU F 119 -4.44 5.31 -26.16
C GLU F 119 -5.17 3.99 -26.34
N LYS F 120 -4.41 2.89 -26.17
CA LYS F 120 -4.98 1.58 -26.41
C LYS F 120 -6.14 1.32 -25.45
N ALA F 121 -7.10 0.52 -25.94
CA ALA F 121 -8.28 0.23 -25.14
C ALA F 121 -7.93 -0.69 -23.98
N GLU F 122 -7.26 -1.81 -24.29
CA GLU F 122 -6.76 -2.75 -23.30
C GLU F 122 -7.92 -3.34 -22.46
N PHE F 123 -8.76 -4.10 -23.16
CA PHE F 123 -9.75 -4.91 -22.47
C PHE F 123 -9.04 -6.00 -21.68
N LYS F 124 -9.20 -5.98 -20.37
CA LYS F 124 -8.70 -7.03 -19.50
C LYS F 124 -9.81 -8.03 -19.26
N TYR F 125 -9.50 -9.31 -19.43
CA TYR F 125 -10.39 -10.39 -19.09
C TYR F 125 -9.75 -11.21 -17.98
N ALA F 126 -10.58 -11.98 -17.29
CA ALA F 126 -10.13 -13.00 -16.37
C ALA F 126 -11.00 -14.22 -16.56
N VAL F 127 -10.38 -15.39 -16.43
CA VAL F 127 -11.04 -16.67 -16.62
C VAL F 127 -10.91 -17.46 -15.33
N ALA F 128 -12.02 -18.01 -14.87
CA ALA F 128 -12.01 -18.98 -13.78
C ALA F 128 -11.96 -20.37 -14.38
N VAL F 129 -10.86 -21.07 -14.14
CA VAL F 129 -10.53 -22.29 -14.86
C VAL F 129 -11.15 -23.48 -14.16
N SER F 130 -11.82 -24.33 -14.94
CA SER F 130 -12.32 -25.61 -14.46
C SER F 130 -11.62 -26.80 -15.13
N TYR F 131 -10.59 -26.55 -15.92
CA TYR F 131 -9.80 -27.62 -16.50
C TYR F 131 -8.52 -27.02 -17.04
N TYR F 132 -7.41 -27.70 -16.79
CA TYR F 132 -6.08 -27.18 -17.11
C TYR F 132 -5.18 -28.31 -17.55
N LYS F 133 -4.82 -28.30 -18.83
CA LYS F 133 -3.82 -29.23 -19.38
C LYS F 133 -2.70 -28.41 -19.98
N LEU F 134 -1.52 -28.50 -19.39
CA LEU F 134 -0.32 -27.86 -19.90
C LEU F 134 0.52 -28.88 -20.65
N GLU F 135 0.95 -28.52 -21.85
CA GLU F 135 1.79 -29.36 -22.68
C GLU F 135 3.02 -28.57 -23.10
N VAL F 136 4.16 -29.25 -23.09
CA VAL F 136 5.44 -28.68 -23.51
C VAL F 136 6.02 -29.62 -24.55
N ASP F 137 6.29 -29.08 -25.74
CA ASP F 137 6.93 -29.84 -26.80
C ASP F 137 6.10 -31.07 -27.17
N GLY F 138 4.78 -30.90 -27.16
CA GLY F 138 3.87 -31.97 -27.51
C GLY F 138 3.66 -33.01 -26.45
N ARG F 139 4.28 -32.86 -25.28
CA ARG F 139 4.19 -33.83 -24.20
C ARG F 139 3.37 -33.27 -23.05
N GLU F 140 2.51 -34.11 -22.48
CA GLU F 140 1.75 -33.72 -21.31
C GLU F 140 2.70 -33.43 -20.16
N VAL F 141 2.64 -32.21 -19.65
CA VAL F 141 3.25 -31.87 -18.38
C VAL F 141 2.23 -32.05 -17.25
N TYR F 142 1.13 -31.28 -17.29
CA TYR F 142 0.06 -31.44 -16.31
C TYR F 142 -1.25 -31.80 -16.95
N GLU F 143 -2.18 -32.26 -16.12
CA GLU F 143 -3.59 -32.19 -16.41
C GLU F 143 -4.33 -32.14 -15.10
N ILE F 144 -4.95 -31.00 -14.80
CA ILE F 144 -5.93 -30.94 -13.72
C ILE F 144 -7.28 -31.23 -14.34
N ASP F 145 -8.11 -31.98 -13.61
CA ASP F 145 -9.55 -31.94 -13.79
C ASP F 145 -10.12 -31.88 -12.38
N PRO F 146 -10.50 -30.70 -11.89
CA PRO F 146 -10.90 -30.61 -10.48
C PRO F 146 -12.08 -31.49 -10.12
N VAL F 147 -13.15 -31.41 -10.91
CA VAL F 147 -14.41 -32.03 -10.54
C VAL F 147 -14.33 -33.54 -10.62
N ASN F 148 -13.46 -34.07 -11.47
CA ASN F 148 -13.22 -35.50 -11.55
C ASN F 148 -12.07 -35.97 -10.67
N GLY F 149 -11.30 -35.06 -10.09
CA GLY F 149 -10.24 -35.44 -9.19
C GLY F 149 -8.97 -35.89 -9.87
N VAL F 150 -8.55 -35.20 -10.92
CA VAL F 150 -7.33 -35.51 -11.65
C VAL F 150 -6.31 -34.43 -11.34
N ARG F 151 -5.10 -34.85 -10.96
CA ARG F 151 -3.94 -33.98 -10.88
C ARG F 151 -2.78 -34.83 -11.41
N ALA F 152 -2.57 -34.76 -12.72
CA ALA F 152 -1.63 -35.63 -13.40
C ALA F 152 -0.32 -34.90 -13.60
N ILE F 153 0.78 -35.62 -13.37
CA ILE F 153 2.12 -35.15 -13.68
C ILE F 153 2.72 -36.14 -14.66
N ASN F 154 3.01 -35.68 -15.87
CA ASN F 154 3.57 -36.52 -16.93
C ASN F 154 2.71 -37.76 -17.19
N GLY F 155 1.40 -37.62 -17.01
CA GLY F 155 0.48 -38.72 -17.19
C GLY F 155 0.23 -39.55 -15.94
N VAL F 156 0.82 -39.18 -14.80
CA VAL F 156 0.67 -39.92 -13.56
C VAL F 156 -0.27 -39.15 -12.65
N ASP F 157 -1.49 -39.64 -12.51
CA ASP F 157 -2.47 -39.03 -11.62
C ASP F 157 -1.99 -39.18 -10.18
N GLN F 158 -1.56 -38.06 -9.59
CA GLN F 158 -1.12 -38.08 -8.20
C GLN F 158 -2.26 -38.32 -7.22
N LEU F 159 -3.50 -38.15 -7.66
CA LEU F 159 -4.67 -38.26 -6.80
C LEU F 159 -5.31 -39.64 -6.84
N ALA F 160 -4.65 -40.63 -7.43
CA ALA F 160 -5.24 -41.96 -7.53
C ALA F 160 -5.48 -42.56 -6.15
N GLY F 161 -4.59 -42.30 -5.20
CA GLY F 161 -4.79 -42.78 -3.85
C GLY F 161 -6.00 -42.16 -3.20
N MET F 162 -6.21 -40.86 -3.41
CA MET F 162 -7.40 -40.19 -2.89
C MET F 162 -8.66 -40.76 -3.52
N ARG F 163 -8.63 -41.02 -4.83
CA ARG F 163 -9.79 -41.56 -5.50
C ARG F 163 -10.11 -42.96 -5.00
N ASN F 164 -9.08 -43.75 -4.70
CA ASN F 164 -9.31 -45.07 -4.10
C ASN F 164 -9.88 -44.93 -2.70
N ASP F 165 -9.36 -44.00 -1.91
CA ASP F 165 -9.81 -43.83 -0.53
C ASP F 165 -11.26 -43.38 -0.48
N LEU F 166 -11.64 -42.46 -1.36
CA LEU F 166 -12.99 -41.93 -1.40
C LEU F 166 -13.93 -42.74 -2.29
N GLY F 167 -13.43 -43.71 -3.02
CA GLY F 167 -14.27 -44.49 -3.92
C GLY F 167 -14.87 -43.61 -4.99
N LEU F 168 -14.02 -42.99 -5.79
CA LEU F 168 -14.41 -41.94 -6.73
C LEU F 168 -15.01 -40.76 -5.99
N MET G 2 9.20 13.95 -61.76
CA MET G 2 10.43 13.89 -62.55
C MET G 2 10.80 15.24 -63.12
N ILE G 3 11.08 16.20 -62.24
CA ILE G 3 11.65 17.47 -62.66
C ILE G 3 12.29 18.13 -61.45
N PRO G 4 13.48 18.74 -61.56
CA PRO G 4 14.02 19.48 -60.41
C PRO G 4 13.12 20.63 -60.04
N GLN G 5 13.04 20.89 -58.74
CA GLN G 5 12.14 21.90 -58.21
C GLN G 5 12.43 22.09 -56.74
N THR G 6 12.29 23.33 -56.27
CA THR G 6 12.50 23.61 -54.86
C THR G 6 12.02 25.02 -54.57
N LEU G 7 12.19 25.42 -53.31
CA LEU G 7 11.80 26.75 -52.87
C LEU G 7 12.79 27.78 -53.38
N THR G 8 12.26 28.93 -53.77
CA THR G 8 13.04 30.07 -54.20
C THR G 8 12.75 31.32 -53.42
N ASN G 9 11.53 31.48 -52.92
CA ASN G 9 11.14 32.69 -52.21
C ASN G 9 9.84 32.41 -51.48
N THR G 10 9.56 33.24 -50.49
CA THR G 10 8.44 33.01 -49.57
C THR G 10 7.78 34.33 -49.24
N ASN G 11 6.74 34.27 -48.43
CA ASN G 11 6.05 35.45 -47.91
C ASN G 11 5.05 34.99 -46.86
N LEU G 12 4.70 35.91 -45.97
CA LEU G 12 3.80 35.65 -44.86
C LEU G 12 2.70 36.70 -44.83
N PHE G 13 1.46 36.25 -44.65
CA PHE G 13 0.34 37.13 -44.38
C PHE G 13 -0.24 36.82 -43.01
N ILE G 14 -0.53 37.88 -42.26
CA ILE G 14 -1.25 37.78 -41.01
C ILE G 14 -2.27 38.91 -41.01
N ASP G 15 -3.56 38.56 -40.89
CA ASP G 15 -4.64 39.55 -40.86
C ASP G 15 -4.61 40.42 -42.10
N GLY G 16 -4.24 39.85 -43.23
CA GLY G 16 -4.14 40.56 -44.48
C GLY G 16 -2.91 41.43 -44.62
N VAL G 17 -2.11 41.58 -43.56
CA VAL G 17 -0.90 42.38 -43.61
C VAL G 17 0.20 41.55 -44.25
N SER G 18 0.87 42.12 -45.23
CA SER G 18 1.99 41.44 -45.88
C SER G 18 3.27 41.71 -45.12
N PHE G 19 4.01 40.65 -44.83
CA PHE G 19 5.39 40.73 -44.35
C PHE G 19 6.35 40.40 -45.47
N ALA G 20 6.05 40.86 -46.68
CA ALA G 20 6.99 40.73 -47.76
C ALA G 20 8.17 41.63 -47.46
N GLY G 21 9.18 41.08 -46.79
CA GLY G 21 10.33 41.86 -46.37
C GLY G 21 10.93 41.46 -45.04
N ASP G 22 10.21 40.74 -44.18
CA ASP G 22 10.74 40.36 -42.87
C ASP G 22 10.32 38.96 -42.42
N VAL G 23 10.60 37.93 -43.22
CA VAL G 23 10.37 36.54 -42.80
C VAL G 23 11.60 35.71 -43.12
N PRO G 24 12.70 35.87 -42.38
CA PRO G 24 13.91 35.09 -42.67
C PRO G 24 13.70 33.59 -42.64
N SER G 25 13.01 33.09 -41.63
CA SER G 25 12.71 31.67 -41.49
C SER G 25 11.21 31.51 -41.43
N LEU G 26 10.70 30.62 -42.26
CA LEU G 26 9.30 30.25 -42.26
C LEU G 26 9.19 28.74 -42.11
N THR G 27 8.31 28.29 -41.23
CA THR G 27 8.15 26.86 -40.94
C THR G 27 6.68 26.48 -41.01
N LEU G 28 6.39 25.56 -41.88
CA LEU G 28 5.10 24.90 -41.95
C LEU G 28 5.01 23.87 -40.82
N PRO G 29 3.86 23.73 -40.15
CA PRO G 29 3.82 22.84 -38.98
C PRO G 29 4.07 21.40 -39.39
N LYS G 30 4.93 20.75 -38.63
CA LYS G 30 5.21 19.35 -38.87
C LYS G 30 3.95 18.53 -38.68
N LEU G 31 3.79 17.51 -39.51
CA LEU G 31 2.64 16.63 -39.47
C LEU G 31 3.12 15.22 -39.15
N ALA G 32 2.43 14.60 -38.21
CA ALA G 32 2.73 13.25 -37.80
C ALA G 32 1.45 12.61 -37.31
N VAL G 33 1.49 11.31 -37.15
CA VAL G 33 0.42 10.56 -36.53
C VAL G 33 0.99 9.98 -35.24
N LYS G 34 0.09 9.71 -34.29
CA LYS G 34 0.48 9.11 -33.03
C LYS G 34 0.62 7.60 -33.22
N THR G 35 1.70 7.21 -33.90
CA THR G 35 1.93 5.79 -34.12
C THR G 35 2.21 5.11 -32.80
N GLU G 36 1.40 4.14 -32.49
CA GLU G 36 1.64 3.24 -31.37
C GLU G 36 2.20 1.94 -31.94
N GLN G 37 3.48 1.70 -31.70
CA GLN G 37 4.11 0.47 -32.15
C GLN G 37 3.40 -0.71 -31.53
N TYR G 38 2.74 -1.49 -32.39
CA TYR G 38 1.82 -2.52 -31.94
C TYR G 38 2.36 -3.89 -32.29
N ARG G 39 2.59 -4.70 -31.26
CA ARG G 39 2.96 -6.09 -31.41
C ARG G 39 2.01 -6.93 -30.60
N ALA G 40 1.52 -8.00 -31.21
CA ALA G 40 0.57 -8.91 -30.58
C ALA G 40 1.05 -10.33 -30.78
N GLY G 41 0.25 -11.28 -30.34
CA GLY G 41 0.57 -12.67 -30.55
C GLY G 41 0.42 -13.06 -32.01
N GLY G 42 1.29 -13.95 -32.45
CA GLY G 42 1.25 -14.45 -33.80
C GLY G 42 1.96 -13.56 -34.80
N MET G 43 2.58 -12.47 -34.36
CA MET G 43 3.34 -11.60 -35.24
C MET G 43 4.68 -11.27 -34.60
N ASP G 44 5.75 -11.46 -35.36
CA ASP G 44 7.10 -11.24 -34.85
C ASP G 44 7.40 -9.75 -34.70
N ALA G 45 7.17 -8.97 -35.75
CA ALA G 45 7.63 -7.60 -35.82
C ALA G 45 6.50 -6.62 -35.54
N PRO G 46 6.71 -5.56 -34.76
CA PRO G 46 5.62 -4.63 -34.48
C PRO G 46 5.20 -3.85 -35.70
N VAL G 47 3.91 -3.55 -35.76
CA VAL G 47 3.32 -2.68 -36.79
C VAL G 47 2.79 -1.44 -36.11
N SER G 48 3.08 -0.29 -36.70
CA SER G 48 2.55 0.98 -36.22
C SER G 48 1.08 1.10 -36.55
N ILE G 49 0.32 1.74 -35.66
CA ILE G 49 -1.11 1.97 -35.85
C ILE G 49 -1.36 3.47 -35.80
N ASP G 50 -2.19 3.95 -36.72
CA ASP G 50 -2.59 5.34 -36.75
C ASP G 50 -3.67 5.56 -35.69
N MET G 51 -3.31 6.28 -34.62
CA MET G 51 -4.21 6.59 -33.51
C MET G 51 -4.48 8.09 -33.41
N GLY G 52 -4.39 8.80 -34.52
CA GLY G 52 -4.64 10.23 -34.56
C GLY G 52 -3.35 11.01 -34.80
N LEU G 53 -3.52 12.32 -34.91
CA LEU G 53 -2.40 13.19 -35.23
C LEU G 53 -1.71 13.69 -33.96
N GLU G 54 -0.47 14.14 -34.14
CA GLU G 54 0.27 14.79 -33.10
C GLU G 54 -0.14 16.26 -33.02
N ALA G 55 0.37 16.95 -32.00
CA ALA G 55 0.17 18.38 -31.92
C ALA G 55 0.93 19.07 -33.03
N MET G 56 0.28 20.02 -33.68
CA MET G 56 0.90 20.85 -34.69
C MET G 56 1.58 22.03 -34.03
N GLU G 57 2.63 22.53 -34.69
CA GLU G 57 3.27 23.76 -34.25
C GLU G 57 3.94 24.39 -35.45
N ALA G 58 3.51 25.58 -35.81
CA ALA G 58 4.16 26.39 -36.82
C ALA G 58 5.16 27.32 -36.17
N LYS G 59 6.03 27.89 -37.01
CA LYS G 59 7.01 28.85 -36.54
C LYS G 59 7.33 29.81 -37.67
N PHE G 60 7.59 31.05 -37.30
CA PHE G 60 8.04 32.07 -38.24
C PHE G 60 8.72 33.16 -37.43
N SER G 61 9.68 33.82 -38.05
CA SER G 61 10.54 34.77 -37.36
C SER G 61 10.56 36.11 -38.08
N THR G 62 10.85 37.14 -37.30
CA THR G 62 11.03 38.50 -37.79
C THR G 62 12.25 39.09 -37.12
N ASN G 63 12.86 40.05 -37.79
CA ASN G 63 14.03 40.74 -37.27
C ASN G 63 13.73 42.14 -36.77
N GLY G 64 12.55 42.67 -37.06
CA GLY G 64 12.14 43.97 -36.56
C GLY G 64 10.93 43.90 -35.67
N ALA G 65 10.68 44.97 -34.92
CA ALA G 65 9.53 45.01 -34.01
C ALA G 65 8.28 45.18 -34.85
N ARG G 66 7.82 44.07 -35.42
CA ARG G 66 6.65 44.06 -36.26
C ARG G 66 5.45 44.00 -35.34
N ARG G 67 4.91 45.19 -35.03
CA ARG G 67 3.82 45.30 -34.08
C ARG G 67 2.62 44.45 -34.48
N GLU G 68 2.40 44.27 -35.78
CA GLU G 68 1.50 43.23 -36.24
C GLU G 68 2.18 41.89 -36.05
N ALA G 69 1.51 41.00 -35.32
CA ALA G 69 1.96 39.67 -34.88
C ALA G 69 2.87 39.73 -33.67
N LEU G 70 3.19 40.92 -33.15
CA LEU G 70 3.56 41.05 -31.75
C LEU G 70 2.34 41.25 -30.87
N ASN G 71 1.28 41.80 -31.44
CA ASN G 71 0.05 42.10 -30.71
C ASN G 71 -0.97 40.97 -30.76
N PHE G 72 -0.57 39.77 -31.20
CA PHE G 72 -1.44 38.60 -31.21
C PHE G 72 -0.99 37.52 -30.22
N PHE G 73 -0.02 37.82 -29.37
CA PHE G 73 0.40 36.89 -28.33
C PHE G 73 -0.58 36.91 -27.18
N GLY G 74 -0.82 35.73 -26.61
CA GLY G 74 -1.49 35.68 -25.34
C GLY G 74 -2.88 36.26 -25.32
N LEU G 75 -3.53 36.34 -26.48
CA LEU G 75 -4.89 36.83 -26.53
C LEU G 75 -5.81 35.80 -25.90
N ALA G 76 -6.86 36.29 -25.23
CA ALA G 76 -7.84 35.39 -24.67
C ALA G 76 -8.55 34.61 -25.77
N ASP G 77 -8.80 35.26 -26.90
CA ASP G 77 -9.49 34.63 -28.03
C ASP G 77 -8.47 33.82 -28.82
N GLN G 78 -8.23 32.60 -28.34
CA GLN G 78 -7.50 31.63 -29.14
C GLN G 78 -8.22 31.41 -30.46
N SER G 79 -7.44 31.05 -31.48
CA SER G 79 -7.86 30.87 -32.87
C SER G 79 -8.16 32.20 -33.56
N ALA G 80 -7.96 33.34 -32.90
CA ALA G 80 -8.02 34.63 -33.57
C ALA G 80 -6.75 34.90 -34.36
N PHE G 81 -5.64 34.25 -34.02
CA PHE G 81 -4.44 34.37 -34.81
C PHE G 81 -4.58 33.61 -36.10
N ASN G 82 -5.01 34.28 -37.16
CA ASN G 82 -5.02 33.66 -38.48
C ASN G 82 -3.61 33.69 -39.04
N GLY G 83 -3.46 33.32 -40.31
CA GLY G 83 -2.14 33.29 -40.91
C GLY G 83 -2.13 32.51 -42.20
N VAL G 84 -1.26 32.93 -43.13
CA VAL G 84 -1.09 32.27 -44.41
C VAL G 84 0.40 32.16 -44.68
N PHE G 85 0.90 30.94 -44.77
CA PHE G 85 2.28 30.67 -45.18
C PHE G 85 2.30 30.41 -46.67
N ARG G 86 2.97 31.27 -47.42
CA ARG G 86 3.11 31.13 -48.86
C ARG G 86 4.55 30.76 -49.21
N GLY G 87 4.68 29.94 -50.24
CA GLY G 87 5.97 29.54 -50.75
C GLY G 87 5.93 29.32 -52.24
N SER G 88 6.89 29.90 -52.96
CA SER G 88 6.97 29.82 -54.41
C SER G 88 7.97 28.76 -54.80
N PHE G 89 7.47 27.61 -55.25
CA PHE G 89 8.32 26.51 -55.70
C PHE G 89 8.45 26.62 -57.21
N LYS G 90 9.66 26.92 -57.67
CA LYS G 90 9.98 27.00 -59.09
C LYS G 90 10.71 25.73 -59.52
N GLY G 91 10.26 25.15 -60.61
CA GLY G 91 10.92 23.99 -61.17
C GLY G 91 12.21 24.37 -61.86
N GLN G 92 12.81 23.38 -62.53
CA GLN G 92 13.90 23.70 -63.44
C GLN G 92 13.40 24.61 -64.55
N LYS G 93 12.42 24.15 -65.30
CA LYS G 93 11.84 24.95 -66.36
C LYS G 93 11.09 26.13 -65.78
N GLY G 94 10.68 27.04 -66.66
CA GLY G 94 10.03 28.26 -66.23
C GLY G 94 8.61 28.06 -65.79
N ALA G 95 8.43 27.43 -64.63
CA ALA G 95 7.12 27.20 -64.05
C ALA G 95 7.21 27.37 -62.55
N SER G 96 6.14 27.91 -61.96
CA SER G 96 6.11 28.22 -60.54
C SER G 96 4.88 27.59 -59.92
N VAL G 97 5.08 26.90 -58.80
CA VAL G 97 4.04 26.17 -58.09
C VAL G 97 3.78 26.90 -56.77
N PRO G 98 2.63 27.53 -56.58
CA PRO G 98 2.35 28.14 -55.28
C PRO G 98 1.94 27.08 -54.25
N VAL G 99 2.47 27.25 -53.05
CA VAL G 99 2.11 26.43 -51.90
C VAL G 99 1.60 27.37 -50.82
N VAL G 100 0.43 27.06 -50.27
CA VAL G 100 -0.26 27.90 -49.32
C VAL G 100 -0.69 27.04 -48.16
N ALA G 101 -0.40 27.51 -46.94
CA ALA G 101 -0.84 26.87 -45.72
C ALA G 101 -1.57 27.89 -44.86
N THR G 102 -2.88 27.92 -44.99
CA THR G 102 -3.69 28.71 -44.09
C THR G 102 -3.60 28.12 -42.69
N LEU G 103 -3.32 28.97 -41.72
CA LEU G 103 -3.26 28.59 -40.33
C LEU G 103 -4.24 29.41 -39.51
N ARG G 104 -4.62 28.85 -38.37
CA ARG G 104 -5.45 29.56 -37.42
C ARG G 104 -5.27 28.88 -36.07
N GLY G 105 -4.85 29.65 -35.07
CA GLY G 105 -4.56 29.07 -33.79
C GLY G 105 -4.14 30.10 -32.77
N LEU G 106 -3.07 29.80 -32.04
CA LEU G 106 -2.57 30.63 -30.96
C LEU G 106 -1.12 31.00 -31.24
N LEU G 107 -0.80 32.28 -31.12
CA LEU G 107 0.60 32.66 -31.11
C LEU G 107 1.18 32.23 -29.76
N LYS G 108 1.77 31.04 -29.75
CA LYS G 108 2.12 30.39 -28.50
C LYS G 108 3.22 31.14 -27.76
N GLU G 109 4.21 31.63 -28.49
CA GLU G 109 5.49 31.99 -27.91
C GLU G 109 6.11 33.14 -28.68
N VAL G 110 6.80 34.00 -27.94
CA VAL G 110 7.59 35.09 -28.51
C VAL G 110 8.94 35.06 -27.80
N ASP G 111 10.01 34.86 -28.58
CA ASP G 111 11.33 34.59 -28.04
C ASP G 111 12.34 35.50 -28.74
N PRO G 112 12.46 36.75 -28.29
CA PRO G 112 13.50 37.63 -28.82
C PRO G 112 14.88 37.07 -28.52
N GLY G 113 15.65 36.86 -29.57
CA GLY G 113 16.98 36.35 -29.41
C GLY G 113 17.90 37.35 -28.74
N ASP G 114 19.16 36.95 -28.63
CA ASP G 114 20.16 37.79 -28.00
C ASP G 114 20.42 39.03 -28.85
N TRP G 115 20.22 40.20 -28.25
CA TRP G 115 20.55 41.46 -28.89
C TRP G 115 22.02 41.74 -28.67
N LYS G 116 22.83 41.59 -29.71
CA LYS G 116 24.28 41.61 -29.61
C LYS G 116 24.91 42.89 -30.16
N ALA G 117 24.11 43.93 -30.43
CA ALA G 117 24.64 45.25 -30.78
C ALA G 117 25.49 45.19 -32.05
N GLY G 118 24.80 44.92 -33.15
CA GLY G 118 25.43 44.76 -34.45
C GLY G 118 25.14 43.41 -35.07
N GLU G 119 24.05 42.79 -34.64
CA GLU G 119 23.60 41.52 -35.16
C GLU G 119 22.08 41.53 -35.22
N LYS G 120 21.53 40.69 -36.09
CA LYS G 120 20.10 40.68 -36.29
C LYS G 120 19.37 40.33 -35.00
N ALA G 121 18.17 40.89 -34.85
CA ALA G 121 17.39 40.66 -33.64
C ALA G 121 16.87 39.23 -33.60
N GLU G 122 16.22 38.81 -34.68
CA GLU G 122 15.74 37.44 -34.84
C GLU G 122 14.73 37.07 -33.75
N PHE G 123 13.59 37.76 -33.80
CA PHE G 123 12.45 37.37 -32.98
C PHE G 123 11.94 36.02 -33.47
N LYS G 124 11.99 35.01 -32.61
CA LYS G 124 11.40 33.72 -32.88
C LYS G 124 10.01 33.67 -32.31
N TYR G 125 9.05 33.24 -33.11
CA TYR G 125 7.70 32.98 -32.67
C TYR G 125 7.41 31.50 -32.82
N ALA G 126 6.39 31.04 -32.11
CA ALA G 126 5.82 29.73 -32.30
C ALA G 126 4.30 29.86 -32.23
N VAL G 127 3.62 29.07 -33.05
CA VAL G 127 2.18 29.09 -33.15
C VAL G 127 1.67 27.70 -32.81
N ALA G 128 0.68 27.62 -31.94
CA ALA G 128 -0.06 26.39 -31.70
C ALA G 128 -1.29 26.39 -32.60
N VAL G 129 -1.32 25.45 -33.53
CA VAL G 129 -2.26 25.48 -34.64
C VAL G 129 -3.54 24.77 -34.24
N SER G 130 -4.67 25.41 -34.50
CA SER G 130 -5.99 24.82 -34.34
C SER G 130 -6.71 24.63 -35.66
N TYR G 131 -6.05 24.91 -36.79
CA TYR G 131 -6.63 24.66 -38.10
C TYR G 131 -5.52 24.74 -39.12
N TYR G 132 -5.52 23.80 -40.06
CA TYR G 132 -4.43 23.64 -41.01
C TYR G 132 -5.00 23.21 -42.35
N LYS G 133 -4.92 24.10 -43.34
CA LYS G 133 -5.26 23.78 -44.72
C LYS G 133 -4.04 24.05 -45.58
N LEU G 134 -3.49 22.99 -46.16
CA LEU G 134 -2.37 23.11 -47.09
C LEU G 134 -2.89 22.99 -48.51
N GLU G 135 -2.47 23.91 -49.36
CA GLU G 135 -2.85 23.91 -50.76
C GLU G 135 -1.59 23.98 -51.62
N VAL G 136 -1.60 23.23 -52.70
CA VAL G 136 -0.50 23.19 -53.67
C VAL G 136 -1.11 23.46 -55.04
N ASP G 137 -0.61 24.51 -55.70
CA ASP G 137 -1.04 24.83 -57.06
C ASP G 137 -2.54 25.09 -57.10
N GLY G 138 -3.06 25.73 -56.07
CA GLY G 138 -4.46 26.07 -55.99
C GLY G 138 -5.37 24.92 -55.63
N ARG G 139 -4.84 23.73 -55.38
CA ARG G 139 -5.63 22.55 -55.06
C ARG G 139 -5.45 22.17 -53.60
N GLU G 140 -6.55 21.80 -52.96
CA GLU G 140 -6.50 21.32 -51.60
C GLU G 140 -5.69 20.03 -51.54
N VAL G 141 -4.62 20.06 -50.77
CA VAL G 141 -3.92 18.85 -50.38
C VAL G 141 -4.48 18.33 -49.06
N TYR G 142 -4.37 19.12 -47.97
CA TYR G 142 -4.97 18.74 -46.69
C TYR G 142 -5.99 19.74 -46.22
N GLU G 143 -6.78 19.31 -45.24
CA GLU G 143 -7.45 20.22 -44.34
C GLU G 143 -7.67 19.49 -43.03
N ILE G 144 -6.96 19.90 -41.98
CA ILE G 144 -7.31 19.49 -40.63
C ILE G 144 -8.29 20.52 -40.09
N ASP G 145 -9.28 20.02 -39.35
CA ASP G 145 -10.00 20.84 -38.37
C ASP G 145 -10.11 19.95 -37.14
N PRO G 146 -9.24 20.12 -36.13
CA PRO G 146 -9.24 19.17 -35.01
C PRO G 146 -10.56 19.11 -34.27
N VAL G 147 -11.10 20.27 -33.90
CA VAL G 147 -12.22 20.33 -32.98
C VAL G 147 -13.49 19.83 -33.66
N ASN G 148 -13.59 19.95 -34.98
CA ASN G 148 -14.70 19.42 -35.74
C ASN G 148 -14.46 18.02 -36.26
N GLY G 149 -13.24 17.51 -36.17
CA GLY G 149 -12.96 16.15 -36.59
C GLY G 149 -12.78 15.99 -38.08
N VAL G 150 -12.05 16.90 -38.72
CA VAL G 150 -11.77 16.85 -40.15
C VAL G 150 -10.31 16.49 -40.32
N ARG G 151 -10.04 15.50 -41.15
CA ARG G 151 -8.69 15.20 -41.65
C ARG G 151 -8.89 14.83 -43.11
N ALA G 152 -8.84 15.83 -43.98
CA ALA G 152 -9.17 15.67 -45.38
C ALA G 152 -7.90 15.49 -46.19
N ILE G 153 -7.95 14.56 -47.14
CA ILE G 153 -6.90 14.36 -48.13
C ILE G 153 -7.54 14.58 -49.49
N ASN G 154 -7.11 15.60 -50.21
CA ASN G 154 -7.63 15.92 -51.53
C ASN G 154 -9.15 16.10 -51.50
N GLY G 155 -9.67 16.59 -50.39
CA GLY G 155 -11.10 16.77 -50.22
C GLY G 155 -11.83 15.57 -49.65
N VAL G 156 -11.12 14.49 -49.30
CA VAL G 156 -11.73 13.28 -48.78
C VAL G 156 -11.45 13.23 -47.28
N ASP G 157 -12.48 13.50 -46.48
CA ASP G 157 -12.37 13.41 -45.03
C ASP G 157 -12.13 11.96 -44.63
N GLN G 158 -10.91 11.66 -44.20
CA GLN G 158 -10.58 10.31 -43.75
C GLN G 158 -11.28 9.94 -42.46
N LEU G 159 -11.79 10.93 -41.72
CA LEU G 159 -12.40 10.70 -40.41
C LEU G 159 -13.91 10.54 -40.48
N ALA G 160 -14.48 10.40 -41.67
CA ALA G 160 -15.94 10.28 -41.79
C ALA G 160 -16.45 9.05 -41.06
N GLY G 161 -15.69 7.96 -41.08
CA GLY G 161 -16.10 6.78 -40.36
C GLY G 161 -16.12 7.00 -38.87
N MET G 162 -15.12 7.72 -38.36
CA MET G 162 -15.09 8.05 -36.93
C MET G 162 -16.26 8.94 -36.56
N ARG G 163 -16.58 9.92 -37.41
CA ARG G 163 -17.70 10.81 -37.14
C ARG G 163 -19.02 10.06 -37.14
N ASN G 164 -19.15 9.07 -38.04
CA ASN G 164 -20.34 8.23 -38.01
C ASN G 164 -20.40 7.39 -36.75
N ASP G 165 -19.27 6.81 -36.35
CA ASP G 165 -19.24 5.95 -35.19
C ASP G 165 -19.58 6.72 -33.91
N LEU G 166 -19.05 7.93 -33.79
CA LEU G 166 -19.27 8.75 -32.61
C LEU G 166 -20.51 9.63 -32.71
N GLY G 167 -21.16 9.68 -33.87
CA GLY G 167 -22.32 10.52 -34.03
C GLY G 167 -21.96 11.98 -33.87
N LEU G 168 -21.06 12.47 -34.71
CA LEU G 168 -20.44 13.79 -34.55
C LEU G 168 -19.66 13.85 -33.25
N MET H 2 6.36 45.46 -44.58
CA MET H 2 7.05 45.39 -45.87
C MET H 2 8.18 46.40 -45.97
N ILE H 3 9.18 46.25 -45.11
CA ILE H 3 10.41 47.02 -45.25
C ILE H 3 11.52 46.30 -44.48
N PRO H 4 12.74 46.20 -45.00
CA PRO H 4 13.82 45.63 -44.20
C PRO H 4 14.08 46.46 -42.96
N GLN H 5 14.42 45.77 -41.87
CA GLN H 5 14.60 46.43 -40.58
C GLN H 5 15.17 45.41 -39.61
N THR H 6 16.02 45.89 -38.71
CA THR H 6 16.59 45.02 -37.70
C THR H 6 17.31 45.87 -36.66
N LEU H 7 17.90 45.19 -35.69
CA LEU H 7 18.65 45.85 -34.64
C LEU H 7 19.98 46.36 -35.17
N THR H 8 20.36 47.53 -34.71
CA THR H 8 21.65 48.14 -35.02
C THR H 8 22.46 48.48 -33.79
N ASN H 9 21.81 48.80 -32.68
CA ASN H 9 22.51 49.20 -31.48
C ASN H 9 21.54 49.14 -30.31
N THR H 10 22.10 49.08 -29.11
CA THR H 10 21.31 48.84 -27.91
C THR H 10 21.85 49.70 -26.77
N ASN H 11 21.22 49.59 -25.61
CA ASN H 11 21.66 50.24 -24.40
C ASN H 11 20.82 49.72 -23.24
N LEU H 12 21.37 49.83 -22.04
CA LEU H 12 20.74 49.34 -20.82
C LEU H 12 20.74 50.43 -19.76
N PHE H 13 19.60 50.60 -19.10
CA PHE H 13 19.50 51.45 -17.93
C PHE H 13 19.10 50.61 -16.73
N ILE H 14 19.76 50.86 -15.61
CA ILE H 14 19.40 50.30 -14.33
C ILE H 14 19.50 51.42 -13.31
N ASP H 15 18.39 51.71 -12.63
CA ASP H 15 18.35 52.76 -11.61
C ASP H 15 18.80 54.10 -12.18
N GLY H 16 18.45 54.35 -13.44
CA GLY H 16 18.83 55.56 -14.12
C GLY H 16 20.27 55.60 -14.59
N VAL H 17 21.10 54.62 -14.21
CA VAL H 17 22.48 54.59 -14.63
C VAL H 17 22.55 54.02 -16.04
N SER H 18 23.26 54.71 -16.91
CA SER H 18 23.45 54.24 -18.28
C SER H 18 24.65 53.31 -18.35
N PHE H 19 24.44 52.16 -18.97
CA PHE H 19 25.52 51.27 -19.38
C PHE H 19 25.77 51.38 -20.87
N ALA H 20 25.70 52.60 -21.39
CA ALA H 20 26.07 52.83 -22.78
C ALA H 20 27.57 52.63 -22.86
N GLY H 21 27.99 51.39 -23.17
CA GLY H 21 29.39 51.05 -23.23
C GLY H 21 29.74 49.65 -22.76
N ASP H 22 28.86 48.98 -22.00
CA ASP H 22 29.16 47.64 -21.50
C ASP H 22 27.96 46.69 -21.48
N VAL H 23 27.29 46.51 -22.62
CA VAL H 23 26.22 45.51 -22.72
C VAL H 23 26.41 44.68 -23.98
N PRO H 24 27.40 43.78 -24.01
CA PRO H 24 27.64 42.97 -25.21
C PRO H 24 26.43 42.16 -25.65
N SER H 25 25.77 41.49 -24.72
CA SER H 25 24.58 40.71 -25.00
C SER H 25 23.44 41.25 -24.16
N LEU H 26 22.33 41.51 -24.82
CA LEU H 26 21.10 41.93 -24.16
C LEU H 26 19.99 40.98 -24.58
N THR H 27 19.20 40.53 -23.62
CA THR H 27 18.13 39.57 -23.87
C THR H 27 16.83 40.05 -23.24
N LEU H 28 15.85 40.22 -24.05
CA LEU H 28 14.49 40.47 -23.63
C LEU H 28 13.87 39.15 -23.16
N PRO H 29 13.09 39.13 -22.07
CA PRO H 29 12.61 37.85 -21.56
C PRO H 29 11.69 37.17 -22.55
N LYS H 30 11.94 35.88 -22.74
CA LYS H 30 11.10 35.09 -23.62
C LYS H 30 9.69 35.05 -23.08
N LEU H 31 8.73 35.08 -23.98
CA LEU H 31 7.32 35.04 -23.65
C LEU H 31 6.70 33.80 -24.23
N ALA H 32 5.93 33.11 -23.40
CA ALA H 32 5.26 31.90 -23.80
C ALA H 32 4.00 31.78 -22.96
N VAL H 33 3.12 30.88 -23.39
CA VAL H 33 1.96 30.51 -22.61
C VAL H 33 2.14 29.05 -22.22
N LYS H 34 1.48 28.66 -21.13
CA LYS H 34 1.53 27.29 -20.67
C LYS H 34 0.52 26.47 -21.48
N THR H 35 0.89 26.20 -22.73
CA THR H 35 -0.01 25.41 -23.57
C THR H 35 -0.08 24.00 -23.03
N GLU H 36 -1.28 23.58 -22.74
CA GLU H 36 -1.57 22.20 -22.41
C GLU H 36 -2.20 21.56 -23.65
N GLN H 37 -1.44 20.67 -24.29
CA GLN H 37 -1.96 19.97 -25.46
C GLN H 37 -3.20 19.19 -25.06
N TYR H 38 -4.34 19.60 -25.60
CA TYR H 38 -5.62 19.11 -25.16
C TYR H 38 -6.28 18.29 -26.26
N ARG H 39 -6.53 17.02 -25.95
CA ARG H 39 -7.30 16.14 -26.82
C ARG H 39 -8.41 15.52 -26.02
N ALA H 40 -9.60 15.53 -26.59
CA ALA H 40 -10.80 15.00 -25.95
C ALA H 40 -11.51 14.08 -26.92
N GLY H 41 -12.66 13.60 -26.51
CA GLY H 41 -13.46 12.77 -27.39
C GLY H 41 -14.06 13.58 -28.50
N GLY H 42 -14.18 12.96 -29.67
CA GLY H 42 -14.76 13.59 -30.81
C GLY H 42 -13.81 14.46 -31.61
N MET H 43 -12.55 14.53 -31.21
CA MET H 43 -11.55 15.29 -31.94
C MET H 43 -10.28 14.45 -32.11
N ASP H 44 -9.81 14.37 -33.35
CA ASP H 44 -8.65 13.55 -33.66
C ASP H 44 -7.36 14.18 -33.15
N ALA H 45 -7.13 15.45 -33.47
CA ALA H 45 -5.86 16.10 -33.26
C ALA H 45 -5.90 17.00 -32.02
N PRO H 46 -4.87 17.00 -31.17
CA PRO H 46 -4.91 17.85 -29.99
C PRO H 46 -4.85 19.32 -30.33
N VAL H 47 -5.52 20.12 -29.52
CA VAL H 47 -5.48 21.58 -29.60
C VAL H 47 -4.85 22.10 -28.31
N SER H 48 -3.93 23.04 -28.47
CA SER H 48 -3.32 23.70 -27.33
C SER H 48 -4.31 24.67 -26.68
N ILE H 49 -4.22 24.79 -25.35
CA ILE H 49 -5.07 25.69 -24.58
C ILE H 49 -4.18 26.66 -23.82
N ASP H 50 -4.56 27.93 -23.83
CA ASP H 50 -3.85 28.95 -23.08
C ASP H 50 -4.26 28.86 -21.62
N MET H 51 -3.34 28.40 -20.77
CA MET H 51 -3.55 28.25 -19.33
C MET H 51 -2.66 29.18 -18.53
N GLY H 52 -2.27 30.30 -19.09
CA GLY H 52 -1.43 31.28 -18.43
C GLY H 52 -0.04 31.33 -19.04
N LEU H 53 0.76 32.24 -18.52
CA LEU H 53 2.10 32.46 -19.03
C LEU H 53 3.12 31.60 -18.32
N GLU H 54 4.26 31.42 -18.99
CA GLU H 54 5.41 30.77 -18.39
C GLU H 54 6.18 31.76 -17.53
N ALA H 55 7.17 31.26 -16.82
CA ALA H 55 8.06 32.14 -16.10
C ALA H 55 8.90 32.95 -17.06
N MET H 56 9.02 34.24 -16.78
CA MET H 56 9.88 35.12 -17.56
C MET H 56 11.29 35.06 -17.00
N GLU H 57 12.25 35.33 -17.88
CA GLU H 57 13.64 35.47 -17.46
C GLU H 57 14.36 36.33 -18.46
N ALA H 58 14.85 37.47 -18.01
CA ALA H 58 15.70 38.34 -18.80
C ALA H 58 17.16 37.99 -18.54
N LYS H 59 18.03 38.49 -19.42
CA LYS H 59 19.45 38.30 -19.27
C LYS H 59 20.17 39.49 -19.89
N PHE H 60 21.30 39.84 -19.29
CA PHE H 60 22.17 40.87 -19.83
C PHE H 60 23.54 40.66 -19.21
N SER H 61 24.57 41.04 -19.95
CA SER H 61 25.94 40.74 -19.56
C SER H 61 26.80 41.99 -19.58
N THR H 62 27.85 41.96 -18.77
CA THR H 62 28.86 43.00 -18.70
C THR H 62 30.22 42.34 -18.69
N ASN H 63 31.22 43.09 -19.15
CA ASN H 63 32.60 42.61 -19.16
C ASN H 63 33.46 43.24 -18.08
N GLY H 64 32.98 44.28 -17.41
CA GLY H 64 33.70 44.90 -16.32
C GLY H 64 32.95 44.80 -15.02
N ALA H 65 33.65 45.05 -13.91
CA ALA H 65 33.05 44.97 -12.59
C ALA H 65 32.17 46.21 -12.42
N ARG H 66 30.98 46.13 -13.00
CA ARG H 66 30.03 47.24 -12.94
C ARG H 66 29.31 47.13 -11.61
N ARG H 67 29.83 47.86 -10.62
CA ARG H 67 29.32 47.77 -9.26
C ARG H 67 27.82 48.09 -9.21
N GLU H 68 27.34 48.95 -10.09
CA GLU H 68 25.92 49.05 -10.31
C GLU H 68 25.46 47.83 -11.09
N ALA H 69 24.48 47.12 -10.53
CA ALA H 69 23.92 45.85 -10.98
C ALA H 69 24.78 44.66 -10.60
N LEU H 70 25.93 44.86 -9.94
CA LEU H 70 26.50 43.83 -9.09
C LEU H 70 25.94 43.91 -7.68
N ASN H 71 25.51 45.10 -7.27
CA ASN H 71 25.00 45.34 -5.93
C ASN H 71 23.49 45.16 -5.82
N PHE H 72 22.84 44.58 -6.84
CA PHE H 72 21.41 44.28 -6.80
C PHE H 72 21.11 42.79 -6.76
N PHE H 73 22.12 41.95 -6.58
CA PHE H 73 21.92 40.53 -6.43
C PHE H 73 21.45 40.20 -5.02
N GLY H 74 20.53 39.25 -4.93
CA GLY H 74 20.24 38.65 -3.65
C GLY H 74 19.70 39.62 -2.62
N LEU H 75 19.13 40.73 -3.06
CA LEU H 75 18.54 41.66 -2.14
C LEU H 75 17.27 41.06 -1.55
N ALA H 76 17.00 41.37 -0.29
CA ALA H 76 15.77 40.91 0.33
C ALA H 76 14.57 41.50 -0.37
N ASP H 77 14.68 42.77 -0.79
CA ASP H 77 13.58 43.45 -1.46
C ASP H 77 13.57 43.05 -2.93
N GLN H 78 12.95 41.91 -3.19
CA GLN H 78 12.64 41.54 -4.56
C GLN H 78 11.77 42.62 -5.20
N SER H 79 11.89 42.74 -6.52
CA SER H 79 11.26 43.75 -7.36
C SER H 79 11.88 45.14 -7.16
N ALA H 80 12.94 45.27 -6.35
CA ALA H 80 13.70 46.51 -6.31
C ALA H 80 14.64 46.63 -7.49
N PHE H 81 14.99 45.51 -8.14
CA PHE H 81 15.78 45.56 -9.35
C PHE H 81 14.93 46.05 -10.51
N ASN H 82 14.95 47.35 -10.76
CA ASN H 82 14.30 47.88 -11.95
C ASN H 82 15.19 47.63 -13.16
N GLY H 83 14.83 48.18 -14.30
CA GLY H 83 15.61 47.99 -15.50
C GLY H 83 14.87 48.39 -16.74
N VAL H 84 15.62 48.85 -17.74
CA VAL H 84 15.06 49.25 -19.03
C VAL H 84 15.97 48.70 -20.11
N PHE H 85 15.43 47.81 -20.94
CA PHE H 85 16.11 47.31 -22.12
C PHE H 85 15.70 48.14 -23.32
N ARG H 86 16.67 48.85 -23.90
CA ARG H 86 16.43 49.67 -25.08
C ARG H 86 17.10 49.04 -26.30
N GLY H 87 16.44 49.18 -27.45
CA GLY H 87 16.96 48.70 -28.70
C GLY H 87 16.54 49.59 -29.84
N SER H 88 17.50 49.97 -30.68
CA SER H 88 17.27 50.88 -31.80
C SER H 88 17.14 50.05 -33.08
N PHE H 89 15.91 49.90 -33.56
CA PHE H 89 15.64 49.19 -34.80
C PHE H 89 15.58 50.21 -35.92
N LYS H 90 16.54 50.13 -36.83
CA LYS H 90 16.59 50.99 -38.01
C LYS H 90 16.12 50.20 -39.23
N GLY H 91 15.23 50.79 -40.00
CA GLY H 91 14.77 50.19 -41.23
C GLY H 91 15.83 50.28 -42.31
N GLN H 92 15.42 49.89 -43.52
CA GLN H 92 16.25 50.19 -44.68
C GLN H 92 16.38 51.69 -44.85
N LYS H 93 15.25 52.38 -45.01
CA LYS H 93 15.25 53.82 -45.13
C LYS H 93 15.67 54.46 -43.83
N GLY H 94 15.89 55.77 -43.88
CA GLY H 94 16.39 56.49 -42.72
C GLY H 94 15.33 56.73 -41.67
N ALA H 95 14.95 55.66 -40.98
CA ALA H 95 13.97 55.73 -39.90
C ALA H 95 14.39 54.77 -38.80
N SER H 96 14.14 55.18 -37.56
CA SER H 96 14.57 54.43 -36.38
C SER H 96 13.38 54.19 -35.49
N VAL H 97 13.21 52.95 -35.05
CA VAL H 97 12.08 52.52 -34.22
C VAL H 97 12.64 52.18 -32.84
N PRO H 98 12.32 52.95 -31.80
CA PRO H 98 12.76 52.56 -30.46
C PRO H 98 11.90 51.43 -29.89
N VAL H 99 12.58 50.48 -29.27
CA VAL H 99 11.93 49.39 -28.54
C VAL H 99 12.42 49.44 -27.11
N VAL H 100 11.48 49.42 -26.17
CA VAL H 100 11.75 49.60 -24.75
C VAL H 100 11.03 48.50 -23.99
N ALA H 101 11.76 47.84 -23.10
CA ALA H 101 11.20 46.83 -22.22
C ALA H 101 11.56 47.18 -20.79
N THR H 102 10.65 47.89 -20.13
CA THR H 102 10.80 48.12 -18.70
C THR H 102 10.67 46.80 -17.97
N LEU H 103 11.62 46.52 -17.09
CA LEU H 103 11.61 45.33 -16.26
C LEU H 103 11.65 45.71 -14.80
N ARG H 104 11.19 44.79 -13.97
CA ARG H 104 11.27 44.94 -12.53
C ARG H 104 11.12 43.56 -11.92
N GLY H 105 12.10 43.15 -11.14
CA GLY H 105 12.10 41.81 -10.59
C GLY H 105 13.28 41.55 -9.70
N LEU H 106 13.92 40.40 -9.90
CA LEU H 106 15.02 39.93 -9.08
C LEU H 106 16.23 39.70 -9.96
N LEU H 107 17.39 40.22 -9.55
CA LEU H 107 18.62 39.80 -10.19
C LEU H 107 18.93 38.39 -9.71
N LYS H 108 18.48 37.41 -10.50
CA LYS H 108 18.47 36.03 -10.04
C LYS H 108 19.87 35.47 -9.86
N GLU H 109 20.78 35.81 -10.76
CA GLU H 109 22.01 35.05 -10.92
C GLU H 109 23.12 35.96 -11.39
N VAL H 110 24.33 35.66 -10.91
CA VAL H 110 25.55 36.32 -11.35
C VAL H 110 26.57 35.23 -11.61
N ASP H 111 27.04 35.15 -12.86
CA ASP H 111 27.85 34.03 -13.33
C ASP H 111 29.07 34.57 -14.06
N PRO H 112 30.11 34.96 -13.32
CA PRO H 112 31.36 35.36 -13.95
C PRO H 112 31.97 34.21 -14.73
N GLY H 113 32.18 34.44 -16.02
CA GLY H 113 32.76 33.43 -16.86
C GLY H 113 34.20 33.15 -16.50
N ASP H 114 34.80 32.28 -17.30
CA ASP H 114 36.19 31.89 -17.08
C ASP H 114 37.11 33.07 -17.37
N TRP H 115 37.89 33.45 -16.37
CA TRP H 115 38.91 34.48 -16.52
C TRP H 115 40.16 33.83 -17.09
N LYS H 116 40.43 34.08 -18.37
CA LYS H 116 41.48 33.36 -19.11
C LYS H 116 42.73 34.20 -19.37
N ALA H 117 42.86 35.35 -18.71
CA ALA H 117 44.11 36.12 -18.75
C ALA H 117 44.46 36.56 -20.18
N GLY H 118 43.61 37.44 -20.69
CA GLY H 118 43.72 37.94 -22.05
C GLY H 118 42.47 37.70 -22.85
N GLU H 119 41.35 37.53 -22.16
CA GLU H 119 40.05 37.33 -22.78
C GLU H 119 39.01 38.07 -21.95
N LYS H 120 37.90 38.40 -22.59
CA LYS H 120 36.87 39.19 -21.94
C LYS H 120 36.33 38.44 -20.72
N ALA H 121 35.92 39.21 -19.71
CA ALA H 121 35.42 38.62 -18.48
C ALA H 121 34.06 37.99 -18.70
N GLU H 122 33.14 38.75 -19.29
CA GLU H 122 31.81 38.28 -19.66
C GLU H 122 31.03 37.78 -18.43
N PHE H 123 30.73 38.73 -17.56
CA PHE H 123 29.79 38.47 -16.47
C PHE H 123 28.41 38.24 -17.06
N LYS H 124 27.87 37.04 -16.85
CA LYS H 124 26.51 36.73 -17.22
C LYS H 124 25.61 36.95 -16.02
N TYR H 125 24.51 37.66 -16.23
CA TYR H 125 23.47 37.83 -15.25
C TYR H 125 22.20 37.18 -15.76
N ALA H 126 21.29 36.90 -14.84
CA ALA H 126 19.93 36.52 -15.17
C ALA H 126 19.00 37.23 -14.21
N VAL H 127 17.84 37.62 -14.72
CA VAL H 127 16.84 38.36 -13.96
C VAL H 127 15.56 37.54 -13.97
N ALA H 128 14.97 37.36 -12.80
CA ALA H 128 13.63 36.81 -12.69
C ALA H 128 12.64 37.96 -12.64
N VAL H 129 11.80 38.05 -13.66
CA VAL H 129 11.00 39.24 -13.92
C VAL H 129 9.68 39.12 -13.18
N SER H 130 9.32 40.19 -12.47
CA SER H 130 8.02 40.33 -11.83
C SER H 130 7.18 41.44 -12.45
N TYR H 131 7.65 42.06 -13.54
CA TYR H 131 6.87 43.04 -14.25
C TYR H 131 7.52 43.27 -15.60
N TYR H 132 6.70 43.35 -16.64
CA TYR H 132 7.19 43.41 -18.01
C TYR H 132 6.28 44.31 -18.83
N LYS H 133 6.80 45.46 -19.24
CA LYS H 133 6.13 46.35 -20.18
C LYS H 133 7.02 46.53 -21.39
N LEU H 134 6.56 46.06 -22.54
CA LEU H 134 7.25 46.24 -23.80
C LEU H 134 6.59 47.35 -24.58
N GLU H 135 7.39 48.28 -25.08
CA GLU H 135 6.92 49.40 -25.87
C GLU H 135 7.69 49.43 -27.19
N VAL H 136 6.98 49.72 -28.27
CA VAL H 136 7.55 49.86 -29.60
C VAL H 136 7.11 51.20 -30.14
N ASP H 137 8.09 52.04 -30.50
CA ASP H 137 7.81 53.33 -31.11
C ASP H 137 6.94 54.20 -30.19
N GLY H 138 7.22 54.11 -28.89
CA GLY H 138 6.50 54.89 -27.91
C GLY H 138 5.12 54.38 -27.58
N ARG H 139 4.69 53.27 -28.16
CA ARG H 139 3.35 52.72 -27.95
C ARG H 139 3.44 51.45 -27.13
N GLU H 140 2.52 51.29 -26.19
CA GLU H 140 2.43 50.08 -25.42
C GLU H 140 2.09 48.92 -26.33
N VAL H 141 2.97 47.93 -26.36
CA VAL H 141 2.66 46.64 -26.95
C VAL H 141 2.11 45.69 -25.88
N TYR H 142 2.90 45.39 -24.85
CA TYR H 142 2.44 44.57 -23.74
C TYR H 142 2.52 45.31 -22.42
N GLU H 143 1.83 44.76 -21.43
CA GLU H 143 2.16 44.98 -20.04
C GLU H 143 1.70 43.78 -19.25
N ILE H 144 2.64 43.01 -18.72
CA ILE H 144 2.33 42.01 -17.71
C ILE H 144 2.47 42.70 -16.37
N ASP H 145 1.56 42.36 -15.45
CA ASP H 145 1.80 42.50 -14.02
C ASP H 145 1.29 41.20 -13.41
N PRO H 146 2.17 40.24 -13.10
CA PRO H 146 1.67 38.93 -12.66
C PRO H 146 0.84 38.99 -11.40
N VAL H 147 1.35 39.66 -10.38
CA VAL H 147 0.76 39.60 -9.05
C VAL H 147 -0.57 40.34 -9.01
N ASN H 148 -0.75 41.33 -9.87
CA ASN H 148 -2.02 42.03 -9.98
C ASN H 148 -2.93 41.45 -11.05
N GLY H 149 -2.44 40.53 -11.87
CA GLY H 149 -3.27 39.89 -12.86
C GLY H 149 -3.51 40.71 -14.11
N VAL H 150 -2.46 41.35 -14.63
CA VAL H 150 -2.54 42.14 -15.85
C VAL H 150 -1.80 41.40 -16.94
N ARG H 151 -2.46 41.24 -18.09
CA ARG H 151 -1.82 40.79 -19.33
C ARG H 151 -2.45 41.65 -20.42
N ALA H 152 -1.84 42.78 -20.69
CA ALA H 152 -2.41 43.79 -21.58
C ALA H 152 -1.80 43.66 -22.95
N ILE H 153 -2.64 43.76 -23.98
CA ILE H 153 -2.22 43.84 -25.37
C ILE H 153 -2.74 45.17 -25.92
N ASN H 154 -1.82 46.05 -26.28
CA ASN H 154 -2.16 47.37 -26.81
C ASN H 154 -3.07 48.14 -25.87
N GLY H 155 -2.90 47.92 -24.56
CA GLY H 155 -3.73 48.55 -23.56
C GLY H 155 -4.99 47.80 -23.19
N VAL H 156 -5.22 46.61 -23.77
CA VAL H 156 -6.41 45.81 -23.52
C VAL H 156 -6.02 44.66 -22.60
N ASP H 157 -6.40 44.75 -21.33
CA ASP H 157 -6.16 43.67 -20.38
C ASP H 157 -6.96 42.44 -20.80
N GLN H 158 -6.26 41.42 -21.29
CA GLN H 158 -6.93 40.19 -21.67
C GLN H 158 -7.46 39.41 -20.49
N LEU H 159 -7.00 39.72 -19.28
CA LEU H 159 -7.36 38.99 -18.08
C LEU H 159 -8.52 39.63 -17.32
N ALA H 160 -9.21 40.60 -17.92
CA ALA H 160 -10.31 41.27 -17.22
C ALA H 160 -11.42 40.29 -16.87
N GLY H 161 -11.68 39.32 -17.75
CA GLY H 161 -12.68 38.32 -17.46
C GLY H 161 -12.30 37.46 -16.28
N MET H 162 -11.02 37.09 -16.20
CA MET H 162 -10.55 36.32 -15.05
C MET H 162 -10.65 37.13 -13.76
N ARG H 163 -10.32 38.41 -13.83
CA ARG H 163 -10.40 39.26 -12.64
C ARG H 163 -11.85 39.42 -12.19
N ASN H 164 -12.78 39.50 -13.14
CA ASN H 164 -14.19 39.52 -12.77
C ASN H 164 -14.63 38.22 -12.15
N ASP H 165 -14.19 37.09 -12.73
CA ASP H 165 -14.60 35.79 -12.24
C ASP H 165 -14.08 35.54 -10.83
N LEU H 166 -12.84 35.93 -10.57
CA LEU H 166 -12.22 35.73 -9.26
C LEU H 166 -12.46 36.87 -8.30
N GLY H 167 -13.07 37.97 -8.74
CA GLY H 167 -13.29 39.10 -7.87
C GLY H 167 -11.99 39.69 -7.39
N LEU H 168 -11.15 40.12 -8.32
CA LEU H 168 -9.77 40.52 -8.06
C LEU H 168 -8.98 39.32 -7.53
N MET I 2 29.51 53.76 -18.27
CA MET I 2 29.72 54.27 -19.62
C MET I 2 31.20 54.42 -19.94
N ILE I 3 31.92 53.30 -19.95
CA ILE I 3 33.29 53.30 -20.45
C ILE I 3 33.66 51.87 -20.80
N PRO I 4 34.34 51.59 -21.92
CA PRO I 4 34.80 50.22 -22.16
C PRO I 4 35.78 49.77 -21.09
N GLN I 5 35.70 48.49 -20.77
CA GLN I 5 36.48 47.93 -19.68
C GLN I 5 36.31 46.43 -19.69
N THR I 6 37.38 45.71 -19.35
CA THR I 6 37.32 44.26 -19.27
C THR I 6 38.58 43.75 -18.59
N LEU I 7 38.65 42.43 -18.50
CA LEU I 7 39.81 41.77 -17.91
C LEU I 7 41.00 41.82 -18.85
N THR I 8 42.17 42.02 -18.28
CA THR I 8 43.43 42.02 -19.00
C THR I 8 44.42 41.02 -18.45
N ASN I 9 44.38 40.76 -17.14
CA ASN I 9 45.34 39.88 -16.51
C ASN I 9 44.81 39.50 -15.14
N THR I 10 45.35 38.41 -14.60
CA THR I 10 44.82 37.81 -13.38
C THR I 10 45.98 37.32 -12.53
N ASN I 11 45.66 36.76 -11.37
CA ASN I 11 46.63 36.12 -10.48
C ASN I 11 45.85 35.42 -9.38
N LEU I 12 46.51 34.44 -8.77
CA LEU I 12 45.92 33.61 -7.72
C LEU I 12 46.86 33.55 -6.53
N PHE I 13 46.30 33.72 -5.34
CA PHE I 13 47.02 33.48 -4.10
C PHE I 13 46.34 32.36 -3.33
N ILE I 14 47.15 31.46 -2.80
CA ILE I 14 46.71 30.43 -1.88
C ILE I 14 47.73 30.37 -0.76
N ASP I 15 47.29 30.58 0.48
CA ASP I 15 48.17 30.53 1.65
C ASP I 15 49.33 31.51 1.50
N GLY I 16 49.07 32.65 0.88
CA GLY I 16 50.08 33.65 0.63
C GLY I 16 51.03 33.34 -0.51
N VAL I 17 50.96 32.14 -1.08
CA VAL I 17 51.82 31.76 -2.19
C VAL I 17 51.24 32.34 -3.47
N SER I 18 52.08 33.01 -4.24
CA SER I 18 51.65 33.57 -5.52
C SER I 18 51.80 32.53 -6.61
N PHE I 19 50.75 32.36 -7.40
CA PHE I 19 50.80 31.63 -8.65
C PHE I 19 50.81 32.58 -9.83
N ALA I 20 51.54 33.68 -9.70
CA ALA I 20 51.75 34.56 -10.82
C ALA I 20 52.61 33.82 -11.82
N GLY I 21 51.98 33.12 -12.75
CA GLY I 21 52.69 32.33 -13.72
C GLY I 21 52.01 31.03 -14.12
N ASP I 22 51.05 30.52 -13.35
CA ASP I 22 50.38 29.27 -13.67
C ASP I 22 48.89 29.24 -13.33
N VAL I 23 48.12 30.20 -13.85
CA VAL I 23 46.66 30.16 -13.70
C VAL I 23 46.01 30.43 -15.05
N PRO I 24 46.05 29.46 -15.98
CA PRO I 24 45.44 29.69 -17.30
C PRO I 24 43.97 30.05 -17.26
N SER I 25 43.19 29.34 -16.46
CA SER I 25 41.77 29.59 -16.30
C SER I 25 41.50 29.88 -14.82
N LEU I 26 40.82 30.97 -14.57
CA LEU I 26 40.38 31.33 -13.23
C LEU I 26 38.88 31.56 -13.26
N THR I 27 38.17 31.01 -12.29
CA THR I 27 36.71 31.09 -12.24
C THR I 27 36.26 31.54 -10.86
N LEU I 28 35.58 32.63 -10.81
CA LEU I 28 34.88 33.11 -9.64
C LEU I 28 33.59 32.29 -9.47
N PRO I 29 33.23 31.91 -8.24
CA PRO I 29 32.07 31.02 -8.09
C PRO I 29 30.79 31.70 -8.56
N LYS I 30 30.02 30.96 -9.34
CA LYS I 30 28.75 31.46 -9.80
C LYS I 30 27.84 31.71 -8.62
N LEU I 31 27.05 32.78 -8.72
CA LEU I 31 26.11 33.16 -7.69
C LEU I 31 24.71 33.11 -8.24
N ALA I 32 23.82 32.48 -7.48
CA ALA I 32 22.43 32.36 -7.85
C ALA I 32 21.63 32.29 -6.57
N VAL I 33 20.32 32.44 -6.73
CA VAL I 33 19.39 32.22 -5.64
C VAL I 33 18.53 31.03 -6.03
N LYS I 34 17.98 30.36 -5.02
CA LYS I 34 17.11 29.22 -5.25
C LYS I 34 15.71 29.73 -5.58
N THR I 35 15.57 30.25 -6.80
CA THR I 35 14.26 30.76 -7.21
C THR I 35 13.29 29.60 -7.33
N GLU I 36 12.22 29.69 -6.59
CA GLU I 36 11.09 28.80 -6.72
C GLU I 36 10.02 29.53 -7.51
N GLN I 37 9.80 29.10 -8.75
CA GLN I 37 8.76 29.71 -9.57
C GLN I 37 7.42 29.53 -8.89
N TYR I 38 6.84 30.65 -8.47
CA TYR I 38 5.67 30.64 -7.61
C TYR I 38 4.48 31.20 -8.35
N ARG I 39 3.45 30.37 -8.48
CA ARG I 39 2.16 30.77 -9.02
C ARG I 39 1.09 30.38 -8.03
N ALA I 40 0.18 31.30 -7.77
CA ALA I 40 -0.91 31.10 -6.84
C ALA I 40 -2.20 31.53 -7.49
N GLY I 41 -3.28 31.49 -6.73
CA GLY I 41 -4.55 31.95 -7.23
C GLY I 41 -4.57 33.46 -7.38
N GLY I 42 -5.27 33.92 -8.40
CA GLY I 42 -5.41 35.32 -8.65
C GLY I 42 -4.27 35.94 -9.42
N MET I 43 -3.29 35.15 -9.84
CA MET I 43 -2.17 35.64 -10.63
C MET I 43 -1.93 34.69 -11.80
N ASP I 44 -1.86 35.25 -13.00
CA ASP I 44 -1.70 34.45 -14.21
C ASP I 44 -0.28 33.89 -14.33
N ALA I 45 0.73 34.76 -14.19
CA ALA I 45 2.10 34.42 -14.51
C ALA I 45 2.90 34.14 -13.25
N PRO I 46 3.74 33.10 -13.22
CA PRO I 46 4.50 32.82 -12.01
C PRO I 46 5.54 33.89 -11.72
N VAL I 47 5.78 34.13 -10.43
CA VAL I 47 6.82 35.02 -9.95
C VAL I 47 7.83 34.18 -9.17
N SER I 48 9.10 34.41 -9.44
CA SER I 48 10.17 33.77 -8.70
C SER I 48 10.29 34.34 -7.30
N ILE I 49 10.63 33.49 -6.34
CA ILE I 49 10.82 33.89 -4.95
C ILE I 49 12.24 33.55 -4.53
N ASP I 50 12.88 34.47 -3.83
CA ASP I 50 14.21 34.25 -3.29
C ASP I 50 14.10 33.40 -2.03
N MET I 51 14.54 32.13 -2.12
CA MET I 51 14.51 31.19 -1.01
C MET I 51 15.91 30.78 -0.57
N GLY I 52 16.89 31.66 -0.77
CA GLY I 52 18.26 31.41 -0.39
C GLY I 52 19.15 31.21 -1.61
N LEU I 53 20.44 31.04 -1.32
CA LEU I 53 21.43 30.91 -2.38
C LEU I 53 21.63 29.46 -2.78
N GLU I 54 22.18 29.29 -3.98
CA GLU I 54 22.60 27.99 -4.45
C GLU I 54 23.97 27.66 -3.88
N ALA I 55 24.41 26.43 -4.12
CA ALA I 55 25.76 26.05 -3.77
C ALA I 55 26.76 26.81 -4.63
N MET I 56 27.81 27.31 -4.00
CA MET I 56 28.89 27.97 -4.70
C MET I 56 29.91 26.93 -5.12
N GLU I 57 30.62 27.23 -6.21
CA GLU I 57 31.73 26.41 -6.63
C GLU I 57 32.69 27.26 -7.44
N ALA I 58 33.91 27.41 -6.93
CA ALA I 58 34.98 28.07 -7.67
C ALA I 58 35.77 27.03 -8.44
N LYS I 59 36.58 27.52 -9.37
CA LYS I 59 37.45 26.66 -10.15
C LYS I 59 38.69 27.45 -10.56
N PHE I 60 39.81 26.75 -10.62
CA PHE I 60 41.05 27.32 -11.11
C PHE I 60 41.95 26.16 -11.51
N SER I 61 42.80 26.41 -12.50
CA SER I 61 43.59 25.36 -13.11
C SER I 61 45.07 25.72 -13.12
N THR I 62 45.89 24.69 -13.15
CA THR I 62 47.34 24.80 -13.27
C THR I 62 47.81 23.79 -14.29
N ASN I 63 48.95 24.08 -14.91
CA ASN I 63 49.55 23.19 -15.89
C ASN I 63 50.76 22.44 -15.35
N GLY I 64 51.28 22.82 -14.19
CA GLY I 64 52.39 22.12 -13.57
C GLY I 64 52.02 21.53 -12.23
N ALA I 65 52.84 20.62 -11.74
CA ALA I 65 52.59 19.97 -10.45
C ALA I 65 52.89 20.97 -9.36
N ARG I 66 51.92 21.86 -9.13
CA ARG I 66 52.06 22.89 -8.12
C ARG I 66 51.70 22.26 -6.80
N ARG I 67 52.73 21.79 -6.09
CA ARG I 67 52.54 21.08 -4.83
C ARG I 67 51.74 21.89 -3.83
N GLU I 68 51.89 23.21 -3.85
CA GLU I 68 50.94 24.06 -3.17
C GLU I 68 49.64 24.07 -3.95
N ALA I 69 48.56 23.72 -3.25
CA ALA I 69 47.19 23.53 -3.76
C ALA I 69 47.00 22.18 -4.43
N LEU I 70 48.03 21.35 -4.54
CA LEU I 70 47.84 19.90 -4.64
C LEU I 70 47.74 19.26 -3.27
N ASN I 71 48.34 19.89 -2.26
CA ASN I 71 48.38 19.36 -0.91
C ASN I 71 47.23 19.86 -0.04
N PHE I 72 46.21 20.49 -0.64
CA PHE I 72 45.03 20.94 0.09
C PHE I 72 43.77 20.17 -0.29
N PHE I 73 43.90 19.10 -1.05
CA PHE I 73 42.78 18.25 -1.38
C PHE I 73 42.44 17.33 -0.23
N GLY I 74 41.15 17.12 -0.01
CA GLY I 74 40.72 16.05 0.85
C GLY I 74 41.21 16.16 2.27
N LEU I 75 41.53 17.37 2.72
CA LEU I 75 41.94 17.57 4.09
C LEU I 75 40.73 17.39 4.99
N ALA I 76 40.97 16.85 6.19
CA ALA I 76 39.89 16.72 7.15
C ALA I 76 39.38 18.08 7.57
N ASP I 77 40.28 19.06 7.69
CA ASP I 77 39.91 20.41 8.10
C ASP I 77 39.38 21.16 6.88
N GLN I 78 38.10 20.94 6.60
CA GLN I 78 37.42 21.78 5.64
C GLN I 78 37.48 23.24 6.09
N SER I 79 37.44 24.14 5.11
CA SER I 79 37.59 25.59 5.26
C SER I 79 39.03 26.00 5.59
N ALA I 80 39.97 25.05 5.62
CA ALA I 80 41.38 25.41 5.70
C ALA I 80 41.93 25.84 4.35
N PHE I 81 41.27 25.46 3.26
CA PHE I 81 41.66 25.95 1.95
C PHE I 81 41.24 27.39 1.78
N ASN I 82 42.13 28.32 2.09
CA ASN I 82 41.87 29.72 1.80
C ASN I 82 42.11 29.98 0.32
N GLY I 83 42.08 31.24 -0.08
CA GLY I 83 42.28 31.57 -1.47
C GLY I 83 41.87 32.98 -1.79
N VAL I 84 42.54 33.58 -2.76
CA VAL I 84 42.24 34.93 -3.22
C VAL I 84 42.30 34.92 -4.74
N PHE I 85 41.17 35.19 -5.38
CA PHE I 85 41.10 35.38 -6.82
C PHE I 85 41.21 36.86 -7.13
N ARG I 86 42.27 37.24 -7.83
CA ARG I 86 42.50 38.62 -8.24
C ARG I 86 42.33 38.76 -9.73
N GLY I 87 41.80 39.91 -10.14
CA GLY I 87 41.62 40.23 -11.54
C GLY I 87 41.77 41.72 -11.77
N SER I 88 42.57 42.07 -12.78
CA SER I 88 42.87 43.46 -13.11
C SER I 88 42.00 43.89 -14.28
N PHE I 89 40.98 44.67 -13.99
CA PHE I 89 40.08 45.21 -15.01
C PHE I 89 40.58 46.58 -15.39
N LYS I 90 41.04 46.71 -16.63
CA LYS I 90 41.50 47.98 -17.18
C LYS I 90 40.43 48.55 -18.10
N GLY I 91 40.11 49.82 -17.92
CA GLY I 91 39.17 50.50 -18.78
C GLY I 91 39.78 50.81 -20.13
N GLN I 92 39.05 51.56 -20.93
CA GLN I 92 39.64 52.14 -22.13
C GLN I 92 40.77 53.08 -21.74
N LYS I 93 40.45 54.10 -20.95
CA LYS I 93 41.45 55.04 -20.48
C LYS I 93 42.41 54.34 -19.52
N GLY I 94 43.47 55.05 -19.18
CA GLY I 94 44.51 54.48 -18.34
C GLY I 94 44.12 54.39 -16.89
N ALA I 95 43.21 53.46 -16.58
CA ALA I 95 42.76 53.22 -15.22
C ALA I 95 42.55 51.73 -15.03
N SER I 96 42.86 51.25 -13.83
CA SER I 96 42.81 49.83 -13.51
C SER I 96 41.97 49.63 -12.27
N VAL I 97 41.03 48.68 -12.34
CA VAL I 97 40.09 48.39 -11.27
C VAL I 97 40.45 47.01 -10.72
N PRO I 98 40.94 46.90 -9.49
CA PRO I 98 41.18 45.58 -8.92
C PRO I 98 39.89 44.93 -8.45
N VAL I 99 39.77 43.64 -8.76
CA VAL I 99 38.67 42.81 -8.28
C VAL I 99 39.27 41.66 -7.50
N VAL I 100 38.76 41.44 -6.29
CA VAL I 100 39.30 40.47 -5.36
C VAL I 100 38.15 39.64 -4.82
N ALA I 101 38.31 38.33 -4.86
CA ALA I 101 37.37 37.39 -4.27
C ALA I 101 38.09 36.48 -3.31
N THR I 102 38.07 36.86 -2.04
CA THR I 102 38.56 35.97 -1.00
C THR I 102 37.65 34.76 -0.91
N LEU I 103 38.25 33.58 -0.93
CA LEU I 103 37.53 32.32 -0.78
C LEU I 103 38.06 31.55 0.40
N ARG I 104 37.22 30.66 0.91
CA ARG I 104 37.61 29.76 1.98
C ARG I 104 36.63 28.60 1.96
N GLY I 105 37.14 27.39 1.80
CA GLY I 105 36.28 26.23 1.68
C GLY I 105 37.04 24.95 1.56
N LEU I 106 36.63 24.11 0.60
CA LEU I 106 37.19 22.79 0.38
C LEU I 106 37.72 22.70 -1.03
N LEU I 107 38.95 22.20 -1.19
CA LEU I 107 39.39 21.84 -2.52
C LEU I 107 38.67 20.55 -2.90
N LYS I 108 37.55 20.70 -3.60
CA LYS I 108 36.63 19.58 -3.80
C LYS I 108 37.23 18.51 -4.67
N GLU I 109 37.96 18.89 -5.70
CA GLU I 109 38.23 17.99 -6.82
C GLU I 109 39.57 18.34 -7.44
N VAL I 110 40.26 17.31 -7.90
CA VAL I 110 41.51 17.43 -8.65
C VAL I 110 41.38 16.51 -9.85
N ASP I 111 41.45 17.08 -11.06
CA ASP I 111 41.13 16.38 -12.29
C ASP I 111 42.24 16.63 -13.30
N PRO I 112 43.35 15.89 -13.20
CA PRO I 112 44.40 15.98 -14.22
C PRO I 112 43.87 15.55 -15.58
N GLY I 113 43.98 16.46 -16.54
CA GLY I 113 43.51 16.17 -17.88
C GLY I 113 44.37 15.11 -18.55
N ASP I 114 44.04 14.86 -19.80
CA ASP I 114 44.75 13.87 -20.58
C ASP I 114 46.17 14.33 -20.86
N TRP I 115 47.14 13.54 -20.43
CA TRP I 115 48.54 13.78 -20.72
C TRP I 115 48.85 13.21 -22.10
N LYS I 116 49.01 14.09 -23.09
CA LYS I 116 49.10 13.69 -24.49
C LYS I 116 50.51 13.80 -25.06
N ALA I 117 51.53 13.97 -24.22
CA ALA I 117 52.93 13.88 -24.66
C ALA I 117 53.25 14.95 -25.71
N GLY I 118 53.21 16.20 -25.26
CA GLY I 118 53.42 17.35 -26.12
C GLY I 118 52.26 18.31 -26.08
N GLU I 119 51.48 18.25 -25.01
CA GLU I 119 50.35 19.13 -24.80
C GLU I 119 50.30 19.48 -23.32
N LYS I 120 49.66 20.61 -23.03
CA LYS I 120 49.62 21.09 -21.66
C LYS I 120 48.92 20.08 -20.75
N ALA I 121 49.34 20.05 -19.49
CA ALA I 121 48.77 19.10 -18.55
C ALA I 121 47.35 19.50 -18.18
N GLU I 122 47.17 20.75 -17.78
CA GLU I 122 45.86 21.33 -17.48
C GLU I 122 45.16 20.57 -16.34
N PHE I 123 45.77 20.67 -15.17
CA PHE I 123 45.12 20.21 -13.95
C PHE I 123 43.91 21.10 -13.68
N LYS I 124 42.73 20.50 -13.68
CA LYS I 124 41.51 21.18 -13.29
C LYS I 124 41.24 20.91 -11.82
N TYR I 125 40.96 21.96 -11.08
CA TYR I 125 40.52 21.87 -9.71
C TYR I 125 39.11 22.41 -9.61
N ALA I 126 38.43 22.04 -8.54
CA ALA I 126 37.17 22.65 -8.15
C ALA I 126 37.19 22.85 -6.64
N VAL I 127 36.58 23.95 -6.20
CA VAL I 127 36.55 24.31 -4.80
C VAL I 127 35.08 24.43 -4.39
N ALA I 128 34.74 23.80 -3.28
CA ALA I 128 33.44 24.00 -2.65
C ALA I 128 33.58 25.10 -1.61
N VAL I 129 32.91 26.21 -1.83
CA VAL I 129 33.16 27.44 -1.10
C VAL I 129 32.29 27.47 0.14
N SER I 130 32.91 27.79 1.28
CA SER I 130 32.22 28.04 2.53
C SER I 130 32.33 29.49 2.99
N TYR I 131 32.91 30.37 2.17
CA TYR I 131 32.97 31.78 2.49
C TYR I 131 33.37 32.52 1.22
N TYR I 132 32.70 33.63 0.97
CA TYR I 132 32.85 34.36 -0.29
C TYR I 132 32.73 35.85 -0.01
N LYS I 133 33.84 36.57 -0.16
CA LYS I 133 33.86 38.03 -0.11
C LYS I 133 34.41 38.54 -1.41
N LEU I 134 33.57 39.24 -2.17
CA LEU I 134 33.98 39.88 -3.42
C LEU I 134 34.19 41.37 -3.15
N GLU I 135 35.32 41.89 -3.62
CA GLU I 135 35.66 43.29 -3.49
C GLU I 135 36.01 43.83 -4.88
N VAL I 136 35.55 45.05 -5.14
CA VAL I 136 35.83 45.77 -6.38
C VAL I 136 36.39 47.12 -6.00
N ASP I 137 37.60 47.41 -6.48
CA ASP I 137 38.22 48.71 -6.27
C ASP I 137 38.39 48.99 -4.77
N GLY I 138 38.72 47.95 -4.03
CA GLY I 138 38.94 48.07 -2.60
C GLY I 138 37.69 48.18 -1.76
N ARG I 139 36.51 48.11 -2.37
CA ARG I 139 35.24 48.24 -1.68
C ARG I 139 34.53 46.90 -1.63
N GLU I 140 33.94 46.60 -0.48
CA GLU I 140 33.13 45.41 -0.35
C GLU I 140 31.92 45.49 -1.26
N VAL I 141 31.82 44.54 -2.18
CA VAL I 141 30.61 44.31 -2.92
C VAL I 141 29.72 43.29 -2.21
N TYR I 142 30.23 42.05 -2.03
CA TYR I 142 29.50 41.04 -1.27
C TYR I 142 30.29 40.55 -0.08
N GLU I 143 29.58 39.87 0.82
CA GLU I 143 30.20 38.92 1.72
C GLU I 143 29.15 37.90 2.09
N ILE I 144 29.33 36.66 1.63
CA ILE I 144 28.57 35.54 2.16
C ILE I 144 29.36 34.98 3.32
N ASP I 145 28.64 34.59 4.37
CA ASP I 145 29.14 33.60 5.33
C ASP I 145 27.97 32.65 5.56
N PRO I 146 27.94 31.48 4.90
CA PRO I 146 26.74 30.64 5.00
C PRO I 146 26.41 30.21 6.40
N VAL I 147 27.40 29.69 7.12
CA VAL I 147 27.15 29.03 8.39
C VAL I 147 26.77 30.03 9.46
N ASN I 148 27.22 31.27 9.33
CA ASN I 148 26.83 32.34 10.24
C ASN I 148 25.62 33.12 9.77
N GLY I 149 25.18 32.91 8.53
CA GLY I 149 23.99 33.57 8.04
C GLY I 149 24.21 35.00 7.58
N VAL I 150 25.30 35.26 6.86
CA VAL I 150 25.62 36.57 6.33
C VAL I 150 25.42 36.53 4.83
N ARG I 151 24.67 37.51 4.32
CA ARG I 151 24.60 37.78 2.88
C ARG I 151 24.60 39.31 2.78
N ALA I 152 25.78 39.88 2.68
CA ALA I 152 25.96 41.32 2.75
C ALA I 152 26.06 41.89 1.35
N ILE I 153 25.40 43.02 1.12
CA ILE I 153 25.52 43.81 -0.09
C ILE I 153 26.02 45.18 0.32
N ASN I 154 27.22 45.54 -0.12
CA ASN I 154 27.83 46.83 0.20
C ASN I 154 27.91 47.05 1.71
N GLY I 155 28.07 45.98 2.46
CA GLY I 155 28.11 46.05 3.91
C GLY I 155 26.77 45.93 4.60
N VAL I 156 25.68 45.72 3.85
CA VAL I 156 24.34 45.62 4.40
C VAL I 156 23.93 44.15 4.39
N ASP I 157 23.93 43.53 5.57
CA ASP I 157 23.49 42.14 5.70
C ASP I 157 22.01 42.06 5.38
N GLN I 158 21.68 41.48 4.23
CA GLN I 158 20.29 41.31 3.85
C GLN I 158 19.56 40.30 4.71
N LEU I 159 20.30 39.46 5.44
CA LEU I 159 19.71 38.39 6.24
C LEU I 159 19.49 38.78 7.69
N ALA I 160 19.62 40.07 8.04
CA ALA I 160 19.45 40.48 9.42
C ALA I 160 18.04 40.18 9.93
N GLY I 161 17.03 40.31 9.06
CA GLY I 161 15.68 39.98 9.45
C GLY I 161 15.52 38.51 9.76
N MET I 162 16.15 37.66 8.95
CA MET I 162 16.12 36.23 9.21
C MET I 162 16.81 35.89 10.51
N ARG I 163 17.95 36.53 10.77
CA ARG I 163 18.68 36.28 12.01
C ARG I 163 17.87 36.72 13.23
N ASN I 164 17.14 37.82 13.10
CA ASN I 164 16.25 38.23 14.18
C ASN I 164 15.11 37.25 14.36
N ASP I 165 14.53 36.78 13.26
CA ASP I 165 13.40 35.86 13.35
C ASP I 165 13.81 34.54 13.98
N LEU I 166 14.98 34.03 13.61
CA LEU I 166 15.46 32.76 14.12
C LEU I 166 16.26 32.89 15.41
N GLY I 167 16.55 34.11 15.85
CA GLY I 167 17.34 34.29 17.05
C GLY I 167 18.73 33.73 16.89
N LEU I 168 19.47 34.23 15.90
CA LEU I 168 20.74 33.66 15.47
C LEU I 168 20.51 32.25 14.93
N MET J 2 55.48 30.54 -9.15
CA MET J 2 55.77 31.65 -10.05
C MET J 2 56.85 31.28 -11.06
N ILE J 3 56.55 30.32 -11.91
CA ILE J 3 57.40 30.03 -13.06
C ILE J 3 56.59 29.25 -14.08
N PRO J 4 56.69 29.53 -15.38
CA PRO J 4 55.99 28.68 -16.36
C PRO J 4 56.51 27.26 -16.31
N GLN J 5 55.59 26.32 -16.52
CA GLN J 5 55.91 24.91 -16.41
C GLN J 5 54.73 24.10 -16.90
N THR J 6 55.01 22.97 -17.53
CA THR J 6 53.95 22.09 -18.00
C THR J 6 54.56 20.77 -18.43
N LEU J 7 53.69 19.89 -18.92
CA LEU J 7 54.11 18.59 -19.40
C LEU J 7 54.81 18.72 -20.74
N THR J 8 55.86 17.92 -20.91
CA THR J 8 56.60 17.83 -22.16
C THR J 8 56.66 16.43 -22.71
N ASN J 9 56.66 15.42 -21.84
CA ASN J 9 56.79 14.04 -22.27
C ASN J 9 56.38 13.14 -21.13
N THR J 10 56.06 11.89 -21.46
CA THR J 10 55.47 10.96 -20.51
C THR J 10 56.06 9.57 -20.75
N ASN J 11 55.61 8.62 -19.94
CA ASN J 11 55.97 7.21 -20.10
C ASN J 11 55.12 6.40 -19.13
N LEU J 12 54.97 5.12 -19.45
CA LEU J 12 54.14 4.20 -18.67
C LEU J 12 54.93 2.94 -18.37
N PHE J 13 54.86 2.49 -17.12
CA PHE J 13 55.38 1.20 -16.73
C PHE J 13 54.25 0.33 -16.21
N ILE J 14 54.25 -0.93 -16.64
CA ILE J 14 53.36 -1.94 -16.13
C ILE J 14 54.20 -3.20 -15.92
N ASP J 15 54.24 -3.70 -14.69
CA ASP J 15 55.00 -4.91 -14.36
C ASP J 15 56.46 -4.76 -14.75
N GLY J 16 57.00 -3.56 -14.61
CA GLY J 16 58.36 -3.26 -14.97
C GLY J 16 58.61 -3.11 -16.46
N VAL J 17 57.62 -3.40 -17.30
CA VAL J 17 57.77 -3.26 -18.74
C VAL J 17 57.58 -1.80 -19.11
N SER J 18 58.51 -1.27 -19.88
CA SER J 18 58.41 0.11 -20.35
C SER J 18 57.60 0.16 -21.63
N PHE J 19 56.63 1.07 -21.67
CA PHE J 19 55.93 1.45 -22.89
C PHE J 19 56.44 2.79 -23.38
N ALA J 20 57.74 3.02 -23.28
CA ALA J 20 58.33 4.20 -23.86
C ALA J 20 58.24 4.05 -25.37
N GLY J 21 57.16 4.55 -25.95
CA GLY J 21 56.92 4.40 -27.37
C GLY J 21 55.48 4.22 -27.78
N ASP J 22 54.59 3.83 -26.87
CA ASP J 22 53.18 3.61 -27.22
C ASP J 22 52.19 4.04 -26.13
N VAL J 23 52.26 5.30 -25.70
CA VAL J 23 51.25 5.84 -24.77
C VAL J 23 50.78 7.20 -25.27
N PRO J 24 49.98 7.24 -26.34
CA PRO J 24 49.51 8.53 -26.86
C PRO J 24 48.76 9.37 -25.85
N SER J 25 47.85 8.77 -25.11
CA SER J 25 47.08 9.46 -24.08
C SER J 25 47.33 8.75 -22.76
N LEU J 26 47.68 9.54 -21.75
CA LEU J 26 47.85 9.06 -20.40
C LEU J 26 46.98 9.90 -19.47
N THR J 27 46.25 9.23 -18.59
CA THR J 27 45.31 9.91 -17.68
C THR J 27 45.54 9.45 -16.25
N LEU J 28 45.85 10.38 -15.41
CA LEU J 28 45.90 10.18 -13.98
C LEU J 28 44.47 10.16 -13.43
N PRO J 29 44.14 9.28 -12.48
CA PRO J 29 42.73 9.18 -12.06
C PRO J 29 42.27 10.47 -11.41
N LYS J 30 41.09 10.91 -11.82
CA LYS J 30 40.49 12.09 -11.24
C LYS J 30 40.23 11.86 -9.77
N LEU J 31 40.43 12.90 -8.98
CA LEU J 31 40.23 12.87 -7.55
C LEU J 31 39.13 13.84 -7.17
N ALA J 32 38.21 13.35 -6.35
CA ALA J 32 37.11 14.16 -5.88
C ALA J 32 36.71 13.63 -4.52
N VAL J 33 35.89 14.41 -3.84
CA VAL J 33 35.27 13.99 -2.60
C VAL J 33 33.77 13.93 -2.87
N LYS J 34 33.08 13.10 -2.07
CA LYS J 34 31.64 12.98 -2.19
C LYS J 34 30.98 14.14 -1.43
N THR J 35 31.06 15.32 -2.03
CA THR J 35 30.46 16.48 -1.39
C THR J 35 28.96 16.32 -1.37
N GLU J 36 28.40 16.36 -0.19
CA GLU J 36 26.96 16.44 0.00
C GLU J 36 26.63 17.88 0.34
N GLN J 37 25.98 18.56 -0.61
CA GLN J 37 25.56 19.94 -0.38
C GLN J 37 24.62 19.99 0.81
N TYR J 38 25.09 20.63 1.88
CA TYR J 38 24.42 20.56 3.17
C TYR J 38 23.87 21.93 3.52
N ARG J 39 22.56 22.00 3.69
CA ARG J 39 21.87 23.17 4.19
C ARG J 39 21.01 22.76 5.36
N ALA J 40 21.08 23.55 6.42
CA ALA J 40 20.34 23.29 7.65
C ALA J 40 19.65 24.57 8.08
N GLY J 41 19.00 24.52 9.23
CA GLY J 41 18.39 25.71 9.77
C GLY J 41 19.42 26.70 10.26
N GLY J 42 19.10 27.97 10.09
CA GLY J 42 19.96 29.03 10.54
C GLY J 42 21.06 29.40 9.56
N MET J 43 21.10 28.76 8.39
CA MET J 43 22.08 29.08 7.37
C MET J 43 21.39 29.19 6.02
N ASP J 44 21.65 30.30 5.32
CA ASP J 44 21.00 30.56 4.05
C ASP J 44 21.56 29.67 2.94
N ALA J 45 22.88 29.64 2.80
CA ALA J 45 23.53 29.04 1.65
C ALA J 45 24.09 27.65 2.00
N PRO J 46 23.94 26.64 1.15
CA PRO J 46 24.46 25.32 1.49
C PRO J 46 25.98 25.29 1.52
N VAL J 47 26.51 24.47 2.42
CA VAL J 47 27.94 24.18 2.51
C VAL J 47 28.15 22.72 2.18
N SER J 48 29.16 22.46 1.35
CA SER J 48 29.55 21.10 1.02
C SER J 48 30.26 20.45 2.20
N ILE J 49 30.05 19.15 2.37
CA ILE J 49 30.68 18.37 3.43
C ILE J 49 31.47 17.24 2.79
N ASP J 50 32.68 17.02 3.29
CA ASP J 50 33.52 15.93 2.83
C ASP J 50 33.05 14.64 3.48
N MET J 51 32.44 13.76 2.68
CA MET J 51 31.92 12.47 3.13
C MET J 51 32.67 11.30 2.49
N GLY J 52 33.93 11.51 2.13
CA GLY J 52 34.76 10.49 1.53
C GLY J 52 35.04 10.78 0.06
N LEU J 53 35.84 9.92 -0.53
CA LEU J 53 36.26 10.10 -1.90
C LEU J 53 35.31 9.42 -2.87
N GLU J 54 35.37 9.87 -4.13
CA GLU J 54 34.67 9.24 -5.21
C GLU J 54 35.46 8.03 -5.71
N ALA J 55 34.85 7.28 -6.62
CA ALA J 55 35.57 6.21 -7.27
C ALA J 55 36.65 6.78 -8.17
N MET J 56 37.83 6.19 -8.11
CA MET J 56 38.93 6.55 -8.98
C MET J 56 38.82 5.76 -10.28
N GLU J 57 39.35 6.34 -11.35
CA GLU J 57 39.47 5.63 -12.61
C GLU J 57 40.61 6.25 -13.40
N ALA J 58 41.62 5.46 -13.67
CA ALA J 58 42.70 5.84 -14.56
C ALA J 58 42.39 5.40 -15.97
N LYS J 59 43.15 5.94 -16.92
CA LYS J 59 43.02 5.56 -18.31
C LYS J 59 44.36 5.74 -19.01
N PHE J 60 44.63 4.87 -19.95
CA PHE J 60 45.80 4.97 -20.80
C PHE J 60 45.53 4.15 -22.05
N SER J 61 46.14 4.57 -23.16
CA SER J 61 45.84 4.01 -24.46
C SER J 61 47.11 3.56 -25.16
N THR J 62 46.93 2.60 -26.06
CA THR J 62 47.99 2.09 -26.92
C THR J 62 47.44 1.97 -28.32
N ASN J 63 48.33 2.04 -29.30
CA ASN J 63 47.95 1.89 -30.70
C ASN J 63 48.34 0.55 -31.29
N GLY J 64 49.15 -0.24 -30.59
CA GLY J 64 49.51 -1.56 -31.04
C GLY J 64 49.05 -2.64 -30.10
N ALA J 65 49.05 -3.89 -30.57
CA ALA J 65 48.61 -5.01 -29.75
C ALA J 65 49.71 -5.29 -28.73
N ARG J 66 49.71 -4.49 -27.67
CA ARG J 66 50.69 -4.62 -26.62
C ARG J 66 50.22 -5.72 -25.70
N ARG J 67 50.71 -6.94 -25.96
CA ARG J 67 50.26 -8.10 -25.22
C ARG J 67 50.46 -7.94 -23.72
N GLU J 68 51.48 -7.21 -23.30
CA GLU J 68 51.55 -6.74 -21.93
C GLU J 68 50.53 -5.63 -21.76
N ALA J 69 49.66 -5.81 -20.78
CA ALA J 69 48.50 -4.97 -20.44
C ALA J 69 47.30 -5.22 -21.35
N LEU J 70 47.41 -6.12 -22.33
CA LEU J 70 46.23 -6.80 -22.85
C LEU J 70 45.93 -8.05 -22.05
N ASN J 71 46.94 -8.63 -21.43
CA ASN J 71 46.81 -9.86 -20.67
C ASN J 71 46.52 -9.64 -19.19
N PHE J 72 46.17 -8.41 -18.80
CA PHE J 72 45.79 -8.09 -17.43
C PHE J 72 44.32 -7.72 -17.29
N PHE J 73 43.52 -7.90 -18.33
CA PHE J 73 42.10 -7.67 -18.26
C PHE J 73 41.40 -8.83 -17.58
N GLY J 74 40.40 -8.51 -16.78
CA GLY J 74 39.49 -9.54 -16.33
C GLY J 74 40.13 -10.64 -15.52
N LEU J 75 41.28 -10.37 -14.92
CA LEU J 75 41.92 -11.36 -14.08
C LEU J 75 41.10 -11.53 -12.80
N ALA J 76 41.07 -12.75 -12.29
CA ALA J 76 40.40 -13.00 -11.03
C ALA J 76 41.08 -12.24 -9.90
N ASP J 77 42.40 -12.15 -9.95
CA ASP J 77 43.18 -11.46 -8.91
C ASP J 77 43.15 -9.97 -9.21
N GLN J 78 42.07 -9.32 -8.76
CA GLN J 78 42.04 -7.87 -8.74
C GLN J 78 43.20 -7.36 -7.89
N SER J 79 43.65 -6.15 -8.22
CA SER J 79 44.80 -5.46 -7.64
C SER J 79 46.12 -6.09 -8.07
N ALA J 80 46.12 -7.09 -8.94
CA ALA J 80 47.35 -7.58 -9.55
C ALA J 80 47.82 -6.66 -10.67
N PHE J 81 46.92 -5.86 -11.24
CA PHE J 81 47.32 -4.87 -12.22
C PHE J 81 48.03 -3.72 -11.54
N ASN J 82 49.35 -3.78 -11.46
CA ASN J 82 50.12 -2.64 -10.97
C ASN J 82 50.23 -1.61 -12.08
N GLY J 83 51.04 -0.59 -11.87
CA GLY J 83 51.19 0.45 -12.87
C GLY J 83 51.85 1.69 -12.32
N VAL J 84 52.60 2.38 -13.16
CA VAL J 84 53.27 3.62 -12.80
C VAL J 84 53.06 4.61 -13.94
N PHE J 85 52.38 5.70 -13.65
CA PHE J 85 52.23 6.82 -14.59
C PHE J 85 53.31 7.84 -14.30
N ARG J 86 54.20 8.05 -15.27
CA ARG J 86 55.27 9.03 -15.15
C ARG J 86 55.01 10.20 -16.09
N GLY J 87 55.40 11.38 -15.63
CA GLY J 87 55.28 12.59 -16.42
C GLY J 87 56.40 13.55 -16.10
N SER J 88 57.04 14.07 -17.14
CA SER J 88 58.17 14.98 -17.02
C SER J 88 57.70 16.41 -17.20
N PHE J 89 57.60 17.14 -16.10
CA PHE J 89 57.19 18.54 -16.13
C PHE J 89 58.45 19.39 -16.14
N LYS J 90 58.67 20.09 -17.26
CA LYS J 90 59.79 21.00 -17.42
C LYS J 90 59.31 22.43 -17.26
N GLY J 91 60.02 23.20 -16.46
CA GLY J 91 59.72 24.60 -16.29
C GLY J 91 60.15 25.40 -17.49
N GLN J 92 60.05 26.73 -17.35
CA GLN J 92 60.68 27.60 -18.34
C GLN J 92 62.18 27.38 -18.33
N LYS J 93 62.81 27.60 -17.18
CA LYS J 93 64.23 27.38 -17.05
C LYS J 93 64.55 25.90 -17.17
N GLY J 94 65.85 25.60 -17.25
CA GLY J 94 66.29 24.23 -17.45
C GLY J 94 66.18 23.38 -16.22
N ALA J 95 64.95 23.04 -15.83
CA ALA J 95 64.69 22.19 -14.69
C ALA J 95 63.52 21.28 -15.01
N SER J 96 63.58 20.05 -14.51
CA SER J 96 62.59 19.03 -14.79
C SER J 96 62.07 18.46 -13.49
N VAL J 97 60.75 18.37 -13.38
CA VAL J 97 60.05 17.91 -12.19
C VAL J 97 59.41 16.56 -12.52
N PRO J 98 59.87 15.46 -11.95
CA PRO J 98 59.18 14.19 -12.20
C PRO J 98 57.91 14.08 -11.37
N VAL J 99 56.87 13.57 -12.02
CA VAL J 99 55.60 13.26 -11.38
C VAL J 99 55.32 11.79 -11.60
N VAL J 100 55.01 11.08 -10.52
CA VAL J 100 54.84 9.64 -10.52
C VAL J 100 53.55 9.31 -9.80
N ALA J 101 52.72 8.49 -10.43
CA ALA J 101 51.50 7.98 -9.84
C ALA J 101 51.50 6.46 -9.91
N THR J 102 51.96 5.85 -8.83
CA THR J 102 51.83 4.41 -8.70
C THR J 102 50.36 4.04 -8.58
N LEU J 103 49.94 3.09 -9.39
CA LEU J 103 48.58 2.58 -9.37
C LEU J 103 48.58 1.09 -9.11
N ARG J 104 47.45 0.61 -8.61
CA ARG J 104 47.25 -0.81 -8.41
C ARG J 104 45.75 -1.04 -8.31
N GLY J 105 45.22 -1.88 -9.19
CA GLY J 105 43.79 -2.09 -9.23
C GLY J 105 43.38 -3.11 -10.26
N LEU J 106 42.36 -2.77 -11.04
CA LEU J 106 41.77 -3.66 -12.03
C LEU J 106 41.83 -3.00 -13.40
N LEU J 107 42.31 -3.73 -14.39
CA LEU J 107 42.14 -3.27 -15.76
C LEU J 107 40.67 -3.45 -16.13
N LYS J 108 39.90 -2.38 -15.94
CA LYS J 108 38.45 -2.49 -15.98
C LYS J 108 37.95 -2.81 -17.39
N GLU J 109 38.55 -2.21 -18.40
CA GLU J 109 37.94 -2.12 -19.71
C GLU J 109 39.01 -2.11 -20.79
N VAL J 110 38.67 -2.72 -21.91
CA VAL J 110 39.49 -2.70 -23.11
C VAL J 110 38.56 -2.39 -24.28
N ASP J 111 38.82 -1.28 -24.97
CA ASP J 111 37.91 -0.72 -25.95
C ASP J 111 38.69 -0.40 -27.22
N PRO J 112 38.94 -1.39 -28.06
CA PRO J 112 39.56 -1.13 -29.36
C PRO J 112 38.68 -0.23 -30.21
N GLY J 113 39.24 0.89 -30.62
CA GLY J 113 38.51 1.82 -31.43
C GLY J 113 38.24 1.27 -32.82
N ASP J 114 37.63 2.11 -33.64
CA ASP J 114 37.29 1.73 -34.99
C ASP J 114 38.56 1.54 -35.82
N TRP J 115 38.72 0.34 -36.38
CA TRP J 115 39.81 0.06 -37.30
C TRP J 115 39.40 0.51 -38.68
N LYS J 116 39.98 1.61 -39.15
CA LYS J 116 39.54 2.28 -40.37
C LYS J 116 40.48 2.09 -41.55
N ALA J 117 41.44 1.16 -41.45
CA ALA J 117 42.27 0.78 -42.59
C ALA J 117 43.07 1.97 -43.13
N GLY J 118 44.01 2.41 -42.30
CA GLY J 118 44.83 3.57 -42.59
C GLY J 118 44.72 4.64 -41.53
N GLU J 119 44.32 4.24 -40.33
CA GLU J 119 44.21 5.12 -39.19
C GLU J 119 44.65 4.37 -37.95
N LYS J 120 45.06 5.12 -36.94
CA LYS J 120 45.59 4.50 -35.74
C LYS J 120 44.54 3.63 -35.07
N ALA J 121 45.01 2.56 -34.42
CA ALA J 121 44.09 1.63 -33.78
C ALA J 121 43.46 2.26 -32.54
N GLU J 122 44.29 2.81 -31.66
CA GLU J 122 43.84 3.54 -30.48
C GLU J 122 43.00 2.64 -29.56
N PHE J 123 43.68 1.64 -29.01
CA PHE J 123 43.11 0.85 -27.93
C PHE J 123 42.94 1.73 -26.71
N LYS J 124 41.70 1.93 -26.27
CA LYS J 124 41.42 2.61 -25.03
C LYS J 124 41.27 1.60 -23.92
N TYR J 125 41.94 1.84 -22.81
CA TYR J 125 41.79 1.06 -21.59
C TYR J 125 41.23 1.95 -20.51
N ALA J 126 40.66 1.33 -19.49
CA ALA J 126 40.30 1.99 -18.26
C ALA J 126 40.69 1.09 -17.10
N VAL J 127 41.12 1.71 -16.01
CA VAL J 127 41.58 1.01 -14.83
C VAL J 127 40.72 1.45 -13.66
N ALA J 128 40.21 0.51 -12.90
CA ALA J 128 39.57 0.79 -11.62
C ALA J 128 40.62 0.66 -10.52
N VAL J 129 40.90 1.78 -9.87
CA VAL J 129 42.06 1.90 -9.01
C VAL J 129 41.69 1.48 -7.60
N SER J 130 42.52 0.62 -7.00
CA SER J 130 42.42 0.24 -5.61
C SER J 130 43.59 0.74 -4.78
N TYR J 131 44.49 1.53 -5.36
CA TYR J 131 45.58 2.13 -4.61
C TYR J 131 46.18 3.23 -5.46
N TYR J 132 46.47 4.37 -4.84
CA TYR J 132 46.89 5.56 -5.54
C TYR J 132 47.91 6.30 -4.70
N LYS J 133 49.16 6.32 -5.16
CA LYS J 133 50.21 7.14 -4.57
C LYS J 133 50.75 8.08 -5.63
N LEU J 134 50.54 9.37 -5.43
CA LEU J 134 51.08 10.40 -6.32
C LEU J 134 52.31 11.00 -5.68
N GLU J 135 53.38 11.11 -6.46
CA GLU J 135 54.62 11.70 -6.01
C GLU J 135 55.04 12.78 -6.99
N VAL J 136 55.55 13.88 -6.45
CA VAL J 136 56.04 15.01 -7.23
C VAL J 136 57.46 15.30 -6.75
N ASP J 137 58.42 15.25 -7.68
CA ASP J 137 59.80 15.59 -7.37
C ASP J 137 60.35 14.67 -6.28
N GLY J 138 59.96 13.41 -6.32
CA GLY J 138 60.42 12.42 -5.37
C GLY J 138 59.77 12.49 -4.02
N ARG J 139 58.82 13.39 -3.81
CA ARG J 139 58.15 13.58 -2.53
C ARG J 139 56.71 13.08 -2.61
N GLU J 140 56.28 12.40 -1.56
CA GLU J 140 54.90 11.98 -1.47
C GLU J 140 53.98 13.18 -1.41
N VAL J 141 53.09 13.28 -2.39
CA VAL J 141 51.98 14.21 -2.32
C VAL J 141 50.76 13.51 -1.70
N TYR J 142 50.26 12.44 -2.34
CA TYR J 142 49.17 11.66 -1.77
C TYR J 142 49.55 10.22 -1.54
N GLU J 143 48.73 9.54 -0.75
CA GLU J 143 48.62 8.10 -0.81
C GLU J 143 47.23 7.72 -0.35
N ILE J 144 46.40 7.22 -1.26
CA ILE J 144 45.17 6.55 -0.89
C ILE J 144 45.50 5.08 -0.72
N ASP J 145 44.89 4.47 0.30
CA ASP J 145 44.69 3.02 0.32
C ASP J 145 43.25 2.85 0.80
N PRO J 146 42.29 2.61 -0.12
CA PRO J 146 40.89 2.60 0.31
C PRO J 146 40.59 1.54 1.35
N VAL J 147 41.01 0.31 1.10
CA VAL J 147 40.57 -0.83 1.90
C VAL J 147 41.19 -0.78 3.29
N ASN J 148 42.36 -0.16 3.42
CA ASN J 148 42.99 0.03 4.72
C ASN J 148 42.64 1.36 5.37
N GLY J 149 41.99 2.27 4.64
CA GLY J 149 41.57 3.53 5.22
C GLY J 149 42.66 4.56 5.32
N VAL J 150 43.47 4.71 4.27
CA VAL J 150 44.54 5.69 4.22
C VAL J 150 44.13 6.77 3.23
N ARG J 151 44.24 8.02 3.66
CA ARG J 151 44.15 9.19 2.77
C ARG J 151 45.21 10.15 3.29
N ALA J 152 46.42 10.02 2.77
CA ALA J 152 47.57 10.74 3.27
C ALA J 152 47.82 11.96 2.42
N ILE J 153 48.13 13.08 3.07
CA ILE J 153 48.58 14.30 2.43
C ILE J 153 49.97 14.60 2.98
N ASN J 154 50.97 14.58 2.11
CA ASN J 154 52.36 14.84 2.50
C ASN J 154 52.81 13.93 3.63
N GLY J 155 52.28 12.71 3.67
CA GLY J 155 52.59 11.77 4.72
C GLY J 155 51.69 11.84 5.95
N VAL J 156 50.67 12.71 5.94
CA VAL J 156 49.77 12.88 7.06
C VAL J 156 48.45 12.21 6.71
N ASP J 157 48.19 11.07 7.33
CA ASP J 157 46.93 10.36 7.13
C ASP J 157 45.80 11.20 7.72
N GLN J 158 44.98 11.77 6.84
CA GLN J 158 43.83 12.56 7.29
C GLN J 158 42.76 11.71 7.94
N LEU J 159 42.79 10.40 7.72
CA LEU J 159 41.76 9.49 8.22
C LEU J 159 42.11 8.86 9.56
N ALA J 160 43.16 9.32 10.22
CA ALA J 160 43.56 8.72 11.49
C ALA J 160 42.47 8.84 12.54
N GLY J 161 41.73 9.95 12.53
CA GLY J 161 40.64 10.10 13.46
C GLY J 161 39.53 9.10 13.20
N MET J 162 39.22 8.86 11.92
CA MET J 162 38.22 7.86 11.57
C MET J 162 38.67 6.47 11.99
N ARG J 163 39.95 6.16 11.79
CA ARG J 163 40.47 4.85 12.17
C ARG J 163 40.42 4.66 13.67
N ASN J 164 40.68 5.73 14.43
CA ASN J 164 40.53 5.65 15.88
C ASN J 164 39.08 5.45 16.28
N ASP J 165 38.17 6.18 15.63
CA ASP J 165 36.76 6.10 15.98
C ASP J 165 36.20 4.71 15.69
N LEU J 166 36.59 4.13 14.56
CA LEU J 166 36.09 2.82 14.15
C LEU J 166 36.95 1.67 14.69
N GLY J 167 38.08 1.96 15.32
CA GLY J 167 38.94 0.91 15.81
C GLY J 167 39.47 0.06 14.68
N LEU J 168 40.18 0.68 13.75
CA LEU J 168 40.57 0.06 12.48
C LEU J 168 39.34 -0.31 11.67
N MET K 2 58.31 -0.97 -26.33
CA MET K 2 59.15 0.15 -26.73
C MET K 2 59.47 0.13 -28.21
N ILE K 3 58.44 0.26 -29.04
CA ILE K 3 58.64 0.47 -30.46
C ILE K 3 57.36 1.08 -31.05
N PRO K 4 57.42 2.06 -31.94
CA PRO K 4 56.19 2.53 -32.57
C PRO K 4 55.55 1.43 -33.39
N GLN K 5 54.22 1.44 -33.39
CA GLN K 5 53.45 0.38 -34.03
C GLN K 5 51.99 0.78 -34.03
N THR K 6 51.28 0.40 -35.09
CA THR K 6 49.86 0.69 -35.16
C THR K 6 49.27 -0.08 -36.33
N LEU K 7 47.97 0.12 -36.54
CA LEU K 7 47.26 -0.51 -37.63
C LEU K 7 47.62 0.14 -38.95
N THR K 8 47.75 -0.68 -39.98
CA THR K 8 47.99 -0.24 -41.34
C THR K 8 46.96 -0.73 -42.33
N ASN K 9 46.37 -1.90 -42.08
CA ASN K 9 45.41 -2.48 -43.01
C ASN K 9 44.67 -3.59 -42.29
N THR K 10 43.52 -3.95 -42.84
CA THR K 10 42.61 -4.87 -42.17
C THR K 10 41.98 -5.79 -43.22
N ASN K 11 41.14 -6.70 -42.76
CA ASN K 11 40.36 -7.58 -43.61
C ASN K 11 39.35 -8.32 -42.75
N LEU K 12 38.29 -8.79 -43.39
CA LEU K 12 37.20 -9.49 -42.71
C LEU K 12 36.90 -10.79 -43.43
N PHE K 13 36.73 -11.86 -42.66
CA PHE K 13 36.23 -13.12 -43.17
C PHE K 13 34.92 -13.45 -42.49
N ILE K 14 33.96 -13.91 -43.29
CA ILE K 14 32.70 -14.46 -42.81
C ILE K 14 32.43 -15.71 -43.62
N ASP K 15 32.30 -16.85 -42.95
CA ASP K 15 32.01 -18.12 -43.61
C ASP K 15 33.05 -18.44 -44.68
N GLY K 16 34.31 -18.06 -44.40
CA GLY K 16 35.39 -18.26 -45.33
C GLY K 16 35.43 -17.29 -46.49
N VAL K 17 34.41 -16.45 -46.65
CA VAL K 17 34.39 -15.48 -47.72
C VAL K 17 35.23 -14.28 -47.32
N SER K 18 36.12 -13.86 -48.20
CA SER K 18 36.95 -12.70 -47.95
C SER K 18 36.23 -11.44 -48.40
N PHE K 19 36.20 -10.45 -47.52
CA PHE K 19 35.81 -9.08 -47.86
C PHE K 19 37.02 -8.19 -47.98
N ALA K 20 38.09 -8.72 -48.56
CA ALA K 20 39.25 -7.89 -48.85
C ALA K 20 38.84 -6.94 -49.96
N GLY K 21 38.35 -5.76 -49.57
CA GLY K 21 37.87 -4.79 -50.52
C GLY K 21 36.67 -3.97 -50.06
N ASP K 22 35.93 -4.41 -49.05
CA ASP K 22 34.75 -3.67 -48.59
C ASP K 22 34.55 -3.69 -47.07
N VAL K 23 35.56 -3.28 -46.30
CA VAL K 23 35.40 -3.12 -44.85
C VAL K 23 35.97 -1.77 -44.41
N PRO K 24 35.27 -0.67 -44.71
CA PRO K 24 35.78 0.65 -44.33
C PRO K 24 36.03 0.81 -42.84
N SER K 25 35.09 0.37 -42.02
CA SER K 25 35.22 0.42 -40.56
C SER K 25 35.10 -0.99 -40.02
N LEU K 26 36.05 -1.36 -39.19
CA LEU K 26 36.04 -2.62 -38.49
C LEU K 26 36.18 -2.35 -37.00
N THR K 27 35.36 -3.01 -36.20
CA THR K 27 35.34 -2.80 -34.75
C THR K 27 35.40 -4.13 -34.03
N LEU K 28 36.40 -4.29 -33.23
CA LEU K 28 36.52 -5.39 -32.30
C LEU K 28 35.61 -5.12 -31.10
N PRO K 29 34.91 -6.12 -30.56
CA PRO K 29 33.95 -5.82 -29.49
C PRO K 29 34.64 -5.30 -28.26
N LYS K 30 34.08 -4.23 -27.72
CA LYS K 30 34.60 -3.65 -26.49
C LYS K 30 34.49 -4.66 -25.37
N LEU K 31 35.49 -4.67 -24.51
CA LEU K 31 35.55 -5.55 -23.37
C LEU K 31 35.55 -4.73 -22.10
N ALA K 32 34.70 -5.15 -21.16
CA ALA K 32 34.59 -4.49 -19.88
C ALA K 32 34.16 -5.54 -18.87
N VAL K 33 34.26 -5.17 -17.61
CA VAL K 33 33.72 -5.96 -16.52
C VAL K 33 32.61 -5.15 -15.89
N LYS K 34 31.68 -5.85 -15.24
CA LYS K 34 30.59 -5.20 -14.54
C LYS K 34 31.08 -4.73 -13.17
N THR K 35 31.88 -3.66 -13.20
CA THR K 35 32.39 -3.14 -11.93
C THR K 35 31.24 -2.56 -11.13
N GLU K 36 31.08 -3.08 -9.94
CA GLU K 36 30.18 -2.52 -8.96
C GLU K 36 31.02 -1.73 -7.96
N GLN K 37 30.91 -0.41 -8.01
CA GLN K 37 31.63 0.43 -7.07
C GLN K 37 31.22 0.08 -5.66
N TYR K 38 32.16 -0.46 -4.90
CA TYR K 38 31.86 -1.06 -3.61
C TYR K 38 32.51 -0.24 -2.51
N ARG K 39 31.68 0.27 -1.62
CA ARG K 39 32.12 0.94 -0.41
C ARG K 39 31.43 0.31 0.78
N ALA K 40 32.21 0.02 1.81
CA ALA K 40 31.71 -0.62 3.02
C ALA K 40 32.21 0.16 4.22
N GLY K 41 31.91 -0.35 5.40
CA GLY K 41 32.41 0.27 6.61
C GLY K 41 33.90 0.06 6.75
N GLY K 42 34.57 1.06 7.32
CA GLY K 42 35.97 0.99 7.56
C GLY K 42 36.83 1.37 6.37
N MET K 43 36.23 1.76 5.25
CA MET K 43 36.96 2.19 4.08
C MET K 43 36.35 3.48 3.53
N ASP K 44 37.20 4.48 3.31
CA ASP K 44 36.74 5.77 2.86
C ASP K 44 36.32 5.74 1.39
N ALA K 45 37.18 5.22 0.52
CA ALA K 45 37.02 5.34 -0.91
C ALA K 45 36.48 4.03 -1.51
N PRO K 46 35.52 4.08 -2.43
CA PRO K 46 35.00 2.84 -3.00
C PRO K 46 36.02 2.12 -3.85
N VAL K 47 35.93 0.80 -3.83
CA VAL K 47 36.74 -0.08 -4.68
C VAL K 47 35.79 -0.81 -5.62
N SER K 48 36.17 -0.87 -6.89
CA SER K 48 35.42 -1.62 -7.87
C SER K 48 35.64 -3.12 -7.68
N ILE K 49 34.59 -3.90 -7.95
CA ILE K 49 34.64 -5.35 -7.84
C ILE K 49 34.28 -5.95 -9.20
N ASP K 50 35.05 -6.96 -9.60
CA ASP K 50 34.78 -7.68 -10.83
C ASP K 50 33.63 -8.65 -10.59
N MET K 51 32.47 -8.36 -11.18
CA MET K 51 31.27 -9.19 -11.06
C MET K 51 30.85 -9.79 -12.39
N GLY K 52 31.81 -9.99 -13.29
CA GLY K 52 31.55 -10.56 -14.60
C GLY K 52 31.73 -9.53 -15.70
N LEU K 53 31.56 -10.01 -16.93
CA LEU K 53 31.76 -9.17 -18.10
C LEU K 53 30.48 -8.49 -18.52
N GLU K 54 30.64 -7.41 -19.28
CA GLU K 54 29.53 -6.74 -19.92
C GLU K 54 29.14 -7.47 -21.19
N ALA K 55 28.05 -7.03 -21.80
CA ALA K 55 27.68 -7.55 -23.10
C ALA K 55 28.68 -7.10 -24.15
N MET K 56 29.08 -8.03 -25.00
CA MET K 56 29.95 -7.72 -26.12
C MET K 56 29.12 -7.27 -27.30
N GLU K 57 29.73 -6.45 -28.15
CA GLU K 57 29.10 -6.07 -29.41
C GLU K 57 30.19 -5.69 -30.38
N ALA K 58 30.28 -6.44 -31.47
CA ALA K 58 31.16 -6.10 -32.58
C ALA K 58 30.40 -5.28 -33.61
N LYS K 59 31.16 -4.66 -34.51
CA LYS K 59 30.58 -3.89 -35.59
C LYS K 59 31.52 -3.93 -36.78
N PHE K 60 30.92 -3.92 -37.97
CA PHE K 60 31.67 -3.83 -39.21
C PHE K 60 30.71 -3.35 -40.27
N SER K 61 31.25 -2.65 -41.26
CA SER K 61 30.43 -1.97 -42.25
C SER K 61 30.87 -2.33 -43.66
N THR K 62 29.93 -2.22 -44.59
CA THR K 62 30.15 -2.41 -46.01
C THR K 62 29.46 -1.29 -46.75
N ASN K 63 29.97 -1.00 -47.95
CA ASN K 63 29.39 0.02 -48.81
C ASN K 63 28.61 -0.55 -49.98
N GLY K 64 28.71 -1.85 -50.24
CA GLY K 64 27.95 -2.49 -51.29
C GLY K 64 27.03 -3.55 -50.75
N ALA K 65 26.07 -3.97 -51.57
CA ALA K 65 25.10 -4.98 -51.17
C ALA K 65 25.82 -6.33 -51.17
N ARG K 66 26.55 -6.56 -50.09
CA ARG K 66 27.31 -7.80 -49.94
C ARG K 66 26.35 -8.84 -49.42
N ARG K 67 25.78 -9.60 -50.36
CA ARG K 67 24.76 -10.58 -50.03
C ARG K 67 25.25 -11.58 -48.99
N GLU K 68 26.53 -11.89 -48.99
CA GLU K 68 27.13 -12.56 -47.86
C GLU K 68 27.25 -11.56 -46.71
N ALA K 69 26.69 -11.93 -45.57
CA ALA K 69 26.54 -11.14 -44.34
C ALA K 69 25.39 -10.15 -44.42
N LEU K 70 24.67 -10.05 -45.54
CA LEU K 70 23.29 -9.58 -45.51
C LEU K 70 22.33 -10.71 -45.24
N ASN K 71 22.71 -11.94 -45.60
CA ASN K 71 21.86 -13.10 -45.45
C ASN K 71 22.06 -13.83 -44.13
N PHE K 72 22.76 -13.21 -43.16
CA PHE K 72 22.94 -13.77 -41.83
C PHE K 72 22.21 -12.99 -40.75
N PHE K 73 21.38 -12.04 -41.12
CA PHE K 73 20.58 -11.30 -40.17
C PHE K 73 19.37 -12.12 -39.74
N GLY K 74 19.04 -12.03 -38.46
CA GLY K 74 17.76 -12.52 -38.01
C GLY K 74 17.55 -14.00 -38.22
N LEU K 75 18.62 -14.76 -38.33
CA LEU K 75 18.49 -16.19 -38.47
C LEU K 75 18.02 -16.78 -37.15
N ALA K 76 17.21 -17.83 -37.23
CA ALA K 76 16.78 -18.52 -36.03
C ALA K 76 17.96 -19.13 -35.30
N ASP K 77 18.93 -19.65 -36.06
CA ASP K 77 20.11 -20.28 -35.48
C ASP K 77 21.11 -19.20 -35.10
N GLN K 78 20.89 -18.63 -33.92
CA GLN K 78 21.91 -17.78 -33.32
C GLN K 78 23.20 -18.57 -33.16
N SER K 79 24.32 -17.83 -33.18
CA SER K 79 25.68 -18.34 -33.15
C SER K 79 26.08 -19.03 -34.46
N ALA K 80 25.22 -19.03 -35.48
CA ALA K 80 25.63 -19.46 -36.81
C ALA K 80 26.42 -18.38 -37.54
N PHE K 81 26.29 -17.12 -37.12
CA PHE K 81 27.10 -16.06 -37.68
C PHE K 81 28.52 -16.16 -37.14
N ASN K 82 29.39 -16.85 -37.86
CA ASN K 82 30.80 -16.86 -37.51
C ASN K 82 31.44 -15.55 -37.97
N GLY K 83 32.75 -15.45 -37.88
CA GLY K 83 33.44 -14.25 -38.29
C GLY K 83 34.85 -14.19 -37.78
N VAL K 84 35.72 -13.54 -38.55
CA VAL K 84 37.12 -13.36 -38.19
C VAL K 84 37.49 -11.92 -38.51
N PHE K 85 37.85 -11.16 -37.48
CA PHE K 85 38.39 -9.82 -37.64
C PHE K 85 39.90 -9.89 -37.65
N ARG K 86 40.50 -9.52 -38.78
CA ARG K 86 41.95 -9.52 -38.93
C ARG K 86 42.46 -8.08 -39.00
N GLY K 87 43.64 -7.86 -38.43
CA GLY K 87 44.29 -6.57 -38.46
C GLY K 87 45.79 -6.72 -38.50
N SER K 88 46.43 -6.00 -39.41
CA SER K 88 47.87 -6.07 -39.62
C SER K 88 48.52 -4.89 -38.93
N PHE K 89 49.15 -5.15 -37.78
CA PHE K 89 49.86 -4.13 -37.03
C PHE K 89 51.33 -4.19 -37.44
N LYS K 90 51.79 -3.13 -38.09
CA LYS K 90 53.19 -3.00 -38.50
C LYS K 90 53.90 -2.04 -37.55
N GLY K 91 55.06 -2.44 -37.07
CA GLY K 91 55.87 -1.60 -36.23
C GLY K 91 56.54 -0.51 -37.04
N GLN K 92 57.44 0.22 -36.36
CA GLN K 92 58.33 1.11 -37.09
C GLN K 92 59.20 0.30 -38.03
N LYS K 93 59.97 -0.63 -37.48
CA LYS K 93 60.82 -1.50 -38.28
C LYS K 93 59.97 -2.43 -39.12
N GLY K 94 60.63 -3.14 -40.03
CA GLY K 94 59.93 -4.00 -40.96
C GLY K 94 59.46 -5.29 -40.33
N ALA K 95 58.44 -5.18 -39.48
CA ALA K 95 57.83 -6.34 -38.83
C ALA K 95 56.33 -6.12 -38.75
N SER K 96 55.58 -7.22 -38.90
CA SER K 96 54.13 -7.17 -38.95
C SER K 96 53.58 -8.14 -37.93
N VAL K 97 52.62 -7.67 -37.13
CA VAL K 97 52.01 -8.44 -36.05
C VAL K 97 50.56 -8.71 -36.45
N PRO K 98 50.18 -9.96 -36.73
CA PRO K 98 48.77 -10.23 -37.01
C PRO K 98 47.94 -10.27 -35.73
N VAL K 99 46.77 -9.66 -35.80
CA VAL K 99 45.78 -9.70 -34.74
C VAL K 99 44.51 -10.29 -35.31
N VAL K 100 43.97 -11.29 -34.62
CA VAL K 100 42.83 -12.07 -35.09
C VAL K 100 41.82 -12.15 -33.96
N ALA K 101 40.57 -11.85 -34.27
CA ALA K 101 39.47 -11.99 -33.33
C ALA K 101 38.39 -12.83 -33.97
N THR K 102 38.43 -14.13 -33.70
CA THR K 102 37.35 -15.00 -34.09
C THR K 102 36.10 -14.63 -33.31
N LEU K 103 35.00 -14.45 -34.02
CA LEU K 103 33.71 -14.15 -33.43
C LEU K 103 32.69 -15.21 -33.83
N ARG K 104 31.65 -15.32 -33.01
CA ARG K 104 30.53 -16.19 -33.30
C ARG K 104 29.36 -15.72 -32.47
N GLY K 105 28.27 -15.39 -33.12
CA GLY K 105 27.13 -14.83 -32.42
C GLY K 105 25.96 -14.56 -33.33
N LEU K 106 25.37 -13.37 -33.18
CA LEU K 106 24.18 -12.97 -33.91
C LEU K 106 24.48 -11.70 -34.68
N LEU K 107 24.12 -11.67 -35.96
CA LEU K 107 24.12 -10.41 -36.68
C LEU K 107 22.92 -9.60 -36.17
N LYS K 108 23.18 -8.75 -35.18
CA LYS K 108 22.09 -8.12 -34.43
C LYS K 108 21.31 -7.15 -35.29
N GLU K 109 21.98 -6.40 -36.13
CA GLU K 109 21.42 -5.18 -36.69
C GLU K 109 21.99 -4.94 -38.08
N VAL K 110 21.14 -4.39 -38.94
CA VAL K 110 21.53 -3.94 -40.28
C VAL K 110 20.93 -2.56 -40.47
N ASP K 111 21.79 -1.56 -40.68
CA ASP K 111 21.40 -0.16 -40.67
C ASP K 111 21.96 0.53 -41.90
N PRO K 112 21.29 0.39 -43.04
CA PRO K 112 21.70 1.14 -44.23
C PRO K 112 21.59 2.63 -44.00
N GLY K 113 22.71 3.31 -44.18
CA GLY K 113 22.74 4.74 -43.99
C GLY K 113 21.94 5.47 -45.05
N ASP K 114 21.99 6.78 -44.97
CA ASP K 114 21.26 7.63 -45.91
C ASP K 114 21.87 7.50 -47.30
N TRP K 115 21.05 7.09 -48.26
CA TRP K 115 21.45 7.04 -49.66
C TRP K 115 21.26 8.42 -50.26
N LYS K 116 22.37 9.12 -50.50
CA LYS K 116 22.34 10.53 -50.87
C LYS K 116 22.67 10.79 -52.34
N ALA K 117 22.69 9.74 -53.18
CA ALA K 117 22.80 9.91 -54.62
C ALA K 117 24.11 10.60 -55.01
N GLY K 118 25.20 9.89 -54.76
CA GLY K 118 26.55 10.39 -54.99
C GLY K 118 27.39 10.36 -53.75
N GLU K 119 27.02 9.50 -52.81
CA GLU K 119 27.76 9.31 -51.57
C GLU K 119 27.72 7.83 -51.22
N LYS K 120 28.70 7.41 -50.43
CA LYS K 120 28.82 6.00 -50.09
C LYS K 120 27.58 5.51 -49.36
N ALA K 121 27.25 4.24 -49.56
CA ALA K 121 26.07 3.67 -48.94
C ALA K 121 26.27 3.51 -47.44
N GLU K 122 27.37 2.87 -47.06
CA GLU K 122 27.77 2.70 -45.66
C GLU K 122 26.70 1.93 -44.87
N PHE K 123 26.55 0.67 -45.24
CA PHE K 123 25.76 -0.26 -44.44
C PHE K 123 26.47 -0.49 -43.12
N LYS K 124 25.82 -0.11 -42.02
CA LYS K 124 26.31 -0.40 -40.69
C LYS K 124 25.66 -1.68 -40.20
N TYR K 125 26.48 -2.59 -39.69
CA TYR K 125 26.02 -3.79 -39.02
C TYR K 125 26.43 -3.73 -37.57
N ALA K 126 25.76 -4.54 -36.76
CA ALA K 126 26.18 -4.80 -35.39
C ALA K 126 25.99 -6.28 -35.12
N VAL K 127 26.91 -6.84 -34.34
CA VAL K 127 26.91 -8.26 -34.02
C VAL K 127 26.83 -8.39 -32.50
N ALA K 128 25.92 -9.23 -32.04
CA ALA K 128 25.88 -9.63 -30.64
C ALA K 128 26.69 -10.91 -30.48
N VAL K 129 27.78 -10.82 -29.74
CA VAL K 129 28.80 -11.86 -29.73
C VAL K 129 28.48 -12.88 -28.66
N SER K 130 28.53 -14.15 -29.03
CA SER K 130 28.41 -15.27 -28.11
C SER K 130 29.70 -16.07 -27.99
N TYR K 131 30.79 -15.62 -28.61
CA TYR K 131 32.08 -16.25 -28.46
C TYR K 131 33.14 -15.30 -28.98
N TYR K 132 34.24 -15.19 -28.25
CA TYR K 132 35.27 -14.20 -28.54
C TYR K 132 36.63 -14.79 -28.22
N LYS K 133 37.43 -15.03 -29.26
CA LYS K 133 38.83 -15.43 -29.11
C LYS K 133 39.68 -14.40 -29.82
N LEU K 134 40.50 -13.69 -29.06
CA LEU K 134 41.45 -12.74 -29.61
C LEU K 134 42.83 -13.36 -29.61
N GLU K 135 43.52 -13.27 -30.74
CA GLU K 135 44.86 -13.78 -30.90
C GLU K 135 45.76 -12.67 -31.42
N VAL K 136 46.98 -12.61 -30.89
CA VAL K 136 47.99 -11.65 -31.30
C VAL K 136 49.24 -12.45 -31.65
N ASP K 137 49.72 -12.28 -32.88
CA ASP K 137 50.95 -12.92 -33.32
C ASP K 137 50.86 -14.44 -33.19
N GLY K 138 49.68 -14.97 -33.50
CA GLY K 138 49.46 -16.40 -33.45
C GLY K 138 49.27 -16.97 -32.07
N ARG K 139 49.29 -16.15 -31.03
CA ARG K 139 49.16 -16.60 -29.65
C ARG K 139 47.82 -16.19 -29.08
N GLU K 140 47.20 -17.09 -28.33
CA GLU K 140 45.97 -16.78 -27.65
C GLU K 140 46.20 -15.70 -26.62
N VAL K 141 45.51 -14.59 -26.79
CA VAL K 141 45.40 -13.58 -25.74
C VAL K 141 44.18 -13.85 -24.87
N TYR K 142 42.98 -13.83 -25.46
CA TYR K 142 41.76 -14.17 -24.72
C TYR K 142 41.04 -15.35 -25.34
N GLU K 143 40.12 -15.91 -24.56
CA GLU K 143 39.01 -16.66 -25.11
C GLU K 143 37.86 -16.57 -24.13
N ILE K 144 36.80 -15.88 -24.52
CA ILE K 144 35.53 -15.96 -23.80
C ILE K 144 34.75 -17.10 -24.44
N ASP K 145 34.05 -17.87 -23.60
CA ASP K 145 32.90 -18.64 -24.02
C ASP K 145 31.85 -18.41 -22.93
N PRO K 146 30.88 -17.50 -23.14
CA PRO K 146 29.98 -17.16 -22.04
C PRO K 146 29.18 -18.34 -21.52
N VAL K 147 28.56 -19.09 -22.42
CA VAL K 147 27.59 -20.10 -22.03
C VAL K 147 28.27 -21.28 -21.36
N ASN K 148 29.53 -21.54 -21.69
CA ASN K 148 30.31 -22.58 -21.03
C ASN K 148 31.11 -22.06 -19.85
N GLY K 149 31.19 -20.76 -19.65
CA GLY K 149 31.88 -20.21 -18.50
C GLY K 149 33.38 -20.16 -18.65
N VAL K 150 33.88 -19.74 -19.82
CA VAL K 150 35.30 -19.61 -20.08
C VAL K 150 35.63 -18.13 -20.15
N ARG K 151 36.66 -17.72 -19.40
CA ARG K 151 37.28 -16.40 -19.54
C ARG K 151 38.77 -16.66 -19.40
N ALA K 152 39.43 -16.94 -20.52
CA ALA K 152 40.81 -17.38 -20.53
C ALA K 152 41.72 -16.20 -20.81
N ILE K 153 42.83 -16.12 -20.08
CA ILE K 153 43.90 -15.17 -20.33
C ILE K 153 45.16 -15.99 -20.60
N ASN K 154 45.68 -15.88 -21.81
CA ASN K 154 46.88 -16.61 -22.22
C ASN K 154 46.73 -18.11 -22.00
N GLY K 155 45.50 -18.62 -22.16
CA GLY K 155 45.22 -20.01 -21.93
C GLY K 155 44.84 -20.38 -20.51
N VAL K 156 44.76 -19.41 -19.60
CA VAL K 156 44.45 -19.64 -18.20
C VAL K 156 43.01 -19.22 -17.96
N ASP K 157 42.11 -20.18 -17.82
CA ASP K 157 40.72 -19.90 -17.51
C ASP K 157 40.63 -19.28 -16.12
N GLN K 158 40.33 -17.99 -16.07
CA GLN K 158 40.18 -17.31 -14.79
C GLN K 158 38.94 -17.75 -14.03
N LEU K 159 38.00 -18.40 -14.71
CA LEU K 159 36.73 -18.80 -14.12
C LEU K 159 36.73 -20.23 -13.60
N ALA K 160 37.89 -20.88 -13.53
CA ALA K 160 37.94 -22.27 -13.08
C ALA K 160 37.43 -22.40 -11.65
N GLY K 161 37.72 -21.41 -10.80
CA GLY K 161 37.21 -21.44 -9.44
C GLY K 161 35.70 -21.36 -9.40
N MET K 162 35.13 -20.51 -10.24
CA MET K 162 33.67 -20.41 -10.31
C MET K 162 33.06 -21.71 -10.81
N ARG K 163 33.69 -22.33 -11.80
CA ARG K 163 33.18 -23.60 -12.33
C ARG K 163 33.25 -24.70 -11.28
N ASN K 164 34.31 -24.69 -10.47
CA ASN K 164 34.37 -25.64 -9.36
C ASN K 164 33.30 -25.37 -8.33
N ASP K 165 33.09 -24.10 -7.99
CA ASP K 165 32.12 -23.74 -6.97
C ASP K 165 30.71 -24.11 -7.40
N LEU K 166 30.38 -23.87 -8.66
CA LEU K 166 29.05 -24.15 -9.19
C LEU K 166 28.90 -25.56 -9.73
N GLY K 167 29.99 -26.33 -9.81
CA GLY K 167 29.91 -27.67 -10.35
C GLY K 167 29.49 -27.65 -11.80
N LEU K 168 30.27 -26.97 -12.64
CA LEU K 168 29.91 -26.67 -14.02
C LEU K 168 28.66 -25.78 -14.05
N MET L 2 35.17 -9.27 -52.65
CA MET L 2 36.48 -8.73 -52.98
C MET L 2 36.45 -7.89 -54.24
N ILE L 3 35.70 -6.79 -54.20
CA ILE L 3 35.77 -5.81 -55.27
C ILE L 3 35.22 -4.49 -54.73
N PRO L 4 35.82 -3.33 -55.02
CA PRO L 4 35.21 -2.07 -54.60
C PRO L 4 33.85 -1.88 -55.25
N GLN L 5 32.94 -1.28 -54.50
CA GLN L 5 31.57 -1.12 -54.93
C GLN L 5 30.85 -0.23 -53.95
N THR L 6 29.93 0.58 -54.45
CA THR L 6 29.13 1.45 -53.59
C THR L 6 28.00 2.04 -54.40
N LEU L 7 27.22 2.88 -53.73
CA LEU L 7 26.11 3.57 -54.37
C LEU L 7 26.60 4.67 -55.28
N THR L 8 25.94 4.83 -56.41
CA THR L 8 26.21 5.88 -57.36
C THR L 8 25.00 6.73 -57.67
N ASN L 9 23.80 6.13 -57.63
CA ASN L 9 22.59 6.85 -57.97
C ASN L 9 21.41 6.05 -57.47
N THR L 10 20.27 6.73 -57.35
CA THR L 10 19.10 6.15 -56.70
C THR L 10 17.85 6.59 -57.46
N ASN L 11 16.70 6.13 -57.00
CA ASN L 11 15.40 6.54 -57.52
C ASN L 11 14.33 5.97 -56.60
N LEU L 12 13.15 6.60 -56.65
CA LEU L 12 12.02 6.24 -55.81
C LEU L 12 10.77 6.09 -56.66
N PHE L 13 10.03 5.02 -56.42
CA PHE L 13 8.71 4.85 -57.00
C PHE L 13 7.67 4.79 -55.89
N ILE L 14 6.57 5.49 -56.10
CA ILE L 14 5.40 5.41 -55.25
C ILE L 14 4.19 5.35 -56.17
N ASP L 15 3.40 4.28 -56.06
CA ASP L 15 2.19 4.11 -56.86
C ASP L 15 2.52 4.16 -58.35
N GLY L 16 3.68 3.64 -58.72
CA GLY L 16 4.14 3.65 -60.09
C GLY L 16 4.67 4.98 -60.57
N VAL L 17 4.54 6.04 -59.78
CA VAL L 17 5.04 7.35 -60.17
C VAL L 17 6.53 7.40 -59.89
N SER L 18 7.31 7.84 -60.87
CA SER L 18 8.75 7.97 -60.70
C SER L 18 9.07 9.34 -60.14
N PHE L 19 9.89 9.35 -59.09
CA PHE L 19 10.53 10.55 -58.59
C PHE L 19 11.98 10.61 -59.02
N ALA L 20 12.25 10.20 -60.26
CA ALA L 20 13.58 10.37 -60.81
C ALA L 20 13.80 11.86 -61.00
N GLY L 21 14.36 12.51 -59.99
CA GLY L 21 14.57 13.93 -60.03
C GLY L 21 14.40 14.65 -58.70
N ASP L 22 13.75 14.05 -57.71
CA ASP L 22 13.54 14.70 -56.41
C ASP L 22 13.62 13.76 -55.21
N VAL L 23 14.73 13.04 -55.07
CA VAL L 23 14.96 12.23 -53.87
C VAL L 23 16.37 12.48 -53.34
N PRO L 24 16.62 13.64 -52.74
CA PRO L 24 17.98 13.93 -52.23
C PRO L 24 18.50 12.91 -51.23
N SER L 25 17.67 12.53 -50.27
CA SER L 25 18.03 11.53 -49.28
C SER L 25 17.03 10.39 -49.36
N LEU L 26 17.56 9.18 -49.44
CA LEU L 26 16.76 7.98 -49.42
C LEU L 26 17.29 7.07 -48.32
N THR L 27 16.39 6.52 -47.52
CA THR L 27 16.75 5.69 -46.38
C THR L 27 15.97 4.39 -46.41
N LEU L 28 16.66 3.30 -46.47
CA LEU L 28 16.12 1.98 -46.28
C LEU L 28 15.88 1.74 -44.79
N PRO L 29 14.77 1.11 -44.39
CA PRO L 29 14.49 1.00 -42.96
C PRO L 29 15.54 0.17 -42.25
N LYS L 30 16.00 0.69 -41.12
CA LYS L 30 16.95 -0.02 -40.31
C LYS L 30 16.34 -1.32 -39.83
N LEU L 31 17.17 -2.36 -39.77
CA LEU L 31 16.76 -3.67 -39.32
C LEU L 31 17.54 -4.04 -38.09
N ALA L 32 16.82 -4.53 -37.08
CA ALA L 32 17.41 -4.95 -35.84
C ALA L 32 16.53 -6.05 -35.27
N VAL L 33 17.07 -6.73 -34.26
CA VAL L 33 16.30 -7.68 -33.48
C VAL L 33 16.22 -7.12 -32.07
N LYS L 34 15.19 -7.55 -31.35
CA LYS L 34 15.01 -7.13 -29.96
C LYS L 34 15.89 -7.99 -29.07
N THR L 35 17.20 -7.72 -29.13
CA THR L 35 18.13 -8.48 -28.30
C THR L 35 17.87 -8.16 -26.84
N GLU L 36 17.58 -9.19 -26.09
CA GLU L 36 17.52 -9.12 -24.64
C GLU L 36 18.81 -9.70 -24.10
N GLN L 37 19.66 -8.84 -23.56
CA GLN L 37 20.91 -9.30 -22.96
C GLN L 37 20.60 -10.26 -21.84
N TYR L 38 20.98 -11.51 -22.03
CA TYR L 38 20.56 -12.60 -21.16
C TYR L 38 21.76 -13.15 -20.41
N ARG L 39 21.69 -13.08 -19.10
CA ARG L 39 22.67 -13.70 -18.21
C ARG L 39 21.93 -14.55 -17.20
N ALA L 40 22.42 -15.76 -17.01
CA ALA L 40 21.82 -16.72 -16.10
C ALA L 40 22.91 -17.29 -15.22
N GLY L 41 22.54 -18.25 -14.38
CA GLY L 41 23.51 -18.91 -13.56
C GLY L 41 24.41 -19.81 -14.37
N GLY L 42 25.66 -19.90 -13.96
CA GLY L 42 26.62 -20.74 -14.60
C GLY L 42 27.28 -20.11 -15.82
N MET L 43 26.97 -18.86 -16.12
CA MET L 43 27.59 -18.16 -17.23
C MET L 43 28.00 -16.76 -16.78
N ASP L 44 29.25 -16.41 -17.04
CA ASP L 44 29.79 -15.12 -16.59
C ASP L 44 29.24 -13.97 -17.43
N ALA L 45 29.32 -14.09 -18.76
CA ALA L 45 29.06 -12.99 -19.66
C ALA L 45 27.68 -13.10 -20.29
N PRO L 46 26.91 -12.02 -20.39
CA PRO L 46 25.58 -12.13 -20.99
C PRO L 46 25.63 -12.45 -22.47
N VAL L 47 24.64 -13.21 -22.92
CA VAL L 47 24.44 -13.52 -24.33
C VAL L 47 23.11 -12.89 -24.76
N SER L 48 23.13 -12.24 -25.91
CA SER L 48 21.93 -11.69 -26.50
C SER L 48 21.05 -12.79 -27.05
N ILE L 49 19.73 -12.60 -26.96
CA ILE L 49 18.75 -13.55 -27.48
C ILE L 49 17.87 -12.84 -28.48
N ASP L 50 17.61 -13.50 -29.60
CA ASP L 50 16.72 -12.97 -30.62
C ASP L 50 15.27 -13.19 -30.18
N MET L 51 14.59 -12.10 -29.82
CA MET L 51 13.20 -12.13 -29.38
C MET L 51 12.28 -11.39 -30.34
N GLY L 52 12.64 -11.34 -31.62
CA GLY L 52 11.86 -10.69 -32.64
C GLY L 52 12.53 -9.42 -33.13
N LEU L 53 11.89 -8.81 -34.12
CA LEU L 53 12.43 -7.62 -34.76
C LEU L 53 11.97 -6.36 -34.06
N GLU L 54 12.72 -5.28 -34.29
CA GLU L 54 12.34 -3.96 -33.86
C GLU L 54 11.35 -3.37 -34.85
N ALA L 55 10.81 -2.21 -34.50
CA ALA L 55 9.98 -1.47 -35.43
C ALA L 55 10.82 -0.96 -36.58
N MET L 56 10.30 -1.10 -37.78
CA MET L 56 10.94 -0.57 -38.98
C MET L 56 10.50 0.86 -39.18
N GLU L 57 11.37 1.64 -39.82
CA GLU L 57 11.01 2.99 -40.23
C GLU L 57 11.86 3.38 -41.41
N ALA L 58 11.22 3.62 -42.55
CA ALA L 58 11.88 4.17 -43.72
C ALA L 58 11.79 5.68 -43.71
N LYS L 59 12.60 6.31 -44.56
CA LYS L 59 12.57 7.75 -44.70
C LYS L 59 13.00 8.10 -46.12
N PHE L 60 12.41 9.16 -46.64
CA PHE L 60 12.79 9.72 -47.92
C PHE L 60 12.30 11.15 -47.97
N SER L 61 13.02 11.99 -48.71
CA SER L 61 12.79 13.41 -48.70
C SER L 61 12.60 13.95 -50.12
N THR L 62 11.89 15.05 -50.20
CA THR L 62 11.68 15.80 -51.44
C THR L 62 11.88 17.26 -51.16
N ASN L 63 12.24 18.01 -52.19
CA ASN L 63 12.43 19.45 -52.08
C ASN L 63 11.31 20.25 -52.71
N GLY L 64 10.41 19.62 -53.46
CA GLY L 64 9.27 20.29 -54.04
C GLY L 64 7.96 19.72 -53.54
N ALA L 65 6.88 20.46 -53.75
CA ALA L 65 5.56 20.03 -53.30
C ALA L 65 5.10 18.92 -54.23
N ARG L 66 5.61 17.71 -53.96
CA ARG L 66 5.28 16.55 -54.76
C ARG L 66 3.96 16.03 -54.25
N ARG L 67 2.89 16.46 -54.89
CA ARG L 67 1.54 16.12 -54.46
C ARG L 67 1.33 14.62 -54.37
N GLU L 68 1.99 13.85 -55.23
CA GLU L 68 2.11 12.42 -55.00
C GLU L 68 3.08 12.19 -53.86
N ALA L 69 2.61 11.47 -52.85
CA ALA L 69 3.26 11.17 -51.57
C ALA L 69 3.17 12.33 -50.59
N LEU L 70 2.57 13.46 -50.95
CA LEU L 70 1.96 14.35 -49.96
C LEU L 70 0.53 13.94 -49.66
N ASN L 71 -0.12 13.28 -50.61
CA ASN L 71 -1.51 12.88 -50.47
C ASN L 71 -1.68 11.47 -49.91
N PHE L 72 -0.61 10.88 -49.37
CA PHE L 72 -0.67 9.57 -48.72
C PHE L 72 -0.44 9.63 -47.22
N PHE L 73 -0.40 10.82 -46.64
CA PHE L 73 -0.28 10.98 -45.21
C PHE L 73 -1.62 10.75 -44.53
N GLY L 74 -1.57 10.10 -43.38
CA GLY L 74 -2.73 10.09 -42.51
C GLY L 74 -3.96 9.46 -43.12
N LEU L 75 -3.78 8.60 -44.11
CA LEU L 75 -4.91 7.91 -44.69
C LEU L 75 -5.43 6.88 -43.69
N ALA L 76 -6.75 6.69 -43.71
CA ALA L 76 -7.34 5.67 -42.86
C ALA L 76 -6.86 4.29 -43.25
N ASP L 77 -6.67 4.05 -44.54
CA ASP L 77 -6.21 2.76 -45.04
C ASP L 77 -4.70 2.70 -44.91
N GLN L 78 -4.26 2.33 -43.70
CA GLN L 78 -2.87 1.98 -43.52
C GLN L 78 -2.51 0.82 -44.44
N SER L 79 -1.23 0.76 -44.82
CA SER L 79 -0.65 -0.17 -45.77
C SER L 79 -1.07 0.11 -47.21
N ALA L 80 -1.82 1.19 -47.46
CA ALA L 80 -2.05 1.64 -48.82
C ALA L 80 -0.86 2.41 -49.37
N PHE L 81 0.00 2.93 -48.51
CA PHE L 81 1.23 3.55 -48.97
C PHE L 81 2.21 2.49 -49.43
N ASN L 82 2.21 2.18 -50.71
CA ASN L 82 3.23 1.30 -51.26
C ASN L 82 4.52 2.10 -51.45
N GLY L 83 5.50 1.49 -52.10
CA GLY L 83 6.77 2.16 -52.31
C GLY L 83 7.86 1.22 -52.73
N VAL L 84 8.79 1.73 -53.53
CA VAL L 84 9.94 0.96 -53.99
C VAL L 84 11.16 1.85 -53.88
N PHE L 85 12.11 1.46 -53.04
CA PHE L 85 13.40 2.11 -52.94
C PHE L 85 14.39 1.38 -53.84
N ARG L 86 14.89 2.08 -54.85
CA ARG L 86 15.88 1.54 -55.78
C ARG L 86 17.22 2.20 -55.57
N GLY L 87 18.28 1.41 -55.74
CA GLY L 87 19.63 1.90 -55.63
C GLY L 87 20.55 1.15 -56.57
N SER L 88 21.36 1.90 -57.32
CA SER L 88 22.27 1.35 -58.32
C SER L 88 23.66 1.28 -57.73
N PHE L 89 24.09 0.09 -57.36
CA PHE L 89 25.43 -0.15 -56.82
C PHE L 89 26.32 -0.57 -57.97
N LYS L 90 27.29 0.29 -58.29
CA LYS L 90 28.27 0.01 -59.33
C LYS L 90 29.59 -0.39 -58.68
N GLY L 91 30.18 -1.48 -59.15
CA GLY L 91 31.47 -1.91 -58.68
C GLY L 91 32.58 -1.03 -59.22
N GLN L 92 33.81 -1.45 -58.95
CA GLN L 92 34.94 -0.84 -59.65
C GLN L 92 34.81 -1.09 -61.14
N LYS L 93 34.78 -2.36 -61.54
CA LYS L 93 34.62 -2.71 -62.93
C LYS L 93 33.23 -2.31 -63.42
N GLY L 94 33.05 -2.42 -64.73
CA GLY L 94 31.81 -1.98 -65.34
C GLY L 94 30.67 -2.94 -65.12
N ALA L 95 30.18 -2.99 -63.88
CA ALA L 95 29.05 -3.83 -63.52
C ALA L 95 28.18 -3.08 -62.52
N SER L 96 26.86 -3.29 -62.63
CA SER L 96 25.89 -2.58 -61.81
C SER L 96 24.98 -3.58 -61.14
N VAL L 97 24.79 -3.41 -59.83
CA VAL L 97 24.00 -4.31 -59.00
C VAL L 97 22.74 -3.54 -58.58
N PRO L 98 21.56 -3.91 -59.04
CA PRO L 98 20.35 -3.25 -58.55
C PRO L 98 19.96 -3.76 -57.17
N VAL L 99 19.58 -2.82 -56.31
CA VAL L 99 19.04 -3.11 -54.99
C VAL L 99 17.65 -2.50 -54.92
N VAL L 100 16.68 -3.31 -54.50
CA VAL L 100 15.27 -2.93 -54.49
C VAL L 100 14.70 -3.29 -53.14
N ALA L 101 14.01 -2.34 -52.53
CA ALA L 101 13.30 -2.54 -51.28
C ALA L 101 11.85 -2.13 -51.45
N THR L 102 11.02 -3.09 -51.78
CA THR L 102 9.58 -2.86 -51.79
C THR L 102 9.12 -2.59 -50.36
N LEU L 103 8.37 -1.51 -50.19
CA LEU L 103 7.79 -1.15 -48.91
C LEU L 103 6.28 -1.05 -49.03
N ARG L 104 5.62 -1.20 -47.89
CA ARG L 104 4.19 -1.01 -47.81
C ARG L 104 3.85 -0.75 -46.34
N GLY L 105 3.23 0.38 -46.06
CA GLY L 105 2.95 0.75 -44.70
C GLY L 105 2.20 2.04 -44.59
N LEU L 106 2.66 2.91 -43.68
CA LEU L 106 2.01 4.18 -43.37
C LEU L 106 2.99 5.30 -43.61
N LEU L 107 2.56 6.34 -44.32
CA LEU L 107 3.35 7.56 -44.35
C LEU L 107 3.18 8.23 -42.99
N LYS L 108 4.11 7.96 -42.09
CA LYS L 108 3.93 8.32 -40.68
C LYS L 108 3.95 9.82 -40.47
N GLU L 109 4.81 10.52 -41.19
CA GLU L 109 5.19 11.88 -40.79
C GLU L 109 5.54 12.69 -42.02
N VAL L 110 5.21 13.96 -41.96
CA VAL L 110 5.58 14.95 -42.97
C VAL L 110 6.12 16.16 -42.23
N ASP L 111 7.38 16.50 -42.49
CA ASP L 111 8.11 17.50 -41.70
C ASP L 111 8.79 18.47 -42.66
N PRO L 112 8.05 19.46 -43.15
CA PRO L 112 8.66 20.51 -43.96
C PRO L 112 9.69 21.29 -43.16
N GLY L 113 10.92 21.30 -43.65
CA GLY L 113 11.98 22.00 -42.97
C GLY L 113 11.77 23.51 -43.01
N ASP L 114 12.75 24.20 -42.47
CA ASP L 114 12.70 25.65 -42.42
C ASP L 114 12.81 26.24 -43.81
N TRP L 115 11.80 27.01 -44.20
CA TRP L 115 11.82 27.74 -45.46
C TRP L 115 12.58 29.04 -45.25
N LYS L 116 13.80 29.11 -45.78
CA LYS L 116 14.72 30.20 -45.49
C LYS L 116 14.89 31.19 -46.65
N ALA L 117 14.03 31.12 -47.66
CA ALA L 117 13.98 32.15 -48.72
C ALA L 117 15.32 32.21 -49.47
N GLY L 118 15.60 31.13 -50.19
CA GLY L 118 16.84 30.98 -50.92
C GLY L 118 17.60 29.74 -50.52
N GLU L 119 16.89 28.78 -49.95
CA GLU L 119 17.45 27.51 -49.55
C GLU L 119 16.43 26.42 -49.85
N LYS L 120 16.94 25.19 -50.00
CA LYS L 120 16.07 24.09 -50.37
C LYS L 120 14.99 23.87 -49.32
N ALA L 121 13.83 23.40 -49.78
CA ALA L 121 12.72 23.19 -48.87
C ALA L 121 12.98 21.99 -47.96
N GLU L 122 13.33 20.86 -48.57
CA GLU L 122 13.72 19.65 -47.84
C GLU L 122 12.57 19.14 -46.96
N PHE L 123 11.51 18.73 -47.64
CA PHE L 123 10.43 18.00 -46.97
C PHE L 123 10.97 16.65 -46.50
N LYS L 124 10.97 16.44 -45.19
CA LYS L 124 11.31 15.14 -44.62
C LYS L 124 10.03 14.36 -44.40
N TYR L 125 10.03 13.11 -44.83
CA TYR L 125 8.97 12.17 -44.56
C TYR L 125 9.52 11.04 -43.72
N ALA L 126 8.62 10.33 -43.06
CA ALA L 126 8.94 9.07 -42.42
C ALA L 126 7.80 8.10 -42.69
N VAL L 127 8.16 6.83 -42.86
CA VAL L 127 7.21 5.78 -43.18
C VAL L 127 7.31 4.72 -42.08
N ALA L 128 6.16 4.32 -41.56
CA ALA L 128 6.07 3.17 -40.68
C ALA L 128 5.74 1.95 -41.52
N VAL L 129 6.67 1.01 -41.57
CA VAL L 129 6.64 -0.07 -42.55
C VAL L 129 5.86 -1.23 -41.97
N SER L 130 4.94 -1.76 -42.78
CA SER L 130 4.21 -2.98 -42.48
C SER L 130 4.55 -4.12 -43.43
N TYR L 131 5.52 -3.93 -44.32
CA TYR L 131 5.98 -4.99 -45.19
C TYR L 131 7.29 -4.55 -45.81
N TYR L 132 8.25 -5.47 -45.86
CA TYR L 132 9.61 -5.16 -46.27
C TYR L 132 10.18 -6.34 -47.04
N LYS L 133 10.39 -6.14 -48.34
CA LYS L 133 11.09 -7.11 -49.19
C LYS L 133 12.29 -6.42 -49.80
N LEU L 134 13.48 -6.88 -49.42
CA LEU L 134 14.73 -6.38 -49.99
C LEU L 134 15.22 -7.38 -51.03
N GLU L 135 15.59 -6.87 -52.20
CA GLU L 135 16.12 -7.68 -53.28
C GLU L 135 17.45 -7.07 -53.73
N VAL L 136 18.40 -7.94 -54.02
CA VAL L 136 19.72 -7.56 -54.52
C VAL L 136 19.96 -8.36 -55.79
N ASP L 137 20.20 -7.65 -56.90
CA ASP L 137 20.53 -8.30 -58.16
C ASP L 137 19.41 -9.23 -58.61
N GLY L 138 18.18 -8.81 -58.37
CA GLY L 138 17.01 -9.58 -58.76
C GLY L 138 16.70 -10.76 -57.88
N ARG L 139 17.47 -10.99 -56.81
CA ARG L 139 17.28 -12.11 -55.91
C ARG L 139 16.74 -11.64 -54.58
N GLU L 140 15.78 -12.40 -54.04
CA GLU L 140 15.27 -12.11 -52.72
C GLU L 140 16.37 -12.27 -51.69
N VAL L 141 16.65 -11.19 -50.97
CA VAL L 141 17.45 -11.25 -49.77
C VAL L 141 16.56 -11.45 -48.55
N TYR L 142 15.65 -10.49 -48.28
CA TYR L 142 14.69 -10.64 -47.19
C TYR L 142 13.27 -10.59 -47.68
N GLU L 143 12.36 -11.02 -46.81
CA GLU L 143 10.98 -10.60 -46.87
C GLU L 143 10.41 -10.68 -45.47
N ILE L 144 10.11 -9.53 -44.88
CA ILE L 144 9.29 -9.49 -43.67
C ILE L 144 7.85 -9.38 -44.12
N ASP L 145 6.97 -10.09 -43.42
CA ASP L 145 5.55 -9.74 -43.37
C ASP L 145 5.17 -9.86 -41.90
N PRO L 146 5.12 -8.75 -41.15
CA PRO L 146 4.91 -8.87 -39.70
C PRO L 146 3.62 -9.55 -39.32
N VAL L 147 2.51 -9.11 -39.92
CA VAL L 147 1.19 -9.53 -39.48
C VAL L 147 0.93 -10.98 -39.84
N ASN L 148 1.56 -11.48 -40.89
CA ASN L 148 1.46 -12.88 -41.26
C ASN L 148 2.56 -13.74 -40.66
N GLY L 149 3.58 -13.14 -40.06
CA GLY L 149 4.62 -13.90 -39.40
C GLY L 149 5.67 -14.45 -40.34
N VAL L 150 6.12 -13.65 -41.31
CA VAL L 150 7.15 -14.03 -42.25
C VAL L 150 8.41 -13.26 -41.92
N ARG L 151 9.52 -13.99 -41.81
CA ARG L 151 10.86 -13.40 -41.75
C ARG L 151 11.73 -14.33 -42.60
N ALA L 152 11.80 -14.03 -43.89
CA ALA L 152 12.44 -14.91 -44.85
C ALA L 152 13.86 -14.44 -45.12
N ILE L 153 14.79 -15.38 -45.19
CA ILE L 153 16.16 -15.14 -45.61
C ILE L 153 16.40 -16.01 -46.84
N ASN L 154 16.65 -15.37 -47.98
CA ASN L 154 16.89 -16.07 -49.24
C ASN L 154 15.75 -17.03 -49.58
N GLY L 155 14.53 -16.67 -49.19
CA GLY L 155 13.38 -17.51 -49.40
C GLY L 155 13.09 -18.52 -48.30
N VAL L 156 13.86 -18.52 -47.22
CA VAL L 156 13.70 -19.45 -46.12
C VAL L 156 13.06 -18.71 -44.96
N ASP L 157 11.78 -18.97 -44.72
CA ASP L 157 11.07 -18.37 -43.59
C ASP L 157 11.66 -18.90 -42.30
N GLN L 158 12.39 -18.05 -41.58
CA GLN L 158 12.97 -18.44 -40.31
C GLN L 158 11.92 -18.65 -39.23
N LEU L 159 10.71 -18.14 -39.44
CA LEU L 159 9.65 -18.20 -38.43
C LEU L 159 8.71 -19.38 -38.62
N ALA L 160 9.06 -20.34 -39.48
CA ALA L 160 8.18 -21.48 -39.72
C ALA L 160 7.97 -22.29 -38.45
N GLY L 161 9.00 -22.40 -37.61
CA GLY L 161 8.86 -23.11 -36.35
C GLY L 161 7.88 -22.41 -35.43
N MET L 162 7.95 -21.08 -35.38
CA MET L 162 7.01 -20.32 -34.57
C MET L 162 5.59 -20.48 -35.08
N ARG L 163 5.42 -20.46 -36.40
CA ARG L 163 4.10 -20.62 -36.98
C ARG L 163 3.53 -22.00 -36.69
N ASN L 164 4.38 -23.01 -36.70
CA ASN L 164 3.93 -24.35 -36.31
C ASN L 164 3.56 -24.40 -34.84
N ASP L 165 4.37 -23.78 -33.98
CA ASP L 165 4.12 -23.81 -32.55
C ASP L 165 2.81 -23.10 -32.21
N LEU L 166 2.56 -21.96 -32.84
CA LEU L 166 1.37 -21.18 -32.57
C LEU L 166 0.18 -21.58 -33.43
N GLY L 167 0.37 -22.48 -34.40
CA GLY L 167 -0.72 -22.86 -35.27
C GLY L 167 -1.23 -21.69 -36.08
N LEU L 168 -0.35 -21.08 -36.87
CA LEU L 168 -0.61 -19.81 -37.54
C LEU L 168 -0.83 -18.71 -36.51
N MET M 2 -23.28 -35.56 -7.87
CA MET M 2 -21.92 -35.29 -8.34
C MET M 2 -21.88 -34.16 -9.35
N ILE M 3 -22.27 -32.96 -8.92
CA ILE M 3 -22.06 -31.78 -9.74
C ILE M 3 -22.13 -30.55 -8.82
N PRO M 4 -21.27 -29.55 -8.97
CA PRO M 4 -21.43 -28.33 -8.18
C PRO M 4 -22.75 -27.65 -8.47
N GLN M 5 -23.34 -27.06 -7.43
CA GLN M 5 -24.65 -26.46 -7.54
C GLN M 5 -24.95 -25.72 -6.26
N THR M 6 -25.66 -24.60 -6.38
CA THR M 6 -26.05 -23.83 -5.21
C THR M 6 -27.06 -22.78 -5.63
N LEU M 7 -27.46 -21.98 -4.65
CA LEU M 7 -28.42 -20.91 -4.88
C LEU M 7 -27.75 -19.75 -5.60
N THR M 8 -28.48 -19.16 -6.52
CA THR M 8 -28.05 -17.98 -7.25
C THR M 8 -29.00 -16.81 -7.12
N ASN M 9 -30.29 -17.08 -6.96
CA ASN M 9 -31.28 -16.02 -6.90
C ASN M 9 -32.58 -16.62 -6.35
N THR M 10 -33.44 -15.74 -5.86
CA THR M 10 -34.63 -16.16 -5.14
C THR M 10 -35.79 -15.24 -5.51
N ASN M 11 -36.95 -15.52 -4.94
CA ASN M 11 -38.13 -14.67 -5.08
C ASN M 11 -39.20 -15.18 -4.12
N LEU M 12 -40.13 -14.29 -3.79
CA LEU M 12 -41.20 -14.58 -2.84
C LEU M 12 -42.53 -14.19 -3.44
N PHE M 13 -43.52 -15.06 -3.30
CA PHE M 13 -44.90 -14.75 -3.62
C PHE M 13 -45.74 -14.85 -2.36
N ILE M 14 -46.62 -13.86 -2.19
CA ILE M 14 -47.64 -13.88 -1.16
C ILE M 14 -48.93 -13.40 -1.81
N ASP M 15 -49.97 -14.23 -1.78
CA ASP M 15 -51.27 -13.88 -2.34
C ASP M 15 -51.15 -13.51 -3.81
N GLY M 16 -50.24 -14.19 -4.51
CA GLY M 16 -49.99 -13.93 -5.91
C GLY M 16 -49.17 -12.69 -6.19
N VAL M 17 -48.87 -11.88 -5.18
CA VAL M 17 -48.08 -10.68 -5.35
C VAL M 17 -46.61 -11.07 -5.38
N SER M 18 -45.88 -10.60 -6.37
CA SER M 18 -44.46 -10.86 -6.48
C SER M 18 -43.69 -9.81 -5.70
N PHE M 19 -42.76 -10.29 -4.87
CA PHE M 19 -41.74 -9.45 -4.25
C PHE M 19 -40.40 -9.64 -4.94
N ALA M 20 -40.43 -9.76 -6.26
CA ALA M 20 -39.20 -9.79 -7.02
C ALA M 20 -38.59 -8.40 -6.92
N GLY M 21 -37.73 -8.20 -5.93
CA GLY M 21 -37.13 -6.90 -5.68
C GLY M 21 -36.91 -6.55 -4.23
N ASP M 22 -37.57 -7.22 -3.28
CA ASP M 22 -37.41 -6.90 -1.86
C ASP M 22 -37.44 -8.12 -0.94
N VAL M 23 -36.58 -9.10 -1.17
CA VAL M 23 -36.43 -10.23 -0.25
C VAL M 23 -34.95 -10.49 0.02
N PRO M 24 -34.29 -9.63 0.79
CA PRO M 24 -32.86 -9.83 1.07
C PRO M 24 -32.53 -11.16 1.69
N SER M 25 -33.29 -11.58 2.69
CA SER M 25 -33.11 -12.85 3.35
C SER M 25 -34.39 -13.66 3.22
N LEU M 26 -34.25 -14.89 2.77
CA LEU M 26 -35.35 -15.82 2.68
C LEU M 26 -34.96 -17.09 3.44
N THR M 27 -35.87 -17.60 4.26
CA THR M 27 -35.61 -18.76 5.09
C THR M 27 -36.74 -19.78 4.94
N LEU M 28 -36.39 -20.95 4.51
CA LEU M 28 -37.26 -22.09 4.50
C LEU M 28 -37.36 -22.66 5.92
N PRO M 29 -38.54 -23.08 6.38
CA PRO M 29 -38.65 -23.49 7.79
C PRO M 29 -37.80 -24.71 8.06
N LYS M 30 -37.06 -24.63 9.17
CA LYS M 30 -36.25 -25.75 9.59
C LYS M 30 -37.13 -26.95 9.89
N LEU M 31 -36.65 -28.12 9.55
CA LEU M 31 -37.35 -29.37 9.77
C LEU M 31 -36.55 -30.23 10.72
N ALA M 32 -37.25 -30.78 11.71
CA ALA M 32 -36.64 -31.65 12.69
C ALA M 32 -37.72 -32.60 13.16
N VAL M 33 -37.27 -33.64 13.87
CA VAL M 33 -38.16 -34.54 14.56
C VAL M 33 -37.89 -34.38 16.04
N LYS M 34 -38.90 -34.71 16.85
CA LYS M 34 -38.77 -34.66 18.30
C LYS M 34 -38.05 -35.91 18.78
N THR M 35 -36.74 -35.96 18.53
CA THR M 35 -35.98 -37.12 18.96
C THR M 35 -35.94 -37.14 20.48
N GLU M 36 -36.40 -38.24 21.02
CA GLU M 36 -36.25 -38.54 22.44
C GLU M 36 -35.11 -39.55 22.57
N GLN M 37 -33.99 -39.09 23.10
CA GLN M 37 -32.85 -39.99 23.32
C GLN M 37 -33.28 -41.10 24.24
N TYR M 38 -33.30 -42.32 23.71
CA TYR M 38 -33.90 -43.46 24.39
C TYR M 38 -32.81 -44.46 24.74
N ARG M 39 -32.68 -44.72 26.03
CA ARG M 39 -31.81 -45.78 26.55
C ARG M 39 -32.63 -46.65 27.46
N ALA M 40 -32.49 -47.96 27.29
CA ALA M 40 -33.20 -48.95 28.06
C ALA M 40 -32.22 -49.98 28.57
N GLY M 41 -32.75 -51.01 29.22
CA GLY M 41 -31.90 -52.09 29.67
C GLY M 41 -31.42 -52.93 28.51
N GLY M 42 -30.19 -53.43 28.64
CA GLY M 42 -29.62 -54.27 27.64
C GLY M 42 -28.97 -53.54 26.50
N MET M 43 -28.94 -52.20 26.54
CA MET M 43 -28.30 -51.40 25.51
C MET M 43 -27.45 -50.31 26.17
N ASP M 44 -26.19 -50.23 25.75
CA ASP M 44 -25.26 -49.28 26.35
C ASP M 44 -25.56 -47.86 25.91
N ALA M 45 -25.69 -47.63 24.60
CA ALA M 45 -25.73 -46.30 24.04
C ALA M 45 -27.17 -45.90 23.68
N PRO M 46 -27.60 -44.67 23.98
CA PRO M 46 -28.98 -44.29 23.65
C PRO M 46 -29.22 -44.22 22.15
N VAL M 47 -30.43 -44.55 21.75
CA VAL M 47 -30.91 -44.41 20.39
C VAL M 47 -32.03 -43.39 20.37
N SER M 48 -31.98 -42.49 19.42
CA SER M 48 -33.05 -41.52 19.22
C SER M 48 -34.28 -42.19 18.63
N ILE M 49 -35.45 -41.71 19.02
CA ILE M 49 -36.73 -42.21 18.51
C ILE M 49 -37.49 -41.06 17.88
N ASP M 50 -38.08 -41.32 16.72
CA ASP M 50 -38.91 -40.34 16.04
C ASP M 50 -40.28 -40.31 16.71
N MET M 51 -40.56 -39.23 17.43
CA MET M 51 -41.83 -39.02 18.12
C MET M 51 -42.62 -37.85 17.55
N GLY M 52 -42.43 -37.56 16.27
CA GLY M 52 -43.13 -36.49 15.60
C GLY M 52 -42.19 -35.33 15.26
N LEU M 53 -42.76 -34.34 14.60
CA LEU M 53 -41.98 -33.20 14.13
C LEU M 53 -41.97 -32.10 15.17
N GLU M 54 -40.98 -31.22 15.03
CA GLU M 54 -40.90 -30.00 15.82
C GLU M 54 -41.81 -28.94 15.19
N ALA M 55 -41.94 -27.82 15.90
CA ALA M 55 -42.63 -26.69 15.34
C ALA M 55 -41.84 -26.11 14.18
N MET M 56 -42.53 -25.80 13.10
CA MET M 56 -41.94 -25.14 11.95
C MET M 56 -41.98 -23.64 12.16
N GLU M 57 -41.01 -22.95 11.55
CA GLU M 57 -41.02 -21.50 11.52
C GLU M 57 -40.25 -21.04 10.31
N ALA M 58 -40.94 -20.35 9.41
CA ALA M 58 -40.32 -19.70 8.29
C ALA M 58 -39.97 -18.25 8.64
N LYS M 59 -39.13 -17.65 7.80
CA LYS M 59 -38.76 -16.26 7.98
C LYS M 59 -38.44 -15.66 6.62
N PHE M 60 -38.76 -14.39 6.48
CA PHE M 60 -38.42 -13.62 5.29
C PHE M 60 -38.47 -12.16 5.67
N SER M 61 -37.66 -11.35 5.00
CA SER M 61 -37.47 -9.97 5.37
C SER M 61 -37.67 -9.06 4.17
N THR M 62 -38.04 -7.82 4.47
CA THR M 62 -38.20 -6.75 3.51
C THR M 62 -37.55 -5.50 4.05
N ASN M 63 -37.12 -4.62 3.15
CA ASN M 63 -36.52 -3.36 3.53
C ASN M 63 -37.44 -2.16 3.34
N GLY M 64 -38.57 -2.34 2.66
CA GLY M 64 -39.54 -1.28 2.48
C GLY M 64 -40.87 -1.62 3.09
N ALA M 65 -41.72 -0.61 3.28
CA ALA M 65 -43.03 -0.81 3.88
C ALA M 65 -43.91 -1.49 2.84
N ARG M 66 -43.73 -2.80 2.73
CA ARG M 66 -44.48 -3.60 1.78
C ARG M 66 -45.82 -3.90 2.42
N ARG M 67 -46.81 -3.05 2.11
CA ARG M 67 -48.12 -3.16 2.73
C ARG M 67 -48.74 -4.53 2.52
N GLU M 68 -48.45 -5.18 1.40
CA GLU M 68 -48.71 -6.60 1.28
C GLU M 68 -47.71 -7.36 2.13
N ALA M 69 -48.23 -8.19 3.02
CA ALA M 69 -47.51 -8.95 4.05
C ALA M 69 -47.15 -8.12 5.26
N LEU M 70 -47.45 -6.82 5.28
CA LEU M 70 -47.63 -6.11 6.54
C LEU M 70 -49.06 -6.22 7.03
N ASN M 71 -50.00 -6.42 6.11
CA ASN M 71 -51.42 -6.49 6.43
C ASN M 71 -51.90 -7.91 6.69
N PHE M 72 -50.99 -8.87 6.86
CA PHE M 72 -51.33 -10.25 7.21
C PHE M 72 -50.90 -10.65 8.61
N PHE M 73 -50.44 -9.70 9.41
CA PHE M 73 -50.09 -9.96 10.79
C PHE M 73 -51.33 -10.03 11.66
N GLY M 74 -51.33 -10.95 12.60
CA GLY M 74 -52.31 -10.91 13.66
C GLY M 74 -53.74 -11.04 13.19
N LEU M 75 -53.95 -11.62 12.02
CA LEU M 75 -55.29 -11.83 11.54
C LEU M 75 -55.95 -12.93 12.37
N ALA M 76 -57.26 -12.78 12.58
CA ALA M 76 -58.00 -13.81 13.29
C ALA M 76 -57.98 -15.11 12.52
N ASP M 77 -58.05 -15.03 11.19
CA ASP M 77 -58.06 -16.21 10.34
C ASP M 77 -56.62 -16.68 10.15
N GLN M 78 -56.15 -17.46 11.12
CA GLN M 78 -54.91 -18.17 10.94
C GLN M 78 -55.02 -19.10 9.74
N SER M 79 -53.87 -19.36 9.11
CA SER M 79 -53.72 -20.12 7.88
C SER M 79 -54.23 -19.37 6.65
N ALA M 80 -54.66 -18.12 6.80
CA ALA M 80 -54.93 -17.28 5.65
C ALA M 80 -53.66 -16.71 5.05
N PHE M 81 -52.58 -16.66 5.81
CA PHE M 81 -51.30 -16.25 5.26
C PHE M 81 -50.73 -17.36 4.40
N ASN M 82 -50.98 -17.31 3.10
CA ASN M 82 -50.34 -18.25 2.18
C ASN M 82 -48.92 -17.76 1.92
N GLY M 83 -48.24 -18.40 0.98
CA GLY M 83 -46.89 -18.02 0.66
C GLY M 83 -46.16 -19.06 -0.17
N VAL M 84 -45.25 -18.61 -1.01
CA VAL M 84 -44.45 -19.48 -1.85
C VAL M 84 -43.01 -18.97 -1.79
N PHE M 85 -42.12 -19.80 -1.27
CA PHE M 85 -40.69 -19.53 -1.29
C PHE M 85 -40.09 -20.21 -2.51
N ARG M 86 -39.54 -19.41 -3.42
CA ARG M 86 -38.89 -19.91 -4.61
C ARG M 86 -37.39 -19.68 -4.53
N GLY M 87 -36.64 -20.63 -5.09
CA GLY M 87 -35.20 -20.54 -5.15
C GLY M 87 -34.67 -21.21 -6.40
N SER M 88 -33.79 -20.51 -7.11
CA SER M 88 -33.22 -20.98 -8.36
C SER M 88 -31.83 -21.54 -8.09
N PHE M 89 -31.73 -22.87 -8.10
CA PHE M 89 -30.45 -23.55 -7.90
C PHE M 89 -29.87 -23.86 -9.28
N LYS M 90 -28.76 -23.21 -9.59
CA LYS M 90 -28.04 -23.44 -10.84
C LYS M 90 -26.81 -24.30 -10.56
N GLY M 91 -26.64 -25.34 -11.37
CA GLY M 91 -25.47 -26.18 -11.27
C GLY M 91 -24.24 -25.49 -11.82
N GLN M 92 -23.16 -26.26 -11.91
CA GLN M 92 -22.00 -25.78 -12.66
C GLN M 92 -22.39 -25.58 -14.12
N LYS M 93 -22.85 -26.65 -14.77
CA LYS M 93 -23.28 -26.57 -16.14
C LYS M 93 -24.55 -25.72 -16.24
N GLY M 94 -24.93 -25.43 -17.48
CA GLY M 94 -26.06 -24.56 -17.72
C GLY M 94 -27.39 -25.24 -17.49
N ALA M 95 -27.71 -25.49 -16.22
CA ALA M 95 -28.97 -26.09 -15.82
C ALA M 95 -29.44 -25.45 -14.54
N SER M 96 -30.76 -25.28 -14.43
CA SER M 96 -31.38 -24.60 -13.30
C SER M 96 -32.44 -25.50 -12.69
N VAL M 97 -32.40 -25.63 -11.37
CA VAL M 97 -33.29 -26.50 -10.61
C VAL M 97 -34.20 -25.59 -9.78
N PRO M 98 -35.50 -25.53 -10.07
CA PRO M 98 -36.39 -24.74 -9.21
C PRO M 98 -36.72 -25.48 -7.94
N VAL M 99 -36.70 -24.75 -6.83
CA VAL M 99 -37.13 -25.24 -5.53
C VAL M 99 -38.25 -24.35 -5.04
N VAL M 100 -39.35 -24.97 -4.62
CA VAL M 100 -40.57 -24.28 -4.25
C VAL M 100 -41.03 -24.83 -2.92
N ALA M 101 -41.34 -23.94 -1.99
CA ALA M 101 -41.90 -24.29 -0.70
C ALA M 101 -43.18 -23.50 -0.49
N THR M 102 -44.30 -24.10 -0.84
CA THR M 102 -45.58 -23.53 -0.50
C THR M 102 -45.77 -23.55 1.00
N LEU M 103 -46.14 -22.41 1.56
CA LEU M 103 -46.42 -22.27 2.97
C LEU M 103 -47.84 -21.77 3.18
N ARG M 104 -48.35 -22.05 4.37
CA ARG M 104 -49.65 -21.54 4.78
C ARG M 104 -49.69 -21.63 6.30
N GLY M 105 -49.92 -20.48 6.94
CA GLY M 105 -49.90 -20.43 8.38
C GLY M 105 -50.22 -19.07 8.93
N LEU M 106 -49.42 -18.62 9.88
CA LEU M 106 -49.63 -17.36 10.58
C LEU M 106 -48.40 -16.49 10.41
N LEU M 107 -48.61 -15.22 10.05
CA LEU M 107 -47.52 -14.26 10.14
C LEU M 107 -47.30 -13.97 11.61
N LYS M 108 -46.38 -14.69 12.23
CA LYS M 108 -46.26 -14.68 13.68
C LYS M 108 -45.79 -13.34 14.21
N GLU M 109 -44.85 -12.71 13.51
CA GLU M 109 -44.05 -11.65 14.10
C GLU M 109 -43.66 -10.65 13.03
N VAL M 110 -43.59 -9.39 13.45
CA VAL M 110 -43.09 -8.30 12.62
C VAL M 110 -42.14 -7.49 13.49
N ASP M 111 -40.87 -7.42 13.07
CA ASP M 111 -39.79 -6.88 13.88
C ASP M 111 -39.00 -5.88 13.05
N PRO M 112 -39.48 -4.64 12.94
CA PRO M 112 -38.70 -3.60 12.28
C PRO M 112 -37.39 -3.35 13.02
N GLY M 113 -36.29 -3.50 12.30
CA GLY M 113 -35.00 -3.29 12.88
C GLY M 113 -34.76 -1.83 13.22
N ASP M 114 -33.56 -1.55 13.69
CA ASP M 114 -33.19 -0.21 14.08
C ASP M 114 -33.10 0.68 12.85
N TRP M 115 -33.90 1.75 12.84
CA TRP M 115 -33.84 2.77 11.80
C TRP M 115 -32.72 3.74 12.14
N LYS M 116 -31.61 3.64 11.40
CA LYS M 116 -30.38 4.35 11.73
C LYS M 116 -30.09 5.54 10.81
N ALA M 117 -31.06 5.96 10.00
CA ALA M 117 -30.94 7.20 9.23
C ALA M 117 -29.75 7.15 8.25
N GLY M 118 -29.90 6.26 7.28
CA GLY M 118 -28.86 6.01 6.29
C GLY M 118 -28.44 4.55 6.25
N GLU M 119 -29.33 3.67 6.73
CA GLU M 119 -29.10 2.25 6.72
C GLU M 119 -30.42 1.57 6.40
N LYS M 120 -30.32 0.34 5.88
CA LYS M 120 -31.50 -0.38 5.45
C LYS M 120 -32.45 -0.60 6.63
N ALA M 121 -33.74 -0.63 6.33
CA ALA M 121 -34.75 -0.79 7.37
C ALA M 121 -34.72 -2.21 7.92
N GLU M 122 -34.78 -3.20 7.02
CA GLU M 122 -34.67 -4.61 7.37
C GLU M 122 -35.80 -5.03 8.33
N PHE M 123 -37.01 -4.98 7.80
CA PHE M 123 -38.14 -5.59 8.50
C PHE M 123 -37.96 -7.09 8.55
N LYS M 124 -37.85 -7.64 9.75
CA LYS M 124 -37.82 -9.07 9.94
C LYS M 124 -39.22 -9.56 10.24
N TYR M 125 -39.65 -10.60 9.54
CA TYR M 125 -40.88 -11.30 9.82
C TYR M 125 -40.57 -12.71 10.26
N ALA M 126 -41.54 -13.33 10.91
CA ALA M 126 -41.52 -14.76 11.18
C ALA M 126 -42.92 -15.30 10.94
N VAL M 127 -42.96 -16.52 10.43
CA VAL M 127 -44.20 -17.19 10.09
C VAL M 127 -44.28 -18.49 10.88
N ALA M 128 -45.41 -18.72 11.52
CA ALA M 128 -45.71 -20.00 12.13
C ALA M 128 -46.48 -20.84 11.12
N VAL M 129 -45.87 -21.93 10.68
CA VAL M 129 -46.34 -22.67 9.52
C VAL M 129 -47.35 -23.72 9.96
N SER M 130 -48.48 -23.77 9.26
CA SER M 130 -49.48 -24.81 9.43
C SER M 130 -49.60 -25.70 8.21
N TYR M 131 -48.76 -25.52 7.20
CA TYR M 131 -48.74 -26.39 6.04
C TYR M 131 -47.45 -26.15 5.28
N TYR M 132 -46.81 -27.22 4.84
CA TYR M 132 -45.49 -27.16 4.24
C TYR M 132 -45.40 -28.19 3.13
N LYS M 133 -45.31 -27.71 1.90
CA LYS M 133 -45.04 -28.56 0.73
C LYS M 133 -43.77 -28.05 0.06
N LEU M 134 -42.73 -28.86 0.08
CA LEU M 134 -41.48 -28.56 -0.60
C LEU M 134 -41.43 -29.33 -1.91
N GLU M 135 -41.10 -28.64 -2.99
CA GLU M 135 -40.96 -29.23 -4.31
C GLU M 135 -39.60 -28.86 -4.87
N VAL M 136 -38.99 -29.84 -5.53
CA VAL M 136 -37.69 -29.68 -6.19
C VAL M 136 -37.87 -30.14 -7.62
N ASP M 137 -37.58 -29.25 -8.58
CA ASP M 137 -37.62 -29.59 -9.99
C ASP M 137 -39.01 -30.08 -10.40
N GLY M 138 -40.03 -29.44 -9.83
CA GLY M 138 -41.40 -29.77 -10.13
C GLY M 138 -41.92 -31.02 -9.48
N ARG M 139 -41.11 -31.70 -8.67
CA ARG M 139 -41.50 -32.95 -8.02
C ARG M 139 -41.71 -32.73 -6.54
N GLU M 140 -42.74 -33.35 -6.00
CA GLU M 140 -42.99 -33.31 -4.57
C GLU M 140 -41.85 -34.00 -3.85
N VAL M 141 -41.17 -33.25 -2.98
CA VAL M 141 -40.27 -33.83 -2.01
C VAL M 141 -41.01 -34.12 -0.71
N TYR M 142 -41.56 -33.08 -0.06
CA TYR M 142 -42.36 -33.26 1.15
C TYR M 142 -43.76 -32.73 0.98
N GLU M 143 -44.63 -33.15 1.89
CA GLU M 143 -45.83 -32.41 2.20
C GLU M 143 -46.21 -32.72 3.63
N ILE M 144 -46.09 -31.72 4.52
CA ILE M 144 -46.69 -31.81 5.84
C ILE M 144 -48.09 -31.23 5.72
N ASP M 145 -49.03 -31.86 6.42
CA ASP M 145 -50.26 -31.19 6.83
C ASP M 145 -50.46 -31.61 8.28
N PRO M 146 -50.10 -30.76 9.25
CA PRO M 146 -50.14 -31.21 10.64
C PRO M 146 -51.51 -31.63 11.11
N VAL M 147 -52.51 -30.79 10.87
CA VAL M 147 -53.82 -30.97 11.47
C VAL M 147 -54.54 -32.16 10.86
N ASN M 148 -54.23 -32.50 9.62
CA ASN M 148 -54.77 -33.69 8.97
C ASN M 148 -53.89 -34.92 9.13
N GLY M 149 -52.68 -34.77 9.64
CA GLY M 149 -51.82 -35.90 9.88
C GLY M 149 -51.10 -36.42 8.66
N VAL M 150 -50.58 -35.53 7.82
CA VAL M 150 -49.84 -35.89 6.62
C VAL M 150 -48.37 -35.58 6.86
N ARG M 151 -47.52 -36.55 6.58
CA ARG M 151 -46.07 -36.34 6.50
C ARG M 151 -45.62 -37.20 5.31
N ALA M 152 -45.65 -36.60 4.13
CA ALA M 152 -45.42 -37.32 2.89
C ALA M 152 -43.97 -37.15 2.46
N ILE M 153 -43.37 -38.24 2.00
CA ILE M 153 -42.06 -38.23 1.36
C ILE M 153 -42.24 -38.78 -0.04
N ASN M 154 -41.98 -37.94 -1.03
CA ASN M 154 -42.12 -38.31 -2.44
C ASN M 154 -43.51 -38.84 -2.75
N GLY M 155 -44.52 -38.31 -2.05
CA GLY M 155 -45.88 -38.76 -2.21
C GLY M 155 -46.29 -39.91 -1.33
N VAL M 156 -45.42 -40.39 -0.44
CA VAL M 156 -45.70 -41.52 0.43
C VAL M 156 -45.94 -40.97 1.84
N ASP M 157 -47.20 -40.97 2.26
CA ASP M 157 -47.54 -40.54 3.61
C ASP M 157 -46.96 -41.53 4.61
N GLN M 158 -45.93 -41.09 5.33
CA GLN M 158 -45.32 -41.94 6.35
C GLN M 158 -46.24 -42.17 7.54
N LEU M 159 -47.27 -41.35 7.70
CA LEU M 159 -48.15 -41.40 8.86
C LEU M 159 -49.41 -42.23 8.61
N ALA M 160 -49.46 -42.98 7.51
CA ALA M 160 -50.65 -43.77 7.21
C ALA M 160 -50.93 -44.80 8.28
N GLY M 161 -49.87 -45.38 8.85
CA GLY M 161 -50.05 -46.34 9.92
C GLY M 161 -50.64 -45.70 11.16
N MET M 162 -50.18 -44.49 11.48
CA MET M 162 -50.75 -43.76 12.61
C MET M 162 -52.21 -43.43 12.37
N ARG M 163 -52.55 -43.02 11.15
CA ARG M 163 -53.93 -42.68 10.83
C ARG M 163 -54.82 -43.91 10.92
N ASN M 164 -54.30 -45.06 10.51
CA ASN M 164 -55.06 -46.30 10.68
C ASN M 164 -55.23 -46.65 12.14
N ASP M 165 -54.18 -46.49 12.94
CA ASP M 165 -54.23 -46.85 14.35
C ASP M 165 -55.21 -45.96 15.10
N LEU M 166 -55.21 -44.66 14.80
CA LEU M 166 -56.09 -43.72 15.46
C LEU M 166 -57.44 -43.57 14.79
N GLY M 167 -57.65 -44.19 13.63
CA GLY M 167 -58.91 -44.05 12.93
C GLY M 167 -59.16 -42.62 12.53
N LEU M 168 -58.26 -42.06 11.73
CA LEU M 168 -58.22 -40.63 11.41
C LEU M 168 -57.98 -39.83 12.68
N MET N 2 -42.46 -5.12 -6.27
CA MET N 2 -41.41 -5.27 -7.28
C MET N 2 -40.74 -3.94 -7.60
N ILE N 3 -40.09 -3.36 -6.60
CA ILE N 3 -39.23 -2.20 -6.84
C ILE N 3 -38.27 -2.06 -5.66
N PRO N 4 -36.99 -1.75 -5.87
CA PRO N 4 -36.11 -1.50 -4.74
C PRO N 4 -36.58 -0.31 -3.93
N GLN N 5 -36.41 -0.39 -2.62
CA GLN N 5 -36.90 0.63 -1.72
C GLN N 5 -36.38 0.34 -0.33
N THR N 6 -36.09 1.40 0.42
CA THR N 6 -35.63 1.24 1.79
C THR N 6 -35.64 2.59 2.48
N LEU N 7 -35.19 2.60 3.72
CA LEU N 7 -35.12 3.81 4.51
C LEU N 7 -33.96 4.67 4.06
N THR N 8 -34.19 5.98 4.04
CA THR N 8 -33.17 6.96 3.72
C THR N 8 -32.97 7.99 4.81
N ASN N 9 -34.03 8.31 5.56
CA ASN N 9 -33.95 9.34 6.57
C ASN N 9 -35.17 9.20 7.48
N THR N 10 -35.07 9.78 8.67
CA THR N 10 -36.07 9.59 9.71
C THR N 10 -36.27 10.90 10.45
N ASN N 11 -37.17 10.88 11.42
CA ASN N 11 -37.41 12.01 12.32
C ASN N 11 -38.35 11.55 13.42
N LEU N 12 -38.31 12.27 14.54
CA LEU N 12 -39.09 11.95 15.72
C LEU N 12 -39.82 13.18 16.21
N PHE N 13 -41.10 13.02 16.53
CA PHE N 13 -41.88 14.04 17.20
C PHE N 13 -42.32 13.52 18.55
N ILE N 14 -42.20 14.38 19.56
CA ILE N 14 -42.75 14.15 20.88
C ILE N 14 -43.40 15.44 21.33
N ASP N 15 -44.70 15.40 21.62
CA ASP N 15 -45.44 16.58 22.09
C ASP N 15 -45.32 17.73 21.10
N GLY N 16 -45.29 17.39 19.81
CA GLY N 16 -45.15 18.37 18.76
C GLY N 16 -43.75 18.90 18.57
N VAL N 17 -42.82 18.58 19.45
CA VAL N 17 -41.45 19.03 19.33
C VAL N 17 -40.73 18.16 18.32
N SER N 18 -40.05 18.78 17.38
CA SER N 18 -39.27 18.05 16.39
C SER N 18 -37.87 17.79 16.92
N PHE N 19 -37.45 16.54 16.81
CA PHE N 19 -36.05 16.15 17.00
C PHE N 19 -35.38 15.90 15.67
N ALA N 20 -35.69 16.74 14.69
CA ALA N 20 -34.98 16.66 13.42
C ALA N 20 -33.56 17.14 13.69
N GLY N 21 -32.68 16.20 13.99
CA GLY N 21 -31.31 16.53 14.33
C GLY N 21 -30.67 15.67 15.40
N ASP N 22 -31.45 14.94 16.20
CA ASP N 22 -30.88 14.09 17.26
C ASP N 22 -31.62 12.77 17.47
N VAL N 23 -31.77 11.97 16.43
CA VAL N 23 -32.32 10.62 16.58
C VAL N 23 -31.44 9.62 15.83
N PRO N 24 -30.25 9.31 16.35
CA PRO N 24 -29.37 8.36 15.66
C PRO N 24 -29.99 7.00 15.40
N SER N 25 -30.65 6.44 16.40
CA SER N 25 -31.33 5.15 16.27
C SER N 25 -32.79 5.35 16.60
N LEU N 26 -33.64 4.86 15.71
CA LEU N 26 -35.07 4.87 15.92
C LEU N 26 -35.59 3.45 15.75
N THR N 27 -36.44 3.00 16.67
CA THR N 27 -36.96 1.64 16.66
C THR N 27 -38.47 1.66 16.80
N LEU N 28 -39.13 1.11 15.84
CA LEU N 28 -40.55 0.83 15.88
C LEU N 28 -40.79 -0.40 16.75
N PRO N 29 -41.82 -0.44 17.59
CA PRO N 29 -41.96 -1.58 18.51
C PRO N 29 -42.20 -2.87 17.75
N LYS N 30 -41.46 -3.89 18.17
CA LYS N 30 -41.63 -5.20 17.58
C LYS N 30 -43.04 -5.70 17.84
N LEU N 31 -43.59 -6.39 16.85
CA LEU N 31 -44.93 -6.94 16.93
C LEU N 31 -44.84 -8.45 16.83
N ALA N 32 -45.55 -9.12 17.73
CA ALA N 32 -45.59 -10.56 17.75
C ALA N 32 -46.93 -10.96 18.34
N VAL N 33 -47.24 -12.24 18.19
CA VAL N 33 -48.39 -12.84 18.85
C VAL N 33 -47.84 -13.86 19.84
N LYS N 34 -48.65 -14.14 20.86
CA LYS N 34 -48.29 -15.14 21.87
C LYS N 34 -48.61 -16.53 21.31
N THR N 35 -47.79 -16.97 20.36
CA THR N 35 -48.01 -18.29 19.80
C THR N 35 -47.76 -19.34 20.86
N GLU N 36 -48.76 -20.15 21.09
CA GLU N 36 -48.65 -21.34 21.91
C GLU N 36 -48.56 -22.53 20.98
N GLN N 37 -47.38 -23.13 20.90
CA GLN N 37 -47.21 -24.32 20.06
C GLN N 37 -48.14 -25.40 20.53
N TYR N 38 -49.10 -25.75 19.69
CA TYR N 38 -50.21 -26.60 20.08
C TYR N 38 -50.13 -27.91 19.33
N ARG N 39 -50.02 -28.99 20.09
CA ARG N 39 -50.09 -30.35 19.56
C ARG N 39 -51.12 -31.11 20.35
N ALA N 40 -51.98 -31.83 19.64
CA ALA N 40 -53.05 -32.60 20.21
C ALA N 40 -53.03 -34.00 19.61
N GLY N 41 -54.01 -34.80 20.00
CA GLY N 41 -54.12 -36.12 19.42
C GLY N 41 -54.57 -36.06 17.98
N GLY N 42 -54.06 -36.99 17.19
CA GLY N 42 -54.42 -37.08 15.80
C GLY N 42 -53.63 -36.17 14.89
N MET N 43 -52.67 -35.42 15.42
CA MET N 43 -51.82 -34.55 14.63
C MET N 43 -50.37 -34.74 15.04
N ASP N 44 -49.51 -34.98 14.05
CA ASP N 44 -48.10 -35.24 14.32
C ASP N 44 -47.37 -33.97 14.73
N ALA N 45 -47.50 -32.90 13.94
CA ALA N 45 -46.67 -31.72 14.08
C ALA N 45 -47.43 -30.60 14.80
N PRO N 46 -46.82 -29.89 15.73
CA PRO N 46 -47.55 -28.82 16.42
C PRO N 46 -47.89 -27.66 15.51
N VAL N 47 -49.03 -27.04 15.78
CA VAL N 47 -49.48 -25.83 15.10
C VAL N 47 -49.53 -24.71 16.13
N SER N 48 -49.00 -23.56 15.77
CA SER N 48 -49.08 -22.38 16.60
C SER N 48 -50.49 -21.81 16.62
N ILE N 49 -50.90 -21.27 17.75
CA ILE N 49 -52.21 -20.65 17.92
C ILE N 49 -52.02 -19.21 18.34
N ASP N 50 -52.80 -18.31 17.73
CA ASP N 50 -52.78 -16.91 18.09
C ASP N 50 -53.59 -16.71 19.37
N MET N 51 -52.90 -16.42 20.48
CA MET N 51 -53.52 -16.20 21.77
C MET N 51 -53.33 -14.77 22.26
N GLY N 52 -53.19 -13.83 21.35
CA GLY N 52 -53.01 -12.42 21.67
C GLY N 52 -51.60 -11.96 21.35
N LEU N 53 -51.40 -10.66 21.57
CA LEU N 53 -50.14 -10.04 21.23
C LEU N 53 -49.17 -10.09 22.41
N GLU N 54 -47.89 -9.92 22.09
CA GLU N 54 -46.85 -9.77 23.08
C GLU N 54 -46.82 -8.32 23.56
N ALA N 55 -46.00 -8.08 24.57
CA ALA N 55 -45.77 -6.71 25.01
C ALA N 55 -44.99 -5.96 23.94
N MET N 56 -45.42 -4.74 23.68
CA MET N 56 -44.73 -3.85 22.76
C MET N 56 -43.65 -3.09 23.52
N GLU N 57 -42.61 -2.71 22.78
CA GLU N 57 -41.59 -1.83 23.34
C GLU N 57 -40.93 -1.09 22.21
N ALA N 58 -41.06 0.22 22.21
CA ALA N 58 -40.34 1.08 21.29
C ALA N 58 -39.02 1.53 21.92
N LYS N 59 -38.15 2.07 21.06
CA LYS N 59 -36.88 2.60 21.53
C LYS N 59 -36.45 3.71 20.59
N PHE N 60 -35.80 4.71 21.17
CA PHE N 60 -35.20 5.79 20.41
C PHE N 60 -34.15 6.44 21.28
N SER N 61 -33.12 6.99 20.64
CA SER N 61 -31.95 7.47 21.34
C SER N 61 -31.63 8.90 20.94
N THR N 62 -30.96 9.60 21.86
CA THR N 62 -30.47 10.94 21.65
C THR N 62 -29.05 11.01 22.17
N ASN N 63 -28.27 11.94 21.62
CA ASN N 63 -26.90 12.16 22.04
C ASN N 63 -26.72 13.41 22.88
N GLY N 64 -27.73 14.27 22.96
CA GLY N 64 -27.67 15.45 23.80
C GLY N 64 -28.73 15.44 24.88
N ALA N 65 -28.56 16.30 25.88
CA ALA N 65 -29.51 16.37 26.98
C ALA N 65 -30.77 17.07 26.47
N ARG N 66 -31.59 16.29 25.78
CA ARG N 66 -32.82 16.80 25.21
C ARG N 66 -33.85 16.80 26.32
N ARG N 67 -33.98 17.95 26.98
CA ARG N 67 -34.86 18.07 28.14
C ARG N 67 -36.29 17.67 27.81
N GLU N 68 -36.72 17.91 26.58
CA GLU N 68 -37.94 17.28 26.08
C GLU N 68 -37.65 15.81 25.83
N ALA N 69 -38.45 14.95 26.46
CA ALA N 69 -38.34 13.49 26.49
C ALA N 69 -37.30 13.01 27.49
N LEU N 70 -36.58 13.89 28.18
CA LEU N 70 -36.01 13.55 29.48
C LEU N 70 -37.00 13.80 30.60
N ASN N 71 -37.93 14.73 30.39
CA ASN N 71 -38.90 15.11 31.40
C ASN N 71 -40.20 14.32 31.31
N PHE N 72 -40.22 13.22 30.55
CA PHE N 72 -41.38 12.34 30.45
C PHE N 72 -41.14 10.97 31.07
N PHE N 73 -40.03 10.78 31.75
CA PHE N 73 -39.75 9.54 32.45
C PHE N 73 -40.52 9.48 33.76
N GLY N 74 -41.01 8.30 34.09
CA GLY N 74 -41.49 8.06 35.43
C GLY N 74 -42.64 8.95 35.85
N LEU N 75 -43.38 9.48 34.89
CA LEU N 75 -44.53 10.30 35.23
C LEU N 75 -45.63 9.39 35.79
N ALA N 76 -46.40 9.93 36.74
CA ALA N 76 -47.51 9.18 37.27
C ALA N 76 -48.55 8.92 36.19
N ASP N 77 -48.75 9.89 35.31
CA ASP N 77 -49.73 9.77 34.24
C ASP N 77 -49.11 8.98 33.10
N GLN N 78 -49.18 7.65 33.23
CA GLN N 78 -48.86 6.79 32.12
C GLN N 78 -49.78 7.10 30.95
N SER N 79 -49.28 6.85 29.74
CA SER N 79 -49.92 7.16 28.46
C SER N 79 -49.92 8.65 28.15
N ALA N 80 -49.31 9.48 29.00
CA ALA N 80 -49.08 10.88 28.65
C ALA N 80 -47.91 11.04 27.70
N PHE N 81 -47.00 10.06 27.66
CA PHE N 81 -45.93 10.09 26.69
C PHE N 81 -46.45 9.76 25.31
N ASN N 82 -46.80 10.78 24.53
CA ASN N 82 -47.17 10.56 23.15
C ASN N 82 -45.90 10.38 22.33
N GLY N 83 -46.03 10.33 21.01
CA GLY N 83 -44.88 10.15 20.16
C GLY N 83 -45.25 9.77 18.75
N VAL N 84 -44.43 10.18 17.80
CA VAL N 84 -44.63 9.87 16.39
C VAL N 84 -43.28 9.47 15.81
N PHE N 85 -43.17 8.23 15.36
CA PHE N 85 -42.01 7.76 14.63
C PHE N 85 -42.26 7.91 13.15
N ARG N 86 -41.47 8.74 12.49
CA ARG N 86 -41.57 8.96 11.05
C ARG N 86 -40.37 8.36 10.34
N GLY N 87 -40.61 7.84 9.15
CA GLY N 87 -39.56 7.27 8.32
C GLY N 87 -39.87 7.48 6.85
N SER N 88 -38.88 7.97 6.11
CA SER N 88 -39.03 8.28 4.69
C SER N 88 -38.43 7.14 3.88
N PHE N 89 -39.29 6.31 3.31
CA PHE N 89 -38.87 5.20 2.46
C PHE N 89 -38.90 5.68 1.01
N LYS N 90 -37.74 5.77 0.40
CA LYS N 90 -37.61 6.15 -1.00
C LYS N 90 -37.33 4.90 -1.83
N GLY N 91 -38.07 4.75 -2.92
CA GLY N 91 -37.86 3.67 -3.85
C GLY N 91 -36.60 3.88 -4.67
N GLN N 92 -36.42 3.00 -5.65
CA GLN N 92 -35.41 3.26 -6.67
C GLN N 92 -35.77 4.54 -7.42
N LYS N 93 -36.94 4.54 -8.05
CA LYS N 93 -37.40 5.71 -8.77
C LYS N 93 -37.69 6.85 -7.79
N GLY N 94 -37.94 8.03 -8.36
CA GLY N 94 -38.14 9.21 -7.55
C GLY N 94 -39.49 9.25 -6.89
N ALA N 95 -39.68 8.40 -5.88
CA ALA N 95 -40.92 8.35 -5.12
C ALA N 95 -40.58 8.08 -3.67
N SER N 96 -41.35 8.70 -2.77
CA SER N 96 -41.11 8.62 -1.34
C SER N 96 -42.38 8.17 -0.64
N VAL N 97 -42.24 7.18 0.24
CA VAL N 97 -43.35 6.56 0.96
C VAL N 97 -43.20 6.96 2.43
N PRO N 98 -44.09 7.78 2.99
CA PRO N 98 -44.01 8.07 4.42
C PRO N 98 -44.55 6.92 5.24
N VAL N 99 -43.85 6.61 6.32
CA VAL N 99 -44.28 5.64 7.32
C VAL N 99 -44.34 6.34 8.66
N VAL N 100 -45.47 6.19 9.34
CA VAL N 100 -45.76 6.90 10.57
C VAL N 100 -46.25 5.90 11.59
N ALA N 101 -45.68 5.93 12.79
CA ALA N 101 -46.12 5.12 13.90
C ALA N 101 -46.40 6.01 15.09
N THR N 102 -47.66 6.40 15.23
CA THR N 102 -48.08 7.10 16.43
C THR N 102 -47.98 6.16 17.62
N LEU N 103 -47.33 6.63 18.68
CA LEU N 103 -47.20 5.89 19.92
C LEU N 103 -47.79 6.68 21.07
N ARG N 104 -48.16 5.95 22.11
CA ARG N 104 -48.61 6.56 23.35
C ARG N 104 -48.46 5.52 24.45
N GLY N 105 -47.71 5.86 25.48
CA GLY N 105 -47.43 4.91 26.53
C GLY N 105 -46.59 5.50 27.65
N LEU N 106 -45.57 4.75 28.05
CA LEU N 106 -44.71 5.12 29.17
C LEU N 106 -43.27 5.19 28.69
N LEU N 107 -42.59 6.28 29.03
CA LEU N 107 -41.14 6.28 28.84
C LEU N 107 -40.54 5.38 29.91
N LYS N 108 -40.32 4.12 29.55
CA LYS N 108 -40.01 3.10 30.53
C LYS N 108 -38.65 3.32 31.17
N GLU N 109 -37.67 3.74 30.38
CA GLU N 109 -36.27 3.60 30.76
C GLU N 109 -35.46 4.73 30.15
N VAL N 110 -34.46 5.16 30.91
CA VAL N 110 -33.47 6.14 30.45
C VAL N 110 -32.11 5.60 30.84
N ASP N 111 -31.25 5.35 29.85
CA ASP N 111 -30.00 4.64 30.03
C ASP N 111 -28.88 5.42 29.37
N PRO N 112 -28.35 6.43 30.04
CA PRO N 112 -27.18 7.14 29.53
C PRO N 112 -25.99 6.21 29.41
N GLY N 113 -25.46 6.10 28.20
CA GLY N 113 -24.32 5.25 27.97
C GLY N 113 -23.07 5.78 28.65
N ASP N 114 -21.98 5.08 28.41
CA ASP N 114 -20.70 5.44 29.01
C ASP N 114 -20.21 6.75 28.41
N TRP N 115 -20.00 7.74 29.28
CA TRP N 115 -19.41 9.01 28.88
C TRP N 115 -17.89 8.84 28.86
N LYS N 116 -17.31 8.78 27.66
CA LYS N 116 -15.91 8.42 27.48
C LYS N 116 -15.02 9.61 27.11
N ALA N 117 -15.51 10.84 27.24
CA ALA N 117 -14.68 12.03 27.09
C ALA N 117 -14.05 12.12 25.69
N GLY N 118 -14.94 12.32 24.72
CA GLY N 118 -14.56 12.37 23.32
C GLY N 118 -15.31 11.35 22.49
N GLU N 119 -16.47 10.91 23.00
CA GLU N 119 -17.32 9.97 22.30
C GLU N 119 -18.77 10.38 22.55
N LYS N 120 -19.64 9.96 21.65
CA LYS N 120 -21.04 10.36 21.74
C LYS N 120 -21.65 9.86 23.04
N ALA N 121 -22.61 10.64 23.55
CA ALA N 121 -23.25 10.30 24.81
C ALA N 121 -24.16 9.09 24.64
N GLU N 122 -25.04 9.13 23.64
CA GLU N 122 -25.91 8.02 23.28
C GLU N 122 -26.83 7.64 24.46
N PHE N 123 -27.72 8.56 24.78
CA PHE N 123 -28.81 8.26 25.70
C PHE N 123 -29.74 7.26 25.04
N LYS N 124 -29.87 6.08 25.63
CA LYS N 124 -30.84 5.09 25.20
C LYS N 124 -32.09 5.24 26.03
N TYR N 125 -33.23 5.28 25.36
CA TYR N 125 -34.53 5.25 25.99
C TYR N 125 -35.25 3.98 25.59
N ALA N 126 -36.24 3.62 26.37
CA ALA N 126 -37.20 2.58 26.00
C ALA N 126 -38.59 3.06 26.40
N VAL N 127 -39.56 2.71 25.59
CA VAL N 127 -40.95 3.11 25.79
C VAL N 127 -41.79 1.84 25.90
N ALA N 128 -42.63 1.79 26.92
CA ALA N 128 -43.65 0.76 27.02
C ALA N 128 -44.94 1.29 26.41
N VAL N 129 -45.36 0.67 25.33
CA VAL N 129 -46.39 1.23 24.47
C VAL N 129 -47.75 0.76 24.94
N SER N 130 -48.68 1.71 25.07
CA SER N 130 -50.08 1.44 25.36
C SER N 130 -50.99 1.80 24.20
N TYR N 131 -50.44 2.19 23.05
CA TYR N 131 -51.23 2.46 21.86
C TYR N 131 -50.29 2.52 20.68
N TYR N 132 -50.69 1.89 19.58
CA TYR N 132 -49.83 1.74 18.41
C TYR N 132 -50.67 1.83 17.15
N LYS N 133 -50.48 2.90 16.39
CA LYS N 133 -51.06 3.06 15.07
C LYS N 133 -49.94 3.24 14.06
N LEU N 134 -49.80 2.27 13.16
CA LEU N 134 -48.84 2.35 12.08
C LEU N 134 -49.56 2.75 10.80
N GLU N 135 -49.01 3.73 10.10
CA GLU N 135 -49.55 4.21 8.83
C GLU N 135 -48.45 4.18 7.79
N VAL N 136 -48.82 3.77 6.58
CA VAL N 136 -47.92 3.72 5.44
C VAL N 136 -48.60 4.49 4.32
N ASP N 137 -47.91 5.52 3.81
CA ASP N 137 -48.41 6.28 2.67
C ASP N 137 -49.77 6.91 2.98
N GLY N 138 -49.93 7.35 4.23
CA GLY N 138 -51.15 7.99 4.66
C GLY N 138 -52.30 7.05 4.93
N ARG N 139 -52.11 5.74 4.79
CA ARG N 139 -53.15 4.75 4.99
C ARG N 139 -52.90 3.98 6.28
N GLU N 140 -53.97 3.73 7.03
CA GLU N 140 -53.87 2.89 8.21
C GLU N 140 -53.46 1.49 7.83
N VAL N 141 -52.34 1.04 8.35
CA VAL N 141 -51.96 -0.36 8.32
C VAL N 141 -52.47 -1.06 9.58
N TYR N 142 -52.01 -0.64 10.76
CA TYR N 142 -52.50 -1.19 12.02
C TYR N 142 -53.12 -0.13 12.89
N GLU N 143 -53.86 -0.60 13.89
CA GLU N 143 -54.11 0.17 15.08
C GLU N 143 -54.36 -0.80 16.22
N ILE N 144 -53.43 -0.86 17.18
CA ILE N 144 -53.69 -1.53 18.44
C ILE N 144 -54.26 -0.48 19.38
N ASP N 145 -55.25 -0.88 20.18
CA ASP N 145 -55.56 -0.21 21.43
C ASP N 145 -55.76 -1.35 22.44
N PRO N 146 -54.75 -1.66 23.27
CA PRO N 146 -54.88 -2.84 24.12
C PRO N 146 -56.04 -2.78 25.08
N VAL N 147 -56.16 -1.67 25.80
CA VAL N 147 -57.10 -1.58 26.91
C VAL N 147 -58.53 -1.55 26.41
N ASN N 148 -58.77 -1.06 25.20
CA ASN N 148 -60.08 -1.08 24.58
C ASN N 148 -60.33 -2.31 23.72
N GLY N 149 -59.30 -3.10 23.46
CA GLY N 149 -59.48 -4.33 22.71
C GLY N 149 -59.56 -4.14 21.21
N VAL N 150 -58.69 -3.28 20.65
CA VAL N 150 -58.62 -3.02 19.22
C VAL N 150 -57.36 -3.67 18.68
N ARG N 151 -57.51 -4.44 17.61
CA ARG N 151 -56.39 -4.92 16.80
C ARG N 151 -56.87 -4.83 15.36
N ALA N 152 -56.64 -3.67 14.75
CA ALA N 152 -57.19 -3.37 13.44
C ALA N 152 -56.15 -3.63 12.38
N ILE N 153 -56.59 -4.24 11.27
CA ILE N 153 -55.78 -4.40 10.07
C ILE N 153 -56.52 -3.70 8.95
N ASN N 154 -55.90 -2.66 8.40
CA ASN N 154 -56.49 -1.88 7.31
C ASN N 154 -57.87 -1.34 7.68
N GLY N 155 -58.07 -1.05 8.96
CA GLY N 155 -59.35 -0.58 9.45
C GLY N 155 -60.31 -1.67 9.89
N VAL N 156 -59.91 -2.94 9.84
CA VAL N 156 -60.76 -4.07 10.18
C VAL N 156 -60.32 -4.58 11.55
N ASP N 157 -61.11 -4.29 12.58
CA ASP N 157 -60.83 -4.79 13.92
C ASP N 157 -60.97 -6.30 13.93
N GLN N 158 -59.84 -7.00 14.04
CA GLN N 158 -59.85 -8.45 14.10
C GLN N 158 -60.45 -8.97 15.40
N LEU N 159 -60.56 -8.13 16.42
CA LEU N 159 -61.02 -8.53 17.74
C LEU N 159 -62.51 -8.28 17.95
N ALA N 160 -63.25 -7.97 16.89
CA ALA N 160 -64.68 -7.69 17.05
C ALA N 160 -65.43 -8.90 17.57
N GLY N 161 -65.02 -10.10 17.16
CA GLY N 161 -65.65 -11.30 17.67
C GLY N 161 -65.41 -11.48 19.15
N MET N 162 -64.19 -11.20 19.59
CA MET N 162 -63.88 -11.27 21.02
C MET N 162 -64.68 -10.25 21.81
N ARG N 163 -64.82 -9.03 21.27
CA ARG N 163 -65.58 -8.00 21.95
C ARG N 163 -67.05 -8.38 22.05
N ASN N 164 -67.58 -9.03 21.01
CA ASN N 164 -68.95 -9.53 21.08
C ASN N 164 -69.08 -10.62 22.11
N ASP N 165 -68.12 -11.55 22.14
CA ASP N 165 -68.19 -12.68 23.06
C ASP N 165 -68.11 -12.21 24.51
N LEU N 166 -67.24 -11.24 24.79
CA LEU N 166 -67.06 -10.73 26.14
C LEU N 166 -67.99 -9.59 26.48
N GLY N 167 -68.76 -9.08 25.52
CA GLY N 167 -69.64 -7.96 25.78
C GLY N 167 -68.86 -6.73 26.19
N LEU N 168 -67.97 -6.27 25.32
CA LEU N 168 -66.98 -5.25 25.63
C LEU N 168 -66.05 -5.72 26.71
N MET O 2 -33.79 20.37 17.62
CA MET O 2 -33.34 20.49 16.25
C MET O 2 -31.99 21.19 16.15
N ILE O 3 -30.96 20.58 16.73
CA ILE O 3 -29.60 21.03 16.52
C ILE O 3 -28.65 19.88 16.87
N PRO O 4 -27.59 19.63 16.11
CA PRO O 4 -26.63 18.60 16.54
C PRO O 4 -25.97 19.00 17.85
N GLN O 5 -25.70 17.99 18.67
CA GLN O 5 -25.17 18.20 20.00
C GLN O 5 -24.80 16.86 20.59
N THR O 6 -23.73 16.86 21.38
CA THR O 6 -23.31 15.63 22.05
C THR O 6 -22.24 15.98 23.09
N LEU O 7 -21.74 14.94 23.73
CA LEU O 7 -20.70 15.09 24.74
C LEU O 7 -19.37 15.37 24.07
N THR O 8 -18.60 16.25 24.70
CA THR O 8 -17.25 16.59 24.28
C THR O 8 -16.22 16.38 25.36
N ASN O 9 -16.59 16.54 26.62
CA ASN O 9 -15.65 16.43 27.71
C ASN O 9 -16.44 16.30 29.01
N THR O 10 -15.77 15.79 30.03
CA THR O 10 -16.43 15.43 31.29
C THR O 10 -15.52 15.80 32.45
N ASN O 11 -15.99 15.55 33.66
CA ASN O 11 -15.22 15.72 34.88
C ASN O 11 -16.02 15.13 36.03
N LEU O 12 -15.30 14.79 37.10
CA LEU O 12 -15.88 14.16 38.28
C LEU O 12 -15.42 14.89 39.53
N PHE O 13 -16.37 15.16 40.43
CA PHE O 13 -16.06 15.66 41.75
C PHE O 13 -16.52 14.65 42.79
N ILE O 14 -15.67 14.43 43.78
CA ILE O 14 -16.01 13.65 44.95
C ILE O 14 -15.46 14.41 46.15
N ASP O 15 -16.33 14.77 47.09
CA ASP O 15 -15.93 15.48 48.31
C ASP O 15 -15.20 16.77 47.97
N GLY O 16 -15.62 17.42 46.89
CA GLY O 16 -15.01 18.64 46.42
C GLY O 16 -13.69 18.46 45.70
N VAL O 17 -13.14 17.24 45.68
CA VAL O 17 -11.89 16.98 45.00
C VAL O 17 -12.18 16.81 43.51
N SER O 18 -11.42 17.50 42.68
CA SER O 18 -11.56 17.39 41.24
C SER O 18 -10.71 16.24 40.72
N PHE O 19 -11.31 15.39 39.92
CA PHE O 19 -10.60 14.40 39.12
C PHE O 19 -10.53 14.85 37.67
N ALA O 20 -10.31 16.13 37.45
CA ALA O 20 -10.07 16.62 36.11
C ALA O 20 -8.73 16.09 35.68
N GLY O 21 -8.73 14.92 35.04
CA GLY O 21 -7.50 14.27 34.63
C GLY O 21 -7.51 12.76 34.69
N ASP O 22 -8.43 12.15 35.44
CA ASP O 22 -8.47 10.68 35.56
C ASP O 22 -9.88 10.09 35.62
N VAL O 23 -10.72 10.39 34.63
CA VAL O 23 -12.03 9.75 34.53
C VAL O 23 -12.26 9.26 33.10
N PRO O 24 -11.58 8.18 32.68
CA PRO O 24 -11.75 7.69 31.31
C PRO O 24 -13.18 7.36 30.95
N SER O 25 -13.88 6.65 31.83
CA SER O 25 -15.27 6.28 31.63
C SER O 25 -16.08 6.84 32.77
N LEU O 26 -17.16 7.53 32.42
CA LEU O 26 -18.10 8.05 33.39
C LEU O 26 -19.49 7.55 33.00
N THR O 27 -20.25 7.06 33.98
CA THR O 27 -21.57 6.50 33.75
C THR O 27 -22.58 7.10 34.71
N LEU O 28 -23.58 7.72 34.17
CA LEU O 28 -24.73 8.17 34.91
C LEU O 28 -25.64 6.96 35.19
N PRO O 29 -26.24 6.85 36.38
CA PRO O 29 -27.00 5.64 36.68
C PRO O 29 -28.19 5.48 35.77
N LYS O 30 -28.35 4.28 35.25
CA LYS O 30 -29.49 3.97 34.41
C LYS O 30 -30.77 4.15 35.20
N LEU O 31 -31.80 4.65 34.54
CA LEU O 31 -33.09 4.87 35.14
C LEU O 31 -34.11 4.02 34.43
N ALA O 32 -34.93 3.34 35.22
CA ALA O 32 -35.98 2.49 34.70
C ALA O 32 -37.09 2.47 35.74
N VAL O 33 -38.23 1.96 35.32
CA VAL O 33 -39.34 1.68 36.20
C VAL O 33 -39.54 0.17 36.22
N LYS O 34 -40.12 -0.32 37.31
CA LYS O 34 -40.42 -1.74 37.44
C LYS O 34 -41.71 -2.04 36.69
N THR O 35 -41.61 -2.04 35.36
CA THR O 35 -42.79 -2.34 34.56
C THR O 35 -43.20 -3.78 34.78
N GLU O 36 -44.42 -3.95 35.21
CA GLU O 36 -45.05 -5.26 35.28
C GLU O 36 -45.99 -5.36 34.09
N GLN O 37 -45.62 -6.20 33.12
CA GLN O 37 -46.47 -6.42 31.96
C GLN O 37 -47.80 -6.95 32.41
N TYR O 38 -48.84 -6.16 32.21
CA TYR O 38 -50.16 -6.41 32.79
C TYR O 38 -51.15 -6.73 31.69
N ARG O 39 -51.72 -7.92 31.75
CA ARG O 39 -52.81 -8.33 30.89
C ARG O 39 -53.94 -8.84 31.75
N ALA O 40 -55.14 -8.40 31.45
CA ALA O 40 -56.34 -8.77 32.17
C ALA O 40 -57.41 -9.19 31.18
N GLY O 41 -58.59 -9.47 31.70
CA GLY O 41 -59.69 -9.81 30.84
C GLY O 41 -60.19 -8.60 30.08
N GLY O 42 -60.63 -8.84 28.85
CA GLY O 42 -61.16 -7.81 28.02
C GLY O 42 -60.12 -7.02 27.26
N MET O 43 -58.84 -7.37 27.39
CA MET O 43 -57.77 -6.72 26.66
C MET O 43 -56.84 -7.76 26.06
N ASP O 44 -56.57 -7.62 24.77
CA ASP O 44 -55.75 -8.59 24.06
C ASP O 44 -54.27 -8.46 24.43
N ALA O 45 -53.74 -7.24 24.36
CA ALA O 45 -52.31 -7.01 24.44
C ALA O 45 -51.93 -6.48 25.83
N PRO O 46 -50.85 -6.97 26.43
CA PRO O 46 -50.48 -6.48 27.76
C PRO O 46 -50.04 -5.02 27.75
N VAL O 47 -50.35 -4.34 28.84
CA VAL O 47 -49.89 -2.96 29.07
C VAL O 47 -48.97 -2.97 30.27
N SER O 48 -47.85 -2.29 30.16
CA SER O 48 -46.94 -2.12 31.28
C SER O 48 -47.51 -1.15 32.31
N ILE O 49 -47.22 -1.41 33.57
CA ILE O 49 -47.66 -0.56 34.67
C ILE O 49 -46.43 -0.08 35.43
N ASP O 50 -46.42 1.20 35.78
CA ASP O 50 -45.36 1.78 36.58
C ASP O 50 -45.57 1.40 38.05
N MET O 51 -44.72 0.52 38.57
CA MET O 51 -44.78 0.06 39.94
C MET O 51 -43.57 0.48 40.75
N GLY O 52 -42.94 1.59 40.37
CA GLY O 52 -41.77 2.12 41.05
C GLY O 52 -40.52 1.98 40.19
N LEU O 53 -39.44 2.50 40.73
CA LEU O 53 -38.17 2.52 40.02
C LEU O 53 -37.35 1.27 40.31
N GLU O 54 -36.42 1.00 39.40
CA GLU O 54 -35.43 -0.05 39.60
C GLU O 54 -34.31 0.47 40.48
N ALA O 55 -33.41 -0.43 40.85
CA ALA O 55 -32.21 -0.03 41.56
C ALA O 55 -31.32 0.77 40.64
N MET O 56 -30.79 1.87 41.17
CA MET O 56 -29.83 2.69 40.46
C MET O 56 -28.43 2.15 40.69
N GLU O 57 -27.56 2.39 39.71
CA GLU O 57 -26.15 2.07 39.87
C GLU O 57 -25.35 2.97 38.96
N ALA O 58 -24.50 3.80 39.55
CA ALA O 58 -23.56 4.59 38.81
C ALA O 58 -22.23 3.85 38.69
N LYS O 59 -21.39 4.34 37.78
CA LYS O 59 -20.06 3.77 37.60
C LYS O 59 -19.13 4.86 37.11
N PHE O 60 -17.88 4.77 37.55
CA PHE O 60 -16.82 5.64 37.08
C PHE O 60 -15.50 4.96 37.35
N SER O 61 -14.51 5.25 36.52
CA SER O 61 -13.25 4.53 36.55
C SER O 61 -12.08 5.49 36.64
N THR O 62 -10.98 4.99 37.19
CA THR O 62 -9.73 5.70 37.28
C THR O 62 -8.61 4.75 36.87
N ASN O 63 -7.51 5.31 36.40
CA ASN O 63 -6.34 4.54 36.01
C ASN O 63 -5.20 4.63 37.00
N GLY O 64 -5.27 5.54 37.97
CA GLY O 64 -4.26 5.64 39.00
C GLY O 64 -4.83 5.40 40.37
N ALA O 65 -3.94 5.15 41.34
CA ALA O 65 -4.36 4.88 42.71
C ALA O 65 -4.81 6.20 43.32
N ARG O 66 -6.04 6.58 42.98
CA ARG O 66 -6.62 7.82 43.48
C ARG O 66 -7.15 7.54 44.87
N ARG O 67 -6.32 7.83 45.86
CA ARG O 67 -6.65 7.52 47.24
C ARG O 67 -7.97 8.16 47.67
N GLU O 68 -8.29 9.32 47.11
CA GLU O 68 -9.65 9.83 47.21
C GLU O 68 -10.53 9.00 46.29
N ALA O 69 -11.59 8.44 46.86
CA ALA O 69 -12.55 7.51 46.26
C ALA O 69 -12.03 6.08 46.20
N LEU O 70 -10.79 5.81 46.64
CA LEU O 70 -10.43 4.49 47.12
C LEU O 70 -10.75 4.33 48.59
N ASN O 71 -10.76 5.43 49.33
CA ASN O 71 -11.00 5.43 50.77
C ASN O 71 -12.48 5.60 51.13
N PHE O 72 -13.39 5.49 50.16
CA PHE O 72 -14.82 5.55 50.42
C PHE O 72 -15.53 4.22 50.19
N PHE O 73 -14.79 3.15 49.98
CA PHE O 73 -15.36 1.82 49.85
C PHE O 73 -15.73 1.26 51.21
N GLY O 74 -16.86 0.57 51.27
CA GLY O 74 -17.14 -0.25 52.42
C GLY O 74 -17.23 0.50 53.73
N LEU O 75 -17.51 1.79 53.66
CA LEU O 75 -17.68 2.57 54.88
C LEU O 75 -18.99 2.16 55.55
N ALA O 76 -18.97 2.18 56.88
CA ALA O 76 -20.19 1.89 57.62
C ALA O 76 -21.25 2.93 57.33
N ASP O 77 -20.85 4.18 57.18
CA ASP O 77 -21.78 5.28 56.91
C ASP O 77 -22.10 5.29 55.42
N GLN O 78 -23.05 4.44 55.04
CA GLN O 78 -23.63 4.54 53.71
C GLN O 78 -24.23 5.94 53.52
N SER O 79 -24.25 6.37 52.27
CA SER O 79 -24.67 7.69 51.82
C SER O 79 -23.67 8.78 52.17
N ALA O 80 -22.52 8.43 52.76
CA ALA O 80 -21.43 9.38 52.92
C ALA O 80 -20.66 9.58 51.63
N PHE O 81 -20.74 8.62 50.70
CA PHE O 81 -20.14 8.80 49.40
C PHE O 81 -20.96 9.77 48.57
N ASN O 82 -20.60 11.05 48.60
CA ASN O 82 -21.23 12.02 47.72
C ASN O 82 -20.60 11.88 46.34
N GLY O 83 -20.94 12.80 45.44
CA GLY O 83 -20.42 12.74 44.10
C GLY O 83 -21.17 13.63 43.14
N VAL O 84 -20.47 14.14 42.14
CA VAL O 84 -21.06 14.99 41.11
C VAL O 84 -20.50 14.54 39.77
N PHE O 85 -21.36 14.06 38.90
CA PHE O 85 -21.02 13.74 37.52
C PHE O 85 -21.33 14.94 36.65
N ARG O 86 -20.29 15.52 36.05
CA ARG O 86 -20.44 16.65 35.15
C ARG O 86 -20.15 16.23 33.72
N GLY O 87 -20.88 16.83 32.78
CA GLY O 87 -20.69 16.58 31.37
C GLY O 87 -20.99 17.83 30.56
N SER O 88 -20.08 18.17 29.66
CA SER O 88 -20.19 19.37 28.83
C SER O 88 -20.72 18.97 27.45
N PHE O 89 -21.99 19.26 27.21
CA PHE O 89 -22.62 18.99 25.92
C PHE O 89 -22.54 20.24 25.09
N LYS O 90 -21.77 20.19 24.01
CA LYS O 90 -21.63 21.28 23.07
C LYS O 90 -22.46 20.99 21.82
N GLY O 91 -23.25 21.97 21.39
CA GLY O 91 -24.02 21.84 20.18
C GLY O 91 -23.13 21.96 18.96
N GLN O 92 -23.79 22.01 17.79
CA GLN O 92 -23.07 22.40 16.59
C GLN O 92 -22.53 23.81 16.74
N LYS O 93 -23.43 24.77 16.95
CA LYS O 93 -23.04 26.15 17.15
C LYS O 93 -22.27 26.29 18.46
N GLY O 94 -21.70 27.48 18.65
CA GLY O 94 -20.87 27.72 19.81
C GLY O 94 -21.66 27.91 21.08
N ALA O 95 -22.24 26.83 21.58
CA ALA O 95 -23.00 26.85 22.83
C ALA O 95 -22.73 25.56 23.58
N SER O 96 -22.68 25.67 24.91
CA SER O 96 -22.34 24.56 25.78
C SER O 96 -23.43 24.39 26.82
N VAL O 97 -23.88 23.16 27.00
CA VAL O 97 -24.96 22.81 27.92
C VAL O 97 -24.35 21.99 29.05
N PRO O 98 -24.29 22.50 30.28
CA PRO O 98 -23.80 21.67 31.38
C PRO O 98 -24.86 20.70 31.85
N VAL O 99 -24.42 19.47 32.11
CA VAL O 99 -25.25 18.42 32.69
C VAL O 99 -24.58 17.97 33.98
N VAL O 100 -25.35 17.93 35.05
CA VAL O 100 -24.85 17.66 36.39
C VAL O 100 -25.74 16.61 37.01
N ALA O 101 -25.14 15.56 37.57
CA ALA O 101 -25.83 14.53 38.32
C ALA O 101 -25.20 14.40 39.68
N THR O 102 -25.77 15.09 40.65
CA THR O 102 -25.37 14.89 42.03
C THR O 102 -25.78 13.50 42.47
N LEU O 103 -24.84 12.77 43.05
CA LEU O 103 -25.08 11.44 43.58
C LEU O 103 -24.73 11.40 45.06
N ARG O 104 -25.34 10.44 45.74
CA ARG O 104 -25.02 10.18 47.13
C ARG O 104 -25.48 8.76 47.44
N GLY O 105 -24.56 7.93 47.89
CA GLY O 105 -24.87 6.54 48.13
C GLY O 105 -23.71 5.77 48.69
N LEU O 106 -23.46 4.59 48.11
CA LEU O 106 -22.44 3.67 48.57
C LEU O 106 -21.47 3.38 47.44
N LEU O 107 -20.17 3.48 47.71
CA LEU O 107 -19.21 2.96 46.76
C LEU O 107 -19.27 1.44 46.84
N LYS O 108 -20.07 0.85 45.96
CA LYS O 108 -20.42 -0.57 46.10
C LYS O 108 -19.23 -1.47 45.87
N GLU O 109 -18.38 -1.14 44.91
CA GLU O 109 -17.47 -2.10 44.34
C GLU O 109 -16.20 -1.40 43.87
N VAL O 110 -15.08 -2.11 44.02
CA VAL O 110 -13.79 -1.67 43.50
C VAL O 110 -13.17 -2.87 42.80
N ASP O 111 -12.92 -2.73 41.50
CA ASP O 111 -12.54 -3.85 40.63
C ASP O 111 -11.32 -3.45 39.82
N PRO O 112 -10.12 -3.54 40.40
CA PRO O 112 -8.90 -3.31 39.64
C PRO O 112 -8.76 -4.32 38.51
N GLY O 113 -8.67 -3.81 37.30
CA GLY O 113 -8.53 -4.67 36.15
C GLY O 113 -7.19 -5.39 36.14
N ASP O 114 -6.97 -6.13 35.07
CA ASP O 114 -5.74 -6.89 34.91
C ASP O 114 -4.57 -5.94 34.72
N TRP O 115 -3.58 -6.04 35.60
CA TRP O 115 -2.34 -5.29 35.47
C TRP O 115 -1.42 -6.06 34.54
N LYS O 116 -1.25 -5.55 33.31
CA LYS O 116 -0.57 -6.27 32.25
C LYS O 116 0.81 -5.73 31.93
N ALA O 117 1.37 -4.87 32.78
CA ALA O 117 2.77 -4.45 32.66
C ALA O 117 3.04 -3.74 31.33
N GLY O 118 2.41 -2.57 31.20
CA GLY O 118 2.48 -1.77 29.99
C GLY O 118 1.11 -1.48 29.42
N GLU O 119 0.09 -1.55 30.28
CA GLU O 119 -1.28 -1.25 29.89
C GLU O 119 -1.94 -0.53 31.05
N LYS O 120 -2.98 0.23 30.74
CA LYS O 120 -3.65 1.03 31.75
C LYS O 120 -4.21 0.15 32.86
N ALA O 121 -4.24 0.70 34.07
CA ALA O 121 -4.72 -0.06 35.21
C ALA O 121 -6.23 -0.25 35.13
N GLU O 122 -6.96 0.85 34.93
CA GLU O 122 -8.41 0.82 34.73
C GLU O 122 -9.12 0.22 35.95
N PHE O 123 -9.02 0.95 37.06
CA PHE O 123 -9.83 0.65 38.23
C PHE O 123 -11.29 0.93 37.89
N LYS O 124 -12.11 -0.11 37.94
CA LYS O 124 -13.55 0.04 37.79
C LYS O 124 -14.18 0.14 39.17
N TYR O 125 -15.04 1.13 39.34
CA TYR O 125 -15.85 1.27 40.53
C TYR O 125 -17.32 1.13 40.15
N ALA O 126 -18.13 0.83 41.15
CA ALA O 126 -19.58 0.90 41.02
C ALA O 126 -20.13 1.54 42.28
N VAL O 127 -21.19 2.32 42.11
CA VAL O 127 -21.82 3.05 43.20
C VAL O 127 -23.27 2.61 43.27
N ALA O 128 -23.72 2.27 44.47
CA ALA O 128 -25.14 2.05 44.72
C ALA O 128 -25.74 3.37 45.22
N VAL O 129 -26.65 3.92 44.43
CA VAL O 129 -27.09 5.29 44.61
C VAL O 129 -28.29 5.31 45.55
N SER O 130 -28.23 6.21 46.54
CA SER O 130 -29.34 6.49 47.43
C SER O 130 -29.89 7.89 47.25
N TYR O 131 -29.42 8.64 46.26
CA TYR O 131 -29.97 9.94 45.96
C TYR O 131 -29.46 10.36 44.59
N TYR O 132 -30.36 10.90 43.77
CA TYR O 132 -30.06 11.20 42.38
C TYR O 132 -30.77 12.48 41.98
N LYS O 133 -30.00 13.54 41.73
CA LYS O 133 -30.51 14.78 41.17
C LYS O 133 -29.77 15.06 39.88
N LEU O 134 -30.50 15.03 38.76
CA LEU O 134 -29.96 15.36 37.46
C LEU O 134 -30.37 16.77 37.10
N GLU O 135 -29.41 17.58 36.66
CA GLU O 135 -29.64 18.95 36.24
C GLU O 135 -29.07 19.13 34.84
N VAL O 136 -29.81 19.86 34.01
CA VAL O 136 -29.41 20.21 32.66
C VAL O 136 -29.51 21.71 32.53
N ASP O 137 -28.39 22.35 32.18
CA ASP O 137 -28.37 23.79 31.93
C ASP O 137 -28.81 24.56 33.17
N GLY O 138 -28.41 24.07 34.33
CA GLY O 138 -28.73 24.70 35.59
C GLY O 138 -30.14 24.48 36.07
N ARG O 139 -30.96 23.71 35.36
CA ARG O 139 -32.34 23.47 35.72
C ARG O 139 -32.52 22.04 36.19
N GLU O 140 -33.31 21.88 37.25
CA GLU O 140 -33.65 20.55 37.74
C GLU O 140 -34.42 19.80 36.67
N VAL O 141 -33.88 18.67 36.24
CA VAL O 141 -34.63 17.70 35.46
C VAL O 141 -35.28 16.67 36.38
N TYR O 142 -34.46 15.92 37.15
CA TYR O 142 -34.99 14.97 38.12
C TYR O 142 -34.53 15.29 39.53
N GLU O 143 -35.21 14.68 40.49
CA GLU O 143 -34.64 14.45 41.80
C GLU O 143 -35.32 13.22 42.38
N ILE O 144 -34.58 12.14 42.52
CA ILE O 144 -35.03 11.01 43.33
C ILE O 144 -34.52 11.26 44.74
N ASP O 145 -35.37 10.93 45.72
CA ASP O 145 -34.90 10.62 47.07
C ASP O 145 -35.68 9.37 47.47
N PRO O 146 -35.07 8.18 47.38
CA PRO O 146 -35.87 6.96 47.61
C PRO O 146 -36.47 6.88 48.99
N VAL O 147 -35.65 7.11 50.01
CA VAL O 147 -36.06 6.85 51.39
C VAL O 147 -37.10 7.84 51.86
N ASN O 148 -37.11 9.05 51.29
CA ASN O 148 -38.12 10.04 51.59
C ASN O 148 -39.30 10.01 50.62
N GLY O 149 -39.20 9.25 49.54
CA GLY O 149 -40.31 9.12 48.62
C GLY O 149 -40.46 10.27 47.66
N VAL O 150 -39.35 10.75 47.09
CA VAL O 150 -39.36 11.84 46.12
C VAL O 150 -39.03 11.25 44.76
N ARG O 151 -39.85 11.57 43.77
CA ARG O 151 -39.54 11.32 42.36
C ARG O 151 -40.03 12.57 41.63
N ALA O 152 -39.17 13.55 41.50
CA ALA O 152 -39.54 14.86 40.98
C ALA O 152 -39.17 14.95 39.52
N ILE O 153 -40.08 15.53 38.73
CA ILE O 153 -39.83 15.87 37.34
C ILE O 153 -40.02 17.37 37.21
N ASN O 154 -38.94 18.07 36.87
CA ASN O 154 -38.97 19.53 36.72
C ASN O 154 -39.47 20.21 37.98
N GLY O 155 -39.21 19.63 39.14
CA GLY O 155 -39.67 20.15 40.40
C GLY O 155 -41.04 19.66 40.84
N VAL O 156 -41.67 18.76 40.08
CA VAL O 156 -42.99 18.24 40.38
C VAL O 156 -42.83 16.83 40.92
N ASP O 157 -43.01 16.66 42.22
CA ASP O 157 -42.96 15.35 42.85
C ASP O 157 -44.13 14.52 42.35
N GLN O 158 -43.83 13.52 41.51
CA GLN O 158 -44.85 12.63 41.00
C GLN O 158 -45.43 11.72 42.08
N LEU O 159 -44.74 11.58 43.21
CA LEU O 159 -45.14 10.67 44.27
C LEU O 159 -45.96 11.35 45.36
N ALA O 160 -46.40 12.58 45.15
CA ALA O 160 -47.16 13.29 46.18
C ALA O 160 -48.45 12.55 46.52
N GLY O 161 -49.10 11.95 45.52
CA GLY O 161 -50.29 11.18 45.78
C GLY O 161 -50.02 9.97 46.64
N MET O 162 -48.91 9.29 46.39
CA MET O 162 -48.52 8.15 47.21
C MET O 162 -48.23 8.59 48.64
N ARG O 163 -47.54 9.72 48.79
CA ARG O 163 -47.23 10.22 50.12
C ARG O 163 -48.48 10.59 50.88
N ASN O 164 -49.47 11.16 50.19
CA ASN O 164 -50.76 11.43 50.83
C ASN O 164 -51.46 10.14 51.21
N ASP O 165 -51.45 9.15 50.33
CA ASP O 165 -52.15 7.90 50.59
C ASP O 165 -51.54 7.17 51.78
N LEU O 166 -50.21 7.16 51.87
CA LEU O 166 -49.51 6.47 52.94
C LEU O 166 -49.29 7.34 54.16
N GLY O 167 -49.60 8.62 54.10
CA GLY O 167 -49.37 9.51 55.22
C GLY O 167 -47.90 9.61 55.55
N LEU O 168 -47.11 10.06 54.59
CA LEU O 168 -45.65 10.02 54.66
C LEU O 168 -45.17 8.58 54.72
N MET P 2 -5.95 15.45 39.92
CA MET P 2 -5.78 16.24 38.71
C MET P 2 -4.38 16.10 38.14
N ILE P 3 -4.01 14.88 37.74
CA ILE P 3 -2.79 14.68 36.99
C ILE P 3 -2.89 13.34 36.26
N PRO P 4 -2.47 13.22 35.00
CA PRO P 4 -2.46 11.89 34.37
C PRO P 4 -1.53 10.95 35.09
N GLN P 5 -1.93 9.68 35.14
CA GLN P 5 -1.20 8.68 35.89
C GLN P 5 -1.79 7.32 35.59
N THR P 6 -0.94 6.31 35.55
CA THR P 6 -1.41 4.95 35.32
C THR P 6 -0.27 3.98 35.60
N LEU P 7 -0.56 2.71 35.37
CA LEU P 7 0.42 1.65 35.58
C LEU P 7 1.44 1.66 34.45
N THR P 8 2.69 1.42 34.81
CA THR P 8 3.78 1.28 33.85
C THR P 8 4.51 -0.03 33.97
N ASN P 9 4.57 -0.61 35.17
CA ASN P 9 5.32 -1.84 35.37
C ASN P 9 4.89 -2.43 36.71
N THR P 10 5.15 -3.72 36.88
CA THR P 10 4.65 -4.46 38.02
C THR P 10 5.72 -5.44 38.49
N ASN P 11 5.40 -6.19 39.54
CA ASN P 11 6.25 -7.26 40.05
C ASN P 11 5.47 -8.02 41.11
N LEU P 12 5.89 -9.26 41.34
CA LEU P 12 5.23 -10.16 42.28
C LEU P 12 6.26 -10.76 43.21
N PHE P 13 5.94 -10.78 44.50
CA PHE P 13 6.72 -11.51 45.48
C PHE P 13 5.85 -12.59 46.11
N ILE P 14 6.44 -13.78 46.26
CA ILE P 14 5.84 -14.87 47.00
C ILE P 14 6.95 -15.49 47.84
N ASP P 15 6.76 -15.50 49.17
CA ASP P 15 7.72 -16.08 50.09
C ASP P 15 9.09 -15.42 49.93
N GLY P 16 9.09 -14.12 49.64
CA GLY P 16 10.30 -13.37 49.43
C GLY P 16 10.96 -13.59 48.08
N VAL P 17 10.47 -14.53 47.28
CA VAL P 17 11.03 -14.80 45.97
C VAL P 17 10.49 -13.78 44.99
N SER P 18 11.36 -13.15 44.23
CA SER P 18 10.95 -12.19 43.23
C SER P 18 10.66 -12.91 41.92
N PHE P 19 9.49 -12.59 41.34
CA PHE P 19 9.16 -12.96 39.98
C PHE P 19 9.29 -11.76 39.06
N ALA P 20 10.32 -10.95 39.28
CA ALA P 20 10.62 -9.87 38.36
C ALA P 20 11.10 -10.51 37.07
N GLY P 21 10.17 -10.76 36.16
CA GLY P 21 10.48 -11.43 34.90
C GLY P 21 9.42 -12.36 34.38
N ASP P 22 8.46 -12.80 35.20
CA ASP P 22 7.42 -13.73 34.74
C ASP P 22 6.05 -13.48 35.36
N VAL P 23 5.52 -12.26 35.24
CA VAL P 23 4.15 -11.98 35.66
C VAL P 23 3.42 -11.20 34.56
N PRO P 24 3.06 -11.85 33.46
CA PRO P 24 2.37 -11.14 32.36
C PRO P 24 1.08 -10.46 32.78
N SER P 25 0.25 -11.15 33.55
CA SER P 25 -1.00 -10.61 34.05
C SER P 25 -0.98 -10.67 35.56
N LEU P 26 -1.28 -9.54 36.19
CA LEU P 26 -1.41 -9.46 37.63
C LEU P 26 -2.78 -8.87 37.95
N THR P 27 -3.48 -9.47 38.90
CA THR P 27 -4.83 -9.05 39.25
C THR P 27 -4.94 -8.89 40.76
N LEU P 28 -5.28 -7.71 41.18
CA LEU P 28 -5.64 -7.42 42.54
C LEU P 28 -7.07 -7.90 42.80
N PRO P 29 -7.37 -8.50 43.95
CA PRO P 29 -8.70 -9.08 44.14
C PRO P 29 -9.77 -8.01 44.10
N LYS P 30 -10.83 -8.31 43.34
CA LYS P 30 -11.95 -7.40 43.26
C LYS P 30 -12.59 -7.25 44.63
N LEU P 31 -13.04 -6.05 44.93
CA LEU P 31 -13.68 -5.73 46.19
C LEU P 31 -15.10 -5.30 45.92
N ALA P 32 -16.02 -5.86 46.70
CA ALA P 32 -17.42 -5.55 46.59
C ALA P 32 -18.03 -5.74 47.97
N VAL P 33 -19.26 -5.24 48.11
CA VAL P 33 -20.06 -5.50 49.28
C VAL P 33 -21.26 -6.31 48.82
N LYS P 34 -21.84 -7.06 49.75
CA LYS P 34 -23.03 -7.85 49.47
C LYS P 34 -24.25 -6.95 49.54
N THR P 35 -24.40 -6.10 48.52
CA THR P 35 -25.55 -5.20 48.50
C THR P 35 -26.81 -6.01 48.33
N GLU P 36 -27.71 -5.85 49.27
CA GLU P 36 -29.05 -6.38 49.17
C GLU P 36 -29.97 -5.23 48.79
N GLN P 37 -30.46 -5.23 47.56
CA GLN P 37 -31.38 -4.20 47.11
C GLN P 37 -32.61 -4.21 47.99
N TYR P 38 -32.79 -3.14 48.75
CA TYR P 38 -33.78 -3.09 49.82
C TYR P 38 -34.86 -2.08 49.46
N ARG P 39 -36.08 -2.57 49.37
CA ARG P 39 -37.26 -1.75 49.20
C ARG P 39 -38.26 -2.11 50.27
N ALA P 40 -38.83 -1.09 50.91
CA ALA P 40 -39.79 -1.26 51.97
C ALA P 40 -40.98 -0.37 51.70
N GLY P 41 -41.91 -0.34 52.64
CA GLY P 41 -43.05 0.54 52.52
C GLY P 41 -42.65 1.98 52.71
N GLY P 42 -43.32 2.86 51.97
CA GLY P 42 -43.08 4.27 52.08
C GLY P 42 -41.93 4.77 51.25
N MET P 43 -41.28 3.89 50.47
CA MET P 43 -40.19 4.29 49.59
C MET P 43 -40.39 3.65 48.22
N ASP P 44 -40.32 4.48 47.18
CA ASP P 44 -40.56 4.01 45.82
C ASP P 44 -39.39 3.18 45.31
N ALA P 45 -38.17 3.70 45.42
CA ALA P 45 -37.01 3.14 44.76
C ALA P 45 -36.15 2.34 45.75
N PRO P 46 -35.66 1.16 45.39
CA PRO P 46 -34.84 0.39 46.33
C PRO P 46 -33.52 1.07 46.64
N VAL P 47 -33.06 0.88 47.87
CA VAL P 47 -31.74 1.32 48.31
C VAL P 47 -30.92 0.09 48.66
N SER P 48 -29.69 0.07 48.20
CA SER P 48 -28.76 -0.99 48.55
C SER P 48 -28.31 -0.86 50.00
N ILE P 49 -28.09 -1.99 50.65
CA ILE P 49 -27.60 -2.04 52.03
C ILE P 49 -26.31 -2.82 52.07
N ASP P 50 -25.34 -2.30 52.82
CA ASP P 50 -24.07 -2.98 53.02
C ASP P 50 -24.25 -4.08 54.05
N MET P 51 -24.21 -5.33 53.60
CA MET P 51 -24.35 -6.50 54.45
C MET P 51 -23.09 -7.34 54.51
N GLY P 52 -21.94 -6.71 54.31
CA GLY P 52 -20.66 -7.39 54.35
C GLY P 52 -20.03 -7.47 52.96
N LEU P 53 -18.83 -8.02 52.93
CA LEU P 53 -18.06 -8.09 51.70
C LEU P 53 -18.34 -9.39 50.96
N GLU P 54 -18.02 -9.37 49.67
CA GLU P 54 -18.06 -10.56 48.84
C GLU P 54 -16.78 -11.35 49.05
N ALA P 55 -16.75 -12.54 48.45
CA ALA P 55 -15.53 -13.32 48.44
C ALA P 55 -14.49 -12.63 47.58
N MET P 56 -13.27 -12.58 48.08
CA MET P 56 -12.14 -12.06 47.35
C MET P 56 -11.53 -13.16 46.50
N GLU P 57 -10.91 -12.76 45.39
CA GLU P 57 -10.14 -13.69 44.58
C GLU P 57 -9.10 -12.91 43.81
N ALA P 58 -7.84 -13.21 44.08
CA ALA P 58 -6.74 -12.67 43.31
C ALA P 58 -6.38 -13.62 42.18
N LYS P 59 -5.59 -13.11 41.23
CA LYS P 59 -5.12 -13.92 40.13
C LYS P 59 -3.78 -13.37 39.67
N PHE P 60 -2.92 -14.29 39.23
CA PHE P 60 -1.65 -13.93 38.64
C PHE P 60 -1.19 -15.12 37.82
N SER P 61 -0.43 -14.84 36.76
CA SER P 61 -0.07 -15.85 35.79
C SER P 61 1.44 -15.87 35.56
N THR P 62 1.92 -17.03 35.14
CA THR P 62 3.30 -17.25 34.77
C THR P 62 3.33 -18.03 33.47
N ASN P 63 4.41 -17.88 32.72
CA ASN P 63 4.60 -18.60 31.47
C ASN P 63 5.60 -19.73 31.57
N GLY P 64 6.35 -19.82 32.66
CA GLY P 64 7.29 -20.90 32.88
C GLY P 64 6.94 -21.72 34.10
N ALA P 65 7.53 -22.91 34.20
CA ALA P 65 7.27 -23.79 35.34
C ALA P 65 7.99 -23.21 36.54
N ARG P 66 7.36 -22.22 37.15
CA ARG P 66 7.92 -21.55 38.31
C ARG P 66 7.58 -22.41 39.51
N ARG P 67 8.52 -23.29 39.88
CA ARG P 67 8.29 -24.24 40.95
C ARG P 67 7.91 -23.56 42.25
N GLU P 68 8.42 -22.36 42.48
CA GLU P 68 7.86 -21.50 43.52
C GLU P 68 6.52 -20.98 43.04
N ALA P 69 5.49 -21.21 43.84
CA ALA P 69 4.07 -20.92 43.58
C ALA P 69 3.42 -21.96 42.69
N LEU P 70 4.14 -22.97 42.20
CA LEU P 70 3.52 -24.23 41.82
C LEU P 70 3.42 -25.17 43.01
N ASN P 71 4.31 -25.00 43.99
CA ASN P 71 4.38 -25.87 45.16
C ASN P 71 3.55 -25.35 46.33
N PHE P 72 2.69 -24.36 46.10
CA PHE P 72 1.78 -23.84 47.12
C PHE P 72 0.32 -24.14 46.85
N PHE P 73 0.03 -24.97 45.86
CA PHE P 73 -1.32 -25.40 45.58
C PHE P 73 -1.75 -26.48 46.55
N GLY P 74 -3.01 -26.42 46.97
CA GLY P 74 -3.60 -27.54 47.65
C GLY P 74 -2.92 -27.93 48.94
N LEU P 75 -2.20 -27.00 49.56
CA LEU P 75 -1.59 -27.29 50.83
C LEU P 75 -2.66 -27.39 51.90
N ALA P 76 -2.43 -28.28 52.87
CA ALA P 76 -3.36 -28.39 53.98
C ALA P 76 -3.39 -27.10 54.78
N ASP P 77 -2.25 -26.44 54.93
CA ASP P 77 -2.16 -25.20 55.68
C ASP P 77 -2.60 -24.05 54.79
N GLN P 78 -3.92 -23.86 54.74
CA GLN P 78 -4.45 -22.66 54.15
C GLN P 78 -3.91 -21.43 54.88
N SER P 79 -3.82 -20.32 54.15
CA SER P 79 -3.24 -19.06 54.58
C SER P 79 -1.72 -19.12 54.69
N ALA P 80 -1.09 -20.23 54.33
CA ALA P 80 0.36 -20.27 54.20
C ALA P 80 0.82 -19.64 52.90
N PHE P 81 -0.06 -19.54 51.90
CA PHE P 81 0.28 -18.84 50.68
C PHE P 81 0.27 -17.34 50.92
N ASN P 82 1.43 -16.78 51.23
CA ASN P 82 1.54 -15.33 51.33
C ASN P 82 1.65 -14.76 49.92
N GLY P 83 1.92 -13.46 49.82
CA GLY P 83 2.03 -12.83 48.53
C GLY P 83 1.99 -11.33 48.60
N VAL P 84 2.68 -10.67 47.68
CA VAL P 84 2.72 -9.22 47.60
C VAL P 84 2.57 -8.85 46.14
N PHE P 85 1.49 -8.14 45.82
CA PHE P 85 1.29 -7.57 44.49
C PHE P 85 1.78 -6.14 44.51
N ARG P 86 2.81 -5.86 43.70
CA ARG P 86 3.36 -4.52 43.57
C ARG P 86 3.04 -3.95 42.20
N GLY P 87 2.81 -2.64 42.18
CA GLY P 87 2.55 -1.92 40.96
C GLY P 87 3.09 -0.51 41.02
N SER P 88 3.81 -0.11 39.98
CA SER P 88 4.45 1.20 39.91
C SER P 88 3.59 2.12 39.06
N PHE P 89 2.89 3.03 39.72
CA PHE P 89 2.05 4.02 39.04
C PHE P 89 2.87 5.29 38.87
N LYS P 90 3.18 5.62 37.63
CA LYS P 90 3.91 6.84 37.30
C LYS P 90 2.93 7.87 36.75
N GLY P 91 3.02 9.09 37.27
CA GLY P 91 2.20 10.18 36.78
C GLY P 91 2.70 10.67 35.43
N GLN P 92 2.11 11.78 34.99
CA GLN P 92 2.68 12.49 33.85
C GLN P 92 4.07 12.98 34.21
N LYS P 93 4.17 13.80 35.25
CA LYS P 93 5.45 14.31 35.70
C LYS P 93 6.29 13.16 36.27
N GLY P 94 7.55 13.47 36.54
CA GLY P 94 8.48 12.47 37.01
C GLY P 94 8.27 12.09 38.45
N ALA P 95 7.18 11.37 38.72
CA ALA P 95 6.87 10.89 40.06
C ALA P 95 6.27 9.50 39.95
N SER P 96 6.59 8.66 40.93
CA SER P 96 6.17 7.26 40.94
C SER P 96 5.48 6.96 42.25
N VAL P 97 4.32 6.32 42.16
CA VAL P 97 3.47 5.99 43.30
C VAL P 97 3.49 4.47 43.46
N PRO P 98 4.10 3.92 44.51
CA PRO P 98 4.02 2.47 44.71
C PRO P 98 2.67 2.06 45.27
N VAL P 99 2.14 0.98 44.73
CA VAL P 99 0.93 0.34 45.22
C VAL P 99 1.27 -1.09 45.59
N VAL P 100 0.89 -1.49 46.80
CA VAL P 100 1.24 -2.77 47.37
C VAL P 100 -0.01 -3.40 47.92
N ALA P 101 -0.24 -4.66 47.58
CA ALA P 101 -1.34 -5.45 48.12
C ALA P 101 -0.78 -6.74 48.69
N THR P 102 -0.52 -6.72 49.99
CA THR P 102 -0.18 -7.95 50.68
C THR P 102 -1.37 -8.88 50.69
N LEU P 103 -1.15 -10.12 50.30
CA LEU P 103 -2.17 -11.15 50.30
C LEU P 103 -1.73 -12.32 51.16
N ARG P 104 -2.72 -13.07 51.62
CA ARG P 104 -2.46 -14.30 52.35
C ARG P 104 -3.73 -15.13 52.29
N GLY P 105 -3.62 -16.34 51.77
CA GLY P 105 -4.78 -17.18 51.57
C GLY P 105 -4.44 -18.53 51.01
N LEU P 106 -5.20 -18.94 50.00
CA LEU P 106 -5.07 -20.26 49.39
C LEU P 106 -4.79 -20.10 47.92
N LEU P 107 -3.79 -20.82 47.41
CA LEU P 107 -3.65 -20.93 45.97
C LEU P 107 -4.76 -21.84 45.47
N LYS P 108 -5.86 -21.25 45.06
CA LYS P 108 -7.09 -22.01 44.81
C LYS P 108 -6.94 -22.93 43.61
N GLU P 109 -6.28 -22.47 42.56
CA GLU P 109 -6.43 -23.07 41.25
C GLU P 109 -5.14 -22.91 40.47
N VAL P 110 -4.84 -23.93 39.66
CA VAL P 110 -3.73 -23.91 38.72
C VAL P 110 -4.27 -24.43 37.40
N ASP P 111 -4.20 -23.59 36.36
CA ASP P 111 -4.87 -23.84 35.09
C ASP P 111 -3.88 -23.61 33.96
N PRO P 112 -3.03 -24.59 33.67
CA PRO P 112 -2.15 -24.50 32.51
C PRO P 112 -2.95 -24.40 31.22
N GLY P 113 -2.72 -23.33 30.48
CA GLY P 113 -3.42 -23.13 29.24
C GLY P 113 -3.00 -24.14 28.19
N ASP P 114 -3.55 -23.97 27.00
CA ASP P 114 -3.27 -24.87 25.90
C ASP P 114 -1.82 -24.70 25.45
N TRP P 115 -1.07 -25.80 25.50
CA TRP P 115 0.30 -25.84 24.99
C TRP P 115 0.23 -26.08 23.48
N LYS P 116 0.51 -25.03 22.70
CA LYS P 116 0.29 -25.05 21.26
C LYS P 116 1.58 -25.15 20.44
N ALA P 117 2.71 -25.46 21.09
CA ALA P 117 3.95 -25.77 20.36
C ALA P 117 4.42 -24.57 19.52
N GLY P 118 4.80 -23.52 20.24
CA GLY P 118 5.22 -22.27 19.63
C GLY P 118 4.40 -21.09 20.11
N GLU P 119 3.78 -21.25 21.29
CA GLU P 119 3.00 -20.20 21.90
C GLU P 119 3.24 -20.26 23.40
N LYS P 120 3.01 -19.12 24.06
CA LYS P 120 3.29 -19.03 25.49
C LYS P 120 2.45 -20.04 26.27
N ALA P 121 3.01 -20.51 27.37
CA ALA P 121 2.32 -21.51 28.18
C ALA P 121 1.14 -20.89 28.91
N GLU P 122 1.38 -19.77 29.60
CA GLU P 122 0.34 -19.00 30.27
C GLU P 122 -0.38 -19.85 31.34
N PHE P 123 0.39 -20.21 32.36
CA PHE P 123 -0.21 -20.79 33.55
C PHE P 123 -1.06 -19.76 34.24
N LYS P 124 -2.36 -20.02 34.34
CA LYS P 124 -3.27 -19.19 35.11
C LYS P 124 -3.41 -19.77 36.50
N TYR P 125 -3.26 -18.92 37.51
CA TYR P 125 -3.54 -19.25 38.88
C TYR P 125 -4.70 -18.43 39.38
N ALA P 126 -5.31 -18.90 40.46
CA ALA P 126 -6.27 -18.12 41.22
C ALA P 126 -6.00 -18.34 42.70
N VAL P 127 -6.20 -17.29 43.48
CA VAL P 127 -5.95 -17.30 44.90
C VAL P 127 -7.24 -16.95 45.62
N ALA P 128 -7.60 -17.75 46.61
CA ALA P 128 -8.68 -17.41 47.52
C ALA P 128 -8.10 -16.70 48.72
N VAL P 129 -8.45 -15.44 48.88
CA VAL P 129 -7.76 -14.54 49.81
C VAL P 129 -8.40 -14.63 51.17
N SER P 130 -7.57 -14.79 52.20
CA SER P 130 -8.00 -14.72 53.59
C SER P 130 -7.42 -13.52 54.32
N TYR P 131 -6.71 -12.63 53.63
CA TYR P 131 -6.22 -11.41 54.22
C TYR P 131 -5.79 -10.48 53.10
N TYR P 132 -6.15 -9.21 53.23
CA TYR P 132 -5.96 -8.23 52.17
C TYR P 132 -5.60 -6.89 52.79
N LYS P 133 -4.37 -6.45 52.57
CA LYS P 133 -3.91 -5.12 52.94
C LYS P 133 -3.42 -4.41 51.68
N LEU P 134 -4.12 -3.37 51.29
CA LEU P 134 -3.72 -2.53 50.16
C LEU P 134 -3.06 -1.28 50.69
N GLU P 135 -1.90 -0.94 50.14
CA GLU P 135 -1.15 0.26 50.49
C GLU P 135 -0.85 1.04 49.23
N VAL P 136 -0.97 2.36 49.34
CA VAL P 136 -0.67 3.28 48.25
C VAL P 136 0.30 4.31 48.80
N ASP P 137 1.48 4.42 48.16
CA ASP P 137 2.47 5.42 48.53
C ASP P 137 2.91 5.24 49.98
N GLY P 138 3.02 3.98 50.40
CA GLY P 138 3.45 3.66 51.74
C GLY P 138 2.41 3.84 52.81
N ARG P 139 1.19 4.24 52.45
CA ARG P 139 0.11 4.48 53.40
C ARG P 139 -0.94 3.40 53.30
N GLU P 140 -1.44 2.96 54.45
CA GLU P 140 -2.53 2.00 54.48
C GLU P 140 -3.76 2.62 53.86
N VAL P 141 -4.26 2.01 52.80
CA VAL P 141 -5.58 2.29 52.28
C VAL P 141 -6.61 1.36 52.92
N TYR P 142 -6.47 0.04 52.72
CA TYR P 142 -7.35 -0.93 53.36
C TYR P 142 -6.58 -1.90 54.23
N GLU P 143 -7.33 -2.59 55.09
CA GLU P 143 -6.90 -3.86 55.62
C GLU P 143 -8.13 -4.66 55.96
N ILE P 144 -8.38 -5.74 55.21
CA ILE P 144 -9.35 -6.74 55.61
C ILE P 144 -8.61 -7.76 56.45
N ASP P 145 -9.26 -8.24 57.50
CA ASP P 145 -8.95 -9.53 58.10
C ASP P 145 -10.30 -10.18 58.35
N PRO P 146 -10.75 -11.09 57.47
CA PRO P 146 -12.12 -11.61 57.62
C PRO P 146 -12.37 -12.31 58.93
N VAL P 147 -11.48 -13.23 59.30
CA VAL P 147 -11.73 -14.13 60.42
C VAL P 147 -11.66 -13.38 61.74
N ASN P 148 -10.90 -12.30 61.80
CA ASN P 148 -10.85 -11.44 62.98
C ASN P 148 -11.83 -10.29 62.94
N GLY P 149 -12.48 -10.05 61.80
CA GLY P 149 -13.48 -9.01 61.72
C GLY P 149 -12.92 -7.62 61.55
N VAL P 150 -11.91 -7.45 60.70
CA VAL P 150 -11.29 -6.16 60.41
C VAL P 150 -11.71 -5.75 59.02
N ARG P 151 -12.19 -4.52 58.89
CA ARG P 151 -12.38 -3.86 57.60
C ARG P 151 -11.96 -2.41 57.83
N ALA P 152 -10.68 -2.15 57.63
CA ALA P 152 -10.09 -0.86 57.98
C ALA P 152 -10.02 0.01 56.74
N ILE P 153 -10.35 1.29 56.91
CA ILE P 153 -10.16 2.31 55.89
C ILE P 153 -9.25 3.37 56.49
N ASN P 154 -8.06 3.52 55.90
CA ASN P 154 -7.06 4.48 56.37
C ASN P 154 -6.74 4.28 57.84
N GLY P 155 -6.78 3.03 58.30
CA GLY P 155 -6.53 2.71 59.68
C GLY P 155 -7.75 2.73 60.59
N VAL P 156 -8.94 3.01 60.05
CA VAL P 156 -10.17 3.09 60.82
C VAL P 156 -10.98 1.83 60.57
N ASP P 157 -11.00 0.94 61.56
CA ASP P 157 -11.80 -0.28 61.46
C ASP P 157 -13.27 0.10 61.45
N GLN P 158 -13.90 -0.06 60.28
CA GLN P 158 -15.33 0.23 60.15
C GLN P 158 -16.19 -0.77 60.91
N LEU P 159 -15.64 -1.92 61.28
CA LEU P 159 -16.39 -3.00 61.91
C LEU P 159 -16.29 -2.97 63.44
N ALA P 160 -15.76 -1.88 64.02
CA ALA P 160 -15.62 -1.82 65.47
C ALA P 160 -16.97 -1.90 66.16
N GLY P 161 -18.00 -1.30 65.57
CA GLY P 161 -19.32 -1.38 66.15
C GLY P 161 -19.86 -2.79 66.14
N MET P 162 -19.62 -3.52 65.06
CA MET P 162 -20.03 -4.92 65.00
C MET P 162 -19.29 -5.75 66.03
N ARG P 163 -17.99 -5.50 66.20
CA ARG P 163 -17.20 -6.25 67.17
C ARG P 163 -17.69 -5.96 68.58
N ASN P 164 -18.08 -4.72 68.85
CA ASN P 164 -18.66 -4.41 70.16
C ASN P 164 -20.00 -5.09 70.35
N ASP P 165 -20.83 -5.10 69.31
CA ASP P 165 -22.16 -5.70 69.41
C ASP P 165 -22.07 -7.20 69.64
N LEU P 166 -21.16 -7.87 68.94
CA LEU P 166 -20.99 -9.30 69.06
C LEU P 166 -20.03 -9.71 70.15
N GLY P 167 -19.34 -8.77 70.79
CA GLY P 167 -18.38 -9.11 71.81
C GLY P 167 -17.25 -9.94 71.25
N LEU P 168 -16.53 -9.39 70.28
CA LEU P 168 -15.55 -10.12 69.48
C LEU P 168 -16.23 -11.23 68.70
N MET Q 2 13.22 -14.99 38.32
CA MET Q 2 13.71 -13.78 37.65
C MET Q 2 14.48 -14.12 36.39
N ILE Q 3 13.80 -14.72 35.42
CA ILE Q 3 14.38 -14.90 34.09
C ILE Q 3 13.24 -15.15 33.10
N PRO Q 4 13.25 -14.57 31.90
CA PRO Q 4 12.22 -14.93 30.93
C PRO Q 4 12.30 -16.40 30.55
N GLN Q 5 11.14 -16.99 30.33
CA GLN Q 5 11.05 -18.41 30.07
C GLN Q 5 9.62 -18.74 29.65
N THR Q 6 9.49 -19.70 28.75
CA THR Q 6 8.17 -20.13 28.32
C THR Q 6 8.30 -21.40 27.50
N LEU Q 7 7.17 -21.87 27.01
CA LEU Q 7 7.13 -23.07 26.18
C LEU Q 7 7.65 -22.77 24.79
N THR Q 8 8.39 -23.72 24.24
CA THR Q 8 8.90 -23.65 22.88
C THR Q 8 8.49 -24.83 22.04
N ASN Q 9 8.31 -26.00 22.65
CA ASN Q 9 7.98 -27.20 21.90
C ASN Q 9 7.48 -28.25 22.88
N THR Q 10 6.78 -29.24 22.35
CA THR Q 10 6.08 -30.22 23.18
C THR Q 10 6.20 -31.59 22.53
N ASN Q 11 5.61 -32.59 23.17
CA ASN Q 11 5.53 -33.95 22.65
C ASN Q 11 4.62 -34.75 23.56
N LEU Q 12 4.06 -35.82 23.01
CA LEU Q 12 3.12 -36.69 23.71
C LEU Q 12 3.55 -38.13 23.57
N PHE Q 13 3.52 -38.87 24.68
CA PHE Q 13 3.70 -40.30 24.67
C PHE Q 13 2.43 -40.96 25.19
N ILE Q 14 2.02 -42.03 24.50
CA ILE Q 14 0.95 -42.90 24.95
C ILE Q 14 1.41 -44.32 24.71
N ASP Q 15 1.48 -45.14 25.77
CA ASP Q 15 1.89 -46.54 25.66
C ASP Q 15 3.26 -46.65 25.02
N GLY Q 16 4.14 -45.69 25.31
CA GLY Q 16 5.47 -45.66 24.76
C GLY Q 16 5.55 -45.18 23.33
N VAL Q 17 4.42 -44.99 22.66
CA VAL Q 17 4.40 -44.51 21.28
C VAL Q 17 4.60 -43.00 21.29
N SER Q 18 5.52 -42.53 20.48
CA SER Q 18 5.76 -41.10 20.36
C SER Q 18 4.84 -40.51 19.30
N PHE Q 19 4.18 -39.43 19.66
CA PHE Q 19 3.47 -38.56 18.72
C PHE Q 19 4.26 -37.31 18.45
N ALA Q 20 5.58 -37.45 18.33
CA ALA Q 20 6.40 -36.32 17.92
C ALA Q 20 6.07 -36.05 16.46
N GLY Q 21 5.11 -35.16 16.23
CA GLY Q 21 4.65 -34.86 14.89
C GLY Q 21 3.18 -34.58 14.75
N ASP Q 22 2.34 -34.96 15.72
CA ASP Q 22 0.90 -34.72 15.62
C ASP Q 22 0.23 -34.37 16.95
N VAL Q 23 0.71 -33.34 17.63
CA VAL Q 23 0.04 -32.83 18.83
C VAL Q 23 -0.09 -31.31 18.75
N PRO Q 24 -0.98 -30.79 17.90
CA PRO Q 24 -1.12 -29.33 17.77
C PRO Q 24 -1.45 -28.63 19.08
N SER Q 25 -2.39 -29.17 19.84
CA SER Q 25 -2.78 -28.61 21.13
C SER Q 25 -2.58 -29.68 22.18
N LEU Q 26 -1.89 -29.30 23.24
CA LEU Q 26 -1.69 -30.15 24.40
C LEU Q 26 -2.15 -29.40 25.64
N THR Q 27 -2.92 -30.07 26.49
CA THR Q 27 -3.48 -29.46 27.68
C THR Q 27 -3.21 -30.32 28.90
N LEU Q 28 -2.53 -29.77 29.85
CA LEU Q 28 -2.35 -30.34 31.16
C LEU Q 28 -3.64 -30.15 31.96
N PRO Q 29 -4.09 -31.14 32.74
CA PRO Q 29 -5.39 -30.99 33.41
C PRO Q 29 -5.37 -29.85 34.41
N LYS Q 30 -6.42 -29.05 34.34
CA LYS Q 30 -6.58 -27.95 35.28
C LYS Q 30 -6.69 -28.50 36.68
N LEU Q 31 -6.09 -27.78 37.63
CA LEU Q 31 -6.10 -28.16 39.03
C LEU Q 31 -6.82 -27.08 39.81
N ALA Q 32 -7.72 -27.52 40.68
CA ALA Q 32 -8.47 -26.62 41.53
C ALA Q 32 -8.82 -27.39 42.79
N VAL Q 33 -9.28 -26.64 43.78
CA VAL Q 33 -9.83 -27.21 44.99
C VAL Q 33 -11.31 -26.83 45.02
N LYS Q 34 -12.09 -27.64 45.74
CA LYS Q 34 -13.52 -27.37 45.90
C LYS Q 34 -13.69 -26.33 47.01
N THR Q 35 -13.35 -25.08 46.68
CA THR Q 35 -13.51 -24.02 47.66
C THR Q 35 -14.99 -23.82 47.94
N GLU Q 36 -15.34 -23.94 49.20
CA GLU Q 36 -16.65 -23.58 49.69
C GLU Q 36 -16.52 -22.24 50.38
N GLN Q 37 -17.06 -21.20 49.76
CA GLN Q 37 -17.03 -19.87 50.37
C GLN Q 37 -17.73 -19.91 51.70
N TYR Q 38 -16.98 -19.71 52.77
CA TYR Q 38 -17.46 -19.95 54.12
C TYR Q 38 -17.54 -18.64 54.87
N ARG Q 39 -18.74 -18.30 55.31
CA ARG Q 39 -18.99 -17.17 56.19
C ARG Q 39 -19.77 -17.65 57.39
N ALA Q 40 -19.34 -17.23 58.56
CA ALA Q 40 -19.94 -17.60 59.82
C ALA Q 40 -20.17 -16.35 60.65
N GLY Q 41 -20.65 -16.55 61.86
CA GLY Q 41 -20.82 -15.43 62.76
C GLY Q 41 -19.50 -14.89 63.24
N GLY Q 42 -19.46 -13.58 63.43
CA GLY Q 42 -18.27 -12.93 63.92
C GLY Q 42 -17.27 -12.60 62.85
N MET Q 43 -17.55 -12.89 61.58
CA MET Q 43 -16.67 -12.56 60.48
C MET Q 43 -17.48 -11.92 59.35
N ASP Q 44 -17.00 -10.77 58.88
CA ASP Q 44 -17.71 -10.03 57.85
C ASP Q 44 -17.58 -10.70 56.49
N ALA Q 45 -16.35 -11.02 56.08
CA ALA Q 45 -16.07 -11.44 54.72
C ALA Q 45 -15.89 -12.95 54.63
N PRO Q 46 -16.44 -13.62 53.64
CA PRO Q 46 -16.27 -15.08 53.56
C PRO Q 46 -14.84 -15.48 53.28
N VAL Q 47 -14.46 -16.63 53.84
CA VAL Q 47 -13.18 -17.26 53.58
C VAL Q 47 -13.43 -18.59 52.90
N SER Q 48 -12.67 -18.85 51.86
CA SER Q 48 -12.73 -20.13 51.17
C SER Q 48 -12.09 -21.23 52.01
N ILE Q 49 -12.64 -22.44 51.92
CA ILE Q 49 -12.12 -23.61 52.63
C ILE Q 49 -11.77 -24.67 51.62
N ASP Q 50 -10.62 -25.31 51.80
CA ASP Q 50 -10.20 -26.41 50.96
C ASP Q 50 -10.94 -27.68 51.39
N MET Q 51 -11.88 -28.13 50.55
CA MET Q 51 -12.66 -29.32 50.80
C MET Q 51 -12.38 -30.42 49.78
N GLY Q 52 -11.18 -30.45 49.23
CA GLY Q 52 -10.77 -31.45 48.27
C GLY Q 52 -10.62 -30.84 46.88
N LEU Q 53 -10.18 -31.70 45.96
CA LEU Q 53 -9.91 -31.26 44.60
C LEU Q 53 -11.14 -31.40 43.72
N GLU Q 54 -11.12 -30.66 42.61
CA GLU Q 54 -12.12 -30.79 41.57
C GLU Q 54 -11.77 -31.98 40.69
N ALA Q 55 -12.68 -32.28 39.78
CA ALA Q 55 -12.39 -33.29 38.77
C ALA Q 55 -11.33 -32.78 37.82
N MET Q 56 -10.38 -33.64 37.51
CA MET Q 56 -9.35 -33.34 36.54
C MET Q 56 -9.85 -33.71 35.15
N GLU Q 57 -9.31 -33.00 34.15
CA GLU Q 57 -9.57 -33.36 32.76
C GLU Q 57 -8.43 -32.86 31.91
N ALA Q 58 -7.72 -33.78 31.28
CA ALA Q 58 -6.71 -33.44 30.31
C ALA Q 58 -7.33 -33.41 28.91
N LYS Q 59 -6.57 -32.83 27.97
CA LYS Q 59 -6.99 -32.78 26.59
C LYS Q 59 -5.76 -32.75 25.70
N PHE Q 60 -5.89 -33.39 24.54
CA PHE Q 60 -4.86 -33.35 23.52
C PHE Q 60 -5.51 -33.72 22.21
N SER Q 61 -4.96 -33.18 21.12
CA SER Q 61 -5.58 -33.29 19.81
C SER Q 61 -4.60 -33.82 18.79
N THR Q 62 -5.16 -34.45 17.76
CA THR Q 62 -4.43 -34.96 16.62
C THR Q 62 -5.17 -34.55 15.36
N ASN Q 63 -4.44 -34.44 14.25
CA ASN Q 63 -5.02 -34.11 12.96
C ASN Q 63 -5.11 -35.31 12.03
N GLY Q 64 -4.48 -36.43 12.36
CA GLY Q 64 -4.58 -37.64 11.56
C GLY Q 64 -5.20 -38.78 12.32
N ALA Q 65 -5.63 -39.81 11.60
CA ALA Q 65 -6.25 -40.97 12.23
C ALA Q 65 -5.16 -41.78 12.91
N ARG Q 66 -4.78 -41.31 14.10
CA ARG Q 66 -3.74 -41.95 14.88
C ARG Q 66 -4.39 -43.10 15.61
N ARG Q 67 -4.31 -44.28 15.00
CA ARG Q 67 -4.97 -45.47 15.54
C ARG Q 67 -4.54 -45.76 16.97
N GLU Q 68 -3.30 -45.44 17.31
CA GLU Q 68 -2.92 -45.38 18.72
C GLU Q 68 -3.54 -44.14 19.33
N ALA Q 69 -4.29 -44.35 20.41
CA ALA Q 69 -5.09 -43.37 21.14
C ALA Q 69 -6.43 -43.09 20.46
N LEU Q 70 -6.72 -43.67 19.31
CA LEU Q 70 -8.10 -43.89 18.89
C LEU Q 70 -8.64 -45.19 19.45
N ASN Q 71 -7.76 -46.15 19.71
CA ASN Q 71 -8.15 -47.47 20.19
C ASN Q 71 -8.15 -47.58 21.71
N PHE Q 72 -8.09 -46.45 22.42
CA PHE Q 72 -8.17 -46.42 23.88
C PHE Q 72 -9.44 -45.76 24.39
N PHE Q 73 -10.38 -45.46 23.52
CA PHE Q 73 -11.66 -44.91 23.92
C PHE Q 73 -12.57 -46.00 24.45
N GLY Q 74 -13.32 -45.67 25.49
CA GLY Q 74 -14.42 -46.52 25.88
C GLY Q 74 -14.02 -47.92 26.27
N LEU Q 75 -12.77 -48.11 26.68
CA LEU Q 75 -12.34 -49.42 27.13
C LEU Q 75 -12.98 -49.71 28.48
N ALA Q 76 -13.29 -50.98 28.71
CA ALA Q 76 -13.84 -51.38 30.00
C ALA Q 76 -12.83 -51.14 31.10
N ASP Q 77 -11.55 -51.36 30.81
CA ASP Q 77 -10.48 -51.19 31.79
C ASP Q 77 -10.11 -49.71 31.84
N GLN Q 78 -10.89 -48.97 32.63
CA GLN Q 78 -10.50 -47.62 32.97
C GLN Q 78 -9.15 -47.64 33.67
N SER Q 79 -8.41 -46.53 33.53
CA SER Q 79 -7.04 -46.34 34.00
C SER Q 79 -6.03 -47.13 33.19
N ALA Q 80 -6.44 -47.84 32.13
CA ALA Q 80 -5.49 -48.42 31.20
C ALA Q 80 -4.94 -47.39 30.24
N PHE Q 81 -5.63 -46.26 30.05
CA PHE Q 81 -5.09 -45.19 29.25
C PHE Q 81 -4.00 -44.47 30.01
N ASN Q 82 -2.75 -44.86 29.80
CA ASN Q 82 -1.64 -44.13 30.37
C ASN Q 82 -1.38 -42.90 29.51
N GLY Q 83 -0.29 -42.19 29.78
CA GLY Q 83 0.02 -41.00 29.02
C GLY Q 83 1.08 -40.15 29.68
N VAL Q 84 1.86 -39.46 28.88
CA VAL Q 84 2.91 -38.57 29.36
C VAL Q 84 2.84 -37.29 28.54
N PHE Q 85 2.55 -36.18 29.19
CA PHE Q 85 2.60 -34.87 28.57
C PHE Q 85 3.96 -34.25 28.85
N ARG Q 86 4.73 -34.02 27.80
CA ARG Q 86 6.04 -33.39 27.91
C ARG Q 86 6.01 -31.99 27.33
N GLY Q 87 6.78 -31.10 27.94
CA GLY Q 87 6.91 -29.73 27.49
C GLY Q 87 8.29 -29.20 27.77
N SER Q 88 8.90 -28.59 26.76
CA SER Q 88 10.26 -28.07 26.85
C SER Q 88 10.19 -26.56 27.08
N PHE Q 89 10.45 -26.14 28.31
CA PHE Q 89 10.48 -24.74 28.68
C PHE Q 89 11.91 -24.24 28.58
N LYS Q 90 12.17 -23.36 27.64
CA LYS Q 90 13.48 -22.75 27.46
C LYS Q 90 13.45 -21.33 28.02
N GLY Q 91 14.45 -21.00 28.82
CA GLY Q 91 14.59 -19.67 29.35
C GLY Q 91 15.07 -18.70 28.29
N GLN Q 92 15.37 -17.48 28.73
CA GLN Q 92 16.09 -16.57 27.86
C GLN Q 92 17.45 -17.14 27.51
N LYS Q 93 18.26 -17.39 28.53
CA LYS Q 93 19.57 -17.98 28.32
C LYS Q 93 19.43 -19.41 27.82
N GLY Q 94 20.56 -19.98 27.42
CA GLY Q 94 20.55 -21.31 26.84
C GLY Q 94 20.38 -22.40 27.85
N ALA Q 95 19.16 -22.51 28.39
CA ALA Q 95 18.82 -23.55 29.36
C ALA Q 95 17.41 -24.03 29.08
N SER Q 96 17.18 -25.32 29.27
CA SER Q 96 15.91 -25.96 28.98
C SER Q 96 15.42 -26.71 30.20
N VAL Q 97 14.16 -26.49 30.55
CA VAL Q 97 13.53 -27.07 31.73
C VAL Q 97 12.49 -28.08 31.24
N PRO Q 98 12.69 -29.38 31.45
CA PRO Q 98 11.64 -30.33 31.08
C PRO Q 98 10.51 -30.34 32.09
N VAL Q 99 9.29 -30.38 31.57
CA VAL Q 99 8.08 -30.53 32.37
C VAL Q 99 7.36 -31.78 31.89
N VAL Q 100 7.01 -32.65 32.83
CA VAL Q 100 6.43 -33.95 32.55
C VAL Q 100 5.21 -34.13 33.41
N ALA Q 101 4.10 -34.53 32.80
CA ALA Q 101 2.88 -34.86 33.51
C ALA Q 101 2.43 -36.25 33.11
N THR Q 102 2.84 -37.23 33.91
CA THR Q 102 2.32 -38.58 33.75
C THR Q 102 0.84 -38.58 34.07
N LEU Q 103 0.04 -39.15 33.17
CA LEU Q 103 -1.38 -39.30 33.36
C LEU Q 103 -1.78 -40.77 33.28
N ARG Q 104 -2.91 -41.07 33.88
CA ARG Q 104 -3.50 -42.40 33.78
C ARG Q 104 -4.96 -42.27 34.14
N GLY Q 105 -5.83 -42.68 33.23
CA GLY Q 105 -7.25 -42.52 33.42
C GLY Q 105 -8.07 -43.10 32.29
N LEU Q 106 -9.05 -42.32 31.83
CA LEU Q 106 -9.99 -42.74 30.81
C LEU Q 106 -9.92 -41.78 29.64
N LEU Q 107 -9.82 -42.32 28.42
CA LEU Q 107 -10.02 -41.48 27.26
C LEU Q 107 -11.51 -41.18 27.17
N LYS Q 108 -11.92 -40.06 27.74
CA LYS Q 108 -13.34 -39.79 27.96
C LYS Q 108 -14.08 -39.59 26.65
N GLU Q 109 -13.47 -38.92 25.70
CA GLU Q 109 -14.21 -38.32 24.59
C GLU Q 109 -13.34 -38.29 23.34
N VAL Q 110 -13.98 -38.48 22.20
CA VAL Q 110 -13.35 -38.35 20.89
C VAL Q 110 -14.29 -37.52 20.05
N ASP Q 111 -13.83 -36.36 19.58
CA ASP Q 111 -14.66 -35.35 18.94
C ASP Q 111 -14.00 -34.91 17.65
N PRO Q 112 -14.16 -35.67 16.57
CA PRO Q 112 -13.67 -35.24 15.26
C PRO Q 112 -14.35 -33.96 14.83
N GLY Q 113 -13.55 -32.93 14.57
CA GLY Q 113 -14.09 -31.67 14.15
C GLY Q 113 -14.69 -31.75 12.76
N ASP Q 114 -15.13 -30.60 12.28
CA ASP Q 114 -15.76 -30.51 10.97
C ASP Q 114 -14.71 -30.78 9.89
N TRP Q 115 -14.97 -31.79 9.06
CA TRP Q 115 -14.15 -32.09 7.90
C TRP Q 115 -14.59 -31.19 6.76
N LYS Q 116 -13.79 -30.18 6.44
CA LYS Q 116 -14.18 -29.12 5.51
C LYS Q 116 -13.49 -29.21 4.15
N ALA Q 117 -12.83 -30.34 3.85
CA ALA Q 117 -12.32 -30.60 2.50
C ALA Q 117 -11.28 -29.55 2.09
N GLY Q 118 -10.16 -29.59 2.80
CA GLY Q 118 -9.08 -28.63 2.61
C GLY Q 118 -8.73 -27.89 3.88
N GLU Q 119 -9.08 -28.49 5.02
CA GLU Q 119 -8.78 -27.92 6.32
C GLU Q 119 -8.41 -29.07 7.25
N LYS Q 120 -7.67 -28.74 8.30
CA LYS Q 120 -7.18 -29.77 9.20
C LYS Q 120 -8.35 -30.50 9.86
N ALA Q 121 -8.12 -31.78 10.15
CA ALA Q 121 -9.17 -32.60 10.74
C ALA Q 121 -9.42 -32.19 12.19
N GLU Q 122 -8.36 -32.11 12.98
CA GLU Q 122 -8.42 -31.63 14.36
C GLU Q 122 -9.35 -32.52 15.21
N PHE Q 123 -8.91 -33.76 15.38
CA PHE Q 123 -9.55 -34.64 16.35
C PHE Q 123 -9.28 -34.10 17.75
N LYS Q 124 -10.34 -33.74 18.46
CA LYS Q 124 -10.25 -33.35 19.86
C LYS Q 124 -10.54 -34.57 20.71
N TYR Q 125 -9.68 -34.80 21.69
CA TYR Q 125 -9.89 -35.80 22.71
C TYR Q 125 -10.03 -35.12 24.06
N ALA Q 126 -10.60 -35.84 25.00
CA ALA Q 126 -10.60 -35.46 26.40
C ALA Q 126 -10.33 -36.70 27.23
N VAL Q 127 -9.60 -36.52 28.31
CA VAL Q 127 -9.20 -37.61 29.20
C VAL Q 127 -9.73 -37.28 30.60
N ALA Q 128 -10.38 -38.25 31.21
CA ALA Q 128 -10.74 -38.17 32.62
C ALA Q 128 -9.64 -38.83 33.43
N VAL Q 129 -8.96 -38.04 34.24
CA VAL Q 129 -7.71 -38.44 34.86
C VAL Q 129 -8.00 -39.11 36.19
N SER Q 130 -7.38 -40.27 36.40
CA SER Q 130 -7.40 -40.98 37.67
C SER Q 130 -6.04 -41.02 38.33
N TYR Q 131 -5.03 -40.35 37.78
CA TYR Q 131 -3.72 -40.26 38.40
C TYR Q 131 -2.96 -39.15 37.71
N TYR Q 132 -2.28 -38.32 38.50
CA TYR Q 132 -1.62 -37.12 38.00
C TYR Q 132 -0.32 -36.91 38.76
N LYS Q 133 0.80 -37.07 38.08
CA LYS Q 133 2.11 -36.73 38.61
C LYS Q 133 2.75 -35.70 37.69
N LEU Q 134 2.95 -34.50 38.21
CA LEU Q 134 3.64 -33.44 37.48
C LEU Q 134 5.07 -33.35 37.98
N GLU Q 135 6.01 -33.30 37.04
CA GLU Q 135 7.43 -33.18 37.35
C GLU Q 135 7.99 -32.01 36.56
N VAL Q 136 8.86 -31.25 37.22
CA VAL Q 136 9.55 -30.11 36.63
C VAL Q 136 11.04 -30.32 36.87
N ASP Q 137 11.82 -30.36 35.78
CA ASP Q 137 13.26 -30.46 35.86
C ASP Q 137 13.67 -31.74 36.60
N GLY Q 138 12.92 -32.81 36.35
CA GLY Q 138 13.20 -34.09 36.96
C GLY Q 138 12.79 -34.23 38.40
N ARG Q 139 12.18 -33.21 38.99
CA ARG Q 139 11.76 -33.21 40.38
C ARG Q 139 10.25 -33.31 40.48
N GLU Q 140 9.78 -34.12 41.42
CA GLU Q 140 8.36 -34.20 41.70
C GLU Q 140 7.85 -32.86 42.19
N VAL Q 141 6.91 -32.29 41.47
CA VAL Q 141 6.12 -31.18 41.95
C VAL Q 141 4.85 -31.69 42.64
N TYR Q 142 3.98 -32.39 41.90
CA TYR Q 142 2.79 -33.00 42.49
C TYR Q 142 2.78 -34.50 42.31
N GLU Q 143 1.90 -35.14 43.08
CA GLU Q 143 1.38 -36.44 42.74
C GLU Q 143 0.02 -36.58 43.37
N ILE Q 144 -1.03 -36.60 42.55
CA ILE Q 144 -2.35 -37.02 43.01
C ILE Q 144 -2.43 -38.52 42.79
N ASP Q 145 -3.04 -39.22 43.74
CA ASP Q 145 -3.65 -40.51 43.50
C ASP Q 145 -5.01 -40.45 44.19
N PRO Q 146 -6.10 -40.20 43.46
CA PRO Q 146 -7.38 -39.98 44.14
C PRO Q 146 -7.84 -41.16 44.97
N VAL Q 147 -7.83 -42.35 44.36
CA VAL Q 147 -8.46 -43.51 44.97
C VAL Q 147 -7.67 -43.99 46.18
N ASN Q 148 -6.36 -43.74 46.22
CA ASN Q 148 -5.53 -44.05 47.37
C ASN Q 148 -5.40 -42.91 48.34
N GLY Q 149 -5.85 -41.71 47.98
CA GLY Q 149 -5.82 -40.59 48.90
C GLY Q 149 -4.48 -39.91 49.00
N VAL Q 150 -3.80 -39.70 47.87
CA VAL Q 150 -2.51 -39.03 47.81
C VAL Q 150 -2.72 -37.66 47.20
N ARG Q 151 -2.20 -36.63 47.86
CA ARG Q 151 -2.07 -35.29 47.28
C ARG Q 151 -0.72 -34.78 47.78
N ALA Q 152 0.32 -35.07 47.01
CA ALA Q 152 1.69 -34.81 47.42
C ALA Q 152 2.16 -33.50 46.82
N ILE Q 153 2.87 -32.71 47.63
CA ILE Q 153 3.57 -31.52 47.19
C ILE Q 153 5.03 -31.71 47.51
N ASN Q 154 5.86 -31.76 46.47
CA ASN Q 154 7.30 -31.95 46.62
C ASN Q 154 7.62 -33.22 47.42
N GLY Q 155 6.77 -34.23 47.29
CA GLY Q 155 6.94 -35.47 48.02
C GLY Q 155 6.27 -35.50 49.38
N VAL Q 156 5.55 -34.45 49.77
CA VAL Q 156 4.90 -34.36 51.07
C VAL Q 156 3.41 -34.57 50.86
N ASP Q 157 2.91 -35.74 51.23
CA ASP Q 157 1.49 -36.03 51.15
C ASP Q 157 0.73 -35.13 52.12
N GLN Q 158 0.00 -34.16 51.57
CA GLN Q 158 -0.79 -33.27 52.40
C GLN Q 158 -1.97 -33.97 53.05
N LEU Q 159 -2.35 -35.14 52.56
CA LEU Q 159 -3.52 -35.86 53.04
C LEU Q 159 -3.19 -36.91 54.10
N ALA Q 160 -1.97 -36.90 54.63
CA ALA Q 160 -1.60 -37.90 55.62
C ALA Q 160 -2.46 -37.80 56.87
N GLY Q 161 -2.84 -36.58 57.26
CA GLY Q 161 -3.72 -36.42 58.40
C GLY Q 161 -5.09 -37.01 58.15
N MET Q 162 -5.61 -36.82 56.94
CA MET Q 162 -6.90 -37.42 56.59
C MET Q 162 -6.82 -38.93 56.59
N ARG Q 163 -5.71 -39.48 56.07
CA ARG Q 163 -5.55 -40.92 56.05
C ARG Q 163 -5.45 -41.49 57.45
N ASN Q 164 -4.79 -40.77 58.36
CA ASN Q 164 -4.77 -41.19 59.76
C ASN Q 164 -6.15 -41.12 60.38
N ASP Q 165 -6.89 -40.05 60.11
CA ASP Q 165 -8.21 -39.87 60.70
C ASP Q 165 -9.17 -40.94 60.23
N LEU Q 166 -9.12 -41.28 58.95
CA LEU Q 166 -10.02 -42.28 58.37
C LEU Q 166 -9.47 -43.69 58.46
N GLY Q 167 -8.23 -43.88 58.90
CA GLY Q 167 -7.65 -45.20 58.96
C GLY Q 167 -7.55 -45.82 57.59
N LEU Q 168 -6.82 -45.17 56.69
CA LEU Q 168 -6.79 -45.50 55.27
C LEU Q 168 -8.17 -45.32 54.66
N MET R 2 4.56 -40.48 14.43
CA MET R 2 5.64 -39.55 14.13
C MET R 2 5.73 -39.25 12.64
N ILE R 3 4.68 -38.65 12.09
CA ILE R 3 4.75 -38.12 10.73
C ILE R 3 3.63 -37.10 10.56
N PRO R 4 3.85 -35.96 9.92
CA PRO R 4 2.73 -35.04 9.66
C PRO R 4 1.70 -35.69 8.78
N GLN R 5 0.43 -35.37 9.04
CA GLN R 5 -0.68 -35.99 8.35
C GLN R 5 -1.95 -35.26 8.74
N THR R 6 -2.87 -35.16 7.79
CA THR R 6 -4.15 -34.52 8.06
C THR R 6 -5.09 -34.79 6.88
N LEU R 7 -6.28 -34.21 6.99
CA LEU R 7 -7.30 -34.34 5.96
C LEU R 7 -6.94 -33.47 4.77
N THR R 8 -7.20 -34.00 3.58
CA THR R 8 -7.01 -33.28 2.33
C THR R 8 -8.27 -33.22 1.49
N ASN R 9 -9.12 -34.24 1.58
CA ASN R 9 -10.32 -34.29 0.76
C ASN R 9 -11.25 -35.34 1.35
N THR R 10 -12.52 -35.25 0.98
CA THR R 10 -13.56 -36.06 1.60
C THR R 10 -14.56 -36.49 0.53
N ASN R 11 -15.56 -37.25 0.93
CA ASN R 11 -16.67 -37.65 0.08
C ASN R 11 -17.72 -38.33 0.95
N LEU R 12 -18.94 -38.34 0.45
CA LEU R 12 -20.09 -38.90 1.16
C LEU R 12 -20.85 -39.85 0.24
N PHE R 13 -21.21 -41.01 0.78
CA PHE R 13 -22.12 -41.92 0.11
C PHE R 13 -23.36 -42.10 0.95
N ILE R 14 -24.51 -42.08 0.28
CA ILE R 14 -25.79 -42.40 0.88
C ILE R 14 -26.52 -43.28 -0.12
N ASP R 15 -26.89 -44.49 0.30
CA ASP R 15 -27.62 -45.43 -0.56
C ASP R 15 -26.86 -45.70 -1.85
N GLY R 16 -25.52 -45.74 -1.76
CA GLY R 16 -24.67 -45.94 -2.91
C GLY R 16 -24.52 -44.73 -3.81
N VAL R 17 -25.26 -43.66 -3.57
CA VAL R 17 -25.15 -42.46 -4.38
C VAL R 17 -23.94 -41.66 -3.90
N SER R 18 -23.10 -41.25 -4.82
CA SER R 18 -21.95 -40.43 -4.50
C SER R 18 -22.33 -38.96 -4.50
N PHE R 19 -21.95 -38.27 -3.44
CA PHE R 19 -21.98 -36.81 -3.39
C PHE R 19 -20.58 -36.25 -3.55
N ALA R 20 -19.80 -36.84 -4.44
CA ALA R 20 -18.51 -36.28 -4.77
C ALA R 20 -18.77 -35.00 -5.53
N GLY R 21 -18.84 -33.89 -4.81
CA GLY R 21 -19.15 -32.61 -5.40
C GLY R 21 -19.98 -31.67 -4.55
N ASP R 22 -20.67 -32.17 -3.52
CA ASP R 22 -21.52 -31.31 -2.68
C ASP R 22 -21.52 -31.69 -1.20
N VAL R 23 -20.34 -31.75 -0.57
CA VAL R 23 -20.26 -31.96 0.87
C VAL R 23 -19.27 -30.95 1.48
N PRO R 24 -19.65 -29.68 1.57
CA PRO R 24 -18.74 -28.66 2.13
C PRO R 24 -18.26 -28.98 3.53
N SER R 25 -19.17 -29.37 4.41
CA SER R 25 -18.84 -29.74 5.77
C SER R 25 -19.28 -31.17 6.01
N LEU R 26 -18.37 -31.97 6.53
CA LEU R 26 -18.66 -33.33 6.92
C LEU R 26 -18.25 -33.51 8.38
N THR R 27 -19.11 -34.14 9.17
CA THR R 27 -18.88 -34.32 10.60
C THR R 27 -19.10 -35.77 10.99
N LEU R 28 -18.09 -36.38 11.51
CA LEU R 28 -18.17 -37.68 12.13
C LEU R 28 -18.79 -37.52 13.53
N PRO R 29 -19.67 -38.43 13.96
CA PRO R 29 -20.35 -38.20 15.24
C PRO R 29 -19.38 -38.21 16.39
N LYS R 30 -19.54 -37.22 17.26
CA LYS R 30 -18.72 -37.13 18.45
C LYS R 30 -18.96 -38.35 19.32
N LEU R 31 -17.89 -38.83 19.94
CA LEU R 31 -17.94 -39.98 20.82
C LEU R 31 -17.54 -39.55 22.21
N ALA R 32 -18.34 -39.98 23.19
CA ALA R 32 -18.09 -39.67 24.58
C ALA R 32 -18.66 -40.82 25.39
N VAL R 33 -18.29 -40.83 26.66
CA VAL R 33 -18.88 -41.73 27.64
C VAL R 33 -19.62 -40.86 28.64
N LYS R 34 -20.62 -41.46 29.29
CA LYS R 34 -21.38 -40.77 30.33
C LYS R 34 -20.59 -40.81 31.63
N THR R 35 -19.53 -40.02 31.68
CA THR R 35 -18.73 -39.98 32.90
C THR R 35 -19.54 -39.38 34.02
N GLU R 36 -19.68 -40.14 35.08
CA GLU R 36 -20.25 -39.66 36.32
C GLU R 36 -19.09 -39.40 37.28
N GLN R 37 -18.82 -38.12 37.54
CA GLN R 37 -17.77 -37.76 38.48
C GLN R 37 -18.07 -38.36 39.82
N TYR R 38 -17.24 -39.30 40.25
CA TYR R 38 -17.51 -40.13 41.41
C TYR R 38 -16.52 -39.82 42.51
N ARG R 39 -17.04 -39.38 43.64
CA ARG R 39 -16.27 -39.19 44.85
C ARG R 39 -16.95 -39.92 45.98
N ALA R 40 -16.17 -40.65 46.75
CA ALA R 40 -16.65 -41.44 47.87
C ALA R 40 -15.79 -41.16 49.08
N GLY R 41 -16.07 -41.88 50.16
CA GLY R 41 -15.25 -41.74 51.34
C GLY R 41 -13.88 -42.35 51.14
N GLY R 42 -12.89 -41.72 51.76
CA GLY R 42 -11.54 -42.20 51.70
C GLY R 42 -10.78 -41.75 50.48
N MET R 43 -11.38 -40.93 49.62
CA MET R 43 -10.72 -40.40 48.44
C MET R 43 -11.00 -38.90 48.33
N ASP R 44 -9.94 -38.13 48.16
CA ASP R 44 -10.06 -36.68 48.11
C ASP R 44 -10.67 -36.22 46.78
N ALA R 45 -10.12 -36.69 45.66
CA ALA R 45 -10.43 -36.15 44.36
C ALA R 45 -11.39 -37.07 43.60
N PRO R 46 -12.41 -36.54 42.93
CA PRO R 46 -13.34 -37.42 42.22
C PRO R 46 -12.69 -38.13 41.04
N VAL R 47 -13.15 -39.35 40.79
CA VAL R 47 -12.76 -40.13 39.62
C VAL R 47 -13.98 -40.33 38.75
N SER R 48 -13.82 -40.13 37.46
CA SER R 48 -14.87 -40.40 36.50
C SER R 48 -15.08 -41.89 36.32
N ILE R 49 -16.32 -42.30 36.10
CA ILE R 49 -16.68 -43.69 35.87
C ILE R 49 -17.37 -43.80 34.52
N ASP R 50 -16.99 -44.82 33.76
CA ASP R 50 -17.62 -45.10 32.47
C ASP R 50 -18.96 -45.79 32.71
N MET R 51 -20.05 -45.08 32.46
CA MET R 51 -21.40 -45.58 32.63
C MET R 51 -22.14 -45.68 31.31
N GLY R 52 -21.43 -45.87 30.22
CA GLY R 52 -22.01 -45.99 28.89
C GLY R 52 -21.70 -44.77 28.03
N LEU R 53 -22.15 -44.86 26.79
CA LEU R 53 -21.87 -43.82 25.82
C LEU R 53 -22.96 -42.75 25.83
N GLU R 54 -22.59 -41.58 25.30
CA GLU R 54 -23.54 -40.51 25.06
C GLU R 54 -24.28 -40.77 23.76
N ALA R 55 -25.27 -39.93 23.50
CA ALA R 55 -25.95 -39.97 22.22
C ALA R 55 -25.01 -39.51 21.12
N MET R 56 -25.01 -40.25 20.01
CA MET R 56 -24.25 -39.89 18.85
C MET R 56 -25.07 -38.95 17.97
N GLU R 57 -24.36 -38.10 17.23
CA GLU R 57 -25.01 -37.27 16.23
C GLU R 57 -24.01 -36.92 15.16
N ALA R 58 -24.28 -37.35 13.94
CA ALA R 58 -23.50 -36.96 12.79
C ALA R 58 -24.12 -35.73 12.14
N LYS R 59 -23.34 -35.10 11.26
CA LYS R 59 -23.81 -33.95 10.52
C LYS R 59 -23.09 -33.90 9.18
N PHE R 60 -23.81 -33.44 8.17
CA PHE R 60 -23.25 -33.20 6.85
C PHE R 60 -24.16 -32.24 6.13
N SER R 61 -23.57 -31.44 5.24
CA SER R 61 -24.29 -30.34 4.61
C SER R 61 -24.16 -30.42 3.10
N THR R 62 -25.14 -29.84 2.42
CA THR R 62 -25.18 -29.71 0.98
C THR R 62 -25.61 -28.29 0.64
N ASN R 63 -25.21 -27.82 -0.53
CA ASN R 63 -25.58 -26.49 -1.00
C ASN R 63 -26.63 -26.53 -2.09
N GLY R 64 -26.94 -27.69 -2.64
CA GLY R 64 -27.99 -27.82 -3.63
C GLY R 64 -29.10 -28.74 -3.17
N ALA R 65 -30.24 -28.66 -3.86
CA ALA R 65 -31.40 -29.48 -3.50
C ALA R 65 -31.10 -30.91 -3.94
N ARG R 66 -30.32 -31.60 -3.11
CA ARG R 66 -29.94 -32.97 -3.38
C ARG R 66 -31.09 -33.85 -2.93
N ARG R 67 -31.97 -34.17 -3.88
CA ARG R 67 -33.18 -34.92 -3.57
C ARG R 67 -32.87 -36.25 -2.90
N GLU R 68 -31.73 -36.86 -3.22
CA GLU R 68 -31.21 -37.93 -2.41
C GLU R 68 -30.66 -37.33 -1.13
N ALA R 69 -31.15 -37.84 0.00
CA ALA R 69 -30.89 -37.39 1.37
C ALA R 69 -31.71 -36.16 1.75
N LEU R 70 -32.52 -35.60 0.84
CA LEU R 70 -33.68 -34.83 1.25
C LEU R 70 -34.89 -35.72 1.45
N ASN R 71 -34.92 -36.86 0.77
CA ASN R 71 -36.04 -37.79 0.82
C ASN R 71 -35.88 -38.86 1.89
N PHE R 72 -34.91 -38.71 2.81
CA PHE R 72 -34.73 -39.63 3.92
C PHE R 72 -35.05 -39.01 5.27
N PHE R 73 -35.61 -37.82 5.29
CA PHE R 73 -36.04 -37.19 6.52
C PHE R 73 -37.36 -37.77 7.00
N GLY R 74 -37.47 -37.95 8.31
CA GLY R 74 -38.77 -38.20 8.88
C GLY R 74 -39.43 -39.47 8.40
N LEU R 75 -38.64 -40.43 7.91
CA LEU R 75 -39.20 -41.69 7.49
C LEU R 75 -39.63 -42.47 8.72
N ALA R 76 -40.71 -43.24 8.56
CA ALA R 76 -41.16 -44.09 9.65
C ALA R 76 -40.12 -45.15 9.97
N ASP R 77 -39.45 -45.66 8.94
CA ASP R 77 -38.43 -46.69 9.12
C ASP R 77 -37.12 -46.03 9.52
N GLN R 78 -37.01 -45.76 10.82
CA GLN R 78 -35.72 -45.37 11.38
C GLN R 78 -34.70 -46.47 11.10
N SER R 79 -33.44 -46.06 11.00
CA SER R 79 -32.29 -46.87 10.64
C SER R 79 -32.27 -47.26 9.17
N ALA R 80 -33.23 -46.78 8.37
CA ALA R 80 -33.14 -46.92 6.92
C ALA R 80 -32.18 -45.93 6.31
N PHE R 81 -31.89 -44.82 7.01
CA PHE R 81 -30.88 -43.90 6.55
C PHE R 81 -29.50 -44.47 6.75
N ASN R 82 -28.96 -45.13 5.74
CA ASN R 82 -27.58 -45.59 5.79
C ASN R 82 -26.67 -44.40 5.50
N GLY R 83 -25.38 -44.66 5.35
CA GLY R 83 -24.44 -43.60 5.09
C GLY R 83 -23.01 -44.02 5.31
N VAL R 84 -22.10 -43.42 4.54
CA VAL R 84 -20.67 -43.69 4.65
C VAL R 84 -19.95 -42.36 4.57
N PHE R 85 -19.26 -42.01 5.65
CA PHE R 85 -18.38 -40.84 5.69
C PHE R 85 -16.97 -41.29 5.35
N ARG R 86 -16.44 -40.79 4.24
CA ARG R 86 -15.09 -41.09 3.81
C ARG R 86 -14.21 -39.86 3.95
N GLY R 87 -12.95 -40.10 4.31
CA GLY R 87 -11.96 -39.04 4.44
C GLY R 87 -10.59 -39.55 4.06
N SER R 88 -9.90 -38.79 3.21
CA SER R 88 -8.57 -39.16 2.71
C SER R 88 -7.53 -38.39 3.50
N PHE R 89 -6.84 -39.10 4.41
CA PHE R 89 -5.78 -38.52 5.22
C PHE R 89 -4.46 -38.81 4.52
N LYS R 90 -3.81 -37.78 4.03
CA LYS R 90 -2.50 -37.88 3.39
C LYS R 90 -1.43 -37.42 4.37
N GLY R 91 -0.37 -38.21 4.51
CA GLY R 91 0.75 -37.85 5.33
C GLY R 91 1.59 -36.78 4.66
N GLN R 92 2.73 -36.49 5.28
CA GLN R 92 3.75 -35.69 4.60
C GLN R 92 4.22 -36.42 3.35
N LYS R 93 4.76 -37.61 3.53
CA LYS R 93 5.20 -38.42 2.40
C LYS R 93 4.01 -38.86 1.56
N GLY R 94 4.32 -39.43 0.41
CA GLY R 94 3.28 -39.82 -0.53
C GLY R 94 2.55 -41.06 -0.11
N ALA R 95 1.72 -40.94 0.92
CA ALA R 95 0.90 -42.05 1.41
C ALA R 95 -0.45 -41.50 1.84
N SER R 96 -1.49 -42.30 1.59
CA SER R 96 -2.87 -41.90 1.86
C SER R 96 -3.53 -42.94 2.73
N VAL R 97 -4.19 -42.48 3.79
CA VAL R 97 -4.85 -43.32 4.78
C VAL R 97 -6.36 -43.12 4.62
N PRO R 98 -7.12 -44.10 4.16
CA PRO R 98 -8.57 -43.94 4.11
C PRO R 98 -9.19 -44.12 5.49
N VAL R 99 -10.14 -43.24 5.79
CA VAL R 99 -10.95 -43.32 7.00
C VAL R 99 -12.40 -43.41 6.57
N VAL R 100 -13.11 -44.39 7.12
CA VAL R 100 -14.48 -44.71 6.73
C VAL R 100 -15.30 -44.84 7.99
N ALA R 101 -16.44 -44.16 8.03
CA ALA R 101 -17.41 -44.28 9.10
C ALA R 101 -18.76 -44.64 8.52
N THR R 102 -19.05 -45.92 8.50
CA THR R 102 -20.39 -46.37 8.15
C THR R 102 -21.36 -45.92 9.23
N LEU R 103 -22.45 -45.30 8.80
CA LEU R 103 -23.51 -44.86 9.69
C LEU R 103 -24.83 -45.49 9.29
N ARG R 104 -25.73 -45.57 10.25
CA ARG R 104 -27.08 -46.02 10.01
C ARG R 104 -27.95 -45.51 11.14
N GLY R 105 -28.98 -44.76 10.81
CA GLY R 105 -29.81 -44.15 11.82
C GLY R 105 -30.96 -43.36 11.25
N LEU R 106 -31.15 -42.16 11.77
CA LEU R 106 -32.26 -41.29 11.41
C LEU R 106 -31.73 -39.97 10.89
N LEU R 107 -32.23 -39.52 9.74
CA LEU R 107 -31.95 -38.15 9.35
C LEU R 107 -32.79 -37.25 10.24
N LYS R 108 -32.17 -36.78 11.32
CA LYS R 108 -32.92 -36.12 12.40
C LYS R 108 -33.50 -34.80 11.95
N GLU R 109 -32.76 -34.04 11.16
CA GLU R 109 -33.02 -32.62 11.02
C GLU R 109 -32.59 -32.16 9.63
N VAL R 110 -33.35 -31.22 9.10
CA VAL R 110 -33.03 -30.54 7.84
C VAL R 110 -33.23 -29.05 8.09
N ASP R 111 -32.16 -28.27 7.93
CA ASP R 111 -32.12 -26.87 8.34
C ASP R 111 -31.56 -26.05 7.19
N PRO R 112 -32.38 -25.70 6.21
CA PRO R 112 -31.95 -24.79 5.15
C PRO R 112 -31.58 -23.43 5.72
N GLY R 113 -30.34 -23.02 5.48
CA GLY R 113 -29.88 -21.75 5.97
C GLY R 113 -30.58 -20.59 5.27
N ASP R 114 -30.13 -19.39 5.62
CA ASP R 114 -30.71 -18.19 5.06
C ASP R 114 -30.36 -18.09 3.58
N TRP R 115 -31.38 -18.01 2.74
CA TRP R 115 -31.21 -17.78 1.31
C TRP R 115 -31.06 -16.29 1.08
N LYS R 116 -29.85 -15.84 0.79
CA LYS R 116 -29.51 -14.42 0.74
C LYS R 116 -29.32 -13.88 -0.67
N ALA R 117 -29.72 -14.63 -1.69
CA ALA R 117 -29.76 -14.11 -3.06
C ALA R 117 -28.37 -13.69 -3.54
N GLY R 118 -27.51 -14.69 -3.68
CA GLY R 118 -26.12 -14.49 -4.07
C GLY R 118 -25.16 -15.06 -3.05
N GLU R 119 -25.64 -16.03 -2.26
CA GLU R 119 -24.82 -16.70 -1.27
C GLU R 119 -25.24 -18.16 -1.25
N LYS R 120 -24.33 -19.01 -0.79
CA LYS R 120 -24.57 -20.44 -0.81
C LYS R 120 -25.79 -20.79 0.04
N ALA R 121 -26.50 -21.84 -0.37
CA ALA R 121 -27.70 -22.24 0.34
C ALA R 121 -27.35 -22.85 1.69
N GLU R 122 -26.44 -23.82 1.69
CA GLU R 122 -25.92 -24.43 2.91
C GLU R 122 -27.05 -25.11 3.72
N PHE R 123 -27.61 -26.14 3.10
CA PHE R 123 -28.51 -27.04 3.83
C PHE R 123 -27.73 -27.77 4.90
N LYS R 124 -28.10 -27.55 6.15
CA LYS R 124 -27.54 -28.30 7.26
C LYS R 124 -28.45 -29.46 7.58
N TYR R 125 -27.88 -30.64 7.71
CA TYR R 125 -28.57 -31.82 8.17
C TYR R 125 -27.96 -32.27 9.49
N ALA R 126 -28.72 -33.06 10.23
CA ALA R 126 -28.22 -33.78 11.38
C ALA R 126 -28.79 -35.18 11.35
N VAL R 127 -27.97 -36.13 11.80
CA VAL R 127 -28.34 -37.54 11.79
C VAL R 127 -28.25 -38.05 13.23
N ALA R 128 -29.29 -38.74 13.66
CA ALA R 128 -29.25 -39.47 14.92
C ALA R 128 -28.83 -40.91 14.63
N VAL R 129 -27.67 -41.28 15.14
CA VAL R 129 -27.01 -42.50 14.71
C VAL R 129 -27.46 -43.66 15.58
N SER R 130 -27.83 -44.77 14.93
CA SER R 130 -28.13 -46.02 15.59
C SER R 130 -27.13 -47.11 15.27
N TYR R 131 -26.05 -46.79 14.56
CA TYR R 131 -24.99 -47.74 14.31
C TYR R 131 -23.79 -46.98 13.80
N TYR R 132 -22.61 -47.33 14.31
CA TYR R 132 -21.39 -46.59 14.04
C TYR R 132 -20.23 -47.56 13.93
N LYS R 133 -19.67 -47.70 12.74
CA LYS R 133 -18.45 -48.45 12.51
C LYS R 133 -17.42 -47.52 11.87
N LEU R 134 -16.35 -47.25 12.61
CA LEU R 134 -15.24 -46.45 12.10
C LEU R 134 -14.12 -47.37 11.69
N GLU R 135 -13.59 -47.15 10.48
CA GLU R 135 -12.48 -47.92 9.95
C GLU R 135 -11.38 -46.97 9.52
N VAL R 136 -10.14 -47.35 9.80
CA VAL R 136 -8.96 -46.60 9.40
C VAL R 136 -8.05 -47.55 8.65
N ASP R 137 -7.71 -47.19 7.41
CA ASP R 137 -6.78 -47.97 6.61
C ASP R 137 -7.29 -49.39 6.41
N GLY R 138 -8.59 -49.52 6.24
CA GLY R 138 -9.21 -50.81 6.02
C GLY R 138 -9.37 -51.67 7.25
N ARG R 139 -8.97 -51.18 8.43
CA ARG R 139 -9.05 -51.93 9.66
C ARG R 139 -10.12 -51.37 10.57
N GLU R 140 -10.87 -52.27 11.20
CA GLU R 140 -11.87 -51.86 12.17
C GLU R 140 -11.19 -51.17 13.35
N VAL R 141 -11.55 -49.92 13.58
CA VAL R 141 -11.22 -49.23 14.81
C VAL R 141 -12.34 -49.43 15.83
N TYR R 142 -13.56 -48.95 15.51
CA TYR R 142 -14.72 -49.16 16.39
C TYR R 142 -15.82 -49.92 15.68
N GLU R 143 -16.75 -50.42 16.49
CA GLU R 143 -18.09 -50.72 16.02
C GLU R 143 -19.02 -50.60 17.21
N ILE R 144 -19.88 -49.60 17.20
CA ILE R 144 -21.01 -49.56 18.12
C ILE R 144 -22.17 -50.25 17.42
N ASP R 145 -22.93 -51.03 18.20
CA ASP R 145 -24.31 -51.35 17.85
C ASP R 145 -25.09 -51.17 19.16
N PRO R 146 -25.78 -50.03 19.35
CA PRO R 146 -26.39 -49.78 20.65
C PRO R 146 -27.41 -50.82 21.06
N VAL R 147 -28.34 -51.13 20.16
CA VAL R 147 -29.50 -51.94 20.50
C VAL R 147 -29.11 -53.38 20.74
N ASN R 148 -28.02 -53.84 20.12
CA ASN R 148 -27.50 -55.18 20.36
C ASN R 148 -26.43 -55.22 21.45
N GLY R 149 -25.96 -54.06 21.90
CA GLY R 149 -24.99 -54.03 22.98
C GLY R 149 -23.57 -54.31 22.55
N VAL R 150 -23.13 -53.74 21.43
CA VAL R 150 -21.78 -53.89 20.91
C VAL R 150 -21.05 -52.57 21.12
N ARG R 151 -19.86 -52.64 21.71
CA ARG R 151 -18.92 -51.53 21.74
C ARG R 151 -17.55 -52.18 21.52
N ALA R 152 -17.15 -52.30 20.26
CA ALA R 152 -15.97 -53.04 19.88
C ALA R 152 -14.82 -52.08 19.68
N ILE R 153 -13.65 -52.48 20.18
CA ILE R 153 -12.39 -51.79 19.92
C ILE R 153 -11.46 -52.79 19.24
N ASN R 154 -11.10 -52.49 18.00
CA ASN R 154 -10.22 -53.36 17.21
C ASN R 154 -10.77 -54.78 17.12
N GLY R 155 -12.09 -54.91 17.11
CA GLY R 155 -12.74 -56.20 17.07
C GLY R 155 -13.00 -56.83 18.42
N VAL R 156 -12.69 -56.15 19.52
CA VAL R 156 -12.87 -56.66 20.87
C VAL R 156 -14.08 -55.97 21.48
N ASP R 157 -15.18 -56.69 21.59
CA ASP R 157 -16.39 -56.17 22.22
C ASP R 157 -16.11 -55.95 23.70
N GLN R 158 -16.01 -54.67 24.10
CA GLN R 158 -15.78 -54.35 25.49
C GLN R 158 -16.99 -54.67 26.37
N LEU R 159 -18.16 -54.86 25.77
CA LEU R 159 -19.41 -55.07 26.50
C LEU R 159 -19.75 -56.54 26.68
N ALA R 160 -18.82 -57.45 26.37
CA ALA R 160 -19.11 -58.87 26.50
C ALA R 160 -19.44 -59.25 27.93
N GLY R 161 -18.77 -58.63 28.90
CA GLY R 161 -19.08 -58.89 30.29
C GLY R 161 -20.48 -58.46 30.66
N MET R 162 -20.89 -57.30 30.16
CA MET R 162 -22.26 -56.83 30.40
C MET R 162 -23.27 -57.77 29.76
N ARG R 163 -22.99 -58.24 28.55
CA ARG R 163 -23.91 -59.15 27.87
C ARG R 163 -24.02 -60.46 28.62
N ASN R 164 -22.91 -60.94 29.18
CA ASN R 164 -22.97 -62.14 30.01
C ASN R 164 -23.77 -61.89 31.28
N ASP R 165 -23.56 -60.74 31.92
CA ASP R 165 -24.24 -60.45 33.17
C ASP R 165 -25.74 -60.33 32.97
N LEU R 166 -26.16 -59.69 31.87
CA LEU R 166 -27.56 -59.48 31.58
C LEU R 166 -28.18 -60.62 30.78
N GLY R 167 -27.39 -61.58 30.32
CA GLY R 167 -27.91 -62.67 29.52
C GLY R 167 -28.50 -62.16 28.22
N LEU R 168 -27.68 -61.50 27.41
CA LEU R 168 -28.13 -60.76 26.24
C LEU R 168 -29.04 -59.63 26.65
N MET S 2 28.63 40.43 -84.72
CA MET S 2 29.72 40.29 -85.68
C MET S 2 30.32 41.64 -86.04
N ILE S 3 30.89 42.32 -85.06
CA ILE S 3 31.69 43.51 -85.34
C ILE S 3 32.60 43.77 -84.13
N PRO S 4 33.86 44.14 -84.32
CA PRO S 4 34.68 44.50 -83.15
C PRO S 4 34.11 45.72 -82.44
N GLN S 5 34.24 45.70 -81.12
CA GLN S 5 33.65 46.75 -80.29
C GLN S 5 34.15 46.56 -78.88
N THR S 6 34.33 47.67 -78.18
CA THR S 6 34.75 47.62 -76.79
C THR S 6 34.63 49.01 -76.18
N LEU S 7 35.03 49.10 -74.91
CA LEU S 7 35.00 50.35 -74.19
C LEU S 7 36.13 51.25 -74.65
N THR S 8 35.82 52.55 -74.75
CA THR S 8 36.79 53.57 -75.09
C THR S 8 36.88 54.67 -74.05
N ASN S 9 35.78 54.96 -73.35
CA ASN S 9 35.76 56.04 -72.39
C ASN S 9 34.52 55.88 -71.53
N THR S 10 34.54 56.53 -70.37
CA THR S 10 33.51 56.33 -69.36
C THR S 10 33.20 57.67 -68.70
N ASN S 11 32.27 57.65 -67.76
CA ASN S 11 31.93 58.81 -66.94
C ASN S 11 30.98 58.34 -65.85
N LEU S 12 30.94 59.12 -64.77
CA LEU S 12 30.13 58.82 -63.59
C LEU S 12 29.30 60.03 -63.21
N PHE S 13 28.03 59.81 -62.93
CA PHE S 13 27.16 60.82 -62.34
C PHE S 13 26.69 60.35 -60.98
N ILE S 14 26.72 61.27 -60.02
CA ILE S 14 26.14 61.06 -58.71
C ILE S 14 25.40 62.35 -58.35
N ASP S 15 24.10 62.24 -58.10
CA ASP S 15 23.27 63.39 -57.73
C ASP S 15 23.36 64.49 -58.78
N GLY S 16 23.46 64.08 -60.05
CA GLY S 16 23.58 65.01 -61.14
C GLY S 16 24.95 65.63 -61.31
N VAL S 17 25.87 65.40 -60.38
CA VAL S 17 27.21 65.93 -60.48
C VAL S 17 28.03 65.05 -61.41
N SER S 18 28.70 65.66 -62.36
CA SER S 18 29.56 64.93 -63.28
C SER S 18 30.94 64.78 -62.69
N PHE S 19 31.46 63.56 -62.71
CA PHE S 19 32.86 63.27 -62.45
C PHE S 19 33.60 62.98 -63.74
N ALA S 20 33.27 63.74 -64.78
CA ALA S 20 34.03 63.65 -66.01
C ALA S 20 35.41 64.23 -65.73
N GLY S 21 36.34 63.36 -65.33
CA GLY S 21 37.67 63.78 -64.97
C GLY S 21 38.31 63.02 -63.83
N ASP S 22 37.55 62.29 -63.02
CA ASP S 22 38.12 61.54 -61.89
C ASP S 22 37.46 60.19 -61.63
N VAL S 23 37.40 59.33 -62.64
CA VAL S 23 36.92 57.95 -62.44
C VAL S 23 37.89 56.96 -63.10
N PRO S 24 39.07 56.75 -62.51
CA PRO S 24 40.03 55.83 -63.12
C PRO S 24 39.50 54.42 -63.32
N SER S 25 38.84 53.87 -62.32
CA SER S 25 38.25 52.55 -62.39
C SER S 25 36.76 52.67 -62.13
N LEU S 26 35.97 52.09 -63.02
CA LEU S 26 34.53 52.02 -62.87
C LEU S 26 34.11 50.55 -62.98
N THR S 27 33.26 50.12 -62.07
CA THR S 27 32.82 48.73 -62.01
C THR S 27 31.30 48.65 -61.93
N LEU S 28 30.71 48.02 -62.89
CA LEU S 28 29.31 47.66 -62.88
C LEU S 28 29.11 46.45 -61.95
N PRO S 29 28.05 46.41 -61.14
CA PRO S 29 27.94 45.32 -60.17
C PRO S 29 27.81 43.97 -60.86
N LYS S 30 28.58 43.02 -60.37
CA LYS S 30 28.51 41.67 -60.89
C LYS S 30 27.13 41.11 -60.66
N LEU S 31 26.66 40.33 -61.62
CA LEU S 31 25.36 39.70 -61.56
C LEU S 31 25.54 38.20 -61.58
N ALA S 32 24.84 37.54 -60.66
CA ALA S 32 24.88 36.09 -60.56
C ALA S 32 23.54 35.64 -60.00
N VAL S 33 23.31 34.35 -60.08
CA VAL S 33 22.18 33.72 -59.44
C VAL S 33 22.73 32.79 -58.37
N LYS S 34 21.91 32.51 -57.37
CA LYS S 34 22.29 31.59 -56.29
C LYS S 34 22.08 30.16 -56.78
N THR S 35 22.96 29.72 -57.67
CA THR S 35 22.84 28.35 -58.17
C THR S 35 23.11 27.38 -57.05
N GLU S 36 22.14 26.54 -56.80
CA GLU S 36 22.30 25.39 -55.92
C GLU S 36 22.48 24.16 -56.79
N GLN S 37 23.70 23.63 -56.78
CA GLN S 37 23.98 22.42 -57.55
C GLN S 37 23.09 21.30 -57.05
N TYR S 38 22.19 20.86 -57.91
CA TYR S 38 21.12 19.96 -57.52
C TYR S 38 21.31 18.61 -58.18
N ARG S 39 21.45 17.58 -57.36
CA ARG S 39 21.49 16.20 -57.82
C ARG S 39 20.47 15.42 -57.03
N ALA S 40 19.67 14.61 -57.73
CA ALA S 40 18.63 13.81 -57.14
C ALA S 40 18.76 12.39 -57.67
N GLY S 41 17.82 11.54 -57.27
CA GLY S 41 17.80 10.19 -57.78
C GLY S 41 17.41 10.16 -59.24
N GLY S 42 18.00 9.22 -59.96
CA GLY S 42 17.70 9.03 -61.35
C GLY S 42 18.47 9.94 -62.29
N MET S 43 19.36 10.77 -61.76
CA MET S 43 20.19 11.64 -62.57
C MET S 43 21.64 11.56 -62.10
N ASP S 44 22.55 11.32 -63.04
CA ASP S 44 23.95 11.16 -62.70
C ASP S 44 24.60 12.49 -62.34
N ALA S 45 24.43 13.51 -63.19
CA ALA S 45 25.18 14.74 -63.09
C ALA S 45 24.33 15.86 -62.46
N PRO S 46 24.86 16.65 -61.55
CA PRO S 46 24.05 17.71 -60.94
C PRO S 46 23.67 18.79 -61.94
N VAL S 47 22.48 19.36 -61.73
CA VAL S 47 22.00 20.51 -62.49
C VAL S 47 21.84 21.66 -61.52
N SER S 48 22.32 22.83 -61.94
CA SER S 48 22.13 24.05 -61.18
C SER S 48 20.68 24.52 -61.24
N ILE S 49 20.21 25.11 -60.15
CA ILE S 49 18.85 25.66 -60.07
C ILE S 49 18.95 27.13 -59.72
N ASP S 50 18.15 27.94 -60.40
CA ASP S 50 18.06 29.36 -60.12
C ASP S 50 17.19 29.57 -58.89
N MET S 51 17.82 29.95 -57.78
CA MET S 51 17.14 30.21 -56.51
C MET S 51 17.23 31.67 -56.09
N GLY S 52 17.35 32.57 -57.06
CA GLY S 52 17.43 34.00 -56.81
C GLY S 52 18.82 34.53 -57.10
N LEU S 53 18.94 35.85 -56.96
CA LEU S 53 20.18 36.53 -57.28
C LEU S 53 21.09 36.61 -56.07
N GLU S 54 22.38 36.82 -56.36
CA GLU S 54 23.36 37.10 -55.33
C GLU S 54 23.29 38.57 -54.93
N ALA S 55 24.06 38.91 -53.90
CA ALA S 55 24.20 40.30 -53.54
C ALA S 55 24.96 41.05 -54.61
N MET S 56 24.47 42.23 -54.96
CA MET S 56 25.15 43.10 -55.90
C MET S 56 26.14 43.97 -55.15
N GLU S 57 27.19 44.38 -55.86
CA GLU S 57 28.14 45.34 -55.32
C GLU S 57 28.80 46.05 -56.48
N ALA S 58 28.60 47.36 -56.54
CA ALA S 58 29.30 48.21 -57.49
C ALA S 58 30.56 48.77 -56.84
N LYS S 59 31.43 49.32 -57.68
CA LYS S 59 32.64 49.95 -57.21
C LYS S 59 33.04 51.03 -58.20
N PHE S 60 33.62 52.10 -57.65
CA PHE S 60 34.18 53.17 -58.45
C PHE S 60 35.16 53.92 -57.57
N SER S 61 36.18 54.50 -58.20
CA SER S 61 37.29 55.09 -57.49
C SER S 61 37.54 56.52 -57.95
N THR S 62 38.13 57.29 -57.05
CA THR S 62 38.54 58.65 -57.32
C THR S 62 39.95 58.85 -56.75
N ASN S 63 40.68 59.79 -57.33
CA ASN S 63 42.02 60.11 -56.87
C ASN S 63 42.10 61.41 -56.10
N GLY S 64 41.04 62.21 -56.09
CA GLY S 64 40.99 63.43 -55.32
C GLY S 64 39.90 63.42 -54.29
N ALA S 65 39.97 64.34 -53.33
CA ALA S 65 38.98 64.42 -52.26
C ALA S 65 37.71 65.00 -52.86
N ARG S 66 36.96 64.14 -53.53
CA ARG S 66 35.72 64.54 -54.17
C ARG S 66 34.65 64.53 -53.11
N ARG S 67 34.43 65.71 -52.51
CA ARG S 67 33.50 65.83 -51.40
C ARG S 67 32.10 65.34 -51.76
N GLU S 68 31.71 65.48 -53.02
CA GLU S 68 30.55 64.75 -53.52
C GLU S 68 30.94 63.29 -53.67
N ALA S 69 30.16 62.42 -53.03
CA ALA S 69 30.35 60.98 -52.92
C ALA S 69 31.38 60.61 -51.85
N LEU S 70 32.03 61.57 -51.19
CA LEU S 70 32.57 61.33 -49.86
C LEU S 70 31.52 61.59 -48.79
N ASN S 71 30.55 62.44 -49.07
CA ASN S 71 29.52 62.82 -48.13
C ASN S 71 28.27 61.94 -48.22
N PHE S 72 28.34 60.81 -48.92
CA PHE S 72 27.24 59.86 -49.00
C PHE S 72 27.54 58.53 -48.31
N PHE S 73 28.63 58.45 -47.57
CA PHE S 73 28.95 57.28 -46.79
C PHE S 73 28.14 57.24 -45.51
N GLY S 74 27.70 56.04 -45.14
CA GLY S 74 27.19 55.86 -43.80
C GLY S 74 25.98 56.69 -43.47
N LEU S 75 25.24 57.13 -44.48
CA LEU S 75 24.02 57.88 -44.24
C LEU S 75 22.97 56.94 -43.67
N ALA S 76 22.14 57.48 -42.78
CA ALA S 76 21.04 56.70 -42.24
C ALA S 76 20.06 56.32 -43.34
N ASP S 77 19.84 57.22 -44.29
CA ASP S 77 18.91 56.98 -45.39
C ASP S 77 19.63 56.18 -46.46
N GLN S 78 19.63 54.86 -46.25
CA GLN S 78 20.05 53.95 -47.30
C GLN S 78 19.15 54.15 -48.52
N SER S 79 19.71 53.87 -49.69
CA SER S 79 19.11 54.07 -51.01
C SER S 79 19.03 55.54 -51.40
N ALA S 80 19.56 56.46 -50.58
CA ALA S 80 19.71 57.84 -51.00
C ALA S 80 20.92 58.02 -51.91
N PHE S 81 21.88 57.10 -51.87
CA PHE S 81 22.99 57.14 -52.79
C PHE S 81 22.54 56.71 -54.18
N ASN S 82 22.16 57.66 -55.02
CA ASN S 82 21.86 57.34 -56.40
C ASN S 82 23.17 57.19 -57.16
N GLY S 83 23.09 57.07 -58.48
CA GLY S 83 24.28 56.91 -59.27
C GLY S 83 23.99 56.43 -60.67
N VAL S 84 24.82 56.85 -61.62
CA VAL S 84 24.69 56.45 -63.02
C VAL S 84 26.08 56.11 -63.52
N PHE S 85 26.28 54.85 -63.90
CA PHE S 85 27.51 54.42 -64.55
C PHE S 85 27.30 54.46 -66.06
N ARG S 86 28.06 55.31 -66.74
CA ARG S 86 28.01 55.44 -68.18
C ARG S 86 29.27 54.88 -68.81
N GLY S 87 29.11 54.28 -69.98
CA GLY S 87 30.21 53.74 -70.74
C GLY S 87 29.95 53.85 -72.23
N SER S 88 30.94 54.36 -72.96
CA SER S 88 30.83 54.58 -74.40
C SER S 88 31.52 53.44 -75.13
N PHE S 89 30.73 52.53 -75.69
CA PHE S 89 31.25 51.40 -76.45
C PHE S 89 31.24 51.80 -77.92
N LYS S 90 32.43 51.93 -78.50
CA LYS S 90 32.60 52.23 -79.91
C LYS S 90 32.97 50.96 -80.66
N GLY S 91 32.29 50.72 -81.77
CA GLY S 91 32.61 49.60 -82.62
C GLY S 91 33.87 49.85 -83.41
N GLN S 92 34.15 48.92 -84.33
CA GLN S 92 35.17 49.20 -85.33
C GLN S 92 34.77 50.40 -86.16
N LYS S 93 33.63 50.31 -86.83
CA LYS S 93 33.13 51.41 -87.63
C LYS S 93 32.73 52.57 -86.73
N GLY S 94 32.43 53.70 -87.36
CA GLY S 94 32.14 54.91 -86.64
C GLY S 94 30.75 54.91 -86.03
N ALA S 95 30.58 54.10 -84.98
CA ALA S 95 29.32 54.02 -84.26
C ALA S 95 29.61 53.85 -82.79
N SER S 96 28.77 54.46 -81.95
CA SER S 96 28.97 54.47 -80.51
C SER S 96 27.70 53.98 -79.84
N VAL S 97 27.86 53.06 -78.90
CA VAL S 97 26.77 52.41 -78.18
C VAL S 97 26.83 52.90 -76.73
N PRO S 98 25.88 53.69 -76.25
CA PRO S 98 25.89 54.05 -74.84
C PRO S 98 25.37 52.92 -73.96
N VAL S 99 26.06 52.71 -72.85
CA VAL S 99 25.65 51.77 -71.82
C VAL S 99 25.48 52.54 -70.53
N VAL S 100 24.35 52.36 -69.87
CA VAL S 100 23.97 53.11 -68.69
C VAL S 100 23.49 52.13 -67.64
N ALA S 101 24.02 52.27 -66.43
CA ALA S 101 23.58 51.49 -65.29
C ALA S 101 23.21 52.44 -64.15
N THR S 102 21.92 52.75 -64.09
CA THR S 102 21.41 53.48 -62.94
C THR S 102 21.52 52.61 -61.70
N LEU S 103 22.10 53.18 -60.64
CA LEU S 103 22.22 52.51 -59.36
C LEU S 103 21.55 53.32 -58.28
N ARG S 104 21.18 52.63 -57.21
CA ARG S 104 20.64 53.27 -56.03
C ARG S 104 20.81 52.31 -54.88
N GLY S 105 21.50 52.75 -53.83
CA GLY S 105 21.80 51.87 -52.72
C GLY S 105 22.55 52.57 -51.62
N LEU S 106 23.60 51.92 -51.13
CA LEU S 106 24.39 52.39 -50.00
C LEU S 106 25.83 52.53 -50.44
N LEU S 107 26.45 53.66 -50.13
CA LEU S 107 27.90 53.75 -50.26
C LEU S 107 28.50 52.94 -49.13
N LYS S 108 28.81 51.68 -49.41
CA LYS S 108 29.15 50.73 -48.36
C LYS S 108 30.46 51.07 -47.70
N GLU S 109 31.45 51.51 -48.47
CA GLU S 109 32.83 51.47 -48.03
C GLU S 109 33.60 52.61 -48.67
N VAL S 110 34.54 53.15 -47.91
CA VAL S 110 35.49 54.15 -48.38
C VAL S 110 36.86 53.72 -47.91
N ASP S 111 37.78 53.47 -48.86
CA ASP S 111 39.06 52.84 -48.59
C ASP S 111 40.16 53.66 -49.26
N PRO S 112 40.60 54.73 -48.62
CA PRO S 112 41.75 55.49 -49.13
C PRO S 112 42.99 54.62 -49.15
N GLY S 113 43.58 54.48 -50.33
CA GLY S 113 44.77 53.69 -50.48
C GLY S 113 45.95 54.33 -49.78
N ASP S 114 47.11 53.69 -49.94
CA ASP S 114 48.33 54.15 -49.32
C ASP S 114 48.76 55.46 -49.97
N TRP S 115 48.89 56.50 -49.16
CA TRP S 115 49.42 57.78 -49.60
C TRP S 115 50.94 57.72 -49.55
N LYS S 116 51.57 57.63 -50.73
CA LYS S 116 52.99 57.34 -50.84
C LYS S 116 53.83 58.55 -51.25
N ALA S 117 53.26 59.76 -51.20
CA ALA S 117 54.03 60.99 -51.38
C ALA S 117 54.69 61.04 -52.76
N GLY S 118 53.84 61.13 -53.78
CA GLY S 118 54.27 61.12 -55.17
C GLY S 118 53.62 60.02 -55.96
N GLU S 119 52.47 59.56 -55.48
CA GLU S 119 51.69 58.52 -56.15
C GLU S 119 50.22 58.85 -55.97
N LYS S 120 49.40 58.33 -56.88
CA LYS S 120 47.99 58.65 -56.86
C LYS S 120 47.35 58.20 -55.56
N ALA S 121 46.33 58.94 -55.13
CA ALA S 121 45.66 58.62 -53.88
C ALA S 121 44.84 57.34 -54.01
N GLU S 122 43.99 57.29 -55.04
CA GLU S 122 43.21 56.10 -55.37
C GLU S 122 42.27 55.73 -54.21
N PHE S 123 41.31 56.62 -53.97
CA PHE S 123 40.22 56.30 -53.08
C PHE S 123 39.36 55.21 -53.70
N LYS S 124 39.29 54.06 -53.05
CA LYS S 124 38.39 52.99 -53.46
C LYS S 124 37.10 53.11 -52.69
N TYR S 125 35.98 53.05 -53.40
CA TYR S 125 34.66 52.97 -52.82
C TYR S 125 34.03 51.64 -53.18
N ALA S 126 33.03 51.26 -52.41
CA ALA S 126 32.15 50.15 -52.76
C ALA S 126 30.73 50.56 -52.43
N VAL S 127 29.80 50.11 -53.26
CA VAL S 127 28.38 50.43 -53.13
C VAL S 127 27.62 49.13 -52.98
N ALA S 128 26.75 49.08 -51.99
CA ALA S 128 25.79 47.99 -51.86
C ALA S 128 24.50 48.41 -52.55
N VAL S 129 24.16 47.71 -53.62
CA VAL S 129 23.13 48.16 -54.54
C VAL S 129 21.78 47.64 -54.08
N SER S 130 20.79 48.53 -54.05
CA SER S 130 19.40 48.19 -53.80
C SER S 130 18.52 48.44 -55.01
N TYR S 131 19.09 48.80 -56.15
CA TYR S 131 18.32 48.95 -57.38
C TYR S 131 19.31 49.01 -58.53
N TYR S 132 19.00 48.30 -59.61
CA TYR S 132 19.91 48.13 -60.73
C TYR S 132 19.11 48.12 -62.03
N LYS S 133 19.27 49.15 -62.83
CA LYS S 133 18.73 49.20 -64.18
C LYS S 133 19.86 49.40 -65.16
N LEU S 134 20.11 48.39 -66.00
CA LEU S 134 21.10 48.47 -67.06
C LEU S 134 20.41 48.75 -68.37
N GLU S 135 20.93 49.73 -69.10
CA GLU S 135 20.42 50.11 -70.41
C GLU S 135 21.55 50.09 -71.42
N VAL S 136 21.26 49.59 -72.61
CA VAL S 136 22.20 49.54 -73.72
C VAL S 136 21.52 50.20 -74.91
N ASP S 137 22.16 51.24 -75.45
CA ASP S 137 21.66 51.92 -76.64
C ASP S 137 20.26 52.47 -76.41
N GLY S 138 20.03 52.97 -75.21
CA GLY S 138 18.75 53.56 -74.85
C GLY S 138 17.65 52.57 -74.57
N ARG S 139 17.93 51.27 -74.62
CA ARG S 139 16.94 50.23 -74.40
C ARG S 139 17.19 49.53 -73.08
N GLU S 140 16.11 49.25 -72.35
CA GLU S 140 16.20 48.50 -71.12
C GLU S 140 16.70 47.10 -71.42
N VAL S 141 17.84 46.76 -70.82
CA VAL S 141 18.29 45.38 -70.77
C VAL S 141 17.78 44.71 -69.49
N TYR S 142 18.17 45.23 -68.32
CA TYR S 142 17.66 44.72 -67.05
C TYR S 142 16.95 45.78 -66.25
N GLU S 143 16.19 45.32 -65.26
CA GLU S 143 15.86 46.14 -64.11
C GLU S 143 15.61 45.21 -62.94
N ILE S 144 16.51 45.26 -61.96
CA ILE S 144 16.23 44.65 -60.66
C ILE S 144 15.57 45.72 -59.80
N ASP S 145 14.58 45.29 -59.02
CA ASP S 145 14.18 46.00 -57.82
C ASP S 145 14.01 44.92 -56.76
N PRO S 146 15.01 44.72 -55.88
CA PRO S 146 14.91 43.57 -54.96
C PRO S 146 13.71 43.62 -54.05
N VAL S 147 13.49 44.75 -53.40
CA VAL S 147 12.51 44.84 -52.33
C VAL S 147 11.10 44.75 -52.88
N ASN S 148 10.89 45.16 -54.13
CA ASN S 148 9.60 45.04 -54.78
C ASN S 148 9.47 43.75 -55.58
N GLY S 149 10.54 43.01 -55.76
CA GLY S 149 10.46 41.73 -56.46
C GLY S 149 10.44 41.84 -57.96
N VAL S 150 11.28 42.71 -58.54
CA VAL S 150 11.37 42.89 -59.98
C VAL S 150 12.70 42.31 -60.43
N ARG S 151 12.64 41.47 -61.47
CA ARG S 151 13.82 41.02 -62.20
C ARG S 151 13.38 41.01 -63.66
N ALA S 152 13.57 42.13 -64.33
CA ALA S 152 13.04 42.34 -65.68
C ALA S 152 14.14 42.08 -66.68
N ILE S 153 13.79 41.39 -67.76
CA ILE S 153 14.64 41.21 -68.93
C ILE S 153 13.92 41.81 -70.12
N ASN S 154 14.50 42.85 -70.69
CA ASN S 154 13.90 43.54 -71.85
C ASN S 154 12.48 44.01 -71.56
N GLY S 155 12.21 44.35 -70.30
CA GLY S 155 10.89 44.77 -69.89
C GLY S 155 9.98 43.65 -69.42
N VAL S 156 10.45 42.41 -69.39
CA VAL S 156 9.66 41.25 -69.01
C VAL S 156 10.08 40.84 -67.60
N ASP S 157 9.23 41.14 -66.62
CA ASP S 157 9.48 40.73 -65.25
C ASP S 157 9.43 39.21 -65.16
N GLN S 158 10.60 38.59 -64.97
CA GLN S 158 10.67 37.14 -64.82
C GLN S 158 10.05 36.66 -63.53
N LEU S 159 9.86 37.54 -62.56
CA LEU S 159 9.36 37.18 -61.24
C LEU S 159 7.85 37.35 -61.09
N ALA S 160 7.14 37.57 -62.19
CA ALA S 160 5.69 37.77 -62.10
C ALA S 160 5.00 36.55 -61.53
N GLY S 161 5.49 35.35 -61.87
CA GLY S 161 4.91 34.14 -61.31
C GLY S 161 5.11 34.06 -59.82
N MET S 162 6.29 34.44 -59.35
CA MET S 162 6.54 34.46 -57.91
C MET S 162 5.65 35.47 -57.21
N ARG S 163 5.47 36.65 -57.82
CA ARG S 163 4.62 37.67 -57.22
C ARG S 163 3.18 37.20 -57.16
N ASN S 164 2.73 36.47 -58.18
CA ASN S 164 1.38 35.90 -58.12
C ASN S 164 1.28 34.84 -57.05
N ASP S 165 2.29 33.98 -56.93
CA ASP S 165 2.26 32.91 -55.95
C ASP S 165 2.24 33.45 -54.53
N LEU S 166 3.05 34.48 -54.27
CA LEU S 166 3.15 35.07 -52.94
C LEU S 166 2.13 36.18 -52.70
N GLY S 167 1.38 36.59 -53.71
CA GLY S 167 0.42 37.66 -53.55
C GLY S 167 1.11 38.96 -53.19
N LEU S 168 2.00 39.42 -54.05
CA LEU S 168 2.92 40.52 -53.76
C LEU S 168 3.84 40.16 -52.61
N MET T 2 34.84 67.65 -61.98
CA MET T 2 35.34 67.71 -63.34
C MET T 2 36.65 68.49 -63.43
N ILE T 3 37.68 67.96 -62.78
CA ILE T 3 39.03 68.49 -62.97
C ILE T 3 40.03 67.42 -62.52
N PRO T 4 41.13 67.19 -63.23
CA PRO T 4 42.13 66.26 -62.71
C PRO T 4 42.72 66.75 -61.40
N GLN T 5 43.01 65.80 -60.52
CA GLN T 5 43.47 66.13 -59.18
C GLN T 5 43.91 64.85 -58.50
N THR T 6 44.94 64.94 -57.67
CA THR T 6 45.41 63.78 -56.93
C THR T 6 46.40 64.25 -55.87
N LEU T 7 46.95 63.28 -55.15
CA LEU T 7 47.93 63.55 -54.11
C LEU T 7 49.26 63.88 -54.75
N THR T 8 49.96 64.84 -54.14
CA THR T 8 51.30 65.23 -54.54
C THR T 8 52.30 65.14 -53.41
N ASN T 9 51.87 65.35 -52.17
CA ASN T 9 52.77 65.35 -51.04
C ASN T 9 51.94 65.24 -49.77
N THR T 10 52.60 64.82 -48.70
CA THR T 10 51.92 64.50 -47.45
C THR T 10 52.76 64.99 -46.28
N ASN T 11 52.25 64.76 -45.07
CA ASN T 11 52.97 65.05 -43.83
C ASN T 11 52.16 64.48 -42.68
N LEU T 12 52.86 64.23 -41.57
CA LEU T 12 52.27 63.63 -40.38
C LEU T 12 52.62 64.46 -39.16
N PHE T 13 51.64 64.71 -38.32
CA PHE T 13 51.86 65.30 -37.01
C PHE T 13 51.42 64.33 -35.94
N ILE T 14 52.24 64.21 -34.90
CA ILE T 14 51.91 63.47 -33.70
C ILE T 14 52.36 64.32 -32.52
N ASP T 15 51.43 64.68 -31.64
CA ASP T 15 51.75 65.48 -30.45
C ASP T 15 52.41 66.80 -30.84
N GLY T 16 51.99 67.36 -31.97
CA GLY T 16 52.56 68.59 -32.47
C GLY T 16 53.91 68.44 -33.14
N VAL T 17 54.52 67.26 -33.08
CA VAL T 17 55.81 67.04 -33.70
C VAL T 17 55.60 66.77 -35.18
N SER T 18 56.34 67.47 -36.02
CA SER T 18 56.26 67.27 -37.45
C SER T 18 57.21 66.16 -37.87
N PHE T 19 56.69 65.22 -38.65
CA PHE T 19 57.49 64.24 -39.37
C PHE T 19 57.58 64.61 -40.84
N ALA T 20 57.74 65.90 -41.12
CA ALA T 20 58.00 66.32 -42.48
C ALA T 20 59.41 65.85 -42.83
N GLY T 21 59.49 64.65 -43.41
CA GLY T 21 60.76 64.06 -43.74
C GLY T 21 60.84 62.55 -43.58
N ASP T 22 59.92 61.93 -42.84
CA ASP T 22 59.97 60.48 -42.63
C ASP T 22 58.59 59.80 -42.60
N VAL T 23 57.78 60.00 -43.63
CA VAL T 23 56.51 59.26 -43.74
C VAL T 23 56.37 58.69 -45.15
N PRO T 24 57.13 57.64 -45.48
CA PRO T 24 57.03 57.07 -46.84
C PRO T 24 55.64 56.62 -47.22
N SER T 25 54.96 55.92 -46.33
CA SER T 25 53.59 55.46 -46.57
C SER T 25 52.70 56.03 -45.48
N LEU T 26 51.60 56.64 -45.91
CA LEU T 26 50.60 57.15 -45.01
C LEU T 26 49.25 56.55 -45.41
N THR T 27 48.49 56.07 -44.44
CA THR T 27 47.22 55.41 -44.69
C THR T 27 46.14 56.00 -43.79
N LEU T 28 45.12 56.53 -44.40
CA LEU T 28 43.92 56.94 -43.74
C LEU T 28 43.07 55.71 -43.42
N PRO T 29 42.44 55.62 -42.25
CA PRO T 29 41.75 54.38 -41.90
C PRO T 29 40.60 54.11 -42.84
N LYS T 30 40.53 52.86 -43.30
CA LYS T 30 39.44 52.45 -44.16
C LYS T 30 38.12 52.59 -43.43
N LEU T 31 37.10 52.99 -44.16
CA LEU T 31 35.77 53.17 -43.62
C LEU T 31 34.82 52.21 -44.32
N ALA T 32 34.01 51.53 -43.52
CA ALA T 32 33.04 50.59 -44.02
C ALA T 32 31.89 50.56 -43.03
N VAL T 33 30.80 49.95 -43.46
CA VAL T 33 29.68 49.66 -42.60
C VAL T 33 29.57 48.15 -42.50
N LYS T 34 28.97 47.68 -41.42
CA LYS T 34 28.75 46.25 -41.21
C LYS T 34 27.51 45.84 -41.99
N THR T 35 27.66 45.77 -43.32
CA THR T 35 26.53 45.36 -44.14
C THR T 35 26.20 43.91 -43.86
N GLU T 36 24.97 43.69 -43.46
CA GLU T 36 24.42 42.35 -43.34
C GLU T 36 23.53 42.12 -44.57
N GLN T 37 23.99 41.26 -45.46
CA GLN T 37 23.21 40.92 -46.64
C GLN T 37 21.88 40.34 -46.21
N TYR T 38 20.81 41.07 -46.49
CA TYR T 38 19.49 40.76 -45.94
C TYR T 38 18.57 40.33 -47.06
N ARG T 39 18.06 39.10 -46.95
CA ARG T 39 17.04 38.58 -47.83
C ARG T 39 15.90 38.05 -46.99
N ALA T 40 14.68 38.41 -47.36
CA ALA T 40 13.49 38.01 -46.65
C ALA T 40 12.48 37.46 -47.66
N GLY T 41 11.30 37.14 -47.16
CA GLY T 41 10.25 36.69 -48.04
C GLY T 41 9.72 37.83 -48.89
N GLY T 42 9.35 37.48 -50.12
CA GLY T 42 8.79 38.44 -51.02
C GLY T 42 9.81 39.26 -51.79
N MET T 43 11.10 38.99 -51.59
CA MET T 43 12.16 39.67 -52.31
C MET T 43 13.16 38.65 -52.83
N ASP T 44 13.48 38.73 -54.11
CA ASP T 44 14.38 37.78 -54.74
C ASP T 44 15.83 38.02 -54.32
N ALA T 45 16.30 39.27 -54.44
CA ALA T 45 17.70 39.59 -54.32
C ALA T 45 18.01 40.21 -52.95
N PRO T 46 19.09 39.83 -52.28
CA PRO T 46 19.37 40.40 -50.97
C PRO T 46 19.72 41.88 -51.05
N VAL T 47 19.34 42.61 -50.01
CA VAL T 47 19.70 44.01 -49.84
C VAL T 47 20.57 44.12 -48.60
N SER T 48 21.66 44.87 -48.72
CA SER T 48 22.52 45.15 -47.59
C SER T 48 21.85 46.13 -46.63
N ILE T 49 22.10 45.96 -45.34
CA ILE T 49 21.57 46.85 -44.30
C ILE T 49 22.74 47.43 -43.52
N ASP T 50 22.65 48.73 -43.25
CA ASP T 50 23.65 49.41 -42.45
C ASP T 50 23.40 49.11 -40.97
N MET T 51 24.28 48.31 -40.37
CA MET T 51 24.19 47.91 -38.98
C MET T 51 25.36 48.45 -38.15
N GLY T 52 25.93 49.58 -38.57
CA GLY T 52 27.03 50.21 -37.88
C GLY T 52 28.31 50.09 -38.68
N LEU T 53 29.36 50.72 -38.13
CA LEU T 53 30.64 50.77 -38.80
C LEU T 53 31.52 49.59 -38.42
N GLU T 54 32.51 49.33 -39.27
CA GLU T 54 33.54 48.36 -38.98
C GLU T 54 34.60 48.98 -38.08
N ALA T 55 35.53 48.16 -37.64
CA ALA T 55 36.68 48.68 -36.91
C ALA T 55 37.56 49.48 -37.84
N MET T 56 38.01 50.63 -37.35
CA MET T 56 38.94 51.47 -38.08
C MET T 56 40.35 51.03 -37.76
N GLU T 57 41.24 51.27 -38.72
CA GLU T 57 42.67 51.05 -38.49
C GLU T 57 43.45 51.94 -39.42
N ALA T 58 44.22 52.85 -38.85
CA ALA T 58 45.16 53.66 -39.60
C ALA T 58 46.52 53.00 -39.63
N LYS T 59 47.37 53.49 -40.53
CA LYS T 59 48.73 52.99 -40.64
C LYS T 59 49.62 54.10 -41.15
N PHE T 60 50.85 54.11 -40.67
CA PHE T 60 51.87 55.03 -41.15
C PHE T 60 53.21 54.43 -40.78
N SER T 61 54.22 54.74 -41.60
CA SER T 61 55.53 54.10 -41.48
C SER T 61 56.63 55.14 -41.41
N THR T 62 57.74 54.73 -40.79
CA THR T 62 58.94 55.52 -40.68
C THR T 62 60.12 54.62 -41.00
N ASN T 63 61.21 55.22 -41.47
CA ASN T 63 62.43 54.50 -41.78
C ASN T 63 63.54 54.71 -40.76
N GLY T 64 63.37 55.66 -39.84
CA GLY T 64 64.33 55.88 -38.78
C GLY T 64 63.73 55.68 -37.41
N ALA T 65 64.58 55.54 -36.40
CA ALA T 65 64.13 55.33 -35.03
C ALA T 65 63.58 56.64 -34.51
N ARG T 66 62.34 56.92 -34.91
CA ARG T 66 61.67 58.15 -34.51
C ARG T 66 61.10 57.92 -33.13
N ARG T 67 61.88 58.31 -32.12
CA ARG T 67 61.51 58.05 -30.74
C ARG T 67 60.14 58.63 -30.40
N GLU T 68 59.77 59.74 -31.03
CA GLU T 68 58.39 60.16 -31.01
C GLU T 68 57.59 59.24 -31.91
N ALA T 69 56.54 58.65 -31.34
CA ALA T 69 55.67 57.63 -31.93
C ALA T 69 56.27 56.24 -31.90
N LEU T 70 57.50 56.07 -31.40
CA LEU T 70 57.92 54.79 -30.84
C LEU T 70 57.55 54.69 -29.37
N ASN T 71 57.45 55.83 -28.70
CA ASN T 71 57.16 55.88 -27.27
C ASN T 71 55.67 55.99 -26.96
N PHE T 72 54.80 55.77 -27.95
CA PHE T 72 53.36 55.76 -27.76
C PHE T 72 52.73 54.38 -27.94
N PHE T 73 53.54 53.34 -28.06
CA PHE T 73 53.05 51.99 -28.14
C PHE T 73 52.67 51.48 -26.76
N GLY T 74 51.58 50.72 -26.70
CA GLY T 74 51.30 49.95 -25.52
C GLY T 74 51.12 50.76 -24.26
N LEU T 75 50.76 52.03 -24.41
CA LEU T 75 50.50 52.86 -23.24
C LEU T 75 49.20 52.41 -22.59
N ALA T 76 49.16 52.49 -21.27
CA ALA T 76 47.93 52.17 -20.56
C ALA T 76 46.82 53.13 -20.95
N ASP T 77 47.15 54.39 -21.16
CA ASP T 77 46.18 55.41 -21.51
C ASP T 77 45.92 55.32 -23.01
N GLN T 78 45.02 54.40 -23.38
CA GLN T 78 44.50 54.40 -24.72
C GLN T 78 43.82 55.74 -25.02
N SER T 79 43.82 56.11 -26.30
CA SER T 79 43.34 57.38 -26.84
C SER T 79 44.27 58.54 -26.50
N ALA T 80 45.41 58.29 -25.85
CA ALA T 80 46.43 59.32 -25.71
C ALA T 80 47.24 59.49 -26.98
N PHE T 81 47.26 58.48 -27.85
CA PHE T 81 47.90 58.63 -29.14
C PHE T 81 47.07 59.50 -30.05
N ASN T 82 47.34 60.79 -30.08
CA ASN T 82 46.69 61.67 -31.03
C ASN T 82 47.37 61.50 -32.39
N GLY T 83 47.01 62.35 -33.35
CA GLY T 83 47.59 62.25 -34.67
C GLY T 83 46.83 63.04 -35.69
N VAL T 84 47.54 63.54 -36.69
CA VAL T 84 46.95 64.30 -37.79
C VAL T 84 47.58 63.81 -39.08
N PHE T 85 46.77 63.24 -39.96
CA PHE T 85 47.20 62.86 -41.30
C PHE T 85 46.85 63.99 -42.25
N ARG T 86 47.87 64.60 -42.85
CA ARG T 86 47.70 65.67 -43.81
C ARG T 86 48.07 65.19 -45.20
N GLY T 87 47.33 65.69 -46.20
CA GLY T 87 47.59 65.39 -47.58
C GLY T 87 47.26 66.57 -48.47
N SER T 88 48.18 66.92 -49.36
CA SER T 88 48.03 68.06 -50.26
C SER T 88 47.58 67.56 -51.62
N PHE T 89 46.31 67.75 -51.93
CA PHE T 89 45.75 67.38 -53.22
C PHE T 89 45.78 68.59 -54.12
N LYS T 90 46.59 68.52 -55.17
CA LYS T 90 46.71 69.57 -56.17
C LYS T 90 45.94 69.16 -57.41
N GLY T 91 45.12 70.07 -57.93
CA GLY T 91 44.40 69.84 -59.16
C GLY T 91 45.33 69.94 -60.36
N GLN T 92 44.72 69.89 -61.54
CA GLN T 92 45.46 70.26 -62.74
C GLN T 92 45.90 71.71 -62.65
N LYS T 93 44.94 72.61 -62.52
CA LYS T 93 45.25 74.02 -62.39
C LYS T 93 45.95 74.29 -61.06
N GLY T 94 46.44 75.50 -60.91
CA GLY T 94 47.21 75.86 -59.74
C GLY T 94 46.36 76.08 -58.52
N ALA T 95 45.84 74.98 -57.97
CA ALA T 95 45.02 75.02 -56.76
C ALA T 95 45.34 73.80 -55.93
N SER T 96 45.32 73.98 -54.61
CA SER T 96 45.70 72.94 -53.66
C SER T 96 44.59 72.76 -52.65
N VAL T 97 44.19 71.52 -52.42
CA VAL T 97 43.10 71.16 -51.52
C VAL T 97 43.72 70.43 -50.33
N PRO T 98 43.70 71.02 -49.13
CA PRO T 98 44.19 70.28 -47.97
C PRO T 98 43.17 69.25 -47.48
N VAL T 99 43.67 68.08 -47.14
CA VAL T 99 42.89 67.01 -46.53
C VAL T 99 43.54 66.67 -45.20
N VAL T 100 42.72 66.65 -44.15
CA VAL T 100 43.18 66.47 -42.79
C VAL T 100 42.33 65.40 -42.13
N ALA T 101 42.98 64.43 -41.50
CA ALA T 101 42.31 63.41 -40.73
C ALA T 101 42.90 63.38 -39.33
N THR T 102 42.26 64.09 -38.43
CA THR T 102 42.61 63.99 -37.02
C THR T 102 42.27 62.59 -36.52
N LEU T 103 43.22 61.96 -35.87
CA LEU T 103 43.04 60.65 -35.27
C LEU T 103 43.33 60.71 -33.78
N ARG T 104 42.76 59.75 -33.07
CA ARG T 104 43.03 59.58 -31.66
C ARG T 104 42.65 58.16 -31.29
N GLY T 105 43.60 57.41 -30.76
CA GLY T 105 43.36 56.02 -30.46
C GLY T 105 44.55 55.34 -29.82
N LEU T 106 44.88 54.16 -30.31
CA LEU T 106 45.94 53.33 -29.77
C LEU T 106 46.96 53.04 -30.85
N LEU T 107 48.24 53.23 -30.53
CA LEU T 107 49.27 52.71 -31.42
C LEU T 107 49.30 51.21 -31.25
N LYS T 108 48.57 50.52 -32.13
CA LYS T 108 48.29 49.10 -31.93
C LYS T 108 49.54 48.26 -32.06
N GLU T 109 50.41 48.58 -33.01
CA GLU T 109 51.41 47.65 -33.49
C GLU T 109 52.64 48.40 -33.95
N VAL T 110 53.78 47.78 -33.73
CA VAL T 110 55.07 48.26 -34.22
C VAL T 110 55.78 47.06 -34.83
N ASP T 111 56.08 47.15 -36.13
CA ASP T 111 56.56 46.01 -36.91
C ASP T 111 57.78 46.45 -37.70
N PRO T 112 58.96 46.45 -37.08
CA PRO T 112 60.19 46.72 -37.81
C PRO T 112 60.43 45.66 -38.87
N GLY T 113 60.55 46.10 -40.11
CA GLY T 113 60.79 45.20 -41.20
C GLY T 113 62.17 44.56 -41.12
N ASP T 114 62.47 43.78 -42.14
CA ASP T 114 63.74 43.09 -42.21
C ASP T 114 64.87 44.09 -42.42
N TRP T 115 65.82 44.11 -41.50
CA TRP T 115 67.02 44.92 -41.62
C TRP T 115 68.03 44.16 -42.48
N LYS T 116 68.20 44.60 -43.73
CA LYS T 116 68.96 43.88 -44.72
C LYS T 116 70.33 44.48 -45.02
N ALA T 117 70.80 45.42 -44.20
CA ALA T 117 72.18 45.92 -44.29
C ALA T 117 72.44 46.57 -45.65
N GLY T 118 71.77 47.69 -45.86
CA GLY T 118 71.83 48.43 -47.11
C GLY T 118 70.48 48.60 -47.75
N GLU T 119 69.43 48.52 -46.93
CA GLU T 119 68.06 48.71 -47.37
C GLU T 119 67.31 49.45 -46.28
N LYS T 120 66.24 50.13 -46.67
CA LYS T 120 65.49 50.94 -45.74
C LYS T 120 64.94 50.09 -44.60
N ALA T 121 64.83 50.70 -43.42
CA ALA T 121 64.35 49.97 -42.26
C ALA T 121 62.86 49.68 -42.38
N GLU T 122 62.07 50.72 -42.67
CA GLU T 122 60.64 50.61 -42.92
C GLU T 122 59.91 50.02 -41.69
N PHE T 123 59.94 50.82 -40.62
CA PHE T 123 59.09 50.54 -39.48
C PHE T 123 57.63 50.70 -39.87
N LYS T 124 56.87 49.62 -39.80
CA LYS T 124 55.43 49.67 -40.00
C LYS T 124 54.75 49.81 -38.66
N TYR T 125 53.83 50.75 -38.57
CA TYR T 125 52.96 50.91 -37.43
C TYR T 125 51.53 50.65 -37.84
N ALA T 126 50.69 50.37 -36.87
CA ALA T 126 49.25 50.34 -37.05
C ALA T 126 48.61 51.00 -35.84
N VAL T 127 47.52 51.71 -36.10
CA VAL T 127 46.80 52.45 -35.07
C VAL T 127 45.38 51.94 -35.03
N ALA T 128 44.90 51.64 -33.83
CA ALA T 128 43.49 51.35 -33.61
C ALA T 128 42.79 52.64 -33.22
N VAL T 129 41.89 53.10 -34.06
CA VAL T 129 41.35 54.45 -33.98
C VAL T 129 40.13 54.45 -33.08
N SER T 130 40.09 55.39 -32.15
CA SER T 130 38.93 55.66 -31.31
C SER T 130 38.30 57.02 -31.58
N TYR T 131 38.78 57.73 -32.60
CA TYR T 131 38.16 58.99 -32.99
C TYR T 131 38.69 59.36 -34.37
N TYR T 132 37.80 59.80 -35.25
CA TYR T 132 38.13 60.05 -36.64
C TYR T 132 37.37 61.26 -37.13
N LYS T 133 38.08 62.33 -37.41
CA LYS T 133 37.53 63.52 -38.05
C LYS T 133 38.29 63.77 -39.34
N LEU T 134 37.61 63.63 -40.47
CA LEU T 134 38.18 63.94 -41.77
C LEU T 134 37.70 65.30 -42.22
N GLU T 135 38.64 66.13 -42.67
CA GLU T 135 38.34 67.46 -43.18
C GLU T 135 38.95 67.61 -44.56
N VAL T 136 38.20 68.25 -45.45
CA VAL T 136 38.64 68.54 -46.81
C VAL T 136 38.45 70.03 -47.03
N ASP T 137 39.55 70.72 -47.37
CA ASP T 137 39.49 72.14 -47.70
C ASP T 137 38.95 72.94 -46.52
N GLY T 138 39.34 72.54 -45.32
CA GLY T 138 38.93 73.22 -44.11
C GLY T 138 37.52 72.94 -43.67
N ARG T 139 36.79 72.09 -44.36
CA ARG T 139 35.40 71.78 -44.05
C ARG T 139 35.29 70.37 -43.50
N GLU T 140 34.47 70.21 -42.46
CA GLU T 140 34.19 68.89 -41.92
C GLU T 140 33.50 68.04 -42.96
N VAL T 141 34.13 66.93 -43.31
CA VAL T 141 33.47 65.87 -44.07
C VAL T 141 32.85 64.86 -43.11
N TYR T 142 33.67 64.20 -42.28
CA TYR T 142 33.16 63.28 -41.27
C TYR T 142 33.55 63.69 -39.87
N GLU T 143 32.87 63.10 -38.90
CA GLU T 143 33.40 62.96 -37.56
C GLU T 143 32.76 61.74 -36.94
N ILE T 144 33.56 60.70 -36.71
CA ILE T 144 33.15 59.60 -35.85
C ILE T 144 33.58 59.96 -34.44
N ASP T 145 32.73 59.62 -33.48
CA ASP T 145 33.16 59.42 -32.09
C ASP T 145 32.44 58.15 -31.65
N PRO T 146 33.12 56.99 -31.67
CA PRO T 146 32.38 55.74 -31.40
C PRO T 146 31.74 55.70 -30.02
N VAL T 147 32.50 56.03 -28.99
CA VAL T 147 32.05 55.82 -27.62
C VAL T 147 30.94 56.77 -27.25
N ASN T 148 30.89 57.94 -27.87
CA ASN T 148 29.80 58.89 -27.67
C ASN T 148 28.67 58.73 -28.67
N GLY T 149 28.85 57.92 -29.71
CA GLY T 149 27.79 57.68 -30.65
C GLY T 149 27.61 58.76 -31.69
N VAL T 150 28.71 59.28 -32.25
CA VAL T 150 28.68 60.31 -33.27
C VAL T 150 29.10 59.67 -34.58
N ARG T 151 28.31 59.89 -35.63
CA ARG T 151 28.67 59.59 -37.01
C ARG T 151 28.13 60.76 -37.83
N ALA T 152 28.95 61.78 -37.97
CA ALA T 152 28.53 63.04 -38.57
C ALA T 152 28.93 63.07 -40.03
N ILE T 153 28.03 63.55 -40.87
CA ILE T 153 28.30 63.83 -42.27
C ILE T 153 28.04 65.32 -42.49
N ASN T 154 29.08 66.06 -42.83
CA ASN T 154 28.98 67.50 -43.07
C ASN T 154 28.38 68.23 -41.86
N GLY T 155 28.64 67.72 -40.66
CA GLY T 155 28.09 68.28 -39.45
C GLY T 155 26.75 67.72 -39.03
N VAL T 156 26.20 66.75 -39.76
CA VAL T 156 24.89 66.17 -39.48
C VAL T 156 25.12 64.80 -38.86
N ASP T 157 24.90 64.69 -37.56
CA ASP T 157 25.00 63.42 -36.86
C ASP T 157 23.91 62.49 -37.36
N GLN T 158 24.30 61.48 -38.13
CA GLN T 158 23.33 60.50 -38.62
C GLN T 158 22.78 59.61 -37.52
N LEU T 159 23.43 59.58 -36.36
CA LEU T 159 23.05 58.70 -35.26
C LEU T 159 22.15 59.38 -34.24
N ALA T 160 21.64 60.57 -34.54
CA ALA T 160 20.81 61.29 -33.57
C ALA T 160 19.55 60.50 -33.24
N GLY T 161 18.98 59.80 -34.23
CA GLY T 161 17.82 58.98 -33.96
C GLY T 161 18.13 57.83 -33.03
N MET T 162 19.29 57.21 -33.21
CA MET T 162 19.71 56.14 -32.30
C MET T 162 19.92 56.67 -30.90
N ARG T 163 20.54 57.85 -30.78
CA ARG T 163 20.77 58.44 -29.47
C ARG T 163 19.46 58.78 -28.78
N ASN T 164 18.47 59.23 -29.54
CA ASN T 164 17.14 59.46 -28.97
C ASN T 164 16.50 58.16 -28.53
N ASP T 165 16.61 57.12 -29.36
CA ASP T 165 15.97 55.85 -29.05
C ASP T 165 16.58 55.23 -27.80
N LEU T 166 17.90 55.29 -27.67
CA LEU T 166 18.59 54.71 -26.54
C LEU T 166 18.72 55.65 -25.35
N GLY T 167 18.34 56.91 -25.49
CA GLY T 167 18.47 57.86 -24.42
C GLY T 167 19.92 58.07 -24.05
N LEU T 168 20.72 58.53 -25.00
CA LEU T 168 22.17 58.57 -24.88
C LEU T 168 22.73 57.17 -24.71
N MET U 2 62.03 65.61 -38.46
CA MET U 2 62.20 66.34 -39.71
C MET U 2 63.63 66.25 -40.22
N ILE U 3 64.07 65.05 -40.54
CA ILE U 3 65.35 64.87 -41.24
C ILE U 3 65.35 63.49 -41.89
N PRO U 4 65.83 63.33 -43.12
CA PRO U 4 65.93 61.98 -43.68
C PRO U 4 66.90 61.14 -42.87
N GLN U 5 66.57 59.85 -42.77
CA GLN U 5 67.32 58.93 -41.94
C GLN U 5 66.82 57.53 -42.19
N THR U 6 67.73 56.57 -42.14
CA THR U 6 67.36 55.17 -42.31
C THR U 6 68.54 54.28 -41.94
N LEU U 7 68.34 52.99 -42.10
CA LEU U 7 69.37 52.02 -41.80
C LEU U 7 70.42 52.02 -42.90
N THR U 8 71.67 51.87 -42.48
CA THR U 8 72.80 51.76 -43.38
C THR U 8 73.61 50.50 -43.17
N ASN U 9 73.65 49.99 -41.94
CA ASN U 9 74.46 48.81 -41.63
C ASN U 9 74.01 48.27 -40.29
N THR U 10 74.35 47.02 -40.04
CA THR U 10 73.85 46.29 -38.87
C THR U 10 74.95 45.42 -38.31
N ASN U 11 74.64 44.71 -37.24
CA ASN U 11 75.53 43.73 -36.64
C ASN U 11 74.74 42.97 -35.57
N LEU U 12 75.23 41.78 -35.25
CA LEU U 12 74.59 40.88 -34.29
C LEU U 12 75.62 40.40 -33.29
N PHE U 13 75.26 40.43 -32.02
CA PHE U 13 76.03 39.79 -30.96
C PHE U 13 75.21 38.70 -30.31
N ILE U 14 75.86 37.56 -30.08
CA ILE U 14 75.30 36.48 -29.30
C ILE U 14 76.40 35.98 -28.38
N ASP U 15 76.16 36.02 -27.07
CA ASP U 15 77.12 35.55 -26.08
C ASP U 15 78.45 36.29 -26.22
N GLY U 16 78.39 37.57 -26.59
CA GLY U 16 79.56 38.37 -26.80
C GLY U 16 80.28 38.12 -28.10
N VAL U 17 79.88 37.11 -28.87
CA VAL U 17 80.51 36.81 -30.14
C VAL U 17 79.94 37.74 -31.19
N SER U 18 80.81 38.38 -31.95
CA SER U 18 80.38 39.26 -33.03
C SER U 18 80.18 38.46 -34.30
N PHE U 19 79.03 38.67 -34.94
CA PHE U 19 78.77 38.21 -36.29
C PHE U 19 78.86 39.37 -37.27
N ALA U 20 79.84 40.24 -37.06
CA ALA U 20 80.11 41.28 -38.02
C ALA U 20 80.68 40.62 -39.26
N GLY U 21 79.79 40.26 -40.19
CA GLY U 21 80.19 39.55 -41.39
C GLY U 21 79.20 38.52 -41.91
N ASP U 22 78.25 38.07 -41.09
CA ASP U 22 77.28 37.06 -41.53
C ASP U 22 75.87 37.26 -40.98
N VAL U 23 75.28 38.43 -41.20
CA VAL U 23 73.88 38.66 -40.83
C VAL U 23 73.15 39.33 -42.00
N PRO U 24 72.87 38.59 -43.08
CA PRO U 24 72.18 39.21 -44.22
C PRO U 24 70.84 39.83 -43.90
N SER U 25 70.02 39.13 -43.13
CA SER U 25 68.72 39.62 -42.70
C SER U 25 68.69 39.64 -41.19
N LEU U 26 68.30 40.78 -40.64
CA LEU U 26 68.11 40.93 -39.21
C LEU U 26 66.70 41.45 -38.97
N THR U 27 65.99 40.87 -38.01
CA THR U 27 64.61 41.22 -37.73
C THR U 27 64.43 41.45 -36.24
N LEU U 28 64.01 42.63 -35.90
CA LEU U 28 63.58 42.97 -34.56
C LEU U 28 62.17 42.42 -34.34
N PRO U 29 61.87 41.86 -33.16
CA PRO U 29 60.56 41.22 -33.00
C PRO U 29 59.43 42.21 -33.13
N LYS U 30 58.43 41.81 -33.91
CA LYS U 30 57.25 42.64 -34.08
C LYS U 30 56.56 42.82 -32.74
N LEU U 31 56.02 44.02 -32.52
CA LEU U 31 55.32 44.36 -31.31
C LEU U 31 53.88 44.69 -31.65
N ALA U 32 52.97 44.11 -30.88
CA ALA U 32 51.56 44.35 -31.05
C ALA U 32 50.90 44.18 -29.69
N VAL U 33 49.65 44.61 -29.62
CA VAL U 33 48.82 44.37 -28.46
C VAL U 33 47.68 43.46 -28.92
N LYS U 34 47.12 42.72 -27.97
CA LYS U 34 45.98 41.85 -28.26
C LYS U 34 44.71 42.69 -28.28
N THR U 35 44.55 43.47 -29.35
CA THR U 35 43.36 44.29 -29.46
C THR U 35 42.15 43.39 -29.64
N GLU U 36 41.21 43.55 -28.74
CA GLU U 36 39.90 42.94 -28.85
C GLU U 36 38.94 44.02 -29.32
N GLN U 37 38.50 43.91 -30.57
CA GLN U 37 37.53 44.87 -31.10
C GLN U 37 36.28 44.82 -30.26
N TYR U 38 36.01 45.93 -29.58
CA TYR U 38 34.98 45.97 -28.56
C TYR U 38 33.86 46.88 -29.00
N ARG U 39 32.66 46.32 -29.10
CA ARG U 39 31.44 47.07 -29.37
C ARG U 39 30.43 46.70 -28.32
N ALA U 40 29.78 47.71 -27.75
CA ALA U 40 28.79 47.54 -26.72
C ALA U 40 27.56 48.35 -27.08
N GLY U 41 26.59 48.36 -26.18
CA GLY U 41 25.40 49.16 -26.40
C GLY U 41 25.71 50.64 -26.27
N GLY U 42 25.02 51.43 -27.07
CA GLY U 42 25.17 52.86 -27.04
C GLY U 42 26.32 53.38 -27.87
N MET U 43 27.06 52.51 -28.55
CA MET U 43 28.15 52.92 -29.42
C MET U 43 28.04 52.20 -30.76
N ASP U 44 28.11 52.98 -31.84
CA ASP U 44 27.95 52.42 -33.18
C ASP U 44 29.18 51.63 -33.61
N ALA U 45 30.37 52.23 -33.48
CA ALA U 45 31.59 51.71 -34.05
C ALA U 45 32.45 51.02 -33.00
N PRO U 46 33.02 49.85 -33.28
CA PRO U 46 33.84 49.19 -32.26
C PRO U 46 35.11 49.95 -31.96
N VAL U 47 35.54 49.86 -30.69
CA VAL U 47 36.81 50.40 -30.23
C VAL U 47 37.68 49.24 -29.78
N SER U 48 38.93 49.27 -30.19
CA SER U 48 39.90 48.30 -29.75
C SER U 48 40.29 48.53 -28.30
N ILE U 49 40.56 47.45 -27.57
CA ILE U 49 40.98 47.51 -26.18
C ILE U 49 42.32 46.81 -26.05
N ASP U 50 43.23 47.43 -25.30
CA ASP U 50 44.53 46.85 -25.02
C ASP U 50 44.37 45.79 -23.93
N MET U 51 44.50 44.51 -24.31
CA MET U 51 44.39 43.38 -23.40
C MET U 51 45.70 42.63 -23.25
N GLY U 52 46.82 43.31 -23.44
CA GLY U 52 48.14 42.72 -23.33
C GLY U 52 48.81 42.60 -24.68
N LEU U 53 50.06 42.14 -24.63
CA LEU U 53 50.87 42.04 -25.83
C LEU U 53 50.70 40.68 -26.51
N GLU U 54 51.06 40.66 -27.79
CA GLU U 54 51.13 39.43 -28.55
C GLU U 54 52.44 38.72 -28.25
N ALA U 55 52.57 37.51 -28.78
CA ALA U 55 53.83 36.80 -28.71
C ALA U 55 54.86 37.50 -29.57
N MET U 56 56.06 37.66 -29.02
CA MET U 56 57.18 38.21 -29.76
C MET U 56 57.88 37.10 -30.51
N GLU U 57 58.52 37.48 -31.62
CA GLU U 57 59.38 36.56 -32.34
C GLU U 57 60.40 37.35 -33.12
N ALA U 58 61.66 37.16 -32.79
CA ALA U 58 62.76 37.71 -33.55
C ALA U 58 63.22 36.73 -34.61
N LYS U 59 64.01 37.23 -35.55
CA LYS U 59 64.57 36.39 -36.60
C LYS U 59 65.90 37.00 -37.04
N PHE U 60 66.82 36.12 -37.39
CA PHE U 60 68.09 36.51 -37.96
C PHE U 60 68.66 35.32 -38.69
N SER U 61 69.44 35.59 -39.73
CA SER U 61 69.90 34.55 -40.64
C SER U 61 71.41 34.60 -40.81
N THR U 62 71.97 33.46 -41.15
CA THR U 62 73.37 33.30 -41.46
C THR U 62 73.50 32.45 -42.71
N ASN U 63 74.60 32.63 -43.43
CA ASN U 63 74.88 31.86 -44.63
C ASN U 63 75.94 30.80 -44.43
N GLY U 64 76.65 30.82 -43.31
CA GLY U 64 77.64 29.80 -43.00
C GLY U 64 77.30 29.04 -41.75
N ALA U 65 77.95 27.89 -41.56
CA ALA U 65 77.70 27.05 -40.39
C ALA U 65 78.33 27.73 -39.19
N ARG U 66 77.63 28.72 -38.66
CA ARG U 66 78.10 29.48 -37.52
C ARG U 66 77.77 28.67 -36.29
N ARG U 67 78.73 27.88 -35.84
CA ARG U 67 78.52 26.96 -34.73
C ARG U 67 78.05 27.70 -33.47
N GLU U 68 78.48 28.93 -33.29
CA GLU U 68 77.83 29.80 -32.33
C GLU U 68 76.49 30.22 -32.89
N ALA U 69 75.43 29.97 -32.11
CA ALA U 69 74.02 30.16 -32.43
C ALA U 69 73.45 29.03 -33.29
N LEU U 70 74.26 28.05 -33.70
CA LEU U 70 73.73 26.74 -34.02
C LEU U 70 73.64 25.86 -32.79
N ASN U 71 74.48 26.13 -31.79
CA ASN U 71 74.55 25.33 -30.57
C ASN U 71 73.65 25.86 -29.47
N PHE U 72 72.73 26.79 -29.78
CA PHE U 72 71.77 27.30 -28.81
C PHE U 72 70.33 26.90 -29.13
N PHE U 73 70.13 26.00 -30.08
CA PHE U 73 68.82 25.47 -30.38
C PHE U 73 68.41 24.42 -29.37
N GLY U 74 67.14 24.43 -29.00
CA GLY U 74 66.59 23.30 -28.29
C GLY U 74 67.25 23.02 -26.96
N LEU U 75 67.87 24.03 -26.36
CA LEU U 75 68.46 23.86 -25.06
C LEU U 75 67.35 23.75 -24.01
N ALA U 76 67.60 22.92 -22.99
CA ALA U 76 66.64 22.81 -21.91
C ALA U 76 66.49 24.14 -21.18
N ASP U 77 67.59 24.88 -21.03
CA ASP U 77 67.58 26.16 -20.34
C ASP U 77 67.10 27.23 -21.32
N GLN U 78 65.78 27.33 -21.42
CA GLN U 78 65.20 28.48 -22.10
C GLN U 78 65.64 29.76 -21.42
N SER U 79 65.70 30.84 -22.20
CA SER U 79 66.18 32.16 -21.82
C SER U 79 67.70 32.19 -21.66
N ALA U 80 68.41 31.10 -21.93
CA ALA U 80 69.86 31.15 -22.01
C ALA U 80 70.33 31.74 -23.33
N PHE U 81 69.49 31.73 -24.36
CA PHE U 81 69.83 32.38 -25.60
C PHE U 81 69.73 33.89 -25.45
N ASN U 82 70.84 34.54 -25.13
CA ASN U 82 70.86 35.99 -25.10
C ASN U 82 70.99 36.49 -26.54
N GLY U 83 71.19 37.79 -26.70
CA GLY U 83 71.31 38.36 -28.02
C GLY U 83 71.18 39.86 -28.02
N VAL U 84 71.87 40.50 -28.96
CA VAL U 84 71.82 41.95 -29.12
C VAL U 84 71.71 42.24 -30.61
N PHE U 85 70.61 42.86 -31.00
CA PHE U 85 70.42 43.35 -32.36
C PHE U 85 70.83 44.80 -32.42
N ARG U 86 71.87 45.10 -33.19
CA ARG U 86 72.36 46.46 -33.37
C ARG U 86 72.04 46.94 -34.79
N GLY U 87 71.74 48.24 -34.89
CA GLY U 87 71.48 48.86 -36.17
C GLY U 87 71.94 50.30 -36.16
N SER U 88 72.68 50.69 -37.20
CA SER U 88 73.25 52.03 -37.32
C SER U 88 72.37 52.85 -38.24
N PHE U 89 71.58 53.75 -37.66
CA PHE U 89 70.72 54.65 -38.43
C PHE U 89 71.47 55.95 -38.63
N LYS U 90 71.81 56.24 -39.88
CA LYS U 90 72.47 57.48 -40.26
C LYS U 90 71.45 58.42 -40.88
N GLY U 91 71.45 59.67 -40.44
CA GLY U 91 70.60 60.69 -41.01
C GLY U 91 71.12 61.13 -42.36
N GLN U 92 70.47 62.17 -42.89
CA GLN U 92 71.05 62.85 -44.04
C GLN U 92 72.39 63.45 -43.67
N LYS U 93 72.41 64.33 -42.67
CA LYS U 93 73.63 64.93 -42.20
C LYS U 93 74.51 63.87 -41.54
N GLY U 94 75.74 64.27 -41.23
CA GLY U 94 76.71 63.35 -40.69
C GLY U 94 76.48 63.04 -39.23
N ALA U 95 75.42 62.27 -38.96
CA ALA U 95 75.08 61.85 -37.61
C ALA U 95 74.56 60.43 -37.66
N SER U 96 74.89 59.65 -36.63
CA SER U 96 74.56 58.24 -36.56
C SER U 96 73.85 57.96 -35.26
N VAL U 97 72.72 57.25 -35.35
CA VAL U 97 71.86 56.93 -34.22
C VAL U 97 71.96 55.43 -33.99
N PRO U 98 72.55 54.97 -32.88
CA PRO U 98 72.55 53.53 -32.61
C PRO U 98 71.20 53.08 -32.07
N VAL U 99 70.76 51.92 -32.58
CA VAL U 99 69.57 51.24 -32.09
C VAL U 99 69.98 49.86 -31.63
N VAL U 100 69.57 49.51 -30.42
CA VAL U 100 69.99 48.28 -29.76
C VAL U 100 68.74 47.60 -29.22
N ALA U 101 68.60 46.31 -29.51
CA ALA U 101 67.54 45.49 -28.96
C ALA U 101 68.14 44.27 -28.30
N THR U 102 68.36 44.37 -26.99
CA THR U 102 68.75 43.21 -26.21
C THR U 102 67.60 42.21 -26.20
N LEU U 103 67.92 40.97 -26.52
CA LEU U 103 66.96 39.88 -26.49
C LEU U 103 67.43 38.78 -25.56
N ARG U 104 66.47 38.00 -25.08
CA ARG U 104 66.77 36.83 -24.29
C ARG U 104 65.55 35.92 -24.35
N GLY U 105 65.76 34.69 -24.80
CA GLY U 105 64.66 33.78 -24.98
C GLY U 105 65.09 32.42 -25.46
N LEU U 106 64.40 31.91 -26.47
CA LEU U 106 64.63 30.56 -27.00
C LEU U 106 64.96 30.67 -28.47
N LEU U 107 66.02 29.99 -28.90
CA LEU U 107 66.22 29.81 -30.33
C LEU U 107 65.19 28.80 -30.82
N LYS U 108 64.07 29.31 -31.30
CA LYS U 108 62.90 28.47 -31.55
C LYS U 108 63.14 27.49 -32.68
N GLU U 109 63.82 27.93 -33.73
CA GLU U 109 63.76 27.25 -35.02
C GLU U 109 65.07 27.45 -35.76
N VAL U 110 65.45 26.41 -36.49
CA VAL U 110 66.60 26.45 -37.39
C VAL U 110 66.14 25.83 -38.71
N ASP U 111 66.20 26.61 -39.78
CA ASP U 111 65.60 26.25 -41.07
C ASP U 111 66.62 26.49 -42.17
N PRO U 112 67.53 25.54 -42.38
CA PRO U 112 68.46 25.63 -43.51
C PRO U 112 67.70 25.60 -44.83
N GLY U 113 67.90 26.65 -45.61
CA GLY U 113 67.24 26.73 -46.89
C GLY U 113 67.75 25.70 -47.87
N ASP U 114 67.24 25.78 -49.08
CA ASP U 114 67.62 24.84 -50.12
C ASP U 114 69.07 25.06 -50.52
N TRP U 115 69.88 24.02 -50.39
CA TRP U 115 71.26 24.04 -50.86
C TRP U 115 71.28 23.71 -52.34
N LYS U 116 71.51 24.73 -53.17
CA LYS U 116 71.36 24.63 -54.61
C LYS U 116 72.68 24.56 -55.37
N ALA U 117 73.80 24.35 -54.68
CA ALA U 117 75.08 24.09 -55.33
C ALA U 117 75.51 25.26 -56.22
N GLY U 118 75.81 26.36 -55.55
CA GLY U 118 76.18 27.61 -56.21
C GLY U 118 75.27 28.76 -55.83
N GLU U 119 74.62 28.63 -54.68
CA GLU U 119 73.75 29.66 -54.14
C GLU U 119 73.93 29.70 -52.64
N LYS U 120 73.61 30.85 -52.04
CA LYS U 120 73.83 31.04 -50.63
C LYS U 120 73.02 30.01 -49.82
N ALA U 121 73.56 29.64 -48.67
CA ALA U 121 72.91 28.65 -47.83
C ALA U 121 71.66 29.23 -47.18
N GLU U 122 71.81 30.39 -46.54
CA GLU U 122 70.71 31.13 -45.95
C GLU U 122 69.98 30.30 -44.88
N PHE U 123 70.73 30.05 -43.81
CA PHE U 123 70.14 29.49 -42.60
C PHE U 123 69.19 30.51 -41.99
N LYS U 124 67.91 30.18 -41.93
CA LYS U 124 66.93 30.99 -41.24
C LYS U 124 66.76 30.48 -39.83
N TYR U 125 66.82 31.39 -38.87
CA TYR U 125 66.52 31.10 -37.49
C TYR U 125 65.28 31.89 -37.08
N ALA U 126 64.66 31.44 -36.00
CA ALA U 126 63.63 32.20 -35.31
C ALA U 126 63.85 32.07 -33.82
N VAL U 127 63.56 33.15 -33.11
CA VAL U 127 63.75 33.22 -31.67
C VAL U 127 62.42 33.54 -31.03
N ALA U 128 62.07 32.77 -30.01
CA ALA U 128 60.93 33.10 -29.16
C ALA U 128 61.43 33.90 -27.98
N VAL U 129 61.00 35.15 -27.90
CA VAL U 129 61.60 36.12 -27.00
C VAL U 129 60.91 36.08 -25.65
N SER U 130 61.70 36.02 -24.59
CA SER U 130 61.22 36.13 -23.22
C SER U 130 61.71 37.41 -22.54
N TYR U 131 62.38 38.30 -23.26
CA TYR U 131 62.78 39.58 -22.71
C TYR U 131 63.19 40.48 -23.87
N TYR U 132 62.75 41.73 -23.81
CA TYR U 132 62.93 42.65 -24.93
C TYR U 132 63.19 44.05 -24.37
N LYS U 133 64.41 44.55 -24.56
CA LYS U 133 64.76 45.93 -24.26
C LYS U 133 65.25 46.58 -25.53
N LEU U 134 64.52 47.58 -26.01
CA LEU U 134 64.91 48.37 -27.16
C LEU U 134 65.48 49.69 -26.69
N GLU U 135 66.64 50.06 -27.22
CA GLU U 135 67.29 51.31 -26.90
C GLU U 135 67.60 52.05 -28.19
N VAL U 136 67.40 53.37 -28.16
CA VAL U 136 67.68 54.25 -29.28
C VAL U 136 68.58 55.35 -28.76
N ASP U 137 69.76 55.50 -29.36
CA ASP U 137 70.68 56.58 -29.01
C ASP U 137 71.07 56.50 -27.55
N GLY U 138 71.24 55.28 -27.05
CA GLY U 138 71.64 55.06 -25.67
C GLY U 138 70.54 55.24 -24.65
N ARG U 139 69.32 55.54 -25.08
CA ARG U 139 68.20 55.76 -24.18
C ARG U 139 67.21 54.62 -24.27
N GLU U 140 66.70 54.20 -23.11
CA GLU U 140 65.66 53.19 -23.07
C GLU U 140 64.42 53.70 -23.76
N VAL U 141 64.00 52.99 -24.81
CA VAL U 141 62.69 53.17 -25.39
C VAL U 141 61.69 52.22 -24.73
N TYR U 142 61.92 50.90 -24.86
CA TYR U 142 61.08 49.91 -24.19
C TYR U 142 61.86 49.04 -23.24
N GLU U 143 61.12 48.35 -22.38
CA GLU U 143 61.61 47.14 -21.76
C GLU U 143 60.40 46.28 -21.43
N ILE U 144 60.25 45.16 -22.12
CA ILE U 144 59.33 44.12 -21.69
C ILE U 144 60.09 43.19 -20.78
N ASP U 145 59.43 42.73 -19.73
CA ASP U 145 59.80 41.49 -19.05
C ASP U 145 58.48 40.77 -18.81
N PRO U 146 58.12 39.79 -19.66
CA PRO U 146 56.77 39.21 -19.53
C PRO U 146 56.52 38.56 -18.18
N VAL U 147 57.44 37.72 -17.73
CA VAL U 147 57.20 36.87 -16.57
C VAL U 147 57.16 37.69 -15.30
N ASN U 148 57.87 38.82 -15.26
CA ASN U 148 57.83 39.73 -14.13
C ASN U 148 56.77 40.82 -14.28
N GLY U 149 56.16 40.96 -15.45
CA GLY U 149 55.10 41.93 -15.63
C GLY U 149 55.58 43.35 -15.85
N VAL U 150 56.62 43.53 -16.67
CA VAL U 150 57.16 44.83 -17.00
C VAL U 150 56.79 45.15 -18.44
N ARG U 151 56.24 46.33 -18.66
CA ARG U 151 56.06 46.91 -19.98
C ARG U 151 56.38 48.39 -19.82
N ALA U 152 57.65 48.73 -19.99
CA ALA U 152 58.15 50.06 -19.69
C ALA U 152 58.23 50.87 -20.97
N ILE U 153 57.81 52.13 -20.88
CA ILE U 153 57.97 53.11 -21.94
C ILE U 153 58.81 54.25 -21.38
N ASN U 154 60.00 54.45 -21.92
CA ASN U 154 60.92 55.49 -21.48
C ASN U 154 61.20 55.38 -19.98
N GLY U 155 61.21 54.15 -19.47
CA GLY U 155 61.43 53.92 -18.06
C GLY U 155 60.18 53.93 -17.19
N VAL U 156 58.99 54.10 -17.80
CA VAL U 156 57.74 54.16 -17.07
C VAL U 156 57.01 52.83 -17.28
N ASP U 157 57.00 51.98 -16.26
CA ASP U 157 56.28 50.72 -16.30
C ASP U 157 54.79 51.01 -16.40
N GLN U 158 54.21 50.75 -17.57
CA GLN U 158 52.78 50.94 -17.76
C GLN U 158 51.94 49.94 -16.99
N LEU U 159 52.55 48.84 -16.54
CA LEU U 159 51.84 47.76 -15.87
C LEU U 159 51.87 47.88 -14.35
N ALA U 160 52.31 49.02 -13.81
CA ALA U 160 52.40 49.16 -12.36
C ALA U 160 51.03 49.04 -11.71
N GLY U 161 49.99 49.55 -12.38
CA GLY U 161 48.65 49.42 -11.84
C GLY U 161 48.20 47.97 -11.78
N MET U 162 48.53 47.21 -12.82
CA MET U 162 48.20 45.79 -12.82
C MET U 162 48.95 45.05 -11.71
N ARG U 163 50.22 45.40 -11.51
CA ARG U 163 51.01 44.75 -10.47
C ARG U 163 50.46 45.08 -9.09
N ASN U 164 49.99 46.31 -8.91
CA ASN U 164 49.33 46.66 -7.64
C ASN U 164 48.03 45.90 -7.47
N ASP U 165 47.24 45.79 -8.53
CA ASP U 165 45.95 45.12 -8.45
C ASP U 165 46.12 43.64 -8.13
N LEU U 166 47.10 43.00 -8.75
CA LEU U 166 47.34 41.58 -8.56
C LEU U 166 48.29 41.28 -7.41
N GLY U 167 48.89 42.30 -6.80
CA GLY U 167 49.83 42.07 -5.72
C GLY U 167 51.03 41.28 -6.20
N LEU U 168 51.75 41.83 -7.17
CA LEU U 168 52.80 41.12 -7.90
C LEU U 168 52.22 39.93 -8.64
N MET V 2 83.00 36.35 -37.68
CA MET V 2 83.44 37.55 -38.40
C MET V 2 84.29 37.19 -39.62
N ILE V 3 83.68 36.49 -40.57
CA ILE V 3 84.32 36.28 -41.87
C ILE V 3 83.24 35.91 -42.88
N PRO V 4 83.26 36.42 -44.11
CA PRO V 4 82.28 35.95 -45.10
C PRO V 4 82.47 34.47 -45.39
N GLN V 5 81.35 33.80 -45.62
CA GLN V 5 81.36 32.36 -45.81
C GLN V 5 79.98 31.93 -46.26
N THR V 6 79.93 30.92 -47.10
CA THR V 6 78.65 30.38 -47.56
C THR V 6 78.89 29.08 -48.31
N LEU V 7 77.81 28.51 -48.82
CA LEU V 7 77.87 27.28 -49.56
C LEU V 7 78.42 27.54 -50.96
N THR V 8 79.24 26.61 -51.42
CA THR V 8 79.80 26.63 -52.76
C THR V 8 79.49 25.38 -53.56
N ASN V 9 79.36 24.23 -52.89
CA ASN V 9 79.13 22.98 -53.58
C ASN V 9 78.65 21.96 -52.56
N THR V 10 78.03 20.90 -53.06
CA THR V 10 77.36 19.93 -52.21
C THR V 10 77.59 18.53 -52.77
N ASN V 11 77.04 17.54 -52.09
CA ASN V 11 77.05 16.15 -52.55
C ASN V 11 76.15 15.35 -51.62
N LEU V 12 75.68 14.21 -52.13
CA LEU V 12 74.77 13.33 -51.42
C LEU V 12 75.29 11.91 -51.47
N PHE V 13 75.26 11.24 -50.33
CA PHE V 13 75.51 9.80 -50.25
C PHE V 13 74.27 9.10 -49.74
N ILE V 14 73.95 7.98 -50.37
CA ILE V 14 72.92 7.07 -49.91
C ILE V 14 73.47 5.66 -50.07
N ASP V 15 73.54 4.92 -48.96
CA ASP V 15 74.04 3.54 -48.97
C ASP V 15 75.44 3.47 -49.56
N GLY V 16 76.25 4.50 -49.28
CA GLY V 16 77.59 4.59 -49.80
C GLY V 16 77.70 4.98 -51.25
N VAL V 17 76.59 5.08 -51.96
CA VAL V 17 76.60 5.48 -53.36
C VAL V 17 76.71 6.99 -53.43
N SER V 18 77.64 7.48 -54.23
CA SER V 18 77.79 8.91 -54.43
C SER V 18 76.88 9.39 -55.54
N PHE V 19 76.14 10.45 -55.27
CA PHE V 19 75.42 11.21 -56.28
C PHE V 19 76.15 12.50 -56.60
N ALA V 20 77.48 12.43 -56.66
CA ALA V 20 78.24 13.58 -57.10
C ALA V 20 77.96 13.75 -58.59
N GLY V 21 76.96 14.56 -58.90
CA GLY V 21 76.54 14.77 -60.26
C GLY V 21 75.05 14.96 -60.48
N ASP V 22 74.20 14.58 -59.52
CA ASP V 22 72.75 14.72 -59.68
C ASP V 22 72.01 15.11 -58.40
N VAL V 23 72.41 16.20 -57.77
CA VAL V 23 71.65 16.73 -56.62
C VAL V 23 71.44 18.24 -56.79
N PRO V 24 70.55 18.65 -57.70
CA PRO V 24 70.33 20.08 -57.91
C PRO V 24 69.91 20.84 -56.66
N SER V 25 68.98 20.28 -55.90
CA SER V 25 68.50 20.88 -54.66
C SER V 25 68.73 19.89 -53.54
N LEU V 26 69.36 20.36 -52.48
CA LEU V 26 69.56 19.58 -51.27
C LEU V 26 69.01 20.38 -50.09
N THR V 27 68.25 19.70 -49.23
CA THR V 27 67.60 20.34 -48.09
C THR V 27 67.87 19.56 -46.83
N LEU V 28 68.48 20.21 -45.88
CA LEU V 28 68.64 19.72 -44.54
C LEU V 28 67.31 19.87 -43.79
N PRO V 29 66.90 18.90 -42.97
CA PRO V 29 65.56 19.00 -42.36
C PRO V 29 65.48 20.19 -41.43
N LYS V 30 64.39 20.93 -41.57
CA LYS V 30 64.14 22.05 -40.71
C LYS V 30 64.00 21.58 -39.28
N LEU V 31 64.51 22.38 -38.36
CA LEU V 31 64.47 22.09 -36.94
C LEU V 31 63.67 23.16 -36.23
N ALA V 32 62.75 22.71 -35.38
CA ALA V 32 61.92 23.61 -34.61
C ALA V 32 61.56 22.90 -33.32
N VAL V 33 61.03 23.66 -32.39
CA VAL V 33 60.46 23.12 -31.17
C VAL V 33 58.96 23.41 -31.21
N LYS V 34 58.21 22.60 -30.48
CA LYS V 34 56.76 22.78 -30.39
C LYS V 34 56.47 23.87 -29.36
N THR V 35 56.75 25.12 -29.74
CA THR V 35 56.50 26.22 -28.82
C THR V 35 55.01 26.35 -28.60
N GLU V 36 54.62 26.26 -27.36
CA GLU V 36 53.26 26.58 -26.93
C GLU V 36 53.29 27.96 -26.31
N GLN V 37 52.71 28.93 -27.00
CA GLN V 37 52.64 30.29 -26.47
C GLN V 37 51.88 30.27 -25.17
N TYR V 38 52.59 30.58 -24.09
CA TYR V 38 52.08 30.38 -22.74
C TYR V 38 51.88 31.73 -22.07
N ARG V 39 50.64 32.00 -21.68
CA ARG V 39 50.30 33.18 -20.89
C ARG V 39 49.50 32.71 -19.70
N ALA V 40 49.87 33.22 -18.52
CA ALA V 40 49.23 32.87 -17.28
C ALA V 40 48.90 34.15 -16.52
N GLY V 41 48.38 33.99 -15.32
CA GLY V 41 48.11 35.14 -14.49
C GLY V 41 49.39 35.78 -14.00
N GLY V 42 49.35 37.10 -13.88
CA GLY V 42 50.46 37.85 -13.39
C GLY V 42 51.51 38.19 -14.43
N MET V 43 51.27 37.81 -15.69
CA MET V 43 52.18 38.13 -16.78
C MET V 43 51.38 38.66 -17.97
N ASP V 44 51.80 39.82 -18.49
CA ASP V 44 51.09 40.46 -19.58
C ASP V 44 51.31 39.72 -20.90
N ALA V 45 52.57 39.46 -21.25
CA ALA V 45 52.94 38.99 -22.56
C ALA V 45 53.21 37.48 -22.56
N PRO V 46 52.74 36.73 -23.54
CA PRO V 46 52.99 35.28 -23.53
C PRO V 46 54.45 34.95 -23.73
N VAL V 47 54.88 33.85 -23.09
CA VAL V 47 56.20 33.30 -23.27
C VAL V 47 56.06 31.91 -23.89
N SER V 48 56.87 31.64 -24.89
CA SER V 48 56.92 30.33 -25.51
C SER V 48 57.59 29.31 -24.58
N ILE V 49 57.11 28.08 -24.63
CA ILE V 49 57.67 26.98 -23.84
C ILE V 49 58.11 25.88 -24.78
N ASP V 50 59.29 25.33 -24.51
CA ASP V 50 59.82 24.21 -25.27
C ASP V 50 59.14 22.93 -24.81
N MET V 51 58.26 22.38 -25.65
CA MET V 51 57.52 21.16 -25.36
C MET V 51 57.91 20.01 -26.30
N GLY V 52 59.14 20.04 -26.81
CA GLY V 52 59.65 19.01 -27.70
C GLY V 52 59.81 19.55 -29.11
N LEU V 53 60.34 18.68 -29.97
CA LEU V 53 60.64 19.06 -31.34
C LEU V 53 59.45 18.80 -32.25
N GLU V 54 59.47 19.48 -33.41
CA GLU V 54 58.53 19.23 -34.46
C GLU V 54 58.98 18.02 -35.28
N ALA V 55 58.12 17.61 -36.20
CA ALA V 55 58.50 16.58 -37.14
C ALA V 55 59.57 17.09 -38.08
N MET V 56 60.59 16.27 -38.31
CA MET V 56 61.63 16.59 -39.26
C MET V 56 61.21 16.12 -40.64
N GLU V 57 61.74 16.80 -41.66
CA GLU V 57 61.56 16.35 -43.02
C GLU V 57 62.70 16.89 -43.86
N ALA V 58 63.48 15.97 -44.42
CA ALA V 58 64.52 16.32 -45.38
C ALA V 58 63.95 16.24 -46.79
N LYS V 59 64.71 16.81 -47.73
CA LYS V 59 64.34 16.76 -49.13
C LYS V 59 65.60 16.82 -49.97
N PHE V 60 65.55 16.12 -51.09
CA PHE V 60 66.62 16.16 -52.08
C PHE V 60 66.04 15.68 -53.40
N SER V 61 66.60 16.19 -54.49
CA SER V 61 66.03 15.98 -55.81
C SER V 61 67.09 15.44 -56.77
N THR V 62 66.60 14.75 -57.79
CA THR V 62 67.41 14.23 -58.86
C THR V 62 66.69 14.50 -60.18
N ASN V 63 67.46 14.60 -61.25
CA ASN V 63 66.92 14.82 -62.58
C ASN V 63 66.92 13.58 -63.46
N GLY V 64 67.60 12.52 -63.04
CA GLY V 64 67.62 11.27 -63.77
C GLY V 64 67.03 10.14 -62.97
N ALA V 65 66.70 9.04 -63.64
CA ALA V 65 66.12 7.87 -62.98
C ALA V 65 67.23 7.18 -62.20
N ARG V 66 67.53 7.73 -61.04
CA ARG V 66 68.57 7.20 -60.18
C ARG V 66 67.97 6.05 -59.41
N ARG V 67 68.14 4.84 -59.95
CA ARG V 67 67.52 3.66 -59.38
C ARG V 67 67.92 3.46 -57.91
N GLU V 68 69.13 3.87 -57.54
CA GLU V 68 69.45 4.03 -56.13
C GLU V 68 68.73 5.26 -55.62
N ALA V 69 67.95 5.07 -54.55
CA ALA V 69 67.07 6.03 -53.91
C ALA V 69 65.74 6.20 -54.65
N LEU V 70 65.53 5.53 -55.78
CA LEU V 70 64.18 5.22 -56.23
C LEU V 70 63.70 3.91 -55.62
N ASN V 71 64.62 3.02 -55.28
CA ASN V 71 64.30 1.71 -54.74
C ASN V 71 64.24 1.69 -53.21
N PHE V 72 64.21 2.85 -52.57
CA PHE V 72 64.07 2.94 -51.12
C PHE V 72 62.74 3.56 -50.68
N PHE V 73 61.82 3.76 -51.61
CA PHE V 73 60.50 4.25 -51.29
C PHE V 73 59.63 3.13 -50.73
N GLY V 74 58.83 3.48 -49.73
CA GLY V 74 57.76 2.57 -49.34
C GLY V 74 58.23 1.23 -48.86
N LEU V 75 59.47 1.13 -48.40
CA LEU V 75 59.96 -0.12 -47.85
C LEU V 75 59.28 -0.37 -46.51
N ALA V 76 59.03 -1.65 -46.23
CA ALA V 76 58.47 -2.01 -44.94
C ALA V 76 59.42 -1.65 -43.81
N ASP V 77 60.72 -1.81 -44.04
CA ASP V 77 61.73 -1.51 -43.03
C ASP V 77 62.01 -0.03 -43.06
N GLN V 78 61.16 0.71 -42.34
CA GLN V 78 61.46 2.11 -42.06
C GLN V 78 62.78 2.20 -41.31
N SER V 79 63.46 3.33 -41.50
CA SER V 79 64.79 3.64 -40.98
C SER V 79 65.88 2.86 -41.71
N ALA V 80 65.55 2.08 -42.74
CA ALA V 80 66.57 1.51 -43.61
C ALA V 80 67.10 2.52 -44.60
N PHE V 81 66.35 3.59 -44.87
CA PHE V 81 66.85 4.66 -45.71
C PHE V 81 67.88 5.48 -44.96
N ASN V 82 69.15 5.15 -45.10
CA ASN V 82 70.20 5.97 -44.54
C ASN V 82 70.41 7.17 -45.46
N GLY V 83 71.45 7.95 -45.18
CA GLY V 83 71.72 9.12 -45.99
C GLY V 83 72.69 10.06 -45.34
N VAL V 84 73.48 10.76 -46.16
CA VAL V 84 74.44 11.75 -45.68
C VAL V 84 74.33 12.96 -46.58
N PHE V 85 73.95 14.09 -46.00
CA PHE V 85 73.95 15.37 -46.69
C PHE V 85 75.26 16.08 -46.40
N ARG V 86 76.06 16.31 -47.43
CA ARG V 86 77.33 17.01 -47.31
C ARG V 86 77.23 18.38 -47.97
N GLY V 87 77.92 19.34 -47.38
CA GLY V 87 77.99 20.69 -47.91
C GLY V 87 79.32 21.32 -47.60
N SER V 88 79.95 21.91 -48.62
CA SER V 88 81.26 22.52 -48.51
C SER V 88 81.10 24.03 -48.36
N PHE V 89 81.29 24.52 -47.14
CA PHE V 89 81.21 25.95 -46.86
C PHE V 89 82.62 26.52 -46.92
N LYS V 90 82.85 27.37 -47.91
CA LYS V 90 84.13 28.06 -48.08
C LYS V 90 83.99 29.49 -47.59
N GLY V 91 84.96 29.92 -46.78
CA GLY V 91 84.99 31.29 -46.33
C GLY V 91 85.45 32.23 -47.43
N GLN V 92 85.66 33.48 -47.04
CA GLN V 92 86.37 34.40 -47.93
C GLN V 92 87.77 33.88 -48.20
N LYS V 93 88.55 33.73 -47.14
CA LYS V 93 89.90 33.21 -47.27
C LYS V 93 89.86 31.76 -47.69
N GLY V 94 91.03 31.22 -48.02
CA GLY V 94 91.13 29.88 -48.53
C GLY V 94 90.99 28.83 -47.46
N ALA V 95 89.76 28.67 -46.96
CA ALA V 95 89.44 27.67 -45.96
C ALA V 95 88.07 27.10 -46.25
N SER V 96 87.91 25.80 -45.99
CA SER V 96 86.68 25.08 -46.31
C SER V 96 86.21 24.37 -45.06
N VAL V 97 84.92 24.52 -44.76
CA VAL V 97 84.27 23.96 -43.58
C VAL V 97 83.32 22.87 -44.05
N PRO V 98 83.58 21.60 -43.76
CA PRO V 98 82.60 20.57 -44.12
C PRO V 98 81.43 20.54 -43.14
N VAL V 99 80.24 20.40 -43.70
CA VAL V 99 79.01 20.22 -42.94
C VAL V 99 78.39 18.91 -43.37
N VAL V 100 78.05 18.08 -42.41
CA VAL V 100 77.56 16.73 -42.64
C VAL V 100 76.32 16.52 -41.80
N ALA V 101 75.26 16.02 -42.43
CA ALA V 101 74.04 15.65 -41.75
C ALA V 101 73.69 14.21 -42.09
N THR V 102 74.11 13.31 -41.23
CA THR V 102 73.68 11.93 -41.34
C THR V 102 72.19 11.85 -41.06
N LEU V 103 71.47 11.18 -41.96
CA LEU V 103 70.05 10.95 -41.81
C LEU V 103 69.75 9.48 -41.83
N ARG V 104 68.61 9.14 -41.24
CA ARG V 104 68.11 7.77 -41.29
C ARG V 104 66.62 7.83 -41.00
N GLY V 105 65.82 7.31 -41.92
CA GLY V 105 64.39 7.40 -41.78
C GLY V 105 63.65 6.71 -42.90
N LEU V 106 62.65 7.40 -43.44
CA LEU V 106 61.76 6.88 -44.47
C LEU V 106 61.83 7.77 -45.69
N LEU V 107 62.01 7.18 -46.86
CA LEU V 107 61.80 7.94 -48.08
C LEU V 107 60.30 8.14 -48.24
N LYS V 108 59.80 9.27 -47.76
CA LYS V 108 58.37 9.47 -47.60
C LYS V 108 57.66 9.55 -48.94
N GLU V 109 58.27 10.21 -49.91
CA GLU V 109 57.55 10.69 -51.07
C GLU V 109 58.46 10.71 -52.28
N VAL V 110 57.88 10.42 -53.43
CA VAL V 110 58.54 10.52 -54.73
C VAL V 110 57.59 11.25 -55.65
N ASP V 111 58.01 12.41 -56.17
CA ASP V 111 57.13 13.33 -56.90
C ASP V 111 57.83 13.74 -58.18
N PRO V 112 57.75 12.92 -59.22
CA PRO V 112 58.26 13.31 -60.53
C PRO V 112 57.52 14.51 -61.06
N GLY V 113 58.27 15.57 -61.35
CA GLY V 113 57.68 16.78 -61.86
C GLY V 113 57.13 16.58 -63.27
N ASP V 114 56.64 17.68 -63.82
CA ASP V 114 56.07 17.66 -65.15
C ASP V 114 57.17 17.40 -66.18
N TRP V 115 57.00 16.34 -66.95
CA TRP V 115 57.89 16.03 -68.07
C TRP V 115 57.43 16.83 -69.28
N LYS V 116 58.19 17.88 -69.62
CA LYS V 116 57.78 18.85 -70.62
C LYS V 116 58.52 18.73 -71.94
N ALA V 117 59.25 17.63 -72.16
CA ALA V 117 59.84 17.33 -73.47
C ALA V 117 60.82 18.42 -73.90
N GLY V 118 61.92 18.49 -73.16
CA GLY V 118 62.95 19.50 -73.36
C GLY V 118 63.20 20.33 -72.12
N GLU V 119 62.85 19.77 -70.97
CA GLU V 119 63.06 20.41 -69.69
C GLU V 119 63.46 19.34 -68.68
N LYS V 120 64.15 19.77 -67.62
CA LYS V 120 64.65 18.83 -66.65
C LYS V 120 63.51 18.06 -66.00
N ALA V 121 63.80 16.81 -65.62
CA ALA V 121 62.78 15.97 -65.02
C ALA V 121 62.44 16.44 -63.62
N GLU V 122 63.47 16.63 -62.79
CA GLU V 122 63.32 17.17 -61.44
C GLU V 122 62.42 16.28 -60.58
N PHE V 123 62.92 15.08 -60.32
CA PHE V 123 62.30 14.21 -59.33
C PHE V 123 62.47 14.83 -57.96
N LYS V 124 61.36 15.17 -57.31
CA LYS V 124 61.38 15.63 -55.93
C LYS V 124 61.13 14.45 -55.02
N TYR V 125 61.96 14.32 -54.00
CA TYR V 125 61.78 13.36 -52.93
C TYR V 125 61.55 14.11 -51.63
N ALA V 126 60.98 13.40 -50.67
CA ALA V 126 60.92 13.86 -49.29
C ALA V 126 61.21 12.68 -48.39
N VAL V 127 61.90 12.97 -47.29
CA VAL V 127 62.31 11.96 -46.32
C VAL V 127 61.71 12.32 -44.98
N ALA V 128 61.09 11.35 -44.34
CA ALA V 128 60.67 11.49 -42.95
C ALA V 128 61.78 10.93 -42.06
N VAL V 129 62.38 11.81 -41.27
CA VAL V 129 63.63 11.52 -40.59
C VAL V 129 63.33 10.90 -39.24
N SER V 130 64.01 9.79 -38.94
CA SER V 130 63.98 9.16 -37.63
C SER V 130 65.32 9.22 -36.92
N TYR V 131 66.30 9.93 -37.48
CA TYR V 131 67.58 10.14 -36.81
C TYR V 131 68.30 11.25 -37.54
N TYR V 132 68.90 12.16 -36.77
CA TYR V 132 69.51 13.37 -37.31
C TYR V 132 70.76 13.69 -36.51
N LYS V 133 71.91 13.57 -37.15
CA LYS V 133 73.18 14.02 -36.59
C LYS V 133 73.79 15.02 -37.53
N LEU V 134 73.90 16.27 -37.08
CA LEU V 134 74.56 17.33 -37.84
C LEU V 134 75.96 17.53 -37.30
N GLU V 135 76.93 17.58 -38.20
CA GLU V 135 78.33 17.81 -37.86
C GLU V 135 78.85 18.97 -38.68
N VAL V 136 79.65 19.82 -38.03
CA VAL V 136 80.29 20.96 -38.67
C VAL V 136 81.78 20.86 -38.36
N ASP V 137 82.59 20.81 -39.42
CA ASP V 137 84.05 20.79 -39.27
C ASP V 137 84.50 19.58 -38.45
N GLY V 138 83.83 18.46 -38.67
CA GLY V 138 84.16 17.23 -37.99
C GLY V 138 83.70 17.14 -36.56
N ARG V 139 83.00 18.16 -36.05
CA ARG V 139 82.54 18.20 -34.67
C ARG V 139 81.03 18.03 -34.62
N GLU V 140 80.57 17.24 -33.65
CA GLU V 140 79.14 17.08 -33.42
C GLU V 140 78.54 18.41 -33.02
N VAL V 141 77.59 18.88 -33.82
CA VAL V 141 76.72 19.97 -33.42
C VAL V 141 75.46 19.43 -32.74
N TYR V 142 74.67 18.63 -33.48
CA TYR V 142 73.49 17.99 -32.90
C TYR V 142 73.57 16.48 -32.99
N GLU V 143 72.71 15.83 -32.22
CA GLU V 143 72.27 14.48 -32.52
C GLU V 143 70.90 14.29 -31.92
N ILE V 144 69.89 14.17 -32.77
CA ILE V 144 68.58 13.69 -32.34
C ILE V 144 68.60 12.18 -32.48
N ASP V 145 67.98 11.50 -31.51
CA ASP V 145 67.47 10.16 -31.71
C ASP V 145 66.09 10.17 -31.07
N PRO V 146 65.01 10.32 -31.86
CA PRO V 146 63.69 10.50 -31.22
C PRO V 146 63.27 9.33 -30.36
N VAL V 147 63.38 8.12 -30.88
CA VAL V 147 62.79 6.95 -30.24
C VAL V 147 63.56 6.60 -28.97
N ASN V 148 64.84 6.93 -28.91
CA ASN V 148 65.64 6.71 -27.72
C ASN V 148 65.66 7.93 -26.80
N GLY V 149 65.16 9.07 -27.25
CA GLY V 149 65.10 10.24 -26.39
C GLY V 149 66.39 11.00 -26.28
N VAL V 150 67.10 11.20 -27.40
CA VAL V 150 68.35 11.94 -27.43
C VAL V 150 68.08 13.25 -28.14
N ARG V 151 68.51 14.35 -27.53
CA ARG V 151 68.59 15.67 -28.16
C ARG V 151 69.89 16.27 -27.65
N ALA V 152 70.97 16.01 -28.36
CA ALA V 152 72.30 16.37 -27.92
C ALA V 152 72.73 17.67 -28.57
N ILE V 153 73.35 18.54 -27.78
CA ILE V 153 73.99 19.76 -28.26
C ILE V 153 75.46 19.66 -27.88
N ASN V 154 76.32 19.61 -28.89
CA ASN V 154 77.77 19.51 -28.67
C ASN V 154 78.13 18.32 -27.80
N GLY V 155 77.35 17.25 -27.90
CA GLY V 155 77.56 16.07 -27.09
C GLY V 155 76.83 16.06 -25.76
N VAL V 156 76.05 17.09 -25.46
CA VAL V 156 75.33 17.21 -24.19
C VAL V 156 73.87 16.90 -24.45
N ASP V 157 73.43 15.72 -24.02
CA ASP V 157 72.02 15.34 -24.14
C ASP V 157 71.19 16.24 -23.24
N GLN V 158 70.43 17.14 -23.87
CA GLN V 158 69.54 18.03 -23.12
C GLN V 158 68.38 17.29 -22.47
N LEU V 159 68.09 16.08 -22.92
CA LEU V 159 66.95 15.31 -22.45
C LEU V 159 67.30 14.34 -21.31
N ALA V 160 68.49 14.45 -20.74
CA ALA V 160 68.89 13.53 -19.67
C ALA V 160 67.97 13.64 -18.48
N GLY V 161 67.50 14.86 -18.17
CA GLY V 161 66.57 15.03 -17.07
C GLY V 161 65.25 14.34 -17.33
N MET V 162 64.77 14.44 -18.57
CA MET V 162 63.53 13.74 -18.94
C MET V 162 63.71 12.24 -18.84
N ARG V 163 64.86 11.73 -19.29
CA ARG V 163 65.11 10.29 -19.23
C ARG V 163 65.18 9.82 -17.80
N ASN V 164 65.75 10.63 -16.91
CA ASN V 164 65.75 10.28 -15.49
C ASN V 164 64.35 10.31 -14.92
N ASP V 165 63.56 11.31 -15.28
CA ASP V 165 62.21 11.44 -14.74
C ASP V 165 61.33 10.28 -15.18
N LEU V 166 61.44 9.88 -16.44
CA LEU V 166 60.64 8.80 -16.99
C LEU V 166 61.26 7.43 -16.81
N GLY V 167 62.49 7.34 -16.32
CA GLY V 167 63.15 6.07 -16.16
C GLY V 167 63.34 5.38 -17.49
N LEU V 168 64.07 6.03 -18.39
CA LEU V 168 64.17 5.62 -19.79
C LEU V 168 62.80 5.68 -20.46
N MET W 2 76.78 9.13 -60.42
CA MET W 2 77.81 10.12 -60.73
C MET W 2 77.95 10.34 -62.23
N ILE W 3 76.89 10.84 -62.86
CA ILE W 3 76.97 11.30 -64.24
C ILE W 3 75.80 12.25 -64.49
N PRO W 4 75.99 13.37 -65.19
CA PRO W 4 74.83 14.19 -65.54
C PRO W 4 73.86 13.44 -66.43
N GLN W 5 72.58 13.70 -66.23
CA GLN W 5 71.54 12.98 -66.92
C GLN W 5 70.21 13.64 -66.62
N THR W 6 69.31 13.64 -67.61
CA THR W 6 67.98 14.21 -67.42
C THR W 6 67.11 13.83 -68.60
N LEU W 7 65.88 14.33 -68.58
CA LEU W 7 64.93 14.08 -69.64
C LEU W 7 65.28 14.91 -70.86
N THR W 8 65.10 14.30 -72.02
CA THR W 8 65.29 14.97 -73.30
C THR W 8 64.07 14.90 -74.19
N ASN W 9 63.27 13.85 -74.08
CA ASN W 9 62.11 13.67 -74.94
C ASN W 9 61.23 12.61 -74.32
N THR W 10 59.96 12.60 -74.73
CA THR W 10 58.95 11.76 -74.12
C THR W 10 58.03 11.22 -75.20
N ASN W 11 57.04 10.41 -74.78
CA ASN W 11 56.00 9.90 -75.65
C ASN W 11 54.96 9.22 -74.79
N LEU W 12 53.75 9.10 -75.33
CA LEU W 12 52.61 8.51 -74.64
C LEU W 12 51.95 7.48 -75.52
N PHE W 13 51.64 6.33 -74.94
CA PHE W 13 50.81 5.33 -75.58
C PHE W 13 49.55 5.12 -74.78
N ILE W 14 48.43 5.04 -75.49
CA ILE W 14 47.14 4.67 -74.91
C ILE W 14 46.50 3.69 -75.90
N ASP W 15 46.20 2.48 -75.43
CA ASP W 15 45.56 1.46 -76.25
C ASP W 15 46.38 1.17 -77.50
N GLY W 16 47.70 1.22 -77.36
CA GLY W 16 48.61 1.01 -78.46
C GLY W 16 48.74 2.17 -79.42
N VAL W 17 47.92 3.20 -79.27
CA VAL W 17 47.99 4.38 -80.14
C VAL W 17 49.13 5.26 -79.66
N SER W 18 49.98 5.67 -80.58
CA SER W 18 51.08 6.57 -80.25
C SER W 18 50.61 8.01 -80.36
N PHE W 19 50.91 8.79 -79.32
CA PHE W 19 50.79 10.24 -79.35
C PHE W 19 52.15 10.88 -79.49
N ALA W 20 53.01 10.28 -80.31
CA ALA W 20 54.27 10.90 -80.63
C ALA W 20 53.97 12.13 -81.48
N GLY W 21 53.81 13.27 -80.82
CA GLY W 21 53.44 14.50 -81.49
C GLY W 21 52.53 15.42 -80.73
N ASP W 22 51.82 14.94 -79.69
CA ASP W 22 50.90 15.79 -78.93
C ASP W 22 50.86 15.49 -77.43
N VAL W 23 52.02 15.53 -76.77
CA VAL W 23 52.06 15.41 -75.31
C VAL W 23 52.96 16.51 -74.73
N PRO W 24 52.50 17.76 -74.72
CA PRO W 24 53.34 18.85 -74.18
C PRO W 24 53.77 18.64 -72.75
N SER W 25 52.85 18.23 -71.88
CA SER W 25 53.15 17.97 -70.48
C SER W 25 52.79 16.53 -70.19
N LEU W 26 53.72 15.81 -69.59
CA LEU W 26 53.50 14.45 -69.13
C LEU W 26 53.87 14.37 -67.66
N THR W 27 53.00 13.74 -66.86
CA THR W 27 53.19 13.66 -65.42
C THR W 27 53.03 12.22 -64.95
N LEU W 28 54.06 11.70 -64.37
CA LEU W 28 54.03 10.43 -63.68
C LEU W 28 53.35 10.63 -62.32
N PRO W 29 52.50 9.69 -61.87
CA PRO W 29 51.76 9.94 -60.64
C PRO W 29 52.68 10.06 -59.44
N LYS W 30 52.44 11.08 -58.64
CA LYS W 30 53.20 11.28 -57.42
C LYS W 30 53.01 10.10 -56.50
N LEU W 31 54.07 9.73 -55.81
CA LEU W 31 54.05 8.62 -54.87
C LEU W 31 54.38 9.14 -53.49
N ALA W 32 53.57 8.73 -52.53
CA ALA W 32 53.75 9.11 -51.14
C ALA W 32 53.21 7.98 -50.29
N VAL W 33 53.53 8.06 -49.01
CA VAL W 33 52.95 7.18 -48.01
C VAL W 33 52.13 8.05 -47.08
N LYS W 34 51.14 7.43 -46.44
CA LYS W 34 50.30 8.13 -45.47
C LYS W 34 51.04 8.20 -44.14
N THR W 35 52.06 9.07 -44.09
CA THR W 35 52.80 9.21 -42.84
C THR W 35 51.91 9.82 -41.79
N GLU W 36 51.77 9.11 -40.70
CA GLU W 36 51.14 9.62 -39.51
C GLU W 36 52.24 10.00 -38.53
N GLN W 37 52.42 11.31 -38.33
CA GLN W 37 53.41 11.78 -37.38
C GLN W 37 53.09 11.24 -36.00
N TYR W 38 53.96 10.37 -35.50
CA TYR W 38 53.68 9.59 -34.31
C TYR W 38 54.62 10.01 -33.19
N ARG W 39 54.02 10.48 -32.10
CA ARG W 39 54.74 10.79 -30.88
C ARG W 39 54.05 10.08 -29.73
N ALA W 40 54.86 9.43 -28.90
CA ALA W 40 54.38 8.67 -27.76
C ALA W 40 55.17 9.07 -26.54
N GLY W 41 54.89 8.40 -25.43
CA GLY W 41 55.65 8.64 -24.23
C GLY W 41 57.07 8.12 -24.35
N GLY W 42 57.98 8.83 -23.72
CA GLY W 42 59.37 8.44 -23.72
C GLY W 42 60.15 8.87 -24.93
N MET W 43 59.53 9.60 -25.86
CA MET W 43 60.21 10.11 -27.04
C MET W 43 59.83 11.57 -27.24
N ASP W 44 60.87 12.41 -27.41
CA ASP W 44 60.66 13.84 -27.55
C ASP W 44 60.08 14.19 -28.91
N ALA W 45 60.69 13.70 -29.98
CA ALA W 45 60.41 14.14 -31.33
C ALA W 45 59.53 13.12 -32.06
N PRO W 46 58.51 13.56 -32.81
CA PRO W 46 57.66 12.58 -33.49
C PRO W 46 58.40 11.86 -34.61
N VAL W 47 58.02 10.60 -34.81
CA VAL W 47 58.51 9.78 -35.92
C VAL W 47 57.33 9.46 -36.81
N SER W 48 57.53 9.60 -38.12
CA SER W 48 56.53 9.22 -39.10
C SER W 48 56.43 7.70 -39.20
N ILE W 49 55.21 7.21 -39.44
CA ILE W 49 54.95 5.80 -39.61
C ILE W 49 54.32 5.58 -40.98
N ASP W 50 54.78 4.54 -41.66
CA ASP W 50 54.22 4.16 -42.96
C ASP W 50 52.92 3.40 -42.72
N MET W 51 51.80 4.03 -43.05
CA MET W 51 50.47 3.45 -42.90
C MET W 51 49.78 3.24 -44.24
N GLY W 52 50.56 3.03 -45.30
CA GLY W 52 50.04 2.81 -46.64
C GLY W 52 50.31 3.99 -47.54
N LEU W 53 49.92 3.82 -48.80
CA LEU W 53 50.17 4.82 -49.82
C LEU W 53 49.03 5.81 -49.90
N GLU W 54 49.34 6.97 -50.48
CA GLU W 54 48.34 7.97 -50.81
C GLU W 54 47.67 7.60 -52.13
N ALA W 55 46.63 8.36 -52.47
CA ALA W 55 46.01 8.21 -53.77
C ALA W 55 46.97 8.67 -54.85
N MET W 56 47.05 7.87 -55.91
CA MET W 56 47.84 8.22 -57.07
C MET W 56 47.00 9.06 -58.03
N GLU W 57 47.67 9.90 -58.80
CA GLU W 57 47.02 10.65 -59.85
C GLU W 57 48.05 11.00 -60.91
N ALA W 58 47.85 10.49 -62.11
CA ALA W 58 48.64 10.87 -63.26
C ALA W 58 47.99 12.02 -64.00
N LYS W 59 48.75 12.64 -64.88
CA LYS W 59 48.25 13.72 -65.71
C LYS W 59 49.02 13.74 -67.02
N PHE W 60 48.31 14.11 -68.08
CA PHE W 60 48.92 14.31 -69.38
C PHE W 60 47.97 15.18 -70.19
N SER W 61 48.55 15.95 -71.10
CA SER W 61 47.80 16.97 -71.82
C SER W 61 47.99 16.82 -73.31
N THR W 62 47.00 17.31 -74.05
CA THR W 62 47.01 17.36 -75.50
C THR W 62 46.51 18.73 -75.92
N ASN W 63 46.94 19.17 -77.11
CA ASN W 63 46.50 20.44 -77.67
C ASN W 63 45.49 20.28 -78.79
N GLY W 64 45.28 19.07 -79.29
CA GLY W 64 44.28 18.82 -80.31
C GLY W 64 43.20 17.88 -79.84
N ALA W 65 42.09 17.84 -80.57
CA ALA W 65 40.97 16.97 -80.21
C ALA W 65 41.36 15.55 -80.55
N ARG W 66 42.14 14.95 -79.66
CA ARG W 66 42.62 13.59 -79.84
C ARG W 66 41.51 12.67 -79.39
N ARG W 67 40.68 12.25 -80.34
CA ARG W 67 39.51 11.43 -80.03
C ARG W 67 39.88 10.17 -79.28
N GLU W 68 41.06 9.62 -79.53
CA GLU W 68 41.61 8.62 -78.64
C GLU W 68 42.07 9.32 -77.37
N ALA W 69 41.57 8.84 -76.23
CA ALA W 69 41.75 9.37 -74.89
C ALA W 69 40.84 10.57 -74.61
N LEU W 70 40.05 11.04 -75.57
CA LEU W 70 38.82 11.76 -75.25
C LEU W 70 37.66 10.81 -75.04
N ASN W 71 37.71 9.62 -75.66
CA ASN W 71 36.65 8.65 -75.60
C ASN W 71 36.84 7.63 -74.47
N PHE W 72 37.75 7.89 -73.52
CA PHE W 72 37.94 7.05 -72.36
C PHE W 72 37.55 7.72 -71.05
N PHE W 73 36.90 8.88 -71.13
CA PHE W 73 36.40 9.54 -69.94
C PHE W 73 35.10 8.90 -69.49
N GLY W 74 34.94 8.80 -68.17
CA GLY W 74 33.64 8.49 -67.63
C GLY W 74 33.08 7.16 -68.07
N LEU W 75 33.93 6.23 -68.48
CA LEU W 75 33.47 4.91 -68.84
C LEU W 75 33.04 4.17 -67.59
N ALA W 76 32.02 3.34 -67.73
CA ALA W 76 31.57 2.53 -66.62
C ALA W 76 32.65 1.55 -66.21
N ASP W 77 33.39 1.02 -67.18
CA ASP W 77 34.46 0.05 -66.91
C ASP W 77 35.71 0.83 -66.51
N GLN W 78 35.76 1.16 -65.22
CA GLN W 78 37.00 1.66 -64.64
C GLN W 78 38.09 0.62 -64.82
N SER W 79 39.34 1.11 -64.89
CA SER W 79 40.55 0.33 -65.16
C SER W 79 40.64 -0.13 -66.61
N ALA W 80 39.69 0.26 -67.47
CA ALA W 80 39.84 0.03 -68.90
C ALA W 80 40.76 1.06 -69.53
N PHE W 81 40.96 2.21 -68.88
CA PHE W 81 41.94 3.17 -69.37
C PHE W 81 43.34 2.68 -69.08
N ASN W 82 43.96 2.00 -70.03
CA ASN W 82 45.36 1.65 -69.90
C ASN W 82 46.21 2.87 -70.23
N GLY W 83 47.51 2.68 -70.32
CA GLY W 83 48.39 3.78 -70.60
C GLY W 83 49.85 3.45 -70.31
N VAL W 84 50.75 4.06 -71.08
CA VAL W 84 52.18 3.89 -70.92
C VAL W 84 52.82 5.26 -71.03
N PHE W 85 53.45 5.71 -69.94
CA PHE W 85 54.26 6.92 -69.94
C PHE W 85 55.70 6.55 -70.21
N ARG W 86 56.24 7.02 -71.33
CA ARG W 86 57.64 6.78 -71.69
C ARG W 86 58.43 8.06 -71.57
N GLY W 87 59.69 7.92 -71.16
CA GLY W 87 60.61 9.04 -71.06
C GLY W 87 62.03 8.60 -71.36
N SER W 88 62.70 9.36 -72.22
CA SER W 88 64.06 9.04 -72.65
C SER W 88 65.04 9.91 -71.87
N PHE W 89 65.71 9.30 -70.90
CA PHE W 89 66.72 9.98 -70.10
C PHE W 89 68.07 9.72 -70.72
N LYS W 90 68.69 10.77 -71.25
CA LYS W 90 70.01 10.71 -71.82
C LYS W 90 71.02 11.29 -70.84
N GLY W 91 72.11 10.57 -70.62
CA GLY W 91 73.19 11.05 -69.79
C GLY W 91 73.98 12.13 -70.48
N GLN W 92 75.09 12.51 -69.84
CA GLN W 92 76.07 13.34 -70.52
C GLN W 92 76.64 12.57 -71.71
N LYS W 93 77.23 11.42 -71.45
CA LYS W 93 77.77 10.60 -72.51
C LYS W 93 76.64 10.04 -73.37
N GLY W 94 77.02 9.42 -74.48
CA GLY W 94 76.06 8.92 -75.42
C GLY W 94 75.37 7.65 -74.97
N ALA W 95 74.50 7.79 -73.98
CA ALA W 95 73.73 6.66 -73.46
C ALA W 95 72.33 7.14 -73.11
N SER W 96 71.35 6.28 -73.34
CA SER W 96 69.95 6.61 -73.15
C SER W 96 69.30 5.58 -72.25
N VAL W 97 68.58 6.05 -71.25
CA VAL W 97 67.94 5.22 -70.23
C VAL W 97 66.43 5.33 -70.46
N PRO W 98 65.75 4.27 -70.89
CA PRO W 98 64.29 4.34 -70.98
C PRO W 98 63.63 4.21 -69.63
N VAL W 99 62.61 5.04 -69.41
CA VAL W 99 61.77 4.97 -68.23
C VAL W 99 60.34 4.78 -68.70
N VAL W 100 59.66 3.79 -68.12
CA VAL W 100 58.34 3.37 -68.55
C VAL W 100 57.47 3.25 -67.31
N ALA W 101 56.30 3.86 -67.36
CA ALA W 101 55.30 3.74 -66.31
C ALA W 101 53.99 3.27 -66.91
N THR W 102 53.78 1.97 -66.88
CA THR W 102 52.48 1.42 -67.26
C THR W 102 51.45 1.87 -66.24
N LEU W 103 50.34 2.40 -66.74
CA LEU W 103 49.22 2.82 -65.91
C LEU W 103 47.96 2.09 -66.33
N ARG W 104 47.03 2.02 -65.39
CA ARG W 104 45.71 1.46 -65.66
C ARG W 104 44.78 1.98 -64.58
N GLY W 105 43.71 2.66 -64.99
CA GLY W 105 42.82 3.26 -64.04
C GLY W 105 41.64 3.95 -64.70
N LEU W 106 41.36 5.17 -64.25
CA LEU W 106 40.22 5.94 -64.71
C LEU W 106 40.70 7.26 -65.27
N LEU W 107 40.21 7.62 -66.46
CA LEU W 107 40.41 8.98 -66.92
C LEU W 107 39.50 9.88 -66.12
N LYS W 108 40.04 10.44 -65.04
CA LYS W 108 39.22 11.10 -64.04
C LYS W 108 38.58 12.37 -64.58
N GLU W 109 39.31 13.14 -65.37
CA GLU W 109 38.97 14.52 -65.61
C GLU W 109 39.42 14.94 -67.00
N VAL W 110 38.63 15.80 -67.61
CA VAL W 110 38.95 16.42 -68.88
C VAL W 110 38.66 17.91 -68.74
N ASP W 111 39.69 18.74 -68.90
CA ASP W 111 39.63 20.16 -68.57
C ASP W 111 40.20 20.96 -69.73
N PRO W 112 39.39 21.20 -70.76
CA PRO W 112 39.82 22.08 -71.85
C PRO W 112 40.08 23.48 -71.34
N GLY W 113 41.30 23.95 -71.56
CA GLY W 113 41.66 25.28 -71.14
C GLY W 113 40.92 26.34 -71.92
N ASP W 114 41.28 27.59 -71.62
CA ASP W 114 40.66 28.73 -72.27
C ASP W 114 41.06 28.77 -73.74
N TRP W 115 40.06 28.74 -74.61
CA TRP W 115 40.28 28.90 -76.05
C TRP W 115 40.35 30.39 -76.36
N LYS W 116 41.56 30.89 -76.62
CA LYS W 116 41.81 32.32 -76.74
C LYS W 116 42.01 32.80 -78.18
N ALA W 117 41.70 31.98 -79.17
CA ALA W 117 41.69 32.41 -80.57
C ALA W 117 43.07 32.90 -81.02
N GLY W 118 43.99 31.94 -81.07
CA GLY W 118 45.38 32.21 -81.41
C GLY W 118 46.34 31.75 -80.34
N GLU W 119 45.88 30.80 -79.51
CA GLU W 119 46.69 30.22 -78.45
C GLU W 119 46.36 28.74 -78.38
N LYS W 120 47.31 27.98 -77.83
CA LYS W 120 47.14 26.54 -77.78
C LYS W 120 45.92 26.17 -76.95
N ALA W 121 45.29 25.05 -77.33
CA ALA W 121 44.09 24.61 -76.65
C ALA W 121 44.41 24.10 -75.25
N GLU W 122 45.39 23.19 -75.16
CA GLU W 122 45.88 22.68 -73.89
C GLU W 122 44.76 21.98 -73.10
N PHE W 123 44.30 20.87 -73.67
CA PHE W 123 43.42 19.98 -72.93
C PHE W 123 44.20 19.34 -71.79
N LYS W 124 43.78 19.61 -70.56
CA LYS W 124 44.33 18.96 -69.39
C LYS W 124 43.47 17.76 -69.04
N TYR W 125 44.12 16.62 -68.83
CA TYR W 125 43.47 15.43 -68.33
C TYR W 125 44.06 15.10 -66.97
N ALA W 126 43.32 14.30 -66.21
CA ALA W 126 43.82 13.67 -65.00
C ALA W 126 43.33 12.24 -64.97
N VAL W 127 44.17 11.35 -64.45
CA VAL W 127 43.89 9.93 -64.39
C VAL W 127 43.96 9.51 -62.93
N ALA W 128 42.95 8.78 -62.48
CA ALA W 128 42.98 8.13 -61.19
C ALA W 128 43.48 6.71 -61.40
N VAL W 129 44.65 6.42 -60.83
CA VAL W 129 45.40 5.23 -61.16
C VAL W 129 44.97 4.10 -60.24
N SER W 130 44.70 2.93 -60.85
CA SER W 130 44.44 1.70 -60.13
C SER W 130 45.52 0.65 -60.34
N TYR W 131 46.61 1.00 -61.03
CA TYR W 131 47.74 0.10 -61.20
C TYR W 131 48.92 0.92 -61.70
N TYR W 132 50.08 0.65 -61.13
CA TYR W 132 51.27 1.46 -61.40
C TYR W 132 52.49 0.56 -61.40
N LYS W 133 53.10 0.38 -62.58
CA LYS W 133 54.37 -0.30 -62.72
C LYS W 133 55.36 0.66 -63.36
N LEU W 134 56.39 1.02 -62.61
CA LEU W 134 57.46 1.86 -63.12
C LEU W 134 58.65 0.98 -63.45
N GLU W 135 59.22 1.18 -64.63
CA GLU W 135 60.39 0.45 -65.09
C GLU W 135 61.45 1.45 -65.53
N VAL W 136 62.70 1.15 -65.19
CA VAL W 136 63.85 1.96 -65.57
C VAL W 136 64.85 1.03 -66.24
N ASP W 137 65.20 1.33 -67.49
CA ASP W 137 66.21 0.58 -68.22
C ASP W 137 65.80 -0.89 -68.35
N GLY W 138 64.50 -1.11 -68.56
CA GLY W 138 63.97 -2.44 -68.73
C GLY W 138 63.81 -3.24 -67.46
N ARG W 139 64.14 -2.66 -66.31
CA ARG W 139 64.07 -3.35 -65.03
C ARG W 139 62.92 -2.81 -64.20
N GLU W 140 62.21 -3.71 -63.54
CA GLU W 140 61.15 -3.32 -62.63
C GLU W 140 61.74 -2.53 -61.48
N VAL W 141 61.30 -1.29 -61.32
CA VAL W 141 61.53 -0.53 -60.12
C VAL W 141 60.39 -0.73 -59.13
N TYR W 142 59.15 -0.35 -59.51
CA TYR W 142 57.98 -0.57 -58.68
C TYR W 142 56.95 -1.44 -59.37
N GLU W 143 56.03 -1.95 -58.58
CA GLU W 143 54.73 -2.35 -59.07
C GLU W 143 53.74 -2.24 -57.92
N ILE W 144 52.82 -1.28 -58.02
CA ILE W 144 51.66 -1.25 -57.15
C ILE W 144 50.58 -2.06 -57.84
N ASP W 145 49.83 -2.83 -57.06
CA ASP W 145 48.49 -3.26 -57.43
C ASP W 145 47.65 -3.05 -56.18
N PRO W 146 46.89 -1.95 -56.07
CA PRO W 146 46.21 -1.67 -54.80
C PRO W 146 45.23 -2.75 -54.38
N VAL W 147 44.36 -3.16 -55.30
CA VAL W 147 43.24 -4.02 -54.95
C VAL W 147 43.70 -5.42 -54.60
N ASN W 148 44.84 -5.85 -55.17
CA ASN W 148 45.43 -7.14 -54.83
C ASN W 148 46.45 -7.05 -53.72
N GLY W 149 46.85 -5.85 -53.30
CA GLY W 149 47.77 -5.70 -52.20
C GLY W 149 49.22 -5.91 -52.55
N VAL W 150 49.65 -5.37 -53.69
CA VAL W 150 51.04 -5.47 -54.14
C VAL W 150 51.68 -4.10 -53.99
N ARG W 151 52.85 -4.07 -53.36
CA ARG W 151 53.72 -2.90 -53.36
C ARG W 151 55.13 -3.48 -53.48
N ALA W 152 55.58 -3.64 -54.73
CA ALA W 152 56.82 -4.34 -55.01
C ALA W 152 57.93 -3.32 -55.23
N ILE W 153 59.10 -3.62 -54.67
CA ILE W 153 60.32 -2.88 -54.92
C ILE W 153 61.32 -3.85 -55.51
N ASN W 154 61.72 -3.59 -56.76
CA ASN W 154 62.68 -4.45 -57.46
C ASN W 154 62.21 -5.90 -57.49
N GLY W 155 60.90 -6.11 -57.53
CA GLY W 155 60.34 -7.44 -57.53
C GLY W 155 60.06 -8.01 -56.16
N VAL W 156 60.29 -7.25 -55.09
CA VAL W 156 60.09 -7.71 -53.72
C VAL W 156 58.83 -7.06 -53.19
N ASP W 157 57.75 -7.84 -53.08
CA ASP W 157 56.50 -7.35 -52.53
C ASP W 157 56.71 -7.04 -51.05
N GLN W 158 56.71 -5.74 -50.72
CA GLN W 158 56.86 -5.32 -49.33
C GLN W 158 55.65 -5.67 -48.48
N LEU W 159 54.51 -5.96 -49.11
CA LEU W 159 53.27 -6.21 -48.42
C LEU W 159 52.99 -7.69 -48.17
N ALA W 160 53.98 -8.55 -48.39
CA ALA W 160 53.77 -9.98 -48.21
C ALA W 160 53.41 -10.31 -46.76
N GLY W 161 54.00 -9.59 -45.82
CA GLY W 161 53.66 -9.81 -44.41
C GLY W 161 52.22 -9.44 -44.12
N MET W 162 51.76 -8.34 -44.70
CA MET W 162 50.37 -7.93 -44.54
C MET W 162 49.43 -8.96 -45.16
N ARG W 163 49.79 -9.48 -46.33
CA ARG W 163 48.95 -10.47 -46.99
C ARG W 163 48.88 -11.75 -46.17
N ASN W 164 50.00 -12.13 -45.54
CA ASN W 164 49.99 -13.29 -44.65
C ASN W 164 49.12 -13.03 -43.43
N ASP W 165 49.24 -11.83 -42.85
CA ASP W 165 48.48 -11.50 -41.65
C ASP W 165 46.99 -11.49 -41.91
N LEU W 166 46.59 -10.94 -43.04
CA LEU W 166 45.18 -10.83 -43.41
C LEU W 166 44.66 -12.05 -44.16
N GLY W 167 45.53 -12.98 -44.54
CA GLY W 167 45.09 -14.13 -45.29
C GLY W 167 44.52 -13.73 -46.63
N LEU W 168 45.34 -13.08 -47.45
CA LEU W 168 44.90 -12.42 -48.68
C LEU W 168 43.89 -11.33 -48.36
N MET X 2 49.60 11.17 -83.94
CA MET X 2 50.96 11.49 -84.36
C MET X 2 50.97 12.58 -85.44
N ILE X 3 50.50 13.76 -85.09
CA ILE X 3 50.66 14.92 -85.97
C ILE X 3 50.49 16.18 -85.12
N PRO X 4 51.29 17.23 -85.30
CA PRO X 4 51.03 18.47 -84.57
C PRO X 4 49.69 19.05 -84.96
N GLN X 5 49.03 19.65 -83.98
CA GLN X 5 47.68 20.17 -84.17
C GLN X 5 47.30 20.96 -82.94
N THR X 6 46.53 22.02 -83.15
CA THR X 6 46.04 22.83 -82.03
C THR X 6 44.98 23.80 -82.55
N LEU X 7 44.50 24.63 -81.63
CA LEU X 7 43.50 25.62 -81.95
C LEU X 7 44.13 26.77 -82.71
N THR X 8 43.39 27.28 -83.69
CA THR X 8 43.79 28.44 -84.47
C THR X 8 42.76 29.55 -84.44
N ASN X 9 41.49 29.21 -84.31
CA ASN X 9 40.42 30.20 -84.34
C ASN X 9 39.16 29.57 -83.80
N THR X 10 38.23 30.41 -83.40
CA THR X 10 37.03 29.97 -82.70
C THR X 10 35.84 30.78 -83.16
N ASN X 11 34.67 30.48 -82.61
CA ASN X 11 33.44 31.24 -82.85
C ASN X 11 32.38 30.71 -81.90
N LEU X 12 31.39 31.56 -81.65
CA LEU X 12 30.30 31.26 -80.72
C LEU X 12 28.97 31.54 -81.39
N PHE X 13 28.03 30.62 -81.24
CA PHE X 13 26.64 30.83 -81.63
C PHE X 13 25.76 30.75 -80.40
N ILE X 14 24.82 31.68 -80.31
CA ILE X 14 23.76 31.66 -79.32
C ILE X 14 22.47 32.03 -80.04
N ASP X 15 21.48 31.14 -79.99
CA ASP X 15 20.19 31.38 -80.62
C ASP X 15 20.35 31.67 -82.11
N GLY X 16 21.32 31.01 -82.74
CA GLY X 16 21.61 31.22 -84.14
C GLY X 16 22.37 32.49 -84.46
N VAL X 17 22.58 33.36 -83.48
CA VAL X 17 23.31 34.60 -83.69
C VAL X 17 24.79 34.30 -83.65
N SER X 18 25.53 34.76 -84.64
CA SER X 18 26.96 34.58 -84.68
C SER X 18 27.65 35.71 -83.93
N PHE X 19 28.57 35.34 -83.04
CA PHE X 19 29.51 36.27 -82.44
C PHE X 19 30.89 36.12 -83.07
N ALA X 20 30.91 35.94 -84.38
CA ALA X 20 32.17 35.94 -85.09
C ALA X 20 32.70 37.36 -85.06
N GLY X 21 33.50 37.66 -84.03
CA GLY X 21 34.02 39.01 -83.84
C GLY X 21 34.16 39.45 -82.40
N ASP X 22 33.50 38.79 -81.45
CA ASP X 22 33.59 39.20 -80.04
C ASP X 22 33.60 38.03 -79.05
N VAL X 23 34.52 37.10 -79.21
CA VAL X 23 34.69 36.02 -78.22
C VAL X 23 36.18 35.87 -77.88
N PRO X 24 36.76 36.81 -77.13
CA PRO X 24 38.19 36.71 -76.80
C PRO X 24 38.56 35.44 -76.09
N SER X 25 37.79 35.03 -75.09
CA SER X 25 38.03 33.80 -74.35
C SER X 25 36.80 32.92 -74.48
N LEU X 26 37.03 31.67 -74.86
CA LEU X 26 35.99 30.67 -74.94
C LEU X 26 36.42 29.47 -74.10
N THR X 27 35.51 28.95 -73.29
CA THR X 27 35.81 27.85 -72.38
C THR X 27 34.75 26.77 -72.52
N LEU X 28 35.18 25.60 -72.87
CA LEU X 28 34.37 24.41 -72.85
C LEU X 28 34.26 23.91 -71.40
N PRO X 29 33.08 23.45 -70.96
CA PRO X 29 32.95 23.10 -69.54
C PRO X 29 33.86 21.96 -69.16
N LYS X 30 34.54 22.13 -68.04
CA LYS X 30 35.41 21.09 -67.52
C LYS X 30 34.58 19.86 -67.19
N LEU X 31 35.15 18.69 -67.45
CA LEU X 31 34.51 17.42 -67.18
C LEU X 31 35.32 16.66 -66.16
N ALA X 32 34.62 16.13 -65.17
CA ALA X 32 35.24 15.35 -64.12
C ALA X 32 34.21 14.36 -63.63
N VAL X 33 34.68 13.40 -62.86
CA VAL X 33 33.82 12.47 -62.15
C VAL X 33 34.02 12.73 -60.66
N LYS X 34 33.00 12.39 -59.88
CA LYS X 34 33.07 12.52 -58.43
C LYS X 34 33.85 11.34 -57.85
N THR X 35 35.16 11.36 -58.06
CA THR X 35 35.98 10.28 -57.53
C THR X 35 35.96 10.34 -56.01
N GLU X 36 35.55 9.25 -55.42
CA GLU X 36 35.66 9.03 -54.00
C GLU X 36 36.84 8.10 -53.77
N GLN X 37 37.92 8.65 -53.22
CA GLN X 37 39.09 7.84 -52.91
C GLN X 37 38.70 6.74 -51.94
N TYR X 38 38.77 5.51 -52.42
CA TYR X 38 38.22 4.38 -51.70
C TYR X 38 39.33 3.46 -51.25
N ARG X 39 39.43 3.27 -49.95
CA ARG X 39 40.34 2.30 -49.34
C ARG X 39 39.54 1.42 -48.41
N ALA X 40 39.76 0.12 -48.50
CA ALA X 40 39.08 -0.86 -47.70
C ALA X 40 40.10 -1.81 -47.11
N GLY X 41 39.61 -2.82 -46.41
CA GLY X 41 40.51 -3.83 -45.87
C GLY X 41 41.08 -4.70 -46.97
N GLY X 42 42.32 -5.12 -46.77
CA GLY X 42 42.99 -5.97 -47.70
C GLY X 42 43.64 -5.26 -48.86
N MET X 43 43.57 -3.93 -48.89
CA MET X 43 44.22 -3.15 -49.93
C MET X 43 44.97 -1.98 -49.31
N ASP X 44 46.24 -1.84 -49.68
CA ASP X 44 47.09 -0.81 -49.11
C ASP X 44 46.72 0.58 -49.64
N ALA X 45 46.63 0.73 -50.96
CA ALA X 45 46.53 2.02 -51.60
C ALA X 45 45.09 2.31 -52.02
N PRO X 46 44.57 3.52 -51.81
CA PRO X 46 43.20 3.80 -52.21
C PRO X 46 43.01 3.78 -53.72
N VAL X 47 41.82 3.35 -54.13
CA VAL X 47 41.41 3.39 -55.53
C VAL X 47 40.22 4.33 -55.63
N SER X 48 40.26 5.19 -56.64
CA SER X 48 39.15 6.08 -56.93
C SER X 48 37.98 5.30 -57.52
N ILE X 49 36.76 5.73 -57.21
CA ILE X 49 35.54 5.13 -57.73
C ILE X 49 34.74 6.19 -58.45
N ASP X 50 34.21 5.84 -59.61
CA ASP X 50 33.36 6.72 -60.38
C ASP X 50 31.96 6.72 -59.76
N MET X 51 31.58 7.82 -59.11
CA MET X 51 30.27 7.98 -58.48
C MET X 51 29.44 9.06 -59.14
N GLY X 52 29.67 9.30 -60.42
CA GLY X 52 28.94 10.29 -61.18
C GLY X 52 29.81 11.48 -61.53
N LEU X 53 29.22 12.39 -62.29
CA LEU X 53 29.95 13.55 -62.78
C LEU X 53 29.85 14.72 -61.81
N GLU X 54 30.80 15.64 -61.96
CA GLU X 54 30.77 16.90 -61.25
C GLU X 54 29.83 17.87 -61.96
N ALA X 55 29.61 19.01 -61.32
CA ALA X 55 28.87 20.08 -61.97
C ALA X 55 29.67 20.64 -63.12
N MET X 56 29.00 20.84 -64.25
CA MET X 56 29.60 21.49 -65.40
C MET X 56 29.47 22.98 -65.28
N GLU X 57 30.42 23.69 -65.90
CA GLU X 57 30.32 25.14 -66.01
C GLU X 57 31.10 25.59 -67.22
N ALA X 58 30.41 26.18 -68.17
CA ALA X 58 31.05 26.81 -69.31
C ALA X 58 31.29 28.28 -69.02
N LYS X 59 32.13 28.89 -69.86
CA LYS X 59 32.41 30.31 -69.74
C LYS X 59 32.75 30.85 -71.12
N PHE X 60 32.35 32.10 -71.35
CA PHE X 60 32.70 32.82 -72.56
C PHE X 60 32.54 34.29 -72.27
N SER X 61 33.34 35.11 -72.96
CA SER X 61 33.43 36.53 -72.66
C SER X 61 33.21 37.36 -73.91
N THR X 62 32.77 38.58 -73.69
CA THR X 62 32.58 39.58 -74.72
C THR X 62 33.14 40.90 -74.22
N ASN X 63 33.55 41.75 -75.15
CA ASN X 63 34.06 43.07 -74.82
C ASN X 63 33.09 44.19 -75.11
N GLY X 64 31.99 43.91 -75.82
CA GLY X 64 30.97 44.90 -76.09
C GLY X 64 29.64 44.51 -75.51
N ALA X 65 28.73 45.49 -75.41
CA ALA X 65 27.40 45.24 -74.85
C ALA X 65 26.61 44.45 -75.88
N ARG X 66 26.86 43.15 -75.91
CA ARG X 66 26.19 42.26 -76.84
C ARG X 66 24.85 41.91 -76.23
N ARG X 67 23.84 42.67 -76.63
CA ARG X 67 22.51 42.53 -76.05
C ARG X 67 21.97 41.11 -76.20
N GLU X 68 22.35 40.42 -77.27
CA GLU X 68 22.17 38.98 -77.32
C GLU X 68 23.19 38.34 -76.40
N ALA X 69 22.69 37.52 -75.48
CA ALA X 69 23.41 36.85 -74.39
C ALA X 69 23.67 37.77 -73.21
N LEU X 70 23.30 39.06 -73.27
CA LEU X 70 23.02 39.81 -72.07
C LEU X 70 21.58 39.64 -71.62
N ASN X 71 20.69 39.33 -72.56
CA ASN X 71 19.27 39.20 -72.29
C ASN X 71 18.86 37.77 -71.96
N PHE X 72 19.82 36.87 -71.71
CA PHE X 72 19.54 35.50 -71.30
C PHE X 72 19.95 35.20 -69.87
N PHE X 73 20.32 36.22 -69.10
CA PHE X 73 20.63 36.05 -67.70
C PHE X 73 19.36 35.95 -66.88
N GLY X 74 19.39 35.08 -65.87
CA GLY X 74 18.36 35.13 -64.86
C GLY X 74 16.96 34.89 -65.37
N LEU X 75 16.83 34.23 -66.52
CA LEU X 75 15.52 33.91 -67.03
C LEU X 75 14.89 32.82 -66.17
N ALA X 76 13.57 32.91 -66.01
CA ALA X 76 12.87 31.87 -65.27
C ALA X 76 12.99 30.53 -65.97
N ASP X 77 12.97 30.53 -67.30
CA ASP X 77 13.06 29.31 -68.08
C ASP X 77 14.53 28.92 -68.20
N GLN X 78 15.01 28.24 -67.16
CA GLN X 78 16.30 27.58 -67.26
C GLN X 78 16.29 26.59 -68.42
N SER X 79 17.47 26.37 -68.99
CA SER X 79 17.71 25.55 -70.17
C SER X 79 17.21 26.21 -71.45
N ALA X 80 16.70 27.44 -71.39
CA ALA X 80 16.43 28.20 -72.59
C ALA X 80 17.68 28.80 -73.18
N PHE X 81 18.74 28.96 -72.38
CA PHE X 81 20.01 29.41 -72.91
C PHE X 81 20.68 28.30 -73.69
N ASN X 82 20.47 28.26 -74.99
CA ASN X 82 21.19 27.33 -75.83
C ASN X 82 22.59 27.88 -76.08
N GLY X 83 23.34 27.23 -76.96
CA GLY X 83 24.69 27.67 -77.25
C GLY X 83 25.50 26.64 -77.98
N VAL X 84 26.42 27.10 -78.82
CA VAL X 84 27.31 26.24 -79.58
C VAL X 84 28.70 26.83 -79.50
N PHE X 85 29.63 26.08 -78.90
CA PHE X 85 31.03 26.44 -78.89
C PHE X 85 31.73 25.74 -80.04
N ARG X 86 32.25 26.52 -80.98
CA ARG X 86 32.98 25.99 -82.12
C ARG X 86 34.46 26.32 -82.00
N GLY X 87 35.28 25.39 -82.47
CA GLY X 87 36.72 25.56 -82.48
C GLY X 87 37.34 24.86 -83.68
N SER X 88 38.21 25.57 -84.39
CA SER X 88 38.85 25.08 -85.60
C SER X 88 40.25 24.61 -85.25
N PHE X 89 40.44 23.30 -85.17
CA PHE X 89 41.74 22.71 -84.89
C PHE X 89 42.39 22.36 -86.21
N LYS X 90 43.48 23.05 -86.53
CA LYS X 90 44.26 22.81 -87.74
C LYS X 90 45.51 22.03 -87.37
N GLY X 91 45.79 20.98 -88.12
CA GLY X 91 47.00 20.20 -87.93
C GLY X 91 48.20 20.94 -88.47
N GLN X 92 49.34 20.24 -88.48
CA GLN X 92 50.48 20.74 -89.22
C GLN X 92 50.14 20.83 -90.69
N LYS X 93 49.78 19.71 -91.30
CA LYS X 93 49.39 19.69 -92.69
C LYS X 93 48.08 20.45 -92.88
N GLY X 94 47.72 20.65 -94.15
CA GLY X 94 46.56 21.44 -94.48
C GLY X 94 45.27 20.70 -94.26
N ALA X 95 44.91 20.50 -92.99
CA ALA X 95 43.67 19.83 -92.61
C ALA X 95 43.12 20.52 -91.38
N SER X 96 41.78 20.61 -91.32
CA SER X 96 41.09 21.31 -90.25
C SER X 96 40.06 20.39 -89.64
N VAL X 97 40.06 20.32 -88.31
CA VAL X 97 39.19 19.45 -87.53
C VAL X 97 38.19 20.34 -86.79
N PRO X 98 36.91 20.31 -87.13
CA PRO X 98 35.94 21.09 -86.35
C PRO X 98 35.60 20.38 -85.04
N VAL X 99 35.54 21.19 -83.98
CA VAL X 99 35.09 20.75 -82.67
C VAL X 99 33.90 21.59 -82.27
N VAL X 100 32.83 20.92 -81.86
CA VAL X 100 31.54 21.56 -81.57
C VAL X 100 31.06 21.05 -80.23
N ALA X 101 30.68 21.98 -79.35
CA ALA X 101 30.08 21.65 -78.08
C ALA X 101 28.75 22.38 -77.95
N THR X 102 27.68 21.69 -78.31
CA THR X 102 26.35 22.20 -78.06
C THR X 102 26.11 22.25 -76.56
N LEU X 103 25.65 23.39 -76.08
CA LEU X 103 25.31 23.59 -74.69
C LEU X 103 23.87 24.01 -74.55
N ARG X 104 23.32 23.76 -73.37
CA ARG X 104 21.99 24.22 -73.03
C ARG X 104 21.88 24.22 -71.52
N GLY X 105 21.56 25.37 -70.95
CA GLY X 105 21.53 25.50 -69.52
C GLY X 105 21.10 26.87 -69.06
N LEU X 106 21.84 27.42 -68.10
CA LEU X 106 21.53 28.70 -67.47
C LEU X 106 22.71 29.63 -67.65
N LEU X 107 22.44 30.85 -68.10
CA LEU X 107 23.47 31.88 -68.02
C LEU X 107 23.61 32.27 -66.56
N LYS X 108 24.55 31.64 -65.87
CA LYS X 108 24.62 31.73 -64.41
C LYS X 108 24.99 33.12 -63.95
N GLU X 109 25.90 33.78 -64.65
CA GLU X 109 26.62 34.91 -64.08
C GLU X 109 26.99 35.88 -65.19
N VAL X 110 26.97 37.16 -64.84
CA VAL X 110 27.44 38.23 -65.72
C VAL X 110 28.31 39.14 -64.86
N ASP X 111 29.58 39.27 -65.24
CA ASP X 111 30.60 39.92 -64.41
C ASP X 111 31.36 40.91 -65.27
N PRO X 112 30.82 42.11 -65.46
CA PRO X 112 31.55 43.17 -66.16
C PRO X 112 32.82 43.54 -65.39
N GLY X 113 33.95 43.41 -66.06
CA GLY X 113 35.21 43.73 -65.44
C GLY X 113 35.34 45.22 -65.18
N ASP X 114 36.51 45.58 -64.68
CA ASP X 114 36.79 46.98 -64.35
C ASP X 114 36.86 47.80 -65.63
N TRP X 115 36.02 48.81 -65.72
CA TRP X 115 36.06 49.77 -66.81
C TRP X 115 37.10 50.83 -66.50
N LYS X 116 38.25 50.76 -67.18
CA LYS X 116 39.41 51.56 -66.85
C LYS X 116 39.67 52.71 -67.82
N ALA X 117 38.71 53.03 -68.69
CA ALA X 117 38.78 54.23 -69.52
C ALA X 117 40.01 54.20 -70.45
N GLY X 118 39.95 53.26 -71.38
CA GLY X 118 41.04 53.02 -72.32
C GLY X 118 41.55 51.59 -72.26
N GLU X 119 40.70 50.69 -71.77
CA GLU X 119 41.01 49.27 -71.69
C GLU X 119 39.75 48.50 -72.02
N LYS X 120 39.94 47.26 -72.46
CA LYS X 120 38.82 46.44 -72.89
C LYS X 120 37.83 46.23 -71.74
N ALA X 121 36.56 46.10 -72.09
CA ALA X 121 35.53 45.94 -71.07
C ALA X 121 35.61 44.55 -70.45
N GLU X 122 35.65 43.52 -71.29
CA GLU X 122 35.83 42.14 -70.86
C GLU X 122 34.69 41.70 -69.92
N PHE X 123 33.50 41.65 -70.48
CA PHE X 123 32.37 41.02 -69.80
C PHE X 123 32.64 39.53 -69.67
N LYS X 124 32.74 39.05 -68.43
CA LYS X 124 32.84 37.63 -68.16
C LYS X 124 31.46 37.08 -67.88
N TYR X 125 31.13 35.98 -68.53
CA TYR X 125 29.93 35.23 -68.26
C TYR X 125 30.31 33.86 -67.74
N ALA X 126 29.35 33.22 -67.09
CA ALA X 126 29.44 31.81 -66.74
C ALA X 126 28.09 31.18 -67.00
N VAL X 127 28.14 29.92 -67.44
CA VAL X 127 26.94 29.16 -67.78
C VAL X 127 26.92 27.91 -66.93
N ALA X 128 25.78 27.65 -66.31
CA ALA X 128 25.54 26.38 -65.65
C ALA X 128 24.85 25.45 -66.63
N VAL X 129 25.54 24.37 -66.99
CA VAL X 129 25.16 23.55 -68.13
C VAL X 129 24.20 22.46 -67.67
N SER X 130 23.10 22.31 -68.40
CA SER X 130 22.16 21.22 -68.21
C SER X 130 22.13 20.26 -69.39
N TYR X 131 23.01 20.44 -70.37
CA TYR X 131 23.12 19.51 -71.48
C TYR X 131 24.42 19.79 -72.20
N TYR X 132 25.13 18.72 -72.55
CA TYR X 132 26.48 18.85 -73.11
C TYR X 132 26.67 17.77 -74.16
N LYS X 133 26.78 18.17 -75.42
CA LYS X 133 27.15 17.29 -76.52
C LYS X 133 28.40 17.84 -77.17
N LEU X 134 29.49 17.09 -77.07
CA LEU X 134 30.75 17.43 -77.73
C LEU X 134 30.89 16.60 -78.98
N GLU X 135 31.23 17.25 -80.09
CA GLU X 135 31.45 16.61 -81.37
C GLU X 135 32.81 17.01 -81.90
N VAL X 136 33.51 16.04 -82.48
CA VAL X 136 34.81 16.25 -83.10
C VAL X 136 34.72 15.70 -84.51
N ASP X 137 35.00 16.55 -85.50
CA ASP X 137 35.03 16.14 -86.90
C ASP X 137 33.69 15.56 -87.32
N GLY X 138 32.61 16.15 -86.82
CA GLY X 138 31.27 15.72 -87.17
C GLY X 138 30.80 14.47 -86.47
N ARG X 139 31.61 13.89 -85.59
CA ARG X 139 31.27 12.66 -84.89
C ARG X 139 31.00 12.95 -83.43
N GLU X 140 29.98 12.29 -82.89
CA GLU X 140 29.68 12.39 -81.47
C GLU X 140 30.83 11.81 -80.67
N VAL X 141 31.42 12.65 -79.83
CA VAL X 141 32.32 12.18 -78.79
C VAL X 141 31.55 11.91 -77.50
N TYR X 142 30.92 12.96 -76.93
CA TYR X 142 30.07 12.79 -75.75
C TYR X 142 28.65 13.22 -76.00
N GLU X 143 27.77 12.80 -75.10
CA GLU X 143 26.52 13.48 -74.87
C GLU X 143 26.11 13.23 -73.44
N ILE X 144 26.14 14.27 -72.61
CA ILE X 144 25.49 14.22 -71.31
C ILE X 144 24.07 14.70 -71.51
N ASP X 145 23.14 14.06 -70.81
CA ASP X 145 21.85 14.67 -70.48
C ASP X 145 21.62 14.32 -69.01
N PRO X 146 21.90 15.25 -68.09
CA PRO X 146 21.83 14.86 -66.66
C PRO X 146 20.46 14.39 -66.23
N VAL X 147 19.43 15.15 -66.55
CA VAL X 147 18.10 14.93 -65.99
C VAL X 147 17.48 13.66 -66.56
N ASN X 148 17.86 13.27 -67.77
CA ASN X 148 17.41 12.02 -68.37
C ASN X 148 18.36 10.85 -68.11
N GLY X 149 19.55 11.11 -67.56
CA GLY X 149 20.46 10.04 -67.22
C GLY X 149 21.25 9.50 -68.40
N VAL X 150 21.76 10.38 -69.26
CA VAL X 150 22.55 10.00 -70.41
C VAL X 150 23.99 10.42 -70.14
N ARG X 151 24.92 9.49 -70.33
CA ARG X 151 26.35 9.77 -70.37
C ARG X 151 26.89 8.89 -71.49
N ALA X 152 26.88 9.42 -72.70
CA ALA X 152 27.20 8.64 -73.90
C ALA X 152 28.64 8.88 -74.28
N ILE X 153 29.33 7.81 -74.66
CA ILE X 153 30.66 7.85 -75.24
C ILE X 153 30.57 7.23 -76.62
N ASN X 154 30.82 8.02 -77.66
CA ASN X 154 30.76 7.57 -79.04
C ASN X 154 29.40 6.95 -79.37
N GLY X 155 28.35 7.45 -78.73
CA GLY X 155 27.02 6.91 -78.93
C GLY X 155 26.63 5.78 -77.99
N VAL X 156 27.51 5.40 -77.05
CA VAL X 156 27.26 4.31 -76.13
C VAL X 156 26.93 4.91 -74.77
N ASP X 157 25.66 4.87 -74.39
CA ASP X 157 25.23 5.34 -73.08
C ASP X 157 25.84 4.45 -72.00
N GLN X 158 26.81 4.98 -71.27
CA GLN X 158 27.43 4.23 -70.18
C GLN X 158 26.49 4.01 -69.01
N LEU X 159 25.40 4.78 -68.94
CA LEU X 159 24.48 4.73 -67.81
C LEU X 159 23.28 3.82 -68.06
N ALA X 160 23.32 3.00 -69.12
CA ALA X 160 22.18 2.13 -69.42
C ALA X 160 21.93 1.14 -68.30
N GLY X 161 23.00 0.65 -67.67
CA GLY X 161 22.84 -0.25 -66.54
C GLY X 161 22.16 0.42 -65.37
N MET X 162 22.53 1.67 -65.10
CA MET X 162 21.88 2.42 -64.02
C MET X 162 20.41 2.65 -64.34
N ARG X 163 20.10 2.97 -65.60
CA ARG X 163 18.71 3.21 -65.98
C ARG X 163 17.90 1.93 -65.86
N ASN X 164 18.49 0.79 -66.18
CA ASN X 164 17.80 -0.48 -65.97
C ASN X 164 17.60 -0.75 -64.49
N ASP X 165 18.61 -0.50 -63.67
CA ASP X 165 18.52 -0.77 -62.24
C ASP X 165 17.46 0.09 -61.58
N LEU X 166 17.39 1.36 -61.96
CA LEU X 166 16.44 2.29 -61.38
C LEU X 166 15.11 2.32 -62.10
N GLY X 167 14.98 1.63 -63.24
CA GLY X 167 13.75 1.66 -63.99
C GLY X 167 13.42 3.05 -64.48
N LEU X 168 14.32 3.61 -65.28
CA LEU X 168 14.29 5.02 -65.66
C LEU X 168 14.43 5.91 -64.44
N MET Y 2 -37.79 -56.83 22.83
CA MET Y 2 -36.46 -56.35 22.48
C MET Y 2 -36.49 -55.43 21.26
N ILE Y 3 -37.16 -54.30 21.39
CA ILE Y 3 -37.08 -53.26 20.37
C ILE Y 3 -37.53 -51.94 21.00
N PRO Y 4 -36.87 -50.81 20.75
CA PRO Y 4 -37.39 -49.54 21.26
C PRO Y 4 -38.75 -49.24 20.68
N GLN Y 5 -39.59 -48.62 21.50
CA GLN Y 5 -40.97 -48.36 21.12
C GLN Y 5 -41.60 -47.49 22.19
N THR Y 6 -42.49 -46.60 21.75
CA THR Y 6 -43.19 -45.74 22.69
C THR Y 6 -44.32 -45.03 21.96
N LEU Y 7 -45.02 -44.18 22.70
CA LEU Y 7 -46.11 -43.40 22.15
C LEU Y 7 -45.58 -42.28 21.29
N THR Y 8 -46.27 -42.03 20.19
CA THR Y 8 -45.97 -40.93 19.28
C THR Y 8 -47.15 -40.01 19.06
N ASN Y 9 -48.37 -40.52 19.13
CA ASN Y 9 -49.56 -39.72 18.86
C ASN Y 9 -50.77 -40.48 19.37
N THR Y 10 -51.85 -39.75 19.57
CA THR Y 10 -53.04 -40.29 20.22
C THR Y 10 -54.28 -39.74 19.54
N ASN Y 11 -55.44 -40.16 20.02
CA ASN Y 11 -56.73 -39.64 19.58
C ASN Y 11 -57.80 -40.19 20.50
N LEU Y 12 -58.93 -39.50 20.54
CA LEU Y 12 -60.06 -39.84 21.40
C LEU Y 12 -61.33 -39.86 20.59
N PHE Y 13 -62.14 -40.90 20.80
CA PHE Y 13 -63.49 -40.96 20.26
C PHE Y 13 -64.48 -41.02 21.41
N ILE Y 14 -65.55 -40.24 21.28
CA ILE Y 14 -66.70 -40.30 22.17
C ILE Y 14 -67.93 -40.24 21.30
N ASP Y 15 -68.78 -41.26 21.39
CA ASP Y 15 -70.03 -41.32 20.63
C ASP Y 15 -69.75 -41.21 19.13
N GLY Y 16 -68.63 -41.78 18.69
CA GLY Y 16 -68.23 -41.72 17.30
C GLY Y 16 -67.63 -40.40 16.87
N VAL Y 17 -67.67 -39.38 17.72
CA VAL Y 17 -67.11 -38.07 17.39
C VAL Y 17 -65.60 -38.13 17.61
N SER Y 18 -64.85 -37.69 16.62
CA SER Y 18 -63.39 -37.65 16.74
C SER Y 18 -62.97 -36.33 17.36
N PHE Y 19 -62.11 -36.42 18.37
CA PHE Y 19 -61.38 -35.29 18.91
C PHE Y 19 -59.94 -35.30 18.43
N ALA Y 20 -59.74 -35.65 17.17
CA ALA Y 20 -58.43 -35.53 16.57
C ALA Y 20 -58.13 -34.05 16.45
N GLY Y 21 -57.49 -33.49 17.47
CA GLY Y 21 -57.20 -32.08 17.51
C GLY Y 21 -57.27 -31.43 18.88
N ASP Y 22 -57.93 -32.05 19.86
CA ASP Y 22 -58.06 -31.45 21.19
C ASP Y 22 -57.98 -32.46 22.34
N VAL Y 23 -56.91 -33.26 22.40
CA VAL Y 23 -56.69 -34.15 23.55
C VAL Y 23 -55.25 -34.00 24.03
N PRO Y 24 -54.91 -32.89 24.68
CA PRO Y 24 -53.52 -32.72 25.15
C PRO Y 24 -53.03 -33.82 26.07
N SER Y 25 -53.84 -34.21 27.04
CA SER Y 25 -53.51 -35.27 27.97
C SER Y 25 -54.57 -36.35 27.86
N LEU Y 26 -54.12 -37.58 27.70
CA LEU Y 26 -54.99 -38.74 27.68
C LEU Y 26 -54.48 -39.73 28.72
N THR Y 27 -55.38 -40.28 29.52
CA THR Y 27 -55.03 -41.19 30.60
C THR Y 27 -55.90 -42.44 30.53
N LEU Y 28 -55.27 -43.55 30.39
CA LEU Y 28 -55.88 -44.85 30.52
C LEU Y 28 -56.09 -45.15 32.01
N PRO Y 29 -57.21 -45.75 32.42
CA PRO Y 29 -57.45 -45.91 33.86
C PRO Y 29 -56.43 -46.84 34.47
N LYS Y 30 -55.90 -46.41 35.61
CA LYS Y 30 -54.96 -47.23 36.35
C LYS Y 30 -55.64 -48.51 36.79
N LEU Y 31 -54.87 -49.60 36.75
CA LEU Y 31 -55.34 -50.90 37.14
C LEU Y 31 -54.55 -51.39 38.33
N ALA Y 32 -55.26 -51.89 39.32
CA ALA Y 32 -54.65 -52.41 40.52
C ALA Y 32 -55.57 -53.48 41.07
N VAL Y 33 -55.04 -54.24 42.01
CA VAL Y 33 -55.83 -55.19 42.78
C VAL Y 33 -55.83 -54.71 44.22
N LYS Y 34 -56.86 -55.11 44.95
CA LYS Y 34 -56.96 -54.77 46.36
C LYS Y 34 -56.10 -55.73 47.17
N THR Y 35 -54.79 -55.53 47.08
CA THR Y 35 -53.88 -56.39 47.83
C THR Y 35 -54.06 -56.14 49.31
N GLU Y 36 -54.38 -57.19 50.02
CA GLU Y 36 -54.39 -57.20 51.47
C GLU Y 36 -53.11 -57.88 51.93
N GLN Y 37 -52.19 -57.10 52.49
CA GLN Y 37 -50.96 -57.67 53.00
C GLN Y 37 -51.28 -58.67 54.08
N TYR Y 38 -50.99 -59.93 53.81
CA TYR Y 38 -51.44 -61.04 54.64
C TYR Y 38 -50.26 -61.70 55.31
N ARG Y 39 -50.27 -61.69 56.63
CA ARG Y 39 -49.31 -62.41 57.44
C ARG Y 39 -50.06 -63.28 58.44
N ALA Y 40 -49.63 -64.53 58.55
CA ALA Y 40 -50.25 -65.49 59.42
C ALA Y 40 -49.17 -66.18 60.23
N GLY Y 41 -49.58 -67.16 61.02
CA GLY Y 41 -48.61 -67.93 61.77
C GLY Y 41 -47.80 -68.83 60.88
N GLY Y 42 -46.54 -69.00 61.24
CA GLY Y 42 -45.66 -69.86 60.51
C GLY Y 42 -45.00 -69.22 59.32
N MET Y 43 -45.25 -67.93 59.08
CA MET Y 43 -44.62 -67.20 57.99
C MET Y 43 -44.12 -65.86 58.50
N ASP Y 44 -42.85 -65.57 58.22
CA ASP Y 44 -42.22 -64.34 58.71
C ASP Y 44 -42.74 -63.12 57.95
N ALA Y 45 -42.70 -63.16 56.62
CA ALA Y 45 -42.93 -62.00 55.79
C ALA Y 45 -44.34 -62.00 55.20
N PRO Y 46 -45.05 -60.87 55.19
CA PRO Y 46 -46.40 -60.87 54.64
C PRO Y 46 -46.42 -61.11 53.15
N VAL Y 47 -47.47 -61.77 52.69
CA VAL Y 47 -47.75 -62.00 51.28
C VAL Y 47 -49.04 -61.27 50.93
N SER Y 48 -49.02 -60.56 49.82
CA SER Y 48 -50.21 -59.91 49.31
C SER Y 48 -51.17 -60.93 48.73
N ILE Y 49 -52.48 -60.67 48.89
CA ILE Y 49 -53.53 -61.53 48.35
C ILE Y 49 -54.40 -60.71 47.42
N ASP Y 50 -54.74 -61.29 46.28
CA ASP Y 50 -55.64 -60.66 45.32
C ASP Y 50 -57.07 -60.81 45.81
N MET Y 51 -57.67 -59.70 46.26
CA MET Y 51 -59.04 -59.68 46.75
C MET Y 51 -59.96 -58.83 45.87
N GLY Y 52 -59.64 -58.74 44.58
CA GLY Y 52 -60.42 -57.98 43.63
C GLY Y 52 -59.70 -56.73 43.18
N LEU Y 53 -60.33 -56.03 42.25
CA LEU Y 53 -59.73 -54.85 41.65
C LEU Y 53 -60.10 -53.59 42.44
N GLU Y 54 -59.29 -52.56 42.23
CA GLU Y 54 -59.58 -51.23 42.75
C GLU Y 54 -60.57 -50.52 41.83
N ALA Y 55 -61.02 -49.36 42.27
CA ALA Y 55 -61.83 -48.53 41.41
C ALA Y 55 -61.00 -48.00 40.26
N MET Y 56 -61.57 -48.05 39.07
CA MET Y 56 -60.95 -47.50 37.88
C MET Y 56 -61.31 -46.02 37.77
N GLU Y 57 -60.42 -45.26 37.13
CA GLU Y 57 -60.71 -43.87 36.81
C GLU Y 57 -59.88 -43.47 35.62
N ALA Y 58 -60.54 -43.13 34.53
CA ALA Y 58 -59.89 -42.57 33.37
C ALA Y 58 -59.89 -41.04 33.46
N LYS Y 59 -59.07 -40.42 32.62
CA LYS Y 59 -59.02 -38.98 32.54
C LYS Y 59 -58.62 -38.57 31.13
N PHE Y 60 -59.16 -37.45 30.70
CA PHE Y 60 -58.80 -36.85 29.42
C PHE Y 60 -59.20 -35.39 29.48
N SER Y 61 -58.46 -34.56 28.75
CA SER Y 61 -58.61 -33.12 28.85
C SER Y 61 -58.80 -32.50 27.48
N THR Y 62 -59.45 -31.35 27.47
CA THR Y 62 -59.66 -30.54 26.28
C THR Y 62 -59.37 -29.09 26.64
N ASN Y 63 -58.99 -28.32 25.63
CA ASN Y 63 -58.71 -26.90 25.81
C ASN Y 63 -59.81 -26.00 25.26
N GLY Y 64 -60.77 -26.54 24.52
CA GLY Y 64 -61.89 -25.77 24.02
C GLY Y 64 -63.21 -26.29 24.54
N ALA Y 65 -64.25 -25.47 24.41
CA ALA Y 65 -65.58 -25.85 24.89
C ALA Y 65 -66.14 -26.88 23.92
N ARG Y 66 -65.69 -28.12 24.11
CA ARG Y 66 -66.12 -29.23 23.26
C ARG Y 66 -67.45 -29.70 23.80
N ARG Y 67 -68.52 -29.16 23.21
CA ARG Y 67 -69.87 -29.44 23.69
C ARG Y 67 -70.16 -30.94 23.70
N GLU Y 68 -69.58 -31.69 22.78
CA GLU Y 68 -69.54 -33.13 22.91
C GLU Y 68 -68.55 -33.48 24.02
N ALA Y 69 -69.02 -34.23 25.01
CA ALA Y 69 -68.33 -34.63 26.23
C ALA Y 69 -68.33 -33.53 27.29
N LEU Y 70 -68.88 -32.35 27.00
CA LEU Y 70 -69.39 -31.49 28.06
C LEU Y 70 -70.83 -31.83 28.40
N ASN Y 71 -71.56 -32.39 27.44
CA ASN Y 71 -72.97 -32.72 27.61
C ASN Y 71 -73.19 -34.15 28.10
N PHE Y 72 -72.15 -34.83 28.57
CA PHE Y 72 -72.27 -36.16 29.15
C PHE Y 72 -71.97 -36.20 30.64
N PHE Y 73 -71.84 -35.05 31.28
CA PHE Y 73 -71.66 -34.98 32.71
C PHE Y 73 -72.98 -35.17 33.43
N GLY Y 74 -72.94 -35.88 34.54
CA GLY Y 74 -74.06 -35.87 35.45
C GLY Y 74 -75.35 -36.39 34.86
N LEU Y 75 -75.26 -37.20 33.82
CA LEU Y 75 -76.44 -37.80 33.24
C LEU Y 75 -77.00 -38.84 34.20
N ALA Y 76 -78.32 -38.96 34.23
CA ALA Y 76 -78.94 -39.99 35.05
C ALA Y 76 -78.55 -41.36 34.57
N ASP Y 77 -78.43 -41.55 33.26
CA ASP Y 77 -78.07 -42.83 32.67
C ASP Y 77 -76.56 -42.99 32.75
N GLN Y 78 -76.10 -43.45 33.91
CA GLN Y 78 -74.72 -43.89 34.02
C GLN Y 78 -74.47 -45.01 33.02
N SER Y 79 -73.21 -45.13 32.60
CA SER Y 79 -72.72 -46.04 31.57
C SER Y 79 -73.17 -45.65 30.17
N ALA Y 80 -73.87 -44.52 30.00
CA ALA Y 80 -74.12 -43.97 28.68
C ALA Y 80 -72.91 -43.26 28.12
N PHE Y 81 -71.98 -42.83 28.98
CA PHE Y 81 -70.74 -42.26 28.50
C PHE Y 81 -69.84 -43.34 27.96
N ASN Y 82 -69.90 -43.58 26.66
CA ASN Y 82 -68.96 -44.49 26.02
C ASN Y 82 -67.64 -43.76 25.82
N GLY Y 83 -66.71 -44.38 25.11
CA GLY Y 83 -65.43 -43.78 24.88
C GLY Y 83 -64.40 -44.76 24.38
N VAL Y 84 -63.47 -44.27 23.56
CA VAL Y 84 -62.39 -45.07 23.02
C VAL Y 84 -61.11 -44.26 23.12
N PHE Y 85 -60.16 -44.76 23.90
CA PHE Y 85 -58.83 -44.19 23.99
C PHE Y 85 -57.92 -44.92 23.01
N ARG Y 86 -57.41 -44.20 22.02
CA ARG Y 86 -56.50 -44.74 21.03
C ARG Y 86 -55.10 -44.18 21.23
N GLY Y 87 -54.11 -45.01 20.97
CA GLY Y 87 -52.72 -44.62 21.05
C GLY Y 87 -51.88 -45.36 20.04
N SER Y 88 -51.06 -44.61 19.30
CA SER Y 88 -50.22 -45.17 18.24
C SER Y 88 -48.81 -45.35 18.77
N PHE Y 89 -48.45 -46.59 19.06
CA PHE Y 89 -47.11 -46.92 19.53
C PHE Y 89 -46.28 -47.34 18.33
N LYS Y 90 -45.28 -46.52 18.01
CA LYS Y 90 -44.35 -46.80 16.92
C LYS Y 90 -43.03 -47.30 17.51
N GLY Y 91 -42.53 -48.40 16.95
CA GLY Y 91 -41.25 -48.93 17.35
C GLY Y 91 -40.11 -48.09 16.81
N GLN Y 92 -38.90 -48.60 17.01
CA GLN Y 92 -37.76 -48.02 16.30
C GLN Y 92 -37.96 -48.18 14.80
N LYS Y 93 -38.08 -49.42 14.34
CA LYS Y 93 -38.31 -49.68 12.94
C LYS Y 93 -39.69 -49.17 12.52
N GLY Y 94 -39.93 -49.20 11.22
CA GLY Y 94 -41.16 -48.66 10.68
C GLY Y 94 -42.35 -49.56 10.90
N ALA Y 95 -42.80 -49.64 12.15
CA ALA Y 95 -43.96 -50.45 12.51
C ALA Y 95 -44.74 -49.70 13.57
N SER Y 96 -46.07 -49.83 13.51
CA SER Y 96 -46.97 -49.10 14.40
C SER Y 96 -47.91 -50.08 15.05
N VAL Y 97 -48.04 -49.98 16.37
CA VAL Y 97 -48.86 -50.87 17.19
C VAL Y 97 -50.04 -50.06 17.71
N PRO Y 98 -51.27 -50.33 17.27
CA PRO Y 98 -52.42 -49.63 17.84
C PRO Y 98 -52.79 -50.19 19.20
N VAL Y 99 -53.09 -49.28 20.12
CA VAL Y 99 -53.60 -49.62 21.44
C VAL Y 99 -54.94 -48.92 21.61
N VAL Y 100 -55.94 -49.69 22.02
CA VAL Y 100 -57.32 -49.24 22.10
C VAL Y 100 -57.86 -49.63 23.46
N ALA Y 101 -58.48 -48.68 24.14
CA ALA Y 101 -59.15 -48.92 25.41
C ALA Y 101 -60.58 -48.40 25.31
N THR Y 102 -61.48 -49.30 24.96
CA THR Y 102 -62.90 -48.98 25.03
C THR Y 102 -63.29 -48.77 26.48
N LEU Y 103 -63.97 -47.66 26.74
CA LEU Y 103 -64.48 -47.34 28.06
C LEU Y 103 -65.98 -47.14 28.00
N ARG Y 104 -66.60 -47.32 29.16
CA ARG Y 104 -68.02 -47.04 29.31
C ARG Y 104 -68.29 -46.86 30.79
N GLY Y 105 -68.83 -45.70 31.16
CA GLY Y 105 -69.04 -45.39 32.55
C GLY Y 105 -69.71 -44.06 32.76
N LEU Y 106 -69.16 -43.28 33.69
CA LEU Y 106 -69.72 -41.99 34.09
C LEU Y 106 -68.68 -40.91 33.88
N LEU Y 107 -69.08 -39.82 33.24
CA LEU Y 107 -68.22 -38.64 33.25
C LEU Y 107 -68.30 -38.04 34.64
N LYS Y 108 -67.35 -38.42 35.49
CA LYS Y 108 -67.46 -38.13 36.92
C LYS Y 108 -67.35 -36.64 37.21
N GLU Y 109 -66.47 -35.95 36.51
CA GLU Y 109 -65.99 -34.65 36.95
C GLU Y 109 -65.64 -33.79 35.75
N VAL Y 110 -65.89 -32.50 35.90
CA VAL Y 110 -65.50 -31.48 34.92
C VAL Y 110 -64.86 -30.35 35.71
N ASP Y 111 -63.59 -30.07 35.42
CA ASP Y 111 -62.77 -29.17 36.22
C ASP Y 111 -62.07 -28.19 35.30
N PRO Y 112 -62.76 -27.12 34.89
CA PRO Y 112 -62.11 -26.07 34.12
C PRO Y 112 -61.01 -25.40 34.93
N GLY Y 113 -59.80 -25.43 34.38
CA GLY Y 113 -58.68 -24.83 35.05
C GLY Y 113 -58.80 -23.32 35.11
N ASP Y 114 -57.75 -22.71 35.63
CA ASP Y 114 -57.72 -21.27 35.77
C ASP Y 114 -57.63 -20.61 34.41
N TRP Y 115 -58.60 -19.76 34.10
CA TRP Y 115 -58.59 -18.96 32.88
C TRP Y 115 -57.75 -17.72 33.13
N LYS Y 116 -56.54 -17.69 32.56
CA LYS Y 116 -55.54 -16.68 32.87
C LYS Y 116 -55.36 -15.64 31.77
N ALA Y 117 -56.26 -15.59 30.78
CA ALA Y 117 -56.27 -14.52 29.79
C ALA Y 117 -54.96 -14.49 28.98
N GLY Y 118 -54.78 -15.54 28.20
CA GLY Y 118 -53.57 -15.72 27.40
C GLY Y 118 -52.87 -17.02 27.72
N GLU Y 119 -53.63 -17.99 28.26
CA GLU Y 119 -53.12 -19.30 28.57
C GLU Y 119 -54.21 -20.31 28.25
N LYS Y 120 -53.80 -21.56 28.01
CA LYS Y 120 -54.74 -22.58 27.62
C LYS Y 120 -55.79 -22.80 28.70
N ALA Y 121 -56.99 -23.17 28.27
CA ALA Y 121 -58.09 -23.36 29.20
C ALA Y 121 -57.87 -24.62 30.03
N GLU Y 122 -57.60 -25.74 29.35
CA GLU Y 122 -57.26 -27.00 30.00
C GLU Y 122 -58.42 -27.49 30.89
N PHE Y 123 -59.52 -27.81 30.24
CA PHE Y 123 -60.60 -28.52 30.91
C PHE Y 123 -60.14 -29.91 31.28
N LYS Y 124 -60.11 -30.20 32.57
CA LYS Y 124 -59.83 -31.53 33.07
C LYS Y 124 -61.14 -32.26 33.30
N TYR Y 125 -61.23 -33.48 32.79
CA TYR Y 125 -62.33 -34.37 33.07
C TYR Y 125 -61.82 -35.58 33.82
N ALA Y 126 -62.73 -36.27 34.48
CA ALA Y 126 -62.48 -37.58 35.03
C ALA Y 126 -63.68 -38.46 34.76
N VAL Y 127 -63.41 -39.73 34.51
CA VAL Y 127 -64.43 -40.71 34.17
C VAL Y 127 -64.36 -41.83 35.20
N ALA Y 128 -65.51 -42.19 35.75
CA ALA Y 128 -65.63 -43.38 36.57
C ALA Y 128 -66.06 -44.54 35.68
N VAL Y 129 -65.19 -45.52 35.54
CA VAL Y 129 -65.33 -46.54 34.51
C VAL Y 129 -66.16 -47.69 35.04
N SER Y 130 -67.14 -48.12 34.26
CA SER Y 130 -67.93 -49.31 34.52
C SER Y 130 -67.69 -50.41 33.49
N TYR Y 131 -66.75 -50.22 32.58
CA TYR Y 131 -66.38 -51.26 31.63
C TYR Y 131 -65.07 -50.87 30.99
N TYR Y 132 -64.17 -51.84 30.86
CA TYR Y 132 -62.81 -51.59 30.40
C TYR Y 132 -62.35 -52.75 29.55
N LYS Y 133 -62.17 -52.49 28.26
CA LYS Y 133 -61.56 -53.45 27.34
C LYS Y 133 -60.34 -52.80 26.71
N LEU Y 134 -59.16 -53.34 27.02
CA LEU Y 134 -57.91 -52.89 26.43
C LEU Y 134 -57.51 -53.86 25.32
N GLU Y 135 -57.16 -53.31 24.17
CA GLU Y 135 -56.72 -54.08 23.03
C GLU Y 135 -55.38 -53.54 22.55
N VAL Y 136 -54.48 -54.44 22.18
CA VAL Y 136 -53.17 -54.11 21.65
C VAL Y 136 -53.03 -54.85 20.33
N ASP Y 137 -52.77 -54.10 19.26
CA ASP Y 137 -52.53 -54.69 17.95
C ASP Y 137 -53.72 -55.54 17.49
N GLY Y 138 -54.92 -55.05 17.81
CA GLY Y 138 -56.14 -55.72 17.42
C GLY Y 138 -56.49 -56.94 18.25
N ARG Y 139 -55.71 -57.26 19.27
CA ARG Y 139 -55.92 -58.43 20.12
C ARG Y 139 -56.39 -58.00 21.49
N GLU Y 140 -57.37 -58.73 22.03
CA GLU Y 140 -57.83 -58.49 23.39
C GLU Y 140 -56.70 -58.77 24.36
N VAL Y 141 -56.32 -57.75 25.12
CA VAL Y 141 -55.48 -57.92 26.28
C VAL Y 141 -56.34 -58.14 27.53
N TYR Y 142 -57.17 -57.15 27.88
CA TYR Y 142 -58.10 -57.29 29.00
C TYR Y 142 -59.54 -57.13 28.57
N GLU Y 143 -60.44 -57.56 29.45
CA GLU Y 143 -61.79 -57.06 29.47
C GLU Y 143 -62.32 -57.18 30.88
N ILE Y 144 -62.53 -56.05 31.55
CA ILE Y 144 -63.29 -56.03 32.78
C ILE Y 144 -64.75 -55.81 32.39
N ASP Y 145 -65.65 -56.50 33.09
CA ASP Y 145 -67.03 -56.07 33.21
C ASP Y 145 -67.37 -56.25 34.69
N PRO Y 146 -67.33 -55.18 35.50
CA PRO Y 146 -67.48 -55.38 36.95
C PRO Y 146 -68.81 -56.00 37.33
N VAL Y 147 -69.90 -55.45 36.82
CA VAL Y 147 -71.23 -55.82 37.28
C VAL Y 147 -71.59 -57.23 36.86
N ASN Y 148 -71.03 -57.72 35.75
CA ASN Y 148 -71.24 -59.08 35.31
C ASN Y 148 -70.16 -60.04 35.82
N GLY Y 149 -69.09 -59.53 36.42
CA GLY Y 149 -68.08 -60.39 36.98
C GLY Y 149 -67.09 -60.94 35.98
N VAL Y 150 -66.63 -60.11 35.04
CA VAL Y 150 -65.67 -60.51 34.03
C VAL Y 150 -64.34 -59.84 34.37
N ARG Y 151 -63.28 -60.63 34.39
CA ARG Y 151 -61.90 -60.12 34.43
C ARG Y 151 -61.13 -61.04 33.50
N ALA Y 152 -61.08 -60.69 32.22
CA ALA Y 152 -60.52 -61.55 31.19
C ALA Y 152 -59.10 -61.14 30.90
N ILE Y 153 -58.23 -62.14 30.74
CA ILE Y 153 -56.87 -61.95 30.28
C ILE Y 153 -56.72 -62.76 28.99
N ASN Y 154 -56.48 -62.08 27.88
CA ASN Y 154 -56.32 -62.71 26.59
C ASN Y 154 -57.52 -63.58 26.24
N GLY Y 155 -58.71 -63.18 26.69
CA GLY Y 155 -59.91 -63.94 26.48
C GLY Y 155 -60.22 -64.98 27.54
N VAL Y 156 -59.42 -65.09 28.58
CA VAL Y 156 -59.59 -66.07 29.64
C VAL Y 156 -60.15 -65.36 30.86
N ASP Y 157 -61.43 -65.56 31.13
CA ASP Y 157 -62.06 -64.99 32.32
C ASP Y 157 -61.46 -65.63 33.56
N GLN Y 158 -60.65 -64.85 34.29
CA GLN Y 158 -60.04 -65.34 35.52
C GLN Y 158 -61.07 -65.55 36.63
N LEU Y 159 -62.26 -64.96 36.50
CA LEU Y 159 -63.28 -65.01 37.53
C LEU Y 159 -64.29 -66.13 37.32
N ALA Y 160 -64.03 -67.06 36.40
CA ALA Y 160 -64.99 -68.13 36.14
C ALA Y 160 -65.20 -68.99 37.37
N GLY Y 161 -64.15 -69.21 38.16
CA GLY Y 161 -64.30 -69.98 39.38
C GLY Y 161 -65.19 -69.28 40.37
N MET Y 162 -65.05 -67.96 40.50
CA MET Y 162 -65.90 -67.18 41.37
C MET Y 162 -67.35 -67.24 40.92
N ARG Y 163 -67.56 -67.14 39.60
CA ARG Y 163 -68.92 -67.18 39.07
C ARG Y 163 -69.56 -68.54 39.31
N ASN Y 164 -68.77 -69.60 39.21
CA ASN Y 164 -69.28 -70.94 39.55
C ASN Y 164 -69.60 -71.04 41.03
N ASP Y 165 -68.73 -70.52 41.88
CA ASP Y 165 -68.93 -70.62 43.32
C ASP Y 165 -70.17 -69.85 43.76
N LEU Y 166 -70.38 -68.66 43.19
CA LEU Y 166 -71.52 -67.83 43.54
C LEU Y 166 -72.75 -68.12 42.71
N GLY Y 167 -72.66 -68.96 41.69
CA GLY Y 167 -73.79 -69.23 40.84
C GLY Y 167 -74.26 -67.99 40.12
N LEU Y 168 -73.38 -67.39 39.34
CA LEU Y 168 -73.58 -66.07 38.73
C LEU Y 168 -73.70 -65.03 39.83
N MET Z 2 -62.62 -31.66 15.98
CA MET Z 2 -61.42 -31.75 15.15
C MET Z 2 -60.99 -30.38 14.64
N ILE Z 3 -60.62 -29.49 15.56
CA ILE Z 3 -59.99 -28.24 15.17
C ILE Z 3 -59.26 -27.69 16.40
N PRO Z 4 -58.05 -27.15 16.27
CA PRO Z 4 -57.43 -26.51 17.44
C PRO Z 4 -58.23 -25.32 17.91
N GLN Z 5 -58.25 -25.12 19.23
CA GLN Z 5 -59.07 -24.10 19.84
C GLN Z 5 -58.71 -24.01 21.31
N THR Z 6 -58.77 -22.80 21.84
CA THR Z 6 -58.49 -22.60 23.26
C THR Z 6 -58.88 -21.19 23.65
N LEU Z 7 -58.64 -20.86 24.92
CA LEU Z 7 -58.93 -19.54 25.43
C LEU Z 7 -57.90 -18.54 24.94
N THR Z 8 -58.37 -17.34 24.64
CA THR Z 8 -57.54 -16.23 24.23
C THR Z 8 -57.72 -15.00 25.10
N ASN Z 9 -58.91 -14.80 25.65
CA ASN Z 9 -59.21 -13.62 26.43
C ASN Z 9 -60.49 -13.86 27.20
N THR Z 10 -60.68 -13.08 28.25
CA THR Z 10 -61.78 -13.29 29.19
C THR Z 10 -62.35 -11.94 29.62
N ASN Z 11 -63.37 -12.00 30.46
CA ASN Z 11 -63.96 -10.81 31.07
C ASN Z 11 -64.94 -11.27 32.14
N LEU Z 12 -65.21 -10.37 33.08
CA LEU Z 12 -66.09 -10.64 34.22
C LEU Z 12 -67.12 -9.54 34.34
N PHE Z 13 -68.38 -9.92 34.55
CA PHE Z 13 -69.42 -8.99 34.91
C PHE Z 13 -69.97 -9.35 36.28
N ILE Z 14 -70.18 -8.32 37.09
CA ILE Z 14 -70.85 -8.44 38.37
C ILE Z 14 -71.81 -7.25 38.46
N ASP Z 15 -73.10 -7.53 38.62
CA ASP Z 15 -74.12 -6.49 38.75
C ASP Z 15 -74.08 -5.54 37.55
N GLY Z 16 -73.79 -6.09 36.37
CA GLY Z 16 -73.69 -5.31 35.16
C GLY Z 16 -72.41 -4.51 35.02
N VAL Z 17 -71.58 -4.46 36.05
CA VAL Z 17 -70.32 -3.73 36.00
C VAL Z 17 -69.30 -4.59 35.28
N SER Z 18 -68.62 -4.01 34.30
CA SER Z 18 -67.58 -4.71 33.58
C SER Z 18 -66.25 -4.56 34.30
N PHE Z 19 -65.57 -5.67 34.51
CA PHE Z 19 -64.18 -5.70 34.93
C PHE Z 19 -63.27 -6.04 33.75
N ALA Z 20 -63.58 -5.48 32.59
CA ALA Z 20 -62.69 -5.61 31.46
C ALA Z 20 -61.46 -4.79 31.77
N GLY Z 21 -60.46 -5.43 32.37
CA GLY Z 21 -59.25 -4.75 32.78
C GLY Z 21 -58.62 -5.25 34.07
N ASP Z 22 -59.35 -5.98 34.91
CA ASP Z 22 -58.80 -6.48 36.18
C ASP Z 22 -59.29 -7.87 36.57
N VAL Z 23 -59.11 -8.85 35.70
CA VAL Z 23 -59.40 -10.25 36.07
C VAL Z 23 -58.24 -11.15 35.64
N PRO Z 24 -57.11 -11.09 36.35
CA PRO Z 24 -55.96 -11.92 35.97
C PRO Z 24 -56.25 -13.41 35.93
N SER Z 25 -56.93 -13.92 36.94
CA SER Z 25 -57.31 -15.32 37.02
C SER Z 25 -58.82 -15.41 37.12
N LEU Z 26 -59.42 -16.22 36.27
CA LEU Z 26 -60.83 -16.49 36.31
C LEU Z 26 -61.02 -18.00 36.38
N THR Z 27 -61.90 -18.46 37.26
CA THR Z 27 -62.13 -19.87 37.49
C THR Z 27 -63.62 -20.17 37.45
N LEU Z 28 -64.00 -21.02 36.56
CA LEU Z 28 -65.33 -21.59 36.50
C LEU Z 28 -65.45 -22.68 37.57
N PRO Z 29 -66.58 -22.79 38.28
CA PRO Z 29 -66.63 -23.74 39.39
C PRO Z 29 -66.48 -25.17 38.90
N LYS Z 30 -65.63 -25.92 39.59
CA LYS Z 30 -65.45 -27.31 39.27
C LYS Z 30 -66.76 -28.07 39.47
N LEU Z 31 -67.00 -29.02 38.59
CA LEU Z 31 -68.19 -29.83 38.63
C LEU Z 31 -67.80 -31.29 38.85
N ALA Z 32 -68.49 -31.92 39.79
CA ALA Z 32 -68.24 -33.30 40.11
C ALA Z 32 -69.56 -33.89 40.60
N VAL Z 33 -69.59 -35.21 40.69
CA VAL Z 33 -70.67 -35.92 41.33
C VAL Z 33 -70.11 -36.61 42.56
N LYS Z 34 -70.98 -36.87 43.53
CA LYS Z 34 -70.58 -37.56 44.74
C LYS Z 34 -70.54 -39.06 44.46
N THR Z 35 -69.51 -39.48 43.72
CA THR Z 35 -69.38 -40.90 43.41
C THR Z 35 -69.09 -41.66 44.69
N GLU Z 36 -69.94 -42.61 44.98
CA GLU Z 36 -69.72 -43.57 46.03
C GLU Z 36 -69.26 -44.86 45.38
N GLN Z 37 -67.98 -45.20 45.55
CA GLN Z 37 -67.45 -46.43 45.01
C GLN Z 37 -68.21 -47.60 45.58
N TYR Z 38 -68.95 -48.29 44.73
CA TYR Z 38 -69.92 -49.29 45.16
C TYR Z 38 -69.46 -50.67 44.71
N ARG Z 39 -69.25 -51.55 45.68
CA ARG Z 39 -68.97 -52.95 45.44
C ARG Z 39 -69.95 -53.78 46.26
N ALA Z 40 -70.53 -54.78 45.61
CA ALA Z 40 -71.49 -55.66 46.22
C ALA Z 40 -71.10 -57.10 45.92
N GLY Z 41 -71.96 -58.02 46.34
CA GLY Z 41 -71.72 -59.41 46.04
C GLY Z 41 -71.95 -59.70 44.58
N GLY Z 42 -71.15 -60.62 44.06
CA GLY Z 42 -71.27 -61.04 42.68
C GLY Z 42 -70.55 -60.15 41.71
N MET Z 43 -69.85 -59.12 42.17
CA MET Z 43 -69.06 -58.25 41.32
C MET Z 43 -67.69 -58.03 41.92
N ASP Z 44 -66.65 -58.24 41.10
CA ASP Z 44 -65.28 -58.13 41.58
C ASP Z 44 -64.88 -56.67 41.79
N ALA Z 45 -65.10 -55.83 40.79
CA ALA Z 45 -64.56 -54.48 40.78
C ALA Z 45 -65.62 -53.45 41.15
N PRO Z 46 -65.31 -52.46 41.99
CA PRO Z 46 -66.33 -51.48 42.36
C PRO Z 46 -66.76 -50.60 41.19
N VAL Z 47 -68.02 -50.22 41.20
CA VAL Z 47 -68.59 -49.28 40.24
C VAL Z 47 -69.02 -48.03 41.01
N SER Z 48 -68.68 -46.88 40.48
CA SER Z 48 -69.12 -45.61 41.04
C SER Z 48 -70.60 -45.38 40.77
N ILE Z 49 -71.28 -44.75 41.72
CA ILE Z 49 -72.70 -44.42 41.60
C ILE Z 49 -72.86 -42.92 41.74
N ASP Z 50 -73.69 -42.35 40.88
CA ASP Z 50 -74.01 -40.93 40.94
C ASP Z 50 -75.03 -40.69 42.05
N MET Z 51 -74.59 -40.07 43.15
CA MET Z 51 -75.43 -39.77 44.30
C MET Z 51 -75.60 -38.27 44.50
N GLY Z 52 -75.51 -37.50 43.43
CA GLY Z 52 -75.67 -36.05 43.48
C GLY Z 52 -74.35 -35.35 43.22
N LEU Z 53 -74.43 -34.03 43.18
CA LEU Z 53 -73.28 -33.20 42.87
C LEU Z 53 -72.52 -32.82 44.13
N GLU Z 54 -71.26 -32.44 43.93
CA GLU Z 54 -70.44 -31.88 44.98
C GLU Z 54 -70.77 -30.40 45.15
N ALA Z 55 -70.19 -29.80 46.18
CA ALA Z 55 -70.28 -28.37 46.34
C ALA Z 55 -69.53 -27.66 45.24
N MET Z 56 -70.14 -26.63 44.68
CA MET Z 56 -69.51 -25.79 43.69
C MET Z 56 -68.73 -24.69 44.38
N GLU Z 57 -67.68 -24.22 43.71
CA GLU Z 57 -66.96 -23.05 44.18
C GLU Z 57 -66.28 -22.40 42.99
N ALA Z 58 -66.67 -21.16 42.72
CA ALA Z 58 -66.00 -20.35 41.74
C ALA Z 58 -64.91 -19.51 42.39
N LYS Z 59 -64.04 -18.95 41.55
CA LYS Z 59 -62.99 -18.08 42.03
C LYS Z 59 -62.66 -17.08 40.93
N PHE Z 60 -62.30 -15.87 41.37
CA PHE Z 60 -61.83 -14.83 40.46
C PHE Z 60 -61.06 -13.83 41.30
N SER Z 61 -60.08 -13.18 40.68
CA SER Z 61 -59.15 -12.33 41.39
C SER Z 61 -59.06 -10.97 40.75
N THR Z 62 -58.69 -9.99 41.57
CA THR Z 62 -58.45 -8.62 41.13
C THR Z 62 -57.17 -8.14 41.79
N ASN Z 63 -56.52 -7.18 41.15
CA ASN Z 63 -55.29 -6.59 41.66
C ASN Z 63 -55.49 -5.20 42.25
N GLY Z 64 -56.65 -4.59 42.04
CA GLY Z 64 -56.96 -3.29 42.62
C GLY Z 64 -58.14 -3.35 43.54
N ALA Z 65 -58.30 -2.32 44.36
CA ALA Z 65 -59.41 -2.25 45.31
C ALA Z 65 -60.68 -1.97 44.53
N ARG Z 66 -61.22 -3.02 43.93
CA ARG Z 66 -62.43 -2.90 43.14
C ARG Z 66 -63.59 -2.94 44.09
N ARG Z 67 -64.04 -1.75 44.49
CA ARG Z 67 -65.09 -1.62 45.49
C ARG Z 67 -66.36 -2.38 45.09
N GLU Z 68 -66.63 -2.47 43.80
CA GLU Z 68 -67.61 -3.43 43.31
C GLU Z 68 -67.00 -4.82 43.40
N ALA Z 69 -67.71 -5.71 44.10
CA ALA Z 69 -67.32 -7.09 44.45
C ALA Z 69 -66.36 -7.13 45.64
N LEU Z 70 -65.95 -6.00 46.20
CA LEU Z 70 -65.52 -5.98 47.59
C LEU Z 70 -66.70 -5.75 48.52
N ASN Z 71 -67.75 -5.11 48.03
CA ASN Z 71 -68.92 -4.78 48.82
C ASN Z 71 -70.01 -5.85 48.75
N PHE Z 72 -69.70 -7.04 48.23
CA PHE Z 72 -70.64 -8.16 48.20
C PHE Z 72 -70.22 -9.31 49.11
N PHE Z 73 -69.21 -9.12 49.94
CA PHE Z 73 -68.81 -10.12 50.90
C PHE Z 73 -69.74 -10.11 52.10
N GLY Z 74 -70.04 -11.30 52.60
CA GLY Z 74 -70.66 -11.40 53.90
C GLY Z 74 -72.01 -10.72 54.00
N LEU Z 75 -72.69 -10.55 52.88
CA LEU Z 75 -74.01 -9.98 52.91
C LEU Z 75 -74.98 -10.98 53.52
N ALA Z 76 -75.97 -10.47 54.24
CA ALA Z 76 -76.99 -11.34 54.80
C ALA Z 76 -77.78 -12.02 53.69
N ASP Z 77 -78.03 -11.29 52.60
CA ASP Z 77 -78.79 -11.81 51.48
C ASP Z 77 -77.86 -12.64 50.60
N GLN Z 78 -77.68 -13.90 51.00
CA GLN Z 78 -77.03 -14.86 50.13
C GLN Z 78 -77.81 -14.96 48.83
N SER Z 79 -77.10 -15.31 47.76
CA SER Z 79 -77.57 -15.38 46.38
C SER Z 79 -77.82 -14.01 45.77
N ALA Z 80 -77.53 -12.92 46.49
CA ALA Z 80 -77.53 -11.60 45.88
C ALA Z 80 -76.27 -11.35 45.07
N PHE Z 81 -75.20 -12.09 45.32
CA PHE Z 81 -74.02 -12.00 44.50
C PHE Z 81 -74.25 -12.68 43.17
N ASN Z 82 -74.67 -11.92 42.17
CA ASN Z 82 -74.77 -12.46 40.82
C ASN Z 82 -73.38 -12.49 40.20
N GLY Z 83 -73.30 -12.80 38.92
CA GLY Z 83 -72.02 -12.87 38.26
C GLY Z 83 -72.09 -13.57 36.92
N VAL Z 84 -71.23 -13.16 36.00
CA VAL Z 84 -71.15 -13.75 34.67
C VAL Z 84 -69.67 -13.93 34.34
N PHE Z 85 -69.26 -15.17 34.17
CA PHE Z 85 -67.92 -15.50 33.69
C PHE Z 85 -67.97 -15.68 32.18
N ARG Z 86 -67.27 -14.81 31.46
CA ARG Z 86 -67.19 -14.89 30.01
C ARG Z 86 -65.79 -15.32 29.58
N GLY Z 87 -65.74 -16.09 28.50
CA GLY Z 87 -64.49 -16.54 27.93
C GLY Z 87 -64.61 -16.67 26.43
N SER Z 88 -63.64 -16.11 25.71
CA SER Z 88 -63.62 -16.10 24.25
C SER Z 88 -62.69 -17.21 23.77
N PHE Z 89 -63.28 -18.30 23.28
CA PHE Z 89 -62.52 -19.42 22.73
C PHE Z 89 -62.43 -19.23 21.23
N LYS Z 90 -61.22 -18.98 20.74
CA LYS Z 90 -60.95 -18.84 19.32
C LYS Z 90 -60.31 -20.12 18.80
N GLY Z 91 -60.83 -20.62 17.68
CA GLY Z 91 -60.27 -21.78 17.04
C GLY Z 91 -58.98 -21.44 16.32
N GLN Z 92 -58.47 -22.41 15.58
CA GLN Z 92 -57.39 -22.12 14.64
C GLN Z 92 -57.87 -21.12 13.61
N LYS Z 93 -58.91 -21.48 12.86
CA LYS Z 93 -59.49 -20.59 11.87
C LYS Z 93 -60.13 -19.39 12.56
N GLY Z 94 -60.53 -18.42 11.75
CA GLY Z 94 -61.08 -17.19 12.25
C GLY Z 94 -62.49 -17.33 12.74
N ALA Z 95 -62.67 -18.01 13.87
CA ALA Z 95 -63.97 -18.20 14.49
C ALA Z 95 -63.81 -18.13 15.99
N SER Z 96 -64.82 -17.56 16.65
CA SER Z 96 -64.79 -17.31 18.09
C SER Z 96 -66.03 -17.90 18.71
N VAL Z 97 -65.83 -18.67 19.79
CA VAL Z 97 -66.89 -19.37 20.50
C VAL Z 97 -67.05 -18.70 21.86
N PRO Z 98 -68.16 -18.01 22.14
CA PRO Z 98 -68.36 -17.47 23.47
C PRO Z 98 -68.79 -18.55 24.45
N VAL Z 99 -68.20 -18.49 25.65
CA VAL Z 99 -68.58 -19.35 26.77
C VAL Z 99 -68.98 -18.44 27.92
N VAL Z 100 -70.15 -18.72 28.49
CA VAL Z 100 -70.76 -17.88 29.51
C VAL Z 100 -71.21 -18.78 30.65
N ALA Z 101 -70.84 -18.40 31.87
CA ALA Z 101 -71.27 -19.08 33.07
C ALA Z 101 -71.90 -18.07 34.01
N THR Z 102 -73.21 -17.95 33.93
CA THR Z 102 -73.94 -17.17 34.91
C THR Z 102 -73.84 -17.84 36.27
N LEU Z 103 -73.47 -17.05 37.27
CA LEU Z 103 -73.39 -17.51 38.64
C LEU Z 103 -74.29 -16.69 39.53
N ARG Z 104 -74.65 -17.28 40.66
CA ARG Z 104 -75.41 -16.58 41.68
C ARG Z 104 -75.22 -17.35 42.98
N GLY Z 105 -74.72 -16.67 43.99
CA GLY Z 105 -74.43 -17.33 45.24
C GLY Z 105 -73.90 -16.38 46.29
N LEU Z 106 -72.83 -16.79 46.96
CA LEU Z 106 -72.24 -16.06 48.06
C LEU Z 106 -70.79 -15.74 47.74
N LEU Z 107 -70.38 -14.49 47.93
CA LEU Z 107 -68.96 -14.20 47.90
C LEU Z 107 -68.37 -14.74 49.19
N LYS Z 108 -67.85 -15.96 49.13
CA LYS Z 108 -67.49 -16.70 50.33
C LYS Z 108 -66.32 -16.06 51.05
N GLU Z 109 -65.33 -15.58 50.32
CA GLU Z 109 -64.01 -15.33 50.87
C GLU Z 109 -63.35 -14.18 50.13
N VAL Z 110 -62.58 -13.41 50.89
CA VAL Z 110 -61.75 -12.34 50.35
C VAL Z 110 -60.39 -12.49 51.00
N ASP Z 111 -59.36 -12.69 50.17
CA ASP Z 111 -58.02 -13.08 50.64
C ASP Z 111 -57.00 -12.19 49.96
N PRO Z 112 -56.78 -10.98 50.47
CA PRO Z 112 -55.72 -10.13 49.95
C PRO Z 112 -54.36 -10.78 50.16
N GLY Z 113 -53.64 -10.98 49.07
CA GLY Z 113 -52.34 -11.58 49.15
C GLY Z 113 -51.34 -10.68 49.85
N ASP Z 114 -50.10 -11.14 49.87
CA ASP Z 114 -49.03 -10.41 50.52
C ASP Z 114 -48.72 -9.14 49.72
N TRP Z 115 -48.83 -8.00 50.39
CA TRP Z 115 -48.46 -6.72 49.80
C TRP Z 115 -46.95 -6.54 49.99
N LYS Z 116 -46.20 -6.69 48.89
CA LYS Z 116 -44.75 -6.74 48.95
C LYS Z 116 -44.06 -5.47 48.45
N ALA Z 117 -44.80 -4.39 48.26
CA ALA Z 117 -44.20 -3.08 47.97
C ALA Z 117 -43.41 -3.11 46.66
N GLY Z 118 -44.15 -3.29 45.57
CA GLY Z 118 -43.58 -3.41 44.24
C GLY Z 118 -43.97 -4.70 43.57
N GLU Z 119 -45.09 -5.28 44.02
CA GLU Z 119 -45.63 -6.49 43.44
C GLU Z 119 -47.14 -6.39 43.44
N LYS Z 120 -47.77 -7.14 42.55
CA LYS Z 120 -49.21 -7.06 42.40
C LYS Z 120 -49.91 -7.44 43.70
N ALA Z 121 -51.07 -6.82 43.92
CA ALA Z 121 -51.82 -7.07 45.14
C ALA Z 121 -52.43 -8.46 45.13
N GLU Z 122 -53.14 -8.79 44.05
CA GLU Z 122 -53.71 -10.12 43.84
C GLU Z 122 -54.70 -10.49 44.95
N PHE Z 123 -55.79 -9.73 44.98
CA PHE Z 123 -56.92 -10.10 45.82
C PHE Z 123 -57.53 -11.39 45.28
N LYS Z 124 -57.51 -12.44 46.09
CA LYS Z 124 -58.19 -13.68 45.76
C LYS Z 124 -59.56 -13.67 46.40
N TYR Z 125 -60.57 -14.01 45.61
CA TYR Z 125 -61.92 -14.21 46.08
C TYR Z 125 -62.30 -15.67 45.87
N ALA Z 126 -63.32 -16.09 46.60
CA ALA Z 126 -63.98 -17.36 46.35
C ALA Z 126 -65.48 -17.15 46.49
N VAL Z 127 -66.23 -17.85 45.65
CA VAL Z 127 -67.68 -17.74 45.61
C VAL Z 127 -68.26 -19.12 45.89
N ALA Z 128 -69.22 -19.17 46.80
CA ALA Z 128 -70.02 -20.37 47.00
C ALA Z 128 -71.27 -20.26 46.16
N VAL Z 129 -71.40 -21.14 45.18
CA VAL Z 129 -72.38 -20.99 44.11
C VAL Z 129 -73.68 -21.65 44.52
N SER Z 130 -74.78 -20.92 44.34
CA SER Z 130 -76.13 -21.45 44.52
C SER Z 130 -76.91 -21.51 43.21
N TYR Z 131 -76.27 -21.23 42.08
CA TYR Z 131 -76.91 -21.37 40.78
C TYR Z 131 -75.83 -21.30 39.72
N TYR Z 132 -75.92 -22.18 38.74
CA TYR Z 132 -74.88 -22.34 37.74
C TYR Z 132 -75.52 -22.67 36.40
N LYS Z 133 -75.43 -21.74 35.46
CA LYS Z 133 -75.84 -21.95 34.07
C LYS Z 133 -74.63 -21.71 33.19
N LEU Z 134 -74.16 -22.76 32.53
CA LEU Z 134 -73.08 -22.66 31.56
C LEU Z 134 -73.66 -22.67 30.16
N GLU Z 135 -73.21 -21.73 29.34
CA GLU Z 135 -73.64 -21.63 27.96
C GLU Z 135 -72.41 -21.58 27.06
N VAL Z 136 -72.50 -22.28 25.93
CA VAL Z 136 -71.44 -22.32 24.93
C VAL Z 136 -72.08 -21.94 23.60
N ASP Z 137 -71.55 -20.89 22.97
CA ASP Z 137 -72.00 -20.46 21.66
C ASP Z 137 -73.49 -20.12 21.68
N GLY Z 138 -73.93 -19.51 22.77
CA GLY Z 138 -75.30 -19.09 22.92
C GLY Z 138 -76.27 -20.20 23.25
N ARG Z 139 -75.80 -21.44 23.42
CA ARG Z 139 -76.65 -22.59 23.70
C ARG Z 139 -76.44 -23.04 25.14
N GLU Z 140 -77.54 -23.39 25.79
CA GLU Z 140 -77.47 -23.96 27.13
C GLU Z 140 -76.74 -25.28 27.09
N VAL Z 141 -75.64 -25.36 27.82
CA VAL Z 141 -75.00 -26.63 28.12
C VAL Z 141 -75.53 -27.20 29.43
N TYR Z 142 -75.35 -26.47 30.55
CA TYR Z 142 -75.92 -26.89 31.83
C TYR Z 142 -76.85 -25.86 32.40
N GLU Z 143 -77.63 -26.29 33.38
CA GLU Z 143 -78.21 -25.40 34.35
C GLU Z 143 -78.43 -26.18 35.63
N ILE Z 144 -77.68 -25.86 36.67
CA ILE Z 144 -77.99 -26.34 38.01
C ILE Z 144 -78.89 -25.29 38.64
N ASP Z 145 -79.88 -25.76 39.39
CA ASP Z 145 -80.51 -24.96 40.44
C ASP Z 145 -80.63 -25.91 41.63
N PRO Z 146 -79.72 -25.83 42.60
CA PRO Z 146 -79.74 -26.85 43.67
C PRO Z 146 -81.02 -26.88 44.46
N VAL Z 147 -81.48 -25.71 44.92
CA VAL Z 147 -82.57 -25.65 45.87
C VAL Z 147 -83.89 -26.03 45.22
N ASN Z 148 -84.02 -25.82 43.92
CA ASN Z 148 -85.20 -26.24 43.18
C ASN Z 148 -85.06 -27.63 42.57
N GLY Z 149 -83.87 -28.21 42.58
CA GLY Z 149 -83.69 -29.56 42.09
C GLY Z 149 -83.57 -29.65 40.58
N VAL Z 150 -82.81 -28.75 39.96
CA VAL Z 150 -82.59 -28.73 38.53
C VAL Z 150 -81.15 -29.16 38.27
N ARG Z 151 -80.98 -30.13 37.38
CA ARG Z 151 -79.67 -30.48 36.82
C ARG Z 151 -79.94 -30.75 35.34
N ALA Z 152 -79.86 -29.71 34.53
CA ALA Z 152 -80.25 -29.77 33.13
C ALA Z 152 -79.03 -29.98 32.27
N ILE Z 153 -79.16 -30.85 31.28
CA ILE Z 153 -78.17 -31.05 30.24
C ILE Z 153 -78.84 -30.73 28.91
N ASN Z 154 -78.37 -29.70 28.23
CA ASN Z 154 -78.92 -29.27 26.95
C ASN Z 154 -80.42 -29.00 27.05
N GLY Z 155 -80.87 -28.54 28.21
CA GLY Z 155 -82.27 -28.29 28.45
C GLY Z 155 -83.07 -29.47 28.98
N VAL Z 156 -82.41 -30.60 29.24
CA VAL Z 156 -83.06 -31.81 29.72
C VAL Z 156 -82.74 -31.96 31.21
N ASP Z 157 -83.73 -31.68 32.05
CA ASP Z 157 -83.56 -31.86 33.49
C ASP Z 157 -83.40 -33.34 33.80
N GLN Z 158 -82.19 -33.73 34.17
CA GLN Z 158 -81.93 -35.12 34.53
C GLN Z 158 -82.60 -35.52 35.83
N LEU Z 159 -83.02 -34.55 36.64
CA LEU Z 159 -83.59 -34.81 37.95
C LEU Z 159 -85.11 -34.87 37.95
N ALA Z 160 -85.74 -34.92 36.76
CA ALA Z 160 -87.19 -34.93 36.71
C ALA Z 160 -87.76 -36.17 37.38
N GLY Z 161 -87.07 -37.31 37.27
CA GLY Z 161 -87.52 -38.51 37.94
C GLY Z 161 -87.47 -38.37 39.45
N MET Z 162 -86.42 -37.75 39.96
CA MET Z 162 -86.32 -37.48 41.38
C MET Z 162 -87.42 -36.55 41.86
N ARG Z 163 -87.71 -35.51 41.06
CA ARG Z 163 -88.76 -34.57 41.43
C ARG Z 163 -90.11 -35.25 41.44
N ASN Z 164 -90.34 -36.17 40.51
CA ASN Z 164 -91.59 -36.94 40.53
C ASN Z 164 -91.65 -37.84 41.74
N ASP Z 165 -90.54 -38.50 42.07
CA ASP Z 165 -90.52 -39.44 43.19
C ASP Z 165 -90.76 -38.71 44.51
N LEU Z 166 -90.15 -37.55 44.68
CA LEU Z 166 -90.29 -36.78 45.90
C LEU Z 166 -91.47 -35.83 45.90
N GLY Z 167 -92.17 -35.68 44.77
CA GLY Z 167 -93.27 -34.76 44.70
C GLY Z 167 -92.83 -33.33 44.93
N LEU Z 168 -91.93 -32.86 44.08
CA LEU Z 168 -91.22 -31.59 44.28
C LEU Z 168 -90.40 -31.65 45.55
N MET AA 2 -62.92 -1.04 34.91
CA MET AA 2 -62.29 -1.07 33.60
C MET AA 2 -61.11 -0.12 33.51
N ILE AA 3 -60.08 -0.38 34.32
CA ILE AA 3 -58.81 0.32 34.17
C ILE AA 3 -57.73 -0.50 34.85
N PRO AA 4 -56.53 -0.64 34.29
CA PRO AA 4 -55.46 -1.33 35.02
C PRO AA 4 -55.10 -0.58 36.29
N GLN AA 5 -54.77 -1.34 37.32
CA GLN AA 5 -54.51 -0.77 38.63
C GLN AA 5 -53.96 -1.87 39.53
N THR AA 6 -53.05 -1.50 40.41
CA THR AA 6 -52.50 -2.46 41.36
C THR AA 6 -51.70 -1.70 42.41
N LEU AA 7 -51.10 -2.48 43.32
CA LEU AA 7 -50.28 -1.92 44.38
C LEU AA 7 -48.95 -1.46 43.82
N THR AA 8 -48.47 -0.34 44.34
CA THR AA 8 -47.17 0.22 44.00
C THR AA 8 -46.29 0.43 45.21
N ASN AA 9 -46.88 0.73 46.36
CA ASN AA 9 -46.12 1.02 47.56
C ASN AA 9 -47.05 0.95 48.75
N THR AA 10 -46.45 0.80 49.93
CA THR AA 10 -47.21 0.54 51.15
C THR AA 10 -46.58 1.30 52.30
N ASN AA 11 -47.18 1.16 53.48
CA ASN AA 11 -46.65 1.72 54.72
C ASN AA 11 -47.47 1.17 55.87
N LEU AA 12 -46.88 1.20 57.06
CA LEU AA 12 -47.49 0.67 58.27
C LEU AA 12 -47.39 1.70 59.38
N PHE AA 13 -48.49 1.90 60.10
CA PHE AA 13 -48.50 2.69 61.31
C PHE AA 13 -48.92 1.81 62.47
N ILE AA 14 -48.19 1.96 63.59
CA ILE AA 14 -48.55 1.34 64.85
C ILE AA 14 -48.34 2.41 65.93
N ASP AA 15 -49.40 2.73 66.66
CA ASP AA 15 -49.34 3.71 67.74
C ASP AA 15 -48.84 5.06 67.22
N GLY AA 16 -49.21 5.39 65.99
CA GLY AA 16 -48.78 6.61 65.35
C GLY AA 16 -47.36 6.60 64.84
N VAL AA 17 -46.59 5.56 65.13
CA VAL AA 17 -45.22 5.45 64.66
C VAL AA 17 -45.24 4.97 63.22
N SER AA 18 -44.51 5.66 62.36
CA SER AA 18 -44.41 5.25 60.96
C SER AA 18 -43.27 4.27 60.79
N PHE AA 19 -43.57 3.17 60.12
CA PHE AA 19 -42.56 2.23 59.62
C PHE AA 19 -42.36 2.42 58.13
N ALA AA 20 -42.37 3.67 57.68
CA ALA AA 20 -42.03 3.95 56.29
C ALA AA 20 -40.55 3.66 56.14
N GLY AA 21 -40.23 2.43 55.75
CA GLY AA 21 -38.85 2.00 55.62
C GLY AA 21 -38.57 0.56 56.00
N ASP AA 22 -39.46 -0.09 56.75
CA ASP AA 22 -39.22 -1.49 57.17
C ASP AA 22 -40.47 -2.35 57.20
N VAL AA 23 -41.20 -2.43 56.08
CA VAL AA 23 -42.33 -3.36 55.96
C VAL AA 23 -42.23 -4.13 54.64
N PRO AA 24 -41.30 -5.08 54.54
CA PRO AA 24 -41.16 -5.84 53.28
C PRO AA 24 -42.42 -6.55 52.85
N SER AA 25 -43.09 -7.22 53.77
CA SER AA 25 -44.34 -7.92 53.49
C SER AA 25 -45.41 -7.36 54.40
N LEU AA 26 -46.53 -7.00 53.80
CA LEU AA 26 -47.70 -6.55 54.52
C LEU AA 26 -48.89 -7.40 54.10
N THR AA 27 -49.67 -7.86 55.07
CA THR AA 27 -50.80 -8.74 54.82
C THR AA 27 -52.04 -8.22 55.52
N LEU AA 28 -53.05 -7.95 54.75
CA LEU AA 28 -54.37 -7.64 55.24
C LEU AA 28 -55.05 -8.95 55.66
N PRO AA 29 -55.79 -8.98 56.77
CA PRO AA 29 -56.33 -10.27 57.24
C PRO AA 29 -57.32 -10.84 56.24
N LYS AA 30 -57.16 -12.12 55.97
CA LYS AA 30 -58.07 -12.81 55.10
C LYS AA 30 -59.47 -12.80 55.70
N LEU AA 31 -60.46 -12.66 54.82
CA LEU AA 31 -61.85 -12.63 55.22
C LEU AA 31 -62.57 -13.81 54.59
N ALA AA 32 -63.34 -14.49 55.41
CA ALA AA 32 -64.11 -15.64 54.96
C ALA AA 32 -65.34 -15.72 55.85
N VAL AA 33 -66.28 -16.55 55.41
CA VAL AA 33 -67.43 -16.90 56.21
C VAL AA 33 -67.33 -18.39 56.53
N LYS AA 34 -67.97 -18.79 57.61
CA LYS AA 34 -67.99 -20.20 58.00
C LYS AA 34 -69.07 -20.91 57.19
N THR AA 35 -68.78 -21.12 55.91
CA THR AA 35 -69.73 -21.81 55.06
C THR AA 35 -69.88 -23.24 55.53
N GLU AA 36 -71.09 -23.61 55.84
CA GLU AA 36 -71.46 -24.99 56.10
C GLU AA 36 -72.16 -25.52 54.87
N GLN AA 37 -71.49 -26.40 54.14
CA GLN AA 37 -72.09 -27.01 52.97
C GLN AA 37 -73.35 -27.74 53.37
N TYR AA 38 -74.48 -27.24 52.89
CA TYR AA 38 -75.79 -27.67 53.37
C TYR AA 38 -76.51 -28.39 52.25
N ARG AA 39 -76.85 -29.65 52.50
CA ARG AA 39 -77.68 -30.45 51.61
C ARG AA 39 -78.81 -31.04 52.43
N ALA AA 40 -80.02 -30.93 51.90
CA ALA AA 40 -81.22 -31.41 52.56
C ALA AA 40 -82.02 -32.24 51.56
N GLY AA 41 -83.19 -32.68 51.99
CA GLY AA 41 -84.05 -33.41 51.10
C GLY AA 41 -84.66 -32.50 50.05
N GLY AA 42 -84.85 -33.04 48.87
CA GLY AA 42 -85.44 -32.33 47.78
C GLY AA 42 -84.47 -31.47 47.00
N MET AA 43 -83.18 -31.49 47.34
CA MET AA 43 -82.16 -30.75 46.62
C MET AA 43 -80.97 -31.65 46.35
N ASP AA 44 -80.54 -31.70 45.09
CA ASP AA 44 -79.44 -32.57 44.70
C ASP AA 44 -78.10 -32.04 45.19
N ALA AA 45 -77.81 -30.77 44.94
CA ALA AA 45 -76.48 -30.22 45.13
C ALA AA 45 -76.42 -29.38 46.41
N PRO AA 46 -75.38 -29.49 47.21
CA PRO AA 46 -75.32 -28.70 48.45
C PRO AA 46 -75.18 -27.22 48.18
N VAL AA 47 -75.78 -26.43 49.07
CA VAL AA 47 -75.65 -24.98 49.06
C VAL AA 47 -74.94 -24.56 50.35
N SER AA 48 -73.97 -23.67 50.21
CA SER AA 48 -73.29 -23.11 51.35
C SER AA 48 -74.19 -22.13 52.10
N ILE AA 49 -74.05 -22.08 53.41
CA ILE AA 49 -74.81 -21.17 54.26
C ILE AA 49 -73.83 -20.31 55.04
N ASP AA 50 -74.14 -19.02 55.12
CA ASP AA 50 -73.34 -18.07 55.89
C ASP AA 50 -73.70 -18.23 57.36
N MET AA 51 -72.78 -18.80 58.14
CA MET AA 51 -72.96 -19.01 59.58
C MET AA 51 -71.98 -18.18 60.41
N GLY AA 52 -71.54 -17.04 59.88
CA GLY AA 52 -70.62 -16.15 60.56
C GLY AA 52 -69.25 -16.17 59.91
N LEU AA 53 -68.38 -15.33 60.44
CA LEU AA 53 -67.05 -15.15 59.88
C LEU AA 53 -66.06 -16.12 60.50
N GLU AA 54 -64.95 -16.33 59.79
CA GLU AA 54 -63.83 -17.07 60.30
C GLU AA 54 -62.97 -16.17 61.18
N ALA AA 55 -61.98 -16.78 61.83
CA ALA AA 55 -61.01 -15.99 62.56
C ALA AA 55 -60.16 -15.18 61.61
N MET AA 56 -59.95 -13.92 61.95
CA MET AA 56 -59.08 -13.05 61.21
C MET AA 56 -57.65 -13.21 61.69
N GLU AA 57 -56.70 -12.96 60.79
CA GLU AA 57 -55.30 -12.92 61.17
C GLU AA 57 -54.56 -12.04 60.18
N ALA AA 58 -53.99 -10.96 60.68
CA ALA AA 58 -53.12 -10.12 59.90
C ALA AA 58 -51.68 -10.55 60.08
N LYS AA 59 -50.81 -10.05 59.20
CA LYS AA 59 -49.39 -10.34 59.28
C LYS AA 59 -48.62 -9.17 58.69
N PHE AA 60 -47.46 -8.91 59.27
CA PHE AA 60 -46.54 -7.91 58.75
C PHE AA 60 -45.17 -8.22 59.31
N SER AA 61 -44.14 -7.87 58.55
CA SER AA 61 -42.78 -8.27 58.87
C SER AA 61 -41.86 -7.07 58.88
N THR AA 62 -40.78 -7.21 59.64
CA THR AA 62 -39.71 -6.23 59.73
C THR AA 62 -38.38 -6.96 59.66
N ASN AA 63 -37.36 -6.26 59.19
CA ASN AA 63 -36.02 -6.82 59.10
C ASN AA 63 -35.08 -6.31 60.17
N GLY AA 64 -35.47 -5.27 60.93
CA GLY AA 64 -34.67 -4.76 62.02
C GLY AA 64 -35.38 -4.88 63.35
N ALA AA 65 -34.62 -4.75 64.43
CA ALA AA 65 -35.19 -4.85 65.77
C ALA AA 65 -35.98 -3.58 66.04
N ARG AA 66 -37.20 -3.55 65.50
CA ARG AA 66 -38.07 -2.41 65.66
C ARG AA 66 -38.74 -2.55 67.00
N ARG AA 67 -38.15 -1.90 68.01
CA ARG AA 67 -38.62 -2.03 69.38
C ARG AA 67 -40.09 -1.64 69.51
N GLU AA 68 -40.55 -0.70 68.70
CA GLU AA 68 -41.97 -0.49 68.53
C GLU AA 68 -42.53 -1.65 67.71
N ALA AA 69 -43.53 -2.32 68.27
CA ALA AA 69 -44.18 -3.54 67.78
C ALA AA 69 -43.38 -4.80 68.06
N LEU AA 70 -42.20 -4.70 68.68
CA LEU AA 70 -41.66 -5.80 69.46
C LEU AA 70 -42.17 -5.77 70.89
N ASN AA 71 -42.51 -4.58 71.38
CA ASN AA 71 -42.96 -4.39 72.74
C ASN AA 71 -44.47 -4.48 72.91
N PHE AA 72 -45.19 -4.97 71.89
CA PHE AA 72 -46.62 -5.19 71.96
C PHE AA 72 -47.02 -6.66 71.93
N PHE AA 73 -46.06 -7.55 72.04
CA PHE AA 73 -46.33 -8.98 72.12
C PHE AA 73 -46.78 -9.35 73.52
N GLY AA 74 -47.75 -10.25 73.59
CA GLY AA 74 -48.03 -10.90 74.85
C GLY AA 74 -48.46 -9.97 75.95
N LEU AA 75 -48.99 -8.80 75.59
CA LEU AA 75 -49.48 -7.88 76.60
C LEU AA 75 -50.77 -8.45 77.18
N ALA AA 76 -50.97 -8.19 78.48
CA ALA AA 76 -52.20 -8.61 79.12
C ALA AA 76 -53.40 -7.90 78.51
N ASP AA 77 -53.23 -6.63 78.14
CA ASP AA 77 -54.30 -5.85 77.55
C ASP AA 77 -54.38 -6.17 76.06
N GLN AA 78 -55.09 -7.26 75.77
CA GLN AA 78 -55.46 -7.53 74.39
C GLN AA 78 -56.28 -6.37 73.85
N SER AA 79 -56.21 -6.17 72.53
CA SER AA 79 -56.81 -5.08 71.78
C SER AA 79 -56.10 -3.75 72.02
N ALA AA 80 -55.01 -3.73 72.79
CA ALA AA 80 -54.17 -2.54 72.87
C ALA AA 80 -53.26 -2.41 71.66
N PHE AA 81 -53.01 -3.51 70.95
CA PHE AA 81 -52.26 -3.43 69.71
C PHE AA 81 -53.12 -2.83 68.62
N ASN AA 82 -53.03 -1.53 68.43
CA ASN AA 82 -53.69 -0.90 67.29
C ASN AA 82 -52.86 -1.13 66.04
N GLY AA 83 -53.23 -0.49 64.95
CA GLY AA 83 -52.50 -0.67 63.71
C GLY AA 83 -53.27 -0.15 62.51
N VAL AA 84 -52.53 0.32 61.51
CA VAL AA 84 -53.10 0.82 60.28
C VAL AA 84 -52.27 0.28 59.13
N PHE AA 85 -52.89 -0.53 58.28
CA PHE AA 85 -52.27 -1.00 57.05
C PHE AA 85 -52.68 -0.08 55.91
N ARG AA 86 -51.70 0.59 55.32
CA ARG AA 86 -51.93 1.49 54.20
C ARG AA 86 -51.34 0.90 52.93
N GLY AA 87 -52.03 1.14 51.81
CA GLY AA 87 -51.58 0.70 50.52
C GLY AA 87 -51.99 1.68 49.45
N SER AA 88 -51.04 2.05 48.59
CA SER AA 88 -51.26 3.02 47.53
C SER AA 88 -51.48 2.28 46.21
N PHE AA 89 -52.73 2.23 45.77
CA PHE AA 89 -53.09 1.60 44.52
C PHE AA 89 -53.13 2.68 43.45
N LYS AA 90 -52.21 2.60 42.50
CA LYS AA 90 -52.15 3.52 41.36
C LYS AA 90 -52.71 2.82 40.13
N GLY AA 91 -53.59 3.51 39.42
CA GLY AA 91 -54.13 3.00 38.19
C GLY AA 91 -53.11 3.10 37.07
N GLN AA 92 -53.58 2.80 35.86
CA GLN AA 92 -52.77 3.11 34.68
C GLN AA 92 -52.57 4.62 34.59
N LYS AA 93 -53.65 5.36 34.51
CA LYS AA 93 -53.57 6.81 34.46
C LYS AA 93 -53.06 7.35 35.79
N GLY AA 94 -52.77 8.65 35.80
CA GLY AA 94 -52.19 9.28 36.96
C GLY AA 94 -53.19 9.51 38.07
N ALA AA 95 -53.61 8.43 38.72
CA ALA AA 95 -54.54 8.50 39.84
C ALA AA 95 -54.14 7.46 40.87
N SER AA 96 -54.32 7.81 42.14
CA SER AA 96 -53.90 6.97 43.25
C SER AA 96 -55.07 6.76 44.18
N VAL AA 97 -55.30 5.50 44.56
CA VAL AA 97 -56.42 5.10 45.40
C VAL AA 97 -55.84 4.65 46.74
N PRO AA 98 -56.06 5.37 47.84
CA PRO AA 98 -55.60 4.88 49.13
C PRO AA 98 -56.51 3.79 49.67
N VAL AA 99 -55.87 2.76 50.22
CA VAL AA 99 -56.56 1.67 50.91
C VAL AA 99 -56.02 1.62 52.33
N VAL AA 100 -56.92 1.60 53.30
CA VAL AA 100 -56.59 1.68 54.71
C VAL AA 100 -57.34 0.59 55.44
N ALA AA 101 -56.63 -0.17 56.26
CA ALA AA 101 -57.21 -1.19 57.12
C ALA AA 101 -56.78 -0.93 58.55
N THR AA 102 -57.62 -0.22 59.28
CA THR AA 102 -57.41 -0.08 60.70
C THR AA 102 -57.60 -1.43 61.37
N LEU AA 103 -56.63 -1.81 62.20
CA LEU AA 103 -56.67 -3.04 62.96
C LEU AA 103 -56.56 -2.74 64.44
N ARG AA 104 -57.06 -3.68 65.24
CA ARG AA 104 -56.92 -3.62 66.69
C ARG AA 104 -57.13 -5.02 67.21
N GLY AA 105 -56.14 -5.53 67.93
CA GLY AA 105 -56.20 -6.89 68.41
C GLY AA 105 -55.00 -7.27 69.25
N LEU AA 106 -54.45 -8.44 68.96
CA LEU AA 106 -53.34 -9.02 69.71
C LEU AA 106 -52.18 -9.27 68.77
N LEU AA 107 -50.98 -8.84 69.17
CA LEU AA 107 -49.81 -9.30 68.45
C LEU AA 107 -49.58 -10.75 68.84
N LYS AA 108 -50.09 -11.66 68.02
CA LYS AA 108 -50.18 -13.06 68.40
C LYS AA 108 -48.81 -13.71 68.50
N GLU AA 109 -47.91 -13.37 67.59
CA GLU AA 109 -46.74 -14.19 67.33
C GLU AA 109 -45.59 -13.32 66.88
N VAL AA 110 -44.39 -13.72 67.29
CA VAL AA 110 -43.14 -13.10 66.85
C VAL AA 110 -42.21 -14.24 66.48
N ASP AA 111 -41.79 -14.27 65.21
CA ASP AA 111 -41.06 -15.42 64.65
C ASP AA 111 -39.84 -14.90 63.91
N PRO AA 112 -38.75 -14.62 64.63
CA PRO AA 112 -37.50 -14.27 63.97
C PRO AA 112 -36.99 -15.40 63.10
N GLY AA 113 -36.81 -15.11 61.83
CA GLY AA 113 -36.33 -16.11 60.91
C GLY AA 113 -34.90 -16.50 61.19
N ASP AA 114 -34.37 -17.35 60.32
CA ASP AA 114 -33.01 -17.83 60.47
C ASP AA 114 -32.03 -16.69 60.21
N TRP AA 115 -31.19 -16.41 61.20
CA TRP AA 115 -30.12 -15.44 61.06
C TRP AA 115 -28.93 -16.13 60.41
N LYS AA 116 -28.69 -15.84 59.13
CA LYS AA 116 -27.72 -16.56 58.31
C LYS AA 116 -26.43 -15.79 58.05
N ALA AA 117 -26.20 -14.68 58.77
CA ALA AA 117 -24.91 -13.99 58.72
C ALA AA 117 -24.59 -13.49 57.31
N GLY AA 118 -25.40 -12.53 56.88
CA GLY AA 118 -25.31 -11.96 55.54
C GLY AA 118 -26.60 -12.09 54.77
N GLU AA 119 -27.71 -12.24 55.50
CA GLU AA 119 -29.03 -12.32 54.92
C GLU AA 119 -29.99 -11.57 55.82
N LYS AA 120 -31.11 -11.14 55.24
CA LYS AA 120 -32.06 -10.33 55.99
C LYS AA 120 -32.60 -11.10 57.18
N ALA AA 121 -32.93 -10.37 58.24
CA ALA AA 121 -33.42 -11.00 59.46
C ALA AA 121 -34.83 -11.54 59.25
N GLU AA 122 -35.72 -10.69 58.75
CA GLU AA 122 -37.08 -11.07 58.41
C GLU AA 122 -37.85 -11.58 59.64
N PHE AA 123 -38.06 -10.67 60.57
CA PHE AA 123 -38.97 -10.93 61.67
C PHE AA 123 -40.39 -11.05 61.13
N LYS AA 124 -40.99 -12.22 61.29
CA LYS AA 124 -42.38 -12.43 60.96
C LYS AA 124 -43.22 -12.22 62.21
N TYR AA 125 -44.27 -11.43 62.09
CA TYR AA 125 -45.27 -11.27 63.12
C TYR AA 125 -46.59 -11.81 62.61
N ALA AA 126 -47.48 -12.09 63.55
CA ALA AA 126 -48.88 -12.37 63.25
C ALA AA 126 -49.73 -11.66 64.29
N VAL AA 127 -50.88 -11.18 63.84
CA VAL AA 127 -51.81 -10.43 64.69
C VAL AA 127 -53.14 -11.16 64.68
N ALA AA 128 -53.70 -11.37 65.87
CA ALA AA 128 -55.06 -11.85 65.99
C ALA AA 128 -55.97 -10.65 66.14
N VAL AA 129 -56.83 -10.45 65.16
CA VAL AA 129 -57.58 -9.21 65.00
C VAL AA 129 -58.87 -9.29 65.78
N SER AA 130 -59.14 -8.24 66.56
CA SER AA 130 -60.41 -8.06 67.25
C SER AA 130 -61.20 -6.87 66.72
N TYR AA 131 -60.74 -6.22 65.66
CA TYR AA 131 -61.48 -5.15 65.03
C TYR AA 131 -60.86 -4.89 63.67
N TYR AA 132 -61.71 -4.70 62.67
CA TYR AA 132 -61.27 -4.60 61.28
C TYR AA 132 -62.15 -3.61 60.55
N LYS AA 133 -61.58 -2.47 60.18
CA LYS AA 133 -62.22 -1.48 59.33
C LYS AA 133 -61.37 -1.29 58.09
N LEU AA 134 -61.90 -1.67 56.94
CA LEU AA 134 -61.24 -1.46 55.65
C LEU AA 134 -61.87 -0.26 54.97
N GLU AA 135 -61.02 0.64 54.49
CA GLU AA 135 -61.46 1.82 53.77
C GLU AA 135 -60.73 1.89 52.43
N VAL AA 136 -61.46 2.27 51.40
CA VAL AA 136 -60.93 2.45 50.05
C VAL AA 136 -61.31 3.84 49.60
N ASP AA 137 -60.30 4.64 49.26
CA ASP AA 137 -60.53 5.99 48.72
C ASP AA 137 -61.30 6.85 49.72
N GLY AA 138 -60.98 6.67 51.00
CA GLY AA 138 -61.62 7.43 52.05
C GLY AA 138 -63.01 6.99 52.41
N ARG AA 139 -63.53 5.94 51.78
CA ARG AA 139 -64.88 5.46 52.02
C ARG AA 139 -64.85 4.14 52.77
N GLU AA 140 -65.74 3.99 53.73
CA GLU AA 140 -65.88 2.73 54.44
C GLU AA 140 -66.32 1.65 53.48
N VAL AA 141 -65.51 0.62 53.35
CA VAL AA 141 -65.92 -0.62 52.72
C VAL AA 141 -66.48 -1.59 53.75
N TYR AA 142 -65.66 -1.99 54.74
CA TYR AA 142 -66.14 -2.84 55.82
C TYR AA 142 -65.97 -2.19 57.17
N GLU AA 143 -66.65 -2.75 58.16
CA GLU AA 143 -66.26 -2.62 59.54
C GLU AA 143 -66.77 -3.83 60.29
N ILE AA 144 -65.85 -4.69 60.73
CA ILE AA 144 -66.19 -5.73 61.70
C ILE AA 144 -65.96 -5.12 63.07
N ASP AA 145 -66.86 -5.46 64.00
CA ASP AA 145 -66.56 -5.41 65.42
C ASP AA 145 -67.13 -6.70 65.99
N PRO AA 146 -66.29 -7.73 66.21
CA PRO AA 146 -66.86 -9.03 66.59
C PRO AA 146 -67.63 -9.00 67.90
N VAL AA 147 -67.05 -8.41 68.93
CA VAL AA 147 -67.59 -8.52 70.27
C VAL AA 147 -68.87 -7.71 70.41
N ASN AA 148 -69.03 -6.65 69.62
CA ASN AA 148 -70.25 -5.88 69.58
C ASN AA 148 -71.24 -6.35 68.52
N GLY AA 149 -70.83 -7.24 67.63
CA GLY AA 149 -71.74 -7.78 66.64
C GLY AA 149 -71.97 -6.88 65.45
N VAL AA 150 -70.90 -6.27 64.92
CA VAL AA 150 -70.97 -5.41 63.76
C VAL AA 150 -70.32 -6.14 62.60
N ARG AA 151 -71.03 -6.19 61.47
CA ARG AA 151 -70.47 -6.61 60.18
C ARG AA 151 -71.08 -5.66 59.16
N ALA AA 152 -70.42 -4.54 58.93
CA ALA AA 152 -70.96 -3.46 58.12
C ALA AA 152 -70.40 -3.55 56.72
N ILE AA 153 -71.26 -3.34 55.73
CA ILE AA 153 -70.89 -3.20 54.34
C ILE AA 153 -71.34 -1.82 53.88
N ASN AA 154 -70.39 -0.98 53.53
CA ASN AA 154 -70.67 0.38 53.07
C ASN AA 154 -71.49 1.15 54.10
N GLY AA 155 -71.29 0.85 55.38
CA GLY AA 155 -72.04 1.47 56.45
C GLY AA 155 -73.34 0.78 56.83
N VAL AA 156 -73.65 -0.36 56.20
CA VAL AA 156 -74.88 -1.10 56.45
C VAL AA 156 -74.53 -2.32 57.28
N ASP AA 157 -74.87 -2.28 58.57
CA ASP AA 157 -74.66 -3.42 59.45
C ASP AA 157 -75.54 -4.57 59.01
N GLN AA 158 -74.94 -5.61 58.43
CA GLN AA 158 -75.68 -6.78 58.01
C GLN AA 158 -76.22 -7.59 59.17
N LEU AA 159 -75.69 -7.37 60.37
CA LEU AA 159 -76.06 -8.15 61.55
C LEU AA 159 -77.15 -7.48 62.39
N ALA AA 160 -77.80 -6.44 61.87
CA ALA AA 160 -78.82 -5.75 62.65
C ALA AA 160 -79.98 -6.68 62.98
N GLY AA 161 -80.33 -7.58 62.07
CA GLY AA 161 -81.38 -8.53 62.34
C GLY AA 161 -81.00 -9.48 63.47
N MET AA 162 -79.76 -9.94 63.48
CA MET AA 162 -79.28 -10.79 64.56
C MET AA 162 -79.30 -10.05 65.88
N ARG AA 163 -78.89 -8.78 65.88
CA ARG AA 163 -78.88 -8.00 67.11
C ARG AA 163 -80.29 -7.78 67.63
N ASN AA 164 -81.26 -7.60 66.73
CA ASN AA 164 -82.64 -7.51 67.15
C ASN AA 164 -83.14 -8.83 67.71
N ASP AA 165 -82.80 -9.93 67.05
CA ASP AA 165 -83.26 -11.24 67.50
C ASP AA 165 -82.71 -11.59 68.86
N LEU AA 166 -81.44 -11.30 69.09
CA LEU AA 166 -80.78 -11.61 70.36
C LEU AA 166 -80.92 -10.50 71.40
N GLY AA 167 -81.48 -9.35 71.03
CA GLY AA 167 -81.60 -8.26 71.97
C GLY AA 167 -80.24 -7.78 72.44
N LEU AA 168 -79.42 -7.33 71.50
CA LEU AA 168 -78.01 -7.04 71.72
C LEU AA 168 -77.27 -8.30 72.16
N MET BA 2 -38.39 4.42 60.70
CA MET BA 2 -38.20 4.99 59.38
C MET BA 2 -36.72 5.08 59.01
N ILE BA 3 -36.08 3.93 58.91
CA ILE BA 3 -34.72 3.87 58.36
C ILE BA 3 -34.45 2.43 57.92
N PRO BA 4 -33.83 2.18 56.77
CA PRO BA 4 -33.46 0.81 56.43
C PRO BA 4 -32.48 0.24 57.43
N GLN BA 5 -32.63 -1.05 57.69
CA GLN BA 5 -31.84 -1.72 58.71
C GLN BA 5 -32.10 -3.21 58.63
N THR BA 6 -31.06 -4.00 58.90
CA THR BA 6 -31.21 -5.45 58.90
C THR BA 6 -29.97 -6.07 59.49
N LEU BA 7 -29.96 -7.40 59.52
CA LEU BA 7 -28.83 -8.15 60.03
C LEU BA 7 -27.68 -8.11 59.05
N THR BA 8 -26.47 -8.01 59.58
CA THR BA 8 -25.25 -8.05 58.81
C THR BA 8 -24.29 -9.13 59.27
N ASN BA 9 -24.30 -9.46 60.56
CA ASN BA 9 -23.38 -10.44 61.11
C ASN BA 9 -23.88 -10.86 62.47
N THR BA 10 -23.39 -12.01 62.93
CA THR BA 10 -23.90 -12.63 64.14
C THR BA 10 -22.75 -13.25 64.92
N ASN BA 11 -23.07 -13.84 66.05
CA ASN BA 11 -22.11 -14.59 66.86
C ASN BA 11 -22.88 -15.30 67.97
N LEU BA 12 -22.27 -16.35 68.49
CA LEU BA 12 -22.86 -17.21 69.52
C LEU BA 12 -21.89 -17.38 70.66
N PHE BA 13 -22.39 -17.25 71.89
CA PHE BA 13 -21.64 -17.59 73.09
C PHE BA 13 -22.37 -18.71 73.81
N ILE BA 14 -21.59 -19.69 74.27
CA ILE BA 14 -22.06 -20.75 75.15
C ILE BA 14 -21.00 -20.93 76.22
N ASP BA 15 -21.39 -20.76 77.48
CA ASP BA 15 -20.48 -20.93 78.61
C ASP BA 15 -19.26 -20.02 78.47
N GLY BA 16 -19.47 -18.82 77.92
CA GLY BA 16 -18.41 -17.87 77.70
C GLY BA 16 -17.52 -18.19 76.51
N VAL BA 17 -17.69 -19.33 75.87
CA VAL BA 17 -16.89 -19.70 74.71
C VAL BA 17 -17.48 -19.01 73.49
N SER BA 18 -16.63 -18.36 72.72
CA SER BA 18 -17.07 -17.70 71.49
C SER BA 18 -17.01 -18.69 70.34
N PHE BA 19 -18.11 -18.75 69.59
CA PHE BA 19 -18.15 -19.42 68.30
C PHE BA 19 -18.12 -18.39 67.17
N ALA BA 20 -17.32 -17.35 67.33
CA ALA BA 20 -17.11 -16.42 66.25
C ALA BA 20 -16.32 -17.15 65.18
N GLY BA 21 -17.03 -17.77 64.24
CA GLY BA 21 -16.40 -18.55 63.20
C GLY BA 21 -17.17 -19.78 62.76
N ASP BA 22 -18.13 -20.27 63.54
CA ASP BA 22 -18.88 -21.47 63.18
C ASP BA 22 -20.37 -21.43 63.57
N VAL BA 23 -21.09 -20.40 63.13
CA VAL BA 23 -22.55 -20.36 63.34
C VAL BA 23 -23.23 -19.98 62.03
N PRO BA 24 -23.28 -20.89 61.05
CA PRO BA 24 -23.93 -20.55 59.77
C PRO BA 24 -25.37 -20.11 59.90
N SER BA 25 -26.16 -20.82 60.68
CA SER BA 25 -27.56 -20.48 60.92
C SER BA 25 -27.75 -20.28 62.40
N LEU BA 26 -28.36 -19.15 62.74
CA LEU BA 26 -28.72 -18.85 64.12
C LEU BA 26 -30.21 -18.52 64.15
N THR BA 27 -30.92 -19.09 65.12
CA THR BA 27 -32.37 -18.93 65.23
C THR BA 27 -32.73 -18.53 66.65
N LEU BA 28 -33.35 -17.40 66.78
CA LEU BA 28 -33.97 -16.95 68.01
C LEU BA 28 -35.29 -17.70 68.19
N PRO BA 29 -35.65 -18.13 69.41
CA PRO BA 29 -36.85 -18.95 69.55
C PRO BA 29 -38.09 -18.17 69.18
N LYS BA 30 -38.94 -18.82 68.39
CA LYS BA 30 -40.20 -18.23 67.99
C LYS BA 30 -41.05 -17.99 69.23
N LEU BA 31 -41.78 -16.88 69.21
CA LEU BA 31 -42.64 -16.49 70.30
C LEU BA 31 -44.07 -16.44 69.80
N ALA BA 32 -44.96 -17.04 70.57
CA ALA BA 32 -46.37 -17.07 70.24
C ALA BA 32 -47.13 -17.16 71.55
N VAL BA 33 -48.43 -16.93 71.45
CA VAL BA 33 -49.35 -17.15 72.55
C VAL BA 33 -50.28 -18.28 72.14
N LYS BA 34 -50.83 -18.96 73.13
CA LYS BA 34 -51.78 -20.03 72.88
C LYS BA 34 -53.16 -19.42 72.63
N THR BA 35 -53.31 -18.83 71.45
CA THR BA 35 -54.59 -18.23 71.12
C THR BA 35 -55.63 -19.31 70.98
N GLU BA 36 -56.67 -19.20 71.76
CA GLU BA 36 -57.86 -20.01 71.62
C GLU BA 36 -58.92 -19.18 70.91
N GLN BA 37 -59.21 -19.52 69.66
CA GLN BA 37 -60.23 -18.81 68.92
C GLN BA 37 -61.56 -18.94 69.64
N TYR BA 38 -62.05 -17.82 70.14
CA TYR BA 38 -63.18 -17.81 71.05
C TYR BA 38 -64.37 -17.14 70.38
N ARG BA 39 -65.45 -17.90 70.25
CA ARG BA 39 -66.73 -17.40 69.79
C ARG BA 39 -67.80 -17.79 70.79
N ALA BA 40 -68.63 -16.83 71.14
CA ALA BA 40 -69.70 -17.01 72.10
C ALA BA 40 -70.99 -16.47 71.52
N GLY BA 41 -72.03 -16.49 72.32
CA GLY BA 41 -73.29 -15.92 71.89
C GLY BA 41 -73.22 -14.42 71.82
N GLY BA 42 -73.93 -13.86 70.86
CA GLY BA 42 -73.99 -12.44 70.69
C GLY BA 42 -72.85 -11.85 69.91
N MET BA 43 -71.93 -12.67 69.41
CA MET BA 43 -70.82 -12.22 68.59
C MET BA 43 -70.68 -13.10 67.37
N ASP BA 44 -70.62 -12.48 66.20
CA ASP BA 44 -70.54 -13.22 64.94
C ASP BA 44 -69.16 -13.85 64.75
N ALA BA 45 -68.11 -13.06 64.89
CA ALA BA 45 -66.77 -13.46 64.49
C ALA BA 45 -65.93 -13.85 65.71
N PRO BA 46 -65.17 -14.93 65.66
CA PRO BA 46 -64.37 -15.33 66.82
C PRO BA 46 -63.27 -14.34 67.12
N VAL BA 47 -62.98 -14.20 68.42
CA VAL BA 47 -61.85 -13.39 68.90
C VAL BA 47 -60.87 -14.33 69.59
N SER BA 48 -59.60 -14.15 69.28
CA SER BA 48 -58.54 -14.90 69.95
C SER BA 48 -58.36 -14.41 71.38
N ILE BA 49 -58.02 -15.33 72.27
CA ILE BA 49 -57.76 -15.02 73.68
C ILE BA 49 -56.35 -15.47 74.02
N ASP BA 50 -55.63 -14.64 74.75
CA ASP BA 50 -54.29 -14.96 75.22
C ASP BA 50 -54.41 -15.87 76.43
N MET BA 51 -54.05 -17.15 76.25
CA MET BA 51 -54.10 -18.15 77.31
C MET BA 51 -52.71 -18.66 77.68
N GLY BA 52 -51.69 -17.83 77.49
CA GLY BA 52 -50.32 -18.18 77.80
C GLY BA 52 -49.49 -18.37 76.54
N LEU BA 53 -48.21 -18.63 76.76
CA LEU BA 53 -47.26 -18.75 75.67
C LEU BA 53 -47.17 -20.19 75.18
N GLU BA 54 -46.67 -20.32 73.96
CA GLU BA 54 -46.34 -21.63 73.39
C GLU BA 54 -44.98 -22.07 73.90
N ALA BA 55 -44.62 -23.30 73.57
CA ALA BA 55 -43.28 -23.77 73.85
C ALA BA 55 -42.28 -23.04 72.99
N MET BA 56 -41.18 -22.63 73.60
CA MET BA 56 -40.09 -22.00 72.91
C MET BA 56 -39.15 -23.07 72.38
N GLU BA 57 -38.46 -22.75 71.28
CA GLU BA 57 -37.41 -23.62 70.77
C GLU BA 57 -36.43 -22.77 69.98
N ALA BA 58 -35.20 -22.72 70.44
CA ALA BA 58 -34.12 -22.10 69.71
C ALA BA 58 -33.41 -23.13 68.85
N LYS BA 59 -32.61 -22.63 67.91
CA LYS BA 59 -31.81 -23.50 67.06
C LYS BA 59 -30.55 -22.76 66.64
N PHE BA 60 -29.48 -23.52 66.50
CA PHE BA 60 -28.22 -23.00 65.99
C PHE BA 60 -27.42 -24.18 65.50
N SER BA 61 -26.58 -23.93 64.49
CA SER BA 61 -25.88 -24.99 63.79
C SER BA 61 -24.39 -24.72 63.74
N THR BA 62 -23.63 -25.80 63.63
CA THR BA 62 -22.18 -25.76 63.46
C THR BA 62 -21.80 -26.74 62.37
N ASN BA 63 -20.67 -26.49 61.72
CA ASN BA 63 -20.16 -27.36 60.68
C ASN BA 63 -18.98 -28.20 61.13
N GLY BA 64 -18.40 -27.91 62.29
CA GLY BA 64 -17.32 -28.71 62.83
C GLY BA 64 -17.67 -29.34 64.15
N ALA BA 65 -16.89 -30.34 64.55
CA ALA BA 65 -17.13 -31.04 65.81
C ALA BA 65 -16.73 -30.12 66.95
N ARG BA 66 -17.63 -29.20 67.26
CA ARG BA 66 -17.40 -28.23 68.32
C ARG BA 66 -17.75 -28.90 69.62
N ARG BA 67 -16.72 -29.48 70.26
CA ARG BA 67 -16.92 -30.25 71.47
C ARG BA 67 -17.62 -29.44 72.56
N GLU BA 68 -17.40 -28.14 72.59
CA GLU BA 68 -18.26 -27.26 73.36
C GLU BA 68 -19.59 -27.15 72.63
N ALA BA 69 -20.67 -27.46 73.34
CA ALA BA 69 -22.06 -27.54 72.88
C ALA BA 69 -22.36 -28.84 72.15
N LEU BA 70 -21.38 -29.73 71.96
CA LEU BA 70 -21.68 -31.14 71.79
C LEU BA 70 -21.76 -31.86 73.13
N ASN BA 71 -21.08 -31.34 74.14
CA ASN BA 71 -21.03 -31.94 75.46
C ASN BA 71 -22.12 -31.41 76.40
N PHE BA 72 -23.11 -30.69 75.88
CA PHE BA 72 -24.24 -30.22 76.67
C PHE BA 72 -25.56 -30.88 76.31
N PHE BA 73 -25.52 -31.93 75.48
CA PHE BA 73 -26.70 -32.68 75.15
C PHE BA 73 -27.05 -33.65 76.26
N GLY BA 74 -28.35 -33.79 76.51
CA GLY BA 74 -28.80 -34.89 77.34
C GLY BA 74 -28.26 -34.88 78.75
N LEU BA 75 -27.85 -33.72 79.24
CA LEU BA 75 -27.39 -33.62 80.61
C LEU BA 75 -28.57 -33.77 81.55
N ALA BA 76 -28.32 -34.40 82.70
CA ALA BA 76 -29.36 -34.52 83.70
C ALA BA 76 -29.78 -33.15 84.21
N ASP BA 77 -28.82 -32.24 84.34
CA ASP BA 77 -29.09 -30.88 84.84
C ASP BA 77 -29.62 -30.04 83.68
N GLN BA 78 -30.92 -30.17 83.44
CA GLN BA 78 -31.59 -29.24 82.55
C GLN BA 78 -31.41 -27.82 83.08
N SER BA 79 -31.44 -26.85 82.15
CA SER BA 79 -31.19 -25.43 82.37
C SER BA 79 -29.73 -25.13 82.66
N ALA BA 80 -28.83 -26.13 82.61
CA ALA BA 80 -27.41 -25.86 82.65
C ALA BA 80 -26.88 -25.39 81.31
N PHE BA 81 -27.60 -25.66 80.22
CA PHE BA 81 -27.23 -25.13 78.93
C PHE BA 81 -27.57 -23.66 78.85
N ASN BA 82 -26.61 -22.80 79.17
CA ASN BA 82 -26.80 -21.38 78.98
C ASN BA 82 -26.59 -21.05 77.50
N GLY BA 83 -26.56 -19.77 77.17
CA GLY BA 83 -26.38 -19.37 75.79
C GLY BA 83 -26.74 -17.93 75.56
N VAL BA 84 -26.05 -17.31 74.60
CA VAL BA 84 -26.29 -15.92 74.22
C VAL BA 84 -26.29 -15.85 72.70
N PHE BA 85 -27.42 -15.48 72.13
CA PHE BA 85 -27.53 -15.21 70.71
C PHE BA 85 -27.34 -13.72 70.47
N ARG BA 86 -26.28 -13.37 69.75
CA ARG BA 86 -25.98 -11.99 69.41
C ARG BA 86 -26.20 -11.75 67.93
N GLY BA 87 -26.67 -10.55 67.61
CA GLY BA 87 -26.89 -10.14 66.24
C GLY BA 87 -26.65 -8.66 66.07
N SER BA 88 -25.87 -8.30 65.05
CA SER BA 88 -25.50 -6.92 64.78
C SER BA 88 -26.38 -6.37 63.68
N PHE BA 89 -27.35 -5.54 64.05
CA PHE BA 89 -28.24 -4.91 63.09
C PHE BA 89 -27.68 -3.53 62.77
N LYS BA 90 -27.25 -3.36 61.52
CA LYS BA 90 -26.74 -2.09 61.02
C LYS BA 90 -27.81 -1.42 60.17
N GLY BA 91 -28.04 -0.14 60.43
CA GLY BA 91 -28.97 0.64 59.65
C GLY BA 91 -28.38 0.98 58.29
N GLN BA 92 -29.11 1.82 57.56
CA GLN BA 92 -28.52 2.44 56.38
C GLN BA 92 -27.33 3.28 56.77
N LYS BA 93 -27.55 4.27 57.62
CA LYS BA 93 -26.48 5.12 58.10
C LYS BA 93 -25.53 4.32 58.99
N GLY BA 94 -24.42 4.94 59.33
CA GLY BA 94 -23.38 4.26 60.09
C GLY BA 94 -23.72 4.12 61.55
N ALA BA 95 -24.68 3.23 61.84
CA ALA BA 95 -25.10 2.95 63.21
C ALA BA 95 -25.39 1.46 63.32
N SER BA 96 -25.06 0.90 64.49
CA SER BA 96 -25.19 -0.53 64.73
C SER BA 96 -25.99 -0.75 65.99
N VAL BA 97 -26.99 -1.63 65.90
CA VAL BA 97 -27.91 -1.94 66.99
C VAL BA 97 -27.62 -3.36 67.45
N PRO BA 98 -27.09 -3.57 68.66
CA PRO BA 98 -26.91 -4.93 69.14
C PRO BA 98 -28.21 -5.53 69.62
N VAL BA 99 -28.42 -6.79 69.26
CA VAL BA 99 -29.56 -7.58 69.74
C VAL BA 99 -29.00 -8.81 70.43
N VAL BA 100 -29.48 -9.06 71.64
CA VAL BA 100 -28.96 -10.11 72.51
C VAL BA 100 -30.14 -10.90 73.04
N ALA BA 101 -30.06 -12.22 72.93
CA ALA BA 101 -31.04 -13.13 73.49
C ALA BA 101 -30.34 -14.13 74.38
N THR BA 102 -30.29 -13.83 75.67
CA THR BA 102 -29.82 -14.80 76.64
C THR BA 102 -30.80 -15.95 76.70
N LEU BA 103 -30.28 -17.17 76.59
CA LEU BA 103 -31.06 -18.38 76.70
C LEU BA 103 -30.53 -19.25 77.83
N ARG BA 104 -31.42 -20.11 78.32
CA ARG BA 104 -31.04 -21.11 79.31
C ARG BA 104 -32.09 -22.19 79.28
N GLY BA 105 -31.66 -23.42 79.03
CA GLY BA 105 -32.59 -24.51 78.89
C GLY BA 105 -31.90 -25.84 78.66
N LEU BA 106 -32.41 -26.59 77.68
CA LEU BA 106 -31.94 -27.93 77.37
C LEU BA 106 -31.47 -27.98 75.93
N LEU BA 107 -30.28 -28.52 75.71
CA LEU BA 107 -29.90 -28.85 74.34
C LEU BA 107 -30.71 -30.07 73.93
N LYS BA 108 -31.85 -29.81 73.27
CA LYS BA 108 -32.84 -30.86 73.05
C LYS BA 108 -32.34 -31.93 72.10
N GLU BA 109 -31.63 -31.53 71.05
CA GLU BA 109 -31.44 -32.37 69.89
C GLU BA 109 -30.10 -32.07 69.24
N VAL BA 110 -29.50 -33.11 68.70
CA VAL BA 110 -28.28 -33.02 67.91
C VAL BA 110 -28.50 -33.87 66.67
N ASP BA 111 -28.44 -33.23 65.49
CA ASP BA 111 -28.84 -33.85 64.23
C ASP BA 111 -27.76 -33.60 63.20
N PRO BA 112 -26.70 -34.41 63.21
CA PRO BA 112 -25.68 -34.33 62.16
C PRO BA 112 -26.29 -34.64 60.80
N GLY BA 113 -26.16 -33.70 59.88
CA GLY BA 113 -26.68 -33.89 58.55
C GLY BA 113 -25.93 -34.96 57.80
N ASP BA 114 -26.30 -35.11 56.54
CA ASP BA 114 -25.69 -36.10 55.68
C ASP BA 114 -24.25 -35.71 55.38
N TRP BA 115 -23.31 -36.58 55.73
CA TRP BA 115 -21.91 -36.41 55.39
C TRP BA 115 -21.69 -36.91 53.98
N LYS BA 116 -21.51 -35.99 53.03
CA LYS BA 116 -21.50 -36.31 51.61
C LYS BA 116 -20.10 -36.27 50.98
N ALA BA 117 -19.05 -36.20 51.79
CA ALA BA 117 -17.68 -36.34 51.30
C ALA BA 117 -17.33 -35.24 50.29
N GLY BA 118 -17.27 -34.02 50.81
CA GLY BA 118 -17.02 -32.83 50.01
C GLY BA 118 -18.12 -31.81 50.13
N GLU BA 119 -18.87 -31.88 51.24
CA GLU BA 119 -19.93 -30.95 51.54
C GLU BA 119 -19.92 -30.67 53.03
N LYS BA 120 -20.46 -29.52 53.42
CA LYS BA 120 -20.43 -29.12 54.80
C LYS BA 120 -21.16 -30.14 55.68
N ALA BA 121 -20.70 -30.27 56.92
CA ALA BA 121 -21.28 -31.23 57.84
C ALA BA 121 -22.67 -30.77 58.28
N GLU BA 122 -22.75 -29.53 58.75
CA GLU BA 122 -24.02 -28.91 59.13
C GLU BA 122 -24.71 -29.69 60.26
N PHE BA 123 -24.06 -29.68 61.41
CA PHE BA 123 -24.70 -30.16 62.63
C PHE BA 123 -25.84 -29.23 62.99
N LYS BA 124 -27.05 -29.76 63.00
CA LYS BA 124 -28.22 -29.03 63.47
C LYS BA 124 -28.45 -29.36 64.93
N TYR BA 125 -28.63 -28.33 65.75
CA TYR BA 125 -29.04 -28.48 67.12
C TYR BA 125 -30.41 -27.86 67.31
N ALA BA 126 -31.07 -28.25 68.38
CA ALA BA 126 -32.27 -27.58 68.86
C ALA BA 126 -32.19 -27.48 70.37
N VAL BA 127 -32.71 -26.38 70.88
CA VAL BA 127 -32.67 -26.08 72.31
C VAL BA 127 -34.11 -25.91 72.78
N ALA BA 128 -34.45 -26.57 73.87
CA ALA BA 128 -35.72 -26.33 74.55
C ALA BA 128 -35.46 -25.31 75.65
N VAL BA 129 -36.08 -24.14 75.50
CA VAL BA 129 -35.72 -22.97 76.29
C VAL BA 129 -36.54 -22.95 77.57
N SER BA 130 -35.87 -22.74 78.69
CA SER BA 130 -36.50 -22.52 79.99
C SER BA 130 -36.28 -21.11 80.52
N TYR BA 131 -35.67 -20.23 79.73
CA TYR BA 131 -35.53 -18.84 80.11
C TYR BA 131 -35.13 -18.05 78.88
N TYR BA 132 -35.74 -16.89 78.70
CA TYR BA 132 -35.59 -16.09 77.49
C TYR BA 132 -35.60 -14.62 77.85
N LYS BA 133 -34.46 -13.97 77.70
CA LYS BA 133 -34.35 -12.52 77.83
C LYS BA 133 -33.82 -11.96 76.52
N LEU BA 134 -34.64 -11.18 75.84
CA LEU BA 134 -34.24 -10.49 74.62
C LEU BA 134 -33.92 -9.04 74.95
N GLU BA 135 -32.79 -8.57 74.46
CA GLU BA 135 -32.36 -7.20 74.66
C GLU BA 135 -32.03 -6.59 73.30
N VAL BA 136 -32.42 -5.33 73.11
CA VAL BA 136 -32.15 -4.57 71.90
C VAL BA 136 -31.48 -3.28 72.33
N ASP BA 137 -30.28 -3.03 71.81
CA ASP BA 137 -29.57 -1.78 72.08
C ASP BA 137 -29.33 -1.59 73.58
N GLY BA 138 -29.04 -2.70 74.26
CA GLY BA 138 -28.76 -2.67 75.67
C GLY BA 138 -29.97 -2.54 76.56
N ARG BA 139 -31.18 -2.50 76.00
CA ARG BA 139 -32.41 -2.34 76.75
C ARG BA 139 -33.20 -3.63 76.75
N GLU BA 140 -33.77 -3.96 77.90
CA GLU BA 140 -34.64 -5.12 78.01
C GLU BA 140 -35.87 -4.90 77.14
N VAL BA 141 -36.06 -5.80 76.18
CA VAL BA 141 -37.32 -5.92 75.48
C VAL BA 141 -38.24 -6.91 76.17
N TYR BA 142 -37.80 -8.19 76.26
CA TYR BA 142 -38.56 -9.20 76.99
C TYR BA 142 -37.76 -9.80 78.12
N GLU BA 143 -38.48 -10.48 79.01
CA GLU BA 143 -37.89 -11.51 79.84
C GLU BA 143 -38.98 -12.49 80.19
N ILE BA 144 -38.89 -13.71 79.66
CA ILE BA 144 -39.70 -14.81 80.15
C ILE BA 144 -38.90 -15.48 81.26
N ASP BA 145 -39.60 -15.89 82.32
CA ASP BA 145 -39.13 -16.96 83.20
C ASP BA 145 -40.35 -17.84 83.42
N PRO BA 146 -40.47 -18.97 82.71
CA PRO BA 146 -41.72 -19.74 82.80
C PRO BA 146 -42.02 -20.24 84.20
N VAL BA 147 -41.04 -20.86 84.84
CA VAL BA 147 -41.28 -21.57 86.09
C VAL BA 147 -41.56 -20.60 87.22
N ASN BA 148 -41.04 -19.39 87.15
CA ASN BA 148 -41.34 -18.35 88.12
C ASN BA 148 -42.52 -17.47 87.73
N GLY BA 149 -43.02 -17.58 86.51
CA GLY BA 149 -44.18 -16.83 86.10
C GLY BA 149 -43.89 -15.40 85.71
N VAL BA 150 -42.81 -15.16 84.96
CA VAL BA 150 -42.43 -13.84 84.50
C VAL BA 150 -42.69 -13.78 83.00
N ARG BA 151 -43.39 -12.75 82.57
CA ARG BA 151 -43.51 -12.38 81.15
C ARG BA 151 -43.41 -10.86 81.13
N ALA BA 152 -42.20 -10.34 81.02
CA ALA BA 152 -41.94 -8.92 81.16
C ALA BA 152 -41.84 -8.30 79.79
N ILE BA 153 -42.44 -7.12 79.65
CA ILE BA 153 -42.31 -6.27 78.48
C ILE BA 153 -41.72 -4.94 78.94
N ASN BA 154 -40.52 -4.64 78.47
CA ASN BA 154 -39.82 -3.41 78.83
C ASN BA 154 -39.68 -3.28 80.34
N GLY BA 155 -39.55 -4.40 81.04
CA GLY BA 155 -39.45 -4.41 82.48
C GLY BA 155 -40.78 -4.49 83.22
N VAL BA 156 -41.89 -4.60 82.51
CA VAL BA 156 -43.22 -4.64 83.10
C VAL BA 156 -43.72 -6.08 83.03
N ASP BA 157 -43.72 -6.76 84.17
CA ASP BA 157 -44.24 -8.13 84.24
C ASP BA 157 -45.74 -8.10 83.98
N GLN BA 158 -46.14 -8.60 82.81
CA GLN BA 158 -47.56 -8.67 82.47
C GLN BA 158 -48.31 -9.69 83.31
N LEU BA 159 -47.60 -10.60 83.96
CA LEU BA 159 -48.21 -11.68 84.73
C LEU BA 159 -48.36 -11.36 86.21
N ALA BA 160 -48.15 -10.10 86.61
CA ALA BA 160 -48.24 -9.76 88.02
C ALA BA 160 -49.65 -10.00 88.56
N GLY BA 161 -50.67 -9.77 87.75
CA GLY BA 161 -52.03 -10.03 88.17
C GLY BA 161 -52.26 -11.51 88.41
N MET BA 162 -51.72 -12.35 87.54
CA MET BA 162 -51.82 -13.79 87.71
C MET BA 162 -51.11 -14.24 88.97
N ARG BA 163 -49.93 -13.68 89.22
CA ARG BA 163 -49.17 -14.04 90.42
C ARG BA 163 -49.90 -13.63 91.68
N ASN BA 164 -50.57 -12.48 91.64
CA ASN BA 164 -51.40 -12.07 92.78
C ASN BA 164 -52.58 -13.00 92.95
N ASP BA 165 -53.24 -13.37 91.85
CA ASP BA 165 -54.42 -14.22 91.93
C ASP BA 165 -54.07 -15.61 92.47
N LEU BA 166 -52.94 -16.16 92.03
CA LEU BA 166 -52.51 -17.48 92.45
C LEU BA 166 -51.66 -17.47 93.72
N GLY BA 167 -51.28 -16.30 94.22
CA GLY BA 167 -50.45 -16.22 95.38
C GLY BA 167 -49.09 -16.87 95.14
N LEU BA 168 -48.37 -16.35 94.16
CA LEU BA 168 -47.15 -16.97 93.64
C LEU BA 168 -47.48 -18.33 93.04
N MET CA 2 -13.56 -20.74 67.56
CA MET CA 2 -13.24 -19.60 66.71
C MET CA 2 -12.22 -19.98 65.64
N ILE CA 3 -12.61 -20.88 64.75
CA ILE CA 3 -11.81 -21.15 63.56
C ILE CA 3 -12.72 -21.82 62.52
N PRO CA 4 -12.64 -21.48 61.24
CA PRO CA 4 -13.43 -22.23 60.25
C PRO CA 4 -13.00 -23.68 60.20
N GLN CA 5 -13.97 -24.55 59.97
CA GLN CA 5 -13.74 -25.98 60.00
C GLN CA 5 -14.99 -26.69 59.51
N THR CA 6 -14.79 -27.79 58.81
CA THR CA 6 -15.92 -28.58 58.33
C THR CA 6 -15.41 -29.91 57.81
N LEU CA 7 -16.35 -30.71 57.31
CA LEU CA 7 -16.02 -32.01 56.75
C LEU CA 7 -15.36 -31.85 55.39
N THR CA 8 -14.38 -32.69 55.13
CA THR CA 8 -13.68 -32.75 53.86
C THR CA 8 -13.71 -34.14 53.23
N ASN CA 9 -13.76 -35.18 54.04
CA ASN CA 9 -13.72 -36.54 53.54
C ASN CA 9 -14.15 -37.48 54.65
N THR CA 10 -14.56 -38.68 54.25
CA THR CA 10 -15.16 -39.63 55.18
C THR CA 10 -14.67 -41.04 54.85
N ASN CA 11 -15.14 -42.01 55.62
CA ASN CA 11 -14.88 -43.42 55.37
C ASN CA 11 -15.75 -44.22 56.33
N LEU CA 12 -15.99 -45.48 55.95
CA LEU CA 12 -16.83 -46.40 56.70
C LEU CA 12 -16.10 -47.72 56.92
N PHE CA 13 -16.16 -48.23 58.14
CA PHE CA 13 -15.71 -49.57 58.44
C PHE CA 13 -16.88 -50.39 58.95
N ILE CA 14 -16.96 -51.62 58.46
CA ILE CA 14 -17.90 -52.61 58.95
C ILE CA 14 -17.12 -53.92 59.06
N ASP CA 15 -17.07 -54.50 60.26
CA ASP CA 15 -16.38 -55.76 60.49
C ASP CA 15 -14.93 -55.68 60.05
N GLY CA 16 -14.31 -54.51 60.24
CA GLY CA 16 -12.95 -54.28 59.83
C GLY CA 16 -12.74 -54.07 58.36
N VAL CA 17 -13.77 -54.25 57.54
CA VAL CA 17 -13.67 -54.04 56.10
C VAL CA 17 -13.78 -52.55 55.82
N SER CA 18 -12.86 -52.03 55.04
CA SER CA 18 -12.89 -50.63 54.65
C SER CA 18 -13.74 -50.46 53.40
N PHE CA 19 -14.65 -49.51 53.45
CA PHE CA 19 -15.36 -49.01 52.28
C PHE CA 19 -14.79 -47.67 51.85
N ALA CA 20 -13.48 -47.53 51.91
CA ALA CA 20 -12.85 -46.35 51.36
C ALA CA 20 -12.99 -46.42 49.86
N GLY CA 21 -14.06 -45.82 49.35
CA GLY CA 21 -14.35 -45.87 47.93
C GLY CA 21 -15.82 -45.95 47.57
N ASP CA 22 -16.71 -46.34 48.49
CA ASP CA 22 -18.14 -46.45 48.19
C ASP CA 22 -19.06 -46.02 49.33
N VAL CA 23 -18.89 -44.80 49.83
CA VAL CA 23 -19.84 -44.26 50.82
C VAL CA 23 -20.24 -42.84 50.42
N PRO CA 24 -21.08 -42.69 49.38
CA PRO CA 24 -21.49 -41.35 48.94
C PRO CA 24 -22.14 -40.52 50.03
N SER CA 25 -23.06 -41.11 50.78
CA SER CA 25 -23.75 -40.44 51.87
C SER CA 25 -23.50 -41.23 53.14
N LEU CA 26 -23.07 -40.52 54.17
CA LEU CA 26 -22.89 -41.09 55.49
C LEU CA 26 -23.67 -40.25 56.49
N THR CA 27 -24.41 -40.91 57.37
CA THR CA 27 -25.26 -40.24 58.34
C THR CA 27 -25.01 -40.79 59.73
N LEU CA 28 -24.61 -39.93 60.62
CA LEU CA 28 -24.53 -40.21 62.03
C LEU CA 28 -25.93 -40.18 62.63
N PRO CA 29 -26.28 -41.09 63.55
CA PRO CA 29 -27.68 -41.12 64.01
C PRO CA 29 -28.04 -39.85 64.75
N LYS CA 30 -29.20 -39.33 64.40
CA LYS CA 30 -29.71 -38.14 65.07
C LYS CA 30 -29.93 -38.45 66.55
N LEU CA 31 -29.64 -37.45 67.38
CA LEU CA 31 -29.79 -37.56 68.81
C LEU CA 31 -30.81 -36.56 69.28
N ALA CA 32 -31.73 -37.02 70.11
CA ALA CA 32 -32.77 -36.18 70.66
C ALA CA 32 -33.14 -36.76 72.01
N VAL CA 33 -33.89 -35.97 72.77
CA VAL CA 33 -34.50 -36.43 74.00
C VAL CA 33 -36.01 -36.38 73.80
N LYS CA 34 -36.72 -37.20 74.56
CA LYS CA 34 -38.17 -37.24 74.50
C LYS CA 34 -38.72 -36.09 75.34
N THR CA 35 -38.59 -34.87 74.81
CA THR CA 35 -39.10 -33.72 75.52
C THR CA 35 -40.61 -33.80 75.60
N GLU CA 36 -41.11 -33.79 76.79
CA GLU CA 36 -42.53 -33.64 77.05
C GLU CA 36 -42.78 -32.20 77.47
N GLN CA 37 -43.41 -31.43 76.59
CA GLN CA 37 -43.74 -30.05 76.91
C GLN CA 37 -44.62 -30.01 78.14
N TYR CA 38 -44.09 -29.46 79.22
CA TYR CA 38 -44.71 -29.55 80.53
C TYR CA 38 -45.16 -28.18 80.98
N ARG CA 39 -46.46 -28.05 81.20
CA ARG CA 39 -47.06 -26.86 81.79
C ARG CA 39 -47.91 -27.29 82.97
N ALA CA 40 -47.74 -26.57 84.08
CA ALA CA 40 -48.45 -26.84 85.30
C ALA CA 40 -49.05 -25.55 85.83
N GLY CA 41 -49.65 -25.63 87.00
CA GLY CA 41 -50.18 -24.44 87.62
C GLY CA 41 -49.07 -23.54 88.12
N GLY CA 42 -49.32 -22.24 88.04
CA GLY CA 42 -48.39 -21.26 88.51
C GLY CA 42 -47.31 -20.91 87.52
N MET CA 43 -47.34 -21.48 86.32
CA MET CA 43 -46.38 -21.16 85.27
C MET CA 43 -47.11 -20.93 83.96
N ASP CA 44 -46.81 -19.81 83.31
CA ASP CA 44 -47.49 -19.44 82.07
C ASP CA 44 -47.02 -20.29 80.91
N ALA CA 45 -45.71 -20.40 80.72
CA ALA CA 45 -45.13 -20.98 79.51
C ALA CA 45 -44.65 -22.40 79.76
N PRO CA 46 -44.90 -23.35 78.86
CA PRO CA 46 -44.45 -24.71 79.10
C PRO CA 46 -42.93 -24.84 79.08
N VAL CA 47 -42.42 -25.75 79.90
CA VAL CA 47 -41.00 -26.12 79.93
C VAL CA 47 -40.89 -27.56 79.50
N SER CA 48 -39.94 -27.83 78.63
CA SER CA 48 -39.64 -29.20 78.21
C SER CA 48 -38.93 -29.96 79.34
N ILE CA 49 -39.22 -31.25 79.43
CA ILE CA 49 -38.59 -32.12 80.42
C ILE CA 49 -37.89 -33.26 79.70
N ASP CA 50 -36.68 -33.57 80.14
CA ASP CA 50 -35.92 -34.68 79.60
C ASP CA 50 -36.45 -35.99 80.19
N MET CA 51 -37.14 -36.78 79.37
CA MET CA 51 -37.72 -38.06 79.77
C MET CA 51 -37.07 -39.23 79.04
N GLY CA 52 -35.82 -39.08 78.64
CA GLY CA 52 -35.07 -40.11 77.95
C GLY CA 52 -34.83 -39.75 76.50
N LEU CA 53 -34.10 -40.63 75.83
CA LEU CA 53 -33.71 -40.39 74.45
C LEU CA 53 -34.74 -40.96 73.49
N GLU CA 54 -34.69 -40.45 72.25
CA GLU CA 54 -35.47 -40.98 71.16
C GLU CA 54 -34.77 -42.20 70.58
N ALA CA 55 -35.45 -42.86 69.66
CA ALA CA 55 -34.83 -43.93 68.92
C ALA CA 55 -33.75 -43.38 68.01
N MET CA 56 -32.61 -44.05 67.99
CA MET CA 56 -31.53 -43.70 67.10
C MET CA 56 -31.72 -44.41 65.77
N GLU CA 57 -31.20 -43.79 64.71
CA GLU CA 57 -31.16 -44.44 63.41
C GLU CA 57 -30.03 -43.85 62.60
N ALA CA 58 -29.07 -44.69 62.25
CA ALA CA 58 -28.01 -44.32 61.35
C ALA CA 58 -28.39 -44.66 59.92
N LYS CA 59 -27.63 -44.11 58.97
CA LYS CA 59 -27.84 -44.40 57.57
C LYS CA 59 -26.51 -44.26 56.84
N PHE CA 60 -26.34 -45.10 55.83
CA PHE CA 60 -25.19 -45.02 54.95
C PHE CA 60 -25.55 -45.75 53.67
N SER CA 61 -24.95 -45.31 52.57
CA SER CA 61 -25.34 -45.78 51.25
C SER CA 61 -24.13 -46.25 50.47
N THR CA 62 -24.39 -47.16 49.53
CA THR CA 62 -23.40 -47.68 48.60
C THR CA 62 -24.01 -47.69 47.22
N ASN CA 63 -23.15 -47.62 46.21
CA ASN CA 63 -23.58 -47.66 44.82
C ASN CA 63 -23.30 -48.99 44.14
N GLY CA 64 -22.52 -49.86 44.77
CA GLY CA 64 -22.25 -51.19 44.23
C GLY CA 64 -22.73 -52.29 45.14
N ALA CA 65 -22.83 -53.50 44.60
CA ALA CA 65 -23.30 -54.64 45.38
C ALA CA 65 -22.19 -55.03 46.34
N ARG CA 66 -22.10 -54.29 47.43
CA ARG CA 66 -21.09 -54.54 48.44
C ARG CA 66 -21.60 -55.66 49.32
N ARG CA 67 -21.20 -56.88 48.98
CA ARG CA 67 -21.69 -58.07 49.67
C ARG CA 67 -21.43 -58.00 51.17
N GLU CA 68 -20.35 -57.36 51.58
CA GLU CA 68 -20.19 -56.96 52.97
C GLU CA 68 -21.14 -55.81 53.24
N ALA CA 69 -21.99 -55.99 54.25
CA ALA CA 69 -23.07 -55.10 54.67
C ALA CA 69 -24.32 -55.24 53.80
N LEU CA 70 -24.31 -56.08 52.77
CA LEU CA 70 -25.54 -56.66 52.26
C LEU CA 70 -25.89 -57.93 53.00
N ASN CA 71 -24.89 -58.61 53.55
CA ASN CA 71 -25.07 -59.88 54.25
C ASN CA 71 -25.29 -59.70 55.75
N PHE CA 72 -25.56 -58.48 56.22
CA PHE CA 72 -25.87 -58.22 57.62
C PHE CA 72 -27.31 -57.77 57.84
N PHE CA 73 -28.15 -57.85 56.82
CA PHE CA 73 -29.55 -57.54 56.96
C PHE CA 73 -30.30 -58.70 57.59
N GLY CA 74 -31.24 -58.37 58.46
CA GLY CA 74 -32.21 -59.35 58.89
C GLY CA 74 -31.60 -60.54 59.61
N LEU CA 75 -30.42 -60.37 60.18
CA LEU CA 75 -29.82 -61.44 60.94
C LEU CA 75 -30.59 -61.63 62.24
N ALA CA 76 -30.67 -62.88 62.69
CA ALA CA 76 -31.31 -63.15 63.96
C ALA CA 76 -30.54 -62.50 65.10
N ASP CA 77 -29.22 -62.48 65.00
CA ASP CA 77 -28.37 -61.90 66.03
C ASP CA 77 -28.32 -60.39 65.82
N GLN CA 78 -29.34 -59.71 66.35
CA GLN CA 78 -29.28 -58.27 66.44
C GLN CA 78 -28.07 -57.87 67.27
N SER CA 79 -27.55 -56.67 66.99
CA SER CA 79 -26.34 -56.09 67.57
C SER CA 79 -25.07 -56.77 67.06
N ALA CA 80 -25.18 -57.72 66.13
CA ALA CA 80 -24.00 -58.24 65.45
C ALA CA 80 -23.52 -57.29 64.36
N PHE CA 81 -24.38 -56.40 63.87
CA PHE CA 81 -23.96 -55.39 62.93
C PHE CA 81 -23.15 -54.33 63.64
N ASN CA 82 -21.84 -54.46 63.66
CA ASN CA 82 -20.99 -53.41 64.18
C ASN CA 82 -20.85 -52.32 63.12
N GLY CA 83 -19.98 -51.36 63.36
CA GLY CA 83 -19.79 -50.28 62.41
C GLY CA 83 -19.04 -49.11 63.01
N VAL CA 84 -18.29 -48.42 62.16
CA VAL CA 84 -17.53 -47.24 62.56
C VAL CA 84 -17.72 -46.18 61.49
N PHE CA 85 -18.32 -45.07 61.87
CA PHE CA 85 -18.43 -43.90 61.00
C PHE CA 85 -17.29 -42.96 61.30
N ARG CA 86 -16.42 -42.75 60.31
CA ARG CA 86 -15.29 -41.84 60.43
C ARG CA 86 -15.51 -40.61 59.57
N GLY CA 87 -15.04 -39.47 60.08
CA GLY CA 87 -15.11 -38.22 59.36
C GLY CA 87 -13.92 -37.35 59.68
N SER CA 88 -13.29 -36.80 58.65
CA SER CA 88 -12.10 -35.98 58.78
C SER CA 88 -12.50 -34.51 58.68
N PHE CA 89 -12.51 -33.83 59.83
CA PHE CA 89 -12.83 -32.41 59.89
C PHE CA 89 -11.52 -31.64 59.87
N LYS CA 90 -11.31 -30.91 58.79
CA LYS CA 90 -10.14 -30.05 58.63
C LYS CA 90 -10.53 -28.60 58.88
N GLY CA 91 -9.74 -27.92 59.70
CA GLY CA 91 -9.95 -26.52 59.96
C GLY CA 91 -9.52 -25.67 58.78
N GLN CA 92 -9.53 -24.36 58.99
CA GLN CA 92 -8.89 -23.47 58.03
C GLN CA 92 -7.40 -23.78 57.97
N LYS CA 93 -6.72 -23.66 59.10
CA LYS CA 93 -5.30 -23.97 59.17
C LYS CA 93 -5.08 -25.47 58.95
N GLY CA 94 -3.82 -25.84 58.81
CA GLY CA 94 -3.46 -27.20 58.52
C GLY CA 94 -3.58 -28.11 59.71
N ALA CA 95 -4.81 -28.41 60.12
CA ALA CA 95 -5.09 -29.30 61.23
C ALA CA 95 -6.32 -30.11 60.91
N SER CA 96 -6.31 -31.38 61.34
CA SER CA 96 -7.37 -32.32 61.04
C SER CA 96 -7.87 -32.93 62.33
N VAL CA 97 -9.20 -32.94 62.48
CA VAL CA 97 -9.88 -33.43 63.68
C VAL CA 97 -10.61 -34.72 63.29
N PRO CA 98 -10.20 -35.89 63.79
CA PRO CA 98 -10.96 -37.09 63.51
C PRO CA 98 -12.21 -37.17 64.37
N VAL CA 99 -13.31 -37.58 63.73
CA VAL CA 99 -14.57 -37.86 64.41
C VAL CA 99 -14.95 -39.30 64.12
N VAL CA 100 -15.26 -40.03 65.17
CA VAL CA 100 -15.52 -41.46 65.10
C VAL CA 100 -16.80 -41.75 65.85
N ALA CA 101 -17.70 -42.50 65.21
CA ALA CA 101 -18.92 -42.96 65.83
C ALA CA 101 -19.02 -44.47 65.68
N THR CA 102 -18.56 -45.17 66.70
CA THR CA 102 -18.77 -46.60 66.76
C THR CA 102 -20.26 -46.89 66.91
N LEU CA 103 -20.77 -47.77 66.07
CA LEU CA 103 -22.15 -48.20 66.12
C LEU CA 103 -22.23 -49.70 66.30
N ARG CA 104 -23.37 -50.14 66.82
CA ARG CA 104 -23.65 -51.56 66.95
C ARG CA 104 -25.16 -51.70 67.09
N GLY CA 105 -25.77 -52.45 66.20
CA GLY CA 105 -27.20 -52.57 66.20
C GLY CA 105 -27.71 -53.51 65.13
N LEU CA 106 -28.74 -53.07 64.41
CA LEU CA 106 -29.41 -53.86 63.40
C LEU CA 106 -29.36 -53.14 62.07
N LEU CA 107 -28.97 -53.85 61.01
CA LEU CA 107 -29.15 -53.30 59.68
C LEU CA 107 -30.65 -53.37 59.37
N LYS CA 108 -31.35 -52.27 59.64
CA LYS CA 108 -32.80 -52.29 59.64
C LYS CA 108 -33.37 -52.50 58.25
N GLU CA 109 -32.76 -51.89 57.24
CA GLU CA 109 -33.42 -51.69 55.97
C GLU CA 109 -32.39 -51.67 54.85
N VAL CA 110 -32.81 -52.20 53.71
CA VAL CA 110 -32.03 -52.17 52.48
C VAL CA 110 -32.98 -51.73 51.37
N ASP CA 111 -32.67 -50.61 50.74
CA ASP CA 111 -33.58 -49.94 49.81
C ASP CA 111 -32.83 -49.59 48.54
N PRO CA 112 -32.68 -50.55 47.63
CA PRO CA 112 -32.08 -50.26 46.33
C PRO CA 112 -32.94 -49.26 45.56
N GLY CA 113 -32.33 -48.15 45.19
CA GLY CA 113 -33.03 -47.14 44.46
C GLY CA 113 -33.39 -47.60 43.06
N ASP CA 114 -33.96 -46.67 42.30
CA ASP CA 114 -34.38 -46.96 40.94
C ASP CA 114 -33.16 -47.18 40.06
N TRP CA 115 -33.08 -48.35 39.44
CA TRP CA 115 -32.04 -48.65 38.47
C TRP CA 115 -32.48 -48.10 37.11
N LYS CA 116 -31.85 -47.00 36.69
CA LYS CA 116 -32.29 -46.25 35.52
C LYS CA 116 -31.40 -46.43 34.30
N ALA CA 117 -30.50 -47.41 34.31
CA ALA CA 117 -29.74 -47.78 33.11
C ALA CA 117 -28.88 -46.62 32.61
N GLY CA 118 -27.90 -46.27 33.43
CA GLY CA 118 -27.01 -45.15 33.17
C GLY CA 118 -27.03 -44.13 34.29
N GLU CA 119 -27.41 -44.59 35.48
CA GLU CA 119 -27.42 -43.75 36.67
C GLU CA 119 -26.98 -44.60 37.85
N LYS CA 120 -26.49 -43.94 38.88
CA LYS CA 120 -25.96 -44.65 40.03
C LYS CA 120 -27.04 -45.50 40.68
N ALA CA 121 -26.61 -46.61 41.27
CA ALA CA 121 -27.55 -47.53 41.90
C ALA CA 121 -28.11 -46.93 43.18
N GLU CA 122 -27.21 -46.48 44.06
CA GLU CA 122 -27.57 -45.79 45.29
C GLU CA 122 -28.43 -46.69 46.20
N PHE CA 123 -27.79 -47.76 46.66
CA PHE CA 123 -28.38 -48.57 47.72
C PHE CA 123 -28.45 -47.75 48.99
N LYS CA 124 -29.65 -47.52 49.49
CA LYS CA 124 -29.86 -46.88 50.78
C LYS CA 124 -30.02 -47.95 51.83
N TYR CA 125 -29.29 -47.81 52.93
CA TYR CA 125 -29.45 -48.63 54.10
C TYR CA 125 -29.92 -47.77 55.26
N ALA CA 126 -30.48 -48.43 56.26
CA ALA CA 126 -30.77 -47.80 57.54
C ALA CA 126 -30.39 -48.79 58.64
N VAL CA 127 -29.88 -48.26 59.74
CA VAL CA 127 -29.42 -49.05 60.86
C VAL CA 127 -30.21 -48.62 62.09
N ALA CA 128 -30.74 -49.59 62.81
CA ALA CA 128 -31.33 -49.33 64.12
C ALA CA 128 -30.26 -49.58 65.17
N VAL CA 129 -29.87 -48.52 65.87
CA VAL CA 129 -28.67 -48.52 66.70
C VAL CA 129 -29.03 -48.99 68.09
N SER CA 130 -28.23 -49.93 68.61
CA SER CA 130 -28.30 -50.38 69.99
C SER CA 130 -27.07 -50.00 70.80
N TYR CA 131 -26.15 -49.22 70.23
CA TYR CA 131 -25.00 -48.74 70.95
C TYR CA 131 -24.37 -47.62 70.14
N TYR CA 132 -23.99 -46.55 70.82
CA TYR CA 132 -23.52 -45.34 70.16
C TYR CA 132 -22.42 -44.70 71.00
N LYS CA 133 -21.20 -44.73 70.49
CA LYS CA 133 -20.07 -44.02 71.09
C LYS CA 133 -19.53 -43.06 70.06
N LEU CA 134 -19.64 -41.76 70.33
CA LEU CA 134 -19.07 -40.72 69.49
C LEU CA 134 -17.78 -40.23 70.11
N GLU CA 135 -16.74 -40.14 69.29
CA GLU CA 135 -15.45 -39.65 69.72
C GLU CA 135 -15.00 -38.54 68.78
N VAL CA 136 -14.40 -37.50 69.37
CA VAL CA 136 -13.87 -36.37 68.62
C VAL CA 136 -12.43 -36.19 69.07
N ASP CA 137 -11.51 -36.24 68.10
CA ASP CA 137 -10.10 -36.01 68.37
C ASP CA 137 -9.57 -37.01 69.39
N GLY CA 138 -10.03 -38.24 69.29
CA GLY CA 138 -9.60 -39.30 70.17
C GLY CA 138 -10.19 -39.27 71.56
N ARG CA 139 -11.08 -38.32 71.85
CA ARG CA 139 -11.69 -38.17 73.16
C ARG CA 139 -13.16 -38.58 73.10
N GLU CA 140 -13.59 -39.29 74.14
CA GLU CA 140 -15.00 -39.64 74.26
C GLU CA 140 -15.83 -38.39 74.41
N VAL CA 141 -16.75 -38.18 73.48
CA VAL CA 141 -17.80 -37.21 73.64
C VAL CA 141 -19.04 -37.85 74.27
N TYR CA 142 -19.63 -38.85 73.60
CA TYR CA 142 -20.75 -39.60 74.17
C TYR CA 142 -20.45 -41.07 74.29
N GLU CA 143 -21.28 -41.74 75.08
CA GLU CA 143 -21.47 -43.17 74.95
C GLU CA 143 -22.86 -43.49 75.45
N ILE CA 144 -23.74 -43.90 74.54
CA ILE CA 144 -25.01 -44.51 74.93
C ILE CA 144 -24.76 -46.00 75.01
N ASP CA 145 -25.37 -46.63 76.01
CA ASP CA 145 -25.66 -48.06 75.97
C ASP CA 145 -27.09 -48.18 76.49
N PRO CA 146 -28.08 -48.32 75.60
CA PRO CA 146 -29.47 -48.27 76.08
C PRO CA 146 -29.81 -49.36 77.07
N VAL CA 147 -29.47 -50.60 76.74
CA VAL CA 147 -29.93 -51.75 77.50
C VAL CA 147 -29.27 -51.81 78.86
N ASN CA 148 -28.06 -51.27 78.98
CA ASN CA 148 -27.37 -51.19 80.26
C ASN CA 148 -27.62 -49.88 80.99
N GLY CA 149 -28.24 -48.90 80.34
CA GLY CA 149 -28.57 -47.65 81.00
C GLY CA 149 -27.41 -46.69 81.11
N VAL CA 150 -26.63 -46.53 80.04
CA VAL CA 150 -25.50 -45.62 80.00
C VAL CA 150 -25.88 -44.46 79.09
N ARG CA 151 -25.69 -43.24 79.58
CA ARG CA 151 -25.74 -42.02 78.76
C ARG CA 151 -24.60 -41.15 79.29
N ALA CA 152 -23.42 -41.33 78.71
CA ALA CA 152 -22.20 -40.71 79.21
C ALA CA 152 -21.92 -39.45 78.41
N ILE CA 153 -21.52 -38.40 79.11
CA ILE CA 153 -21.02 -37.17 78.52
C ILE CA 153 -19.59 -36.97 79.03
N ASN CA 154 -18.63 -37.02 78.12
CA ASN CA 154 -17.22 -36.86 78.47
C ASN CA 154 -16.78 -37.85 79.54
N GLY CA 155 -17.37 -39.05 79.53
CA GLY CA 155 -17.09 -40.06 80.51
C GLY CA 155 -17.94 -40.00 81.77
N VAL CA 156 -18.90 -39.08 81.85
CA VAL CA 156 -19.75 -38.91 83.01
C VAL CA 156 -21.13 -39.48 82.68
N ASP CA 157 -21.42 -40.64 83.25
CA ASP CA 157 -22.73 -41.26 83.07
C ASP CA 157 -23.79 -40.39 83.73
N GLN CA 158 -24.60 -39.72 82.93
CA GLN CA 158 -25.68 -38.89 83.46
C GLN CA 158 -26.78 -39.72 84.11
N LEU CA 159 -26.84 -41.01 83.82
CA LEU CA 159 -27.90 -41.88 84.31
C LEU CA 159 -27.54 -42.62 85.58
N ALA CA 160 -26.44 -42.24 86.24
CA ALA CA 160 -26.04 -42.95 87.45
C ALA CA 160 -27.09 -42.82 88.55
N GLY CA 161 -27.75 -41.67 88.64
CA GLY CA 161 -28.80 -41.50 89.61
C GLY CA 161 -29.98 -42.42 89.34
N MET CA 162 -30.35 -42.57 88.07
CA MET CA 162 -31.41 -43.49 87.69
C MET CA 162 -31.03 -44.93 88.03
N ARG CA 163 -29.78 -45.30 87.76
CA ARG CA 163 -29.33 -46.66 88.05
C ARG CA 163 -29.34 -46.93 89.54
N ASN CA 164 -28.99 -45.92 90.34
CA ASN CA 164 -29.09 -46.07 91.80
C ASN CA 164 -30.53 -46.20 92.24
N ASP CA 165 -31.42 -45.39 91.67
CA ASP CA 165 -32.82 -45.40 92.06
C ASP CA 165 -33.47 -46.74 91.72
N LEU CA 166 -33.17 -47.27 90.55
CA LEU CA 166 -33.74 -48.53 90.10
C LEU CA 166 -32.95 -49.76 90.53
N GLY CA 167 -31.77 -49.57 91.13
CA GLY CA 167 -30.96 -50.69 91.53
C GLY CA 167 -30.53 -51.52 90.33
N LEU CA 168 -29.82 -50.88 89.41
CA LEU CA 168 -29.50 -51.45 88.10
C LEU CA 168 -30.78 -51.70 87.33
N MET DA 2 -13.27 -51.36 48.62
CA MET DA 2 -12.36 -50.28 48.26
C MET DA 2 -12.11 -50.24 46.76
N ILE DA 3 -13.16 -50.00 45.99
CA ILE DA 3 -12.99 -49.71 44.57
C ILE DA 3 -14.25 -49.01 44.07
N PRO DA 4 -14.17 -47.98 43.23
CA PRO DA 4 -15.39 -47.40 42.67
C PRO DA 4 -16.13 -48.42 41.82
N GLN DA 5 -17.46 -48.33 41.87
CA GLN DA 5 -18.30 -49.31 41.21
C GLN DA 5 -19.74 -48.83 41.29
N THR DA 6 -20.51 -49.09 40.24
CA THR DA 6 -21.91 -48.73 40.23
C THR DA 6 -22.59 -49.40 39.05
N LEU DA 7 -23.88 -49.10 38.90
CA LEU DA 7 -24.67 -49.64 37.80
C LEU DA 7 -24.31 -48.93 36.51
N THR DA 8 -24.28 -49.70 35.43
CA THR DA 8 -24.05 -49.20 34.09
C THR DA 8 -25.14 -49.57 33.13
N ASN DA 9 -25.80 -50.72 33.32
CA ASN DA 9 -26.81 -51.18 32.41
C ASN DA 9 -27.59 -52.29 33.10
N THR DA 10 -28.79 -52.56 32.57
CA THR DA 10 -29.73 -53.46 33.22
C THR DA 10 -30.44 -54.28 32.16
N ASN DA 11 -31.33 -55.16 32.60
CA ASN DA 11 -32.19 -55.95 31.73
C ASN DA 11 -33.21 -56.67 32.60
N LEU DA 12 -34.32 -57.05 31.97
CA LEU DA 12 -35.43 -57.71 32.65
C LEU DA 12 -35.83 -58.95 31.88
N PHE DA 13 -36.04 -60.05 32.59
CA PHE DA 13 -36.63 -61.25 32.04
C PHE DA 13 -37.93 -61.54 32.75
N ILE DA 14 -38.95 -61.90 31.96
CA ILE DA 14 -40.21 -62.39 32.47
C ILE DA 14 -40.60 -63.58 31.59
N ASP DA 15 -40.77 -64.75 32.21
CA ASP DA 15 -41.16 -65.96 31.50
C ASP DA 15 -40.17 -66.28 30.38
N GLY DA 16 -38.89 -66.00 30.62
CA GLY DA 16 -37.85 -66.20 29.65
C GLY DA 16 -37.80 -65.17 28.54
N VAL DA 17 -38.77 -64.27 28.46
CA VAL DA 17 -38.78 -63.23 27.45
C VAL DA 17 -37.84 -62.12 27.88
N SER DA 18 -36.97 -61.70 26.99
CA SER DA 18 -36.05 -60.61 27.27
C SER DA 18 -36.71 -59.28 26.91
N PHE DA 19 -36.65 -58.34 27.84
CA PHE DA 19 -36.97 -56.94 27.59
C PHE DA 19 -35.71 -56.11 27.47
N ALA DA 20 -34.69 -56.68 26.83
CA ALA DA 20 -33.50 -55.90 26.53
C ALA DA 20 -33.89 -54.87 25.50
N GLY DA 21 -34.30 -53.69 25.96
CA GLY DA 21 -34.76 -52.63 25.08
C GLY DA 21 -35.87 -51.78 25.63
N ASP DA 22 -36.60 -52.22 26.65
CA ASP DA 22 -37.72 -51.44 27.20
C ASP DA 22 -37.87 -51.54 28.71
N VAL DA 23 -36.81 -51.22 29.46
CA VAL DA 23 -36.91 -51.15 30.92
C VAL DA 23 -36.25 -49.86 31.41
N PRO DA 24 -36.89 -48.70 31.20
CA PRO DA 24 -36.28 -47.43 31.64
C PRO DA 24 -35.97 -47.38 33.12
N SER DA 25 -36.91 -47.80 33.95
CA SER DA 25 -36.73 -47.83 35.40
C SER DA 25 -36.91 -49.26 35.87
N LEU DA 26 -35.95 -49.73 36.64
CA LEU DA 26 -36.02 -51.03 37.27
C LEU DA 26 -35.81 -50.85 38.77
N THR DA 27 -36.64 -51.51 39.57
CA THR DA 27 -36.60 -51.37 41.02
C THR DA 27 -36.59 -52.75 41.67
N LEU DA 28 -35.57 -53.01 42.42
CA LEU DA 28 -35.48 -54.16 43.28
C LEU DA 28 -36.33 -53.90 44.54
N PRO DA 29 -37.07 -54.89 45.05
CA PRO DA 29 -37.97 -54.60 46.17
C PRO DA 29 -37.21 -54.18 47.39
N LYS DA 30 -37.68 -53.12 48.02
CA LYS DA 30 -37.09 -52.64 49.25
C LYS DA 30 -37.22 -53.71 50.32
N LEU DA 31 -36.18 -53.81 51.15
CA LEU DA 31 -36.14 -54.77 52.23
C LEU DA 31 -36.05 -54.03 53.55
N ALA DA 32 -36.88 -54.44 54.48
CA ALA DA 32 -36.91 -53.85 55.80
C ALA DA 32 -37.37 -54.92 56.77
N VAL DA 33 -37.20 -54.63 58.05
CA VAL DA 33 -37.74 -55.44 59.11
C VAL DA 33 -38.78 -54.61 59.83
N LYS DA 34 -39.72 -55.29 60.48
CA LYS DA 34 -40.76 -54.61 61.24
C LYS DA 34 -40.19 -54.25 62.61
N THR DA 35 -39.32 -53.23 62.62
CA THR DA 35 -38.74 -52.81 63.88
C THR DA 35 -39.82 -52.21 64.76
N GLU DA 36 -39.96 -52.78 65.93
CA GLU DA 36 -40.80 -52.22 66.98
C GLU DA 36 -39.87 -51.55 67.98
N GLN DA 37 -39.91 -50.22 68.01
CA GLN DA 37 -39.10 -49.47 68.95
C GLN DA 37 -39.49 -49.88 70.36
N TYR DA 38 -38.56 -50.51 71.05
CA TYR DA 38 -38.84 -51.17 72.32
C TYR DA 38 -38.11 -50.45 73.44
N ARG DA 39 -38.87 -49.94 74.39
CA ARG DA 39 -38.35 -49.36 75.62
C ARG DA 39 -39.04 -50.02 76.80
N ALA DA 40 -38.25 -50.42 77.78
CA ALA DA 40 -38.73 -51.09 78.96
C ALA DA 40 -38.14 -50.41 80.18
N GLY DA 41 -38.42 -50.96 81.35
CA GLY DA 41 -37.85 -50.44 82.56
C GLY DA 41 -36.36 -50.74 82.65
N GLY DA 42 -35.62 -49.82 83.23
CA GLY DA 42 -34.21 -49.98 83.42
C GLY DA 42 -33.38 -49.59 82.23
N MET DA 43 -34.00 -49.11 81.15
CA MET DA 43 -33.28 -48.65 79.97
C MET DA 43 -33.83 -47.31 79.53
N ASP DA 44 -32.93 -46.35 79.32
CA ASP DA 44 -33.33 -45.00 78.95
C ASP DA 44 -33.80 -44.93 77.51
N ALA DA 45 -33.01 -45.45 76.57
CA ALA DA 45 -33.22 -45.24 75.16
C ALA DA 45 -33.85 -46.48 74.51
N PRO DA 46 -34.83 -46.32 73.63
CA PRO DA 46 -35.45 -47.49 73.02
C PRO DA 46 -34.50 -48.23 72.09
N VAL DA 47 -34.67 -49.54 72.04
CA VAL DA 47 -33.96 -50.41 71.12
C VAL DA 47 -34.97 -51.04 70.17
N SER DA 48 -34.65 -51.04 68.90
CA SER DA 48 -35.47 -51.70 67.90
C SER DA 48 -35.35 -53.21 68.01
N ILE DA 49 -36.44 -53.92 67.75
CA ILE DA 49 -36.48 -55.38 67.76
C ILE DA 49 -36.92 -55.87 66.40
N ASP DA 50 -36.24 -56.90 65.91
CA ASP DA 50 -36.59 -57.54 64.65
C ASP DA 50 -37.79 -58.45 64.88
N MET DA 51 -38.95 -58.05 64.37
CA MET DA 51 -40.19 -58.82 64.49
C MET DA 51 -40.69 -59.32 63.14
N GLY DA 52 -39.78 -59.53 62.19
CA GLY DA 52 -40.12 -60.01 60.86
C GLY DA 52 -39.94 -58.93 59.82
N LEU DA 53 -40.16 -59.33 58.57
CA LEU DA 53 -39.94 -58.45 57.44
C LEU DA 53 -41.21 -57.66 57.11
N GLU DA 54 -41.00 -56.55 56.40
CA GLU DA 54 -42.09 -55.78 55.84
C GLU DA 54 -42.57 -56.42 54.54
N ALA DA 55 -43.65 -55.89 54.01
CA ALA DA 55 -44.10 -56.31 52.69
C ALA DA 55 -43.11 -55.86 51.64
N MET DA 56 -42.80 -56.75 50.72
CA MET DA 56 -41.96 -56.45 49.59
C MET DA 56 -42.81 -55.89 48.46
N GLU DA 57 -42.18 -55.05 47.63
CA GLU DA 57 -42.82 -54.57 46.42
C GLU DA 57 -41.75 -54.20 45.42
N ALA DA 58 -41.74 -54.90 44.30
CA ALA DA 58 -40.89 -54.55 43.18
C ALA DA 58 -41.63 -53.63 42.22
N LYS DA 59 -40.86 -53.00 41.33
CA LYS DA 59 -41.44 -52.13 40.32
C LYS DA 59 -40.54 -52.16 39.09
N PHE DA 60 -41.18 -52.06 37.93
CA PHE DA 60 -40.47 -51.94 36.66
C PHE DA 60 -41.44 -51.35 35.66
N SER DA 61 -40.89 -50.62 34.69
CA SER DA 61 -41.71 -49.84 33.77
C SER DA 61 -41.33 -50.15 32.34
N THR DA 62 -42.30 -49.93 31.45
CA THR DA 62 -42.14 -50.06 30.02
C THR DA 62 -42.79 -48.87 29.35
N ASN DA 63 -42.31 -48.54 28.16
CA ASN DA 63 -42.86 -47.44 27.38
C ASN DA 63 -43.71 -47.89 26.22
N GLY DA 64 -43.69 -49.18 25.88
CA GLY DA 64 -44.53 -49.72 24.83
C GLY DA 64 -45.50 -50.75 25.34
N ALA DA 65 -46.51 -51.06 24.53
CA ALA DA 65 -47.52 -52.04 24.92
C ALA DA 65 -46.89 -53.43 24.83
N ARG DA 66 -46.13 -53.76 25.86
CA ARG DA 66 -45.45 -55.04 25.92
C ARG DA 66 -46.45 -56.05 26.41
N ARG DA 67 -47.09 -56.73 25.46
CA ARG DA 67 -48.17 -57.66 25.78
C ARG DA 67 -47.70 -58.75 26.75
N GLU DA 68 -46.43 -59.13 26.68
CA GLU DA 68 -45.83 -59.90 27.75
C GLU DA 68 -45.62 -58.97 28.94
N ALA DA 69 -46.17 -59.37 30.08
CA ALA DA 69 -46.22 -58.64 31.35
C ALA DA 69 -47.30 -57.57 31.38
N LEU DA 70 -48.05 -57.39 30.29
CA LEU DA 70 -49.40 -56.83 30.39
C LEU DA 70 -50.43 -57.92 30.64
N ASN DA 71 -50.13 -59.14 30.20
CA ASN DA 71 -51.04 -60.27 30.33
C ASN DA 71 -50.84 -61.08 31.60
N PHE DA 72 -50.07 -60.55 32.57
CA PHE DA 72 -49.88 -61.19 33.86
C PHE DA 72 -50.51 -60.43 35.01
N PHE DA 73 -51.30 -59.42 34.72
CA PHE DA 73 -52.03 -58.68 35.74
C PHE DA 73 -53.26 -59.46 36.18
N GLY DA 74 -53.54 -59.41 37.47
CA GLY DA 74 -54.83 -59.85 37.94
C GLY DA 74 -55.15 -61.30 37.66
N LEU DA 75 -54.12 -62.12 37.47
CA LEU DA 75 -54.34 -63.53 37.25
C LEU DA 75 -54.79 -64.16 38.57
N ALA DA 76 -55.67 -65.16 38.46
CA ALA DA 76 -56.11 -65.88 39.63
C ALA DA 76 -54.93 -66.61 40.28
N ASP DA 77 -54.02 -67.14 39.46
CA ASP DA 77 -52.86 -67.87 39.96
C ASP DA 77 -51.79 -66.87 40.36
N GLN DA 78 -51.93 -66.35 41.58
CA GLN DA 78 -50.85 -65.59 42.18
C GLN DA 78 -49.60 -66.46 42.25
N SER DA 79 -48.44 -65.81 42.21
CA SER DA 79 -47.10 -66.40 42.17
C SER DA 79 -46.80 -67.02 40.81
N ALA DA 80 -47.69 -66.92 39.82
CA ALA DA 80 -47.36 -67.30 38.46
C ALA DA 80 -46.53 -66.23 37.76
N PHE DA 81 -46.58 -64.99 38.25
CA PHE DA 81 -45.71 -63.95 37.72
C PHE DA 81 -44.29 -64.17 38.20
N ASN DA 82 -43.48 -64.86 37.41
CA ASN DA 82 -42.07 -64.97 37.71
C ASN DA 82 -41.37 -63.68 37.28
N GLY DA 83 -40.05 -63.67 37.33
CA GLY DA 83 -39.31 -62.48 36.96
C GLY DA 83 -37.87 -62.54 37.42
N VAL DA 84 -37.00 -61.90 36.65
CA VAL DA 84 -35.58 -61.82 36.96
C VAL DA 84 -35.13 -60.39 36.70
N PHE DA 85 -34.69 -59.71 37.75
CA PHE DA 85 -34.08 -58.39 37.64
C PHE DA 85 -32.57 -58.56 37.57
N ARG DA 86 -31.99 -58.16 36.44
CA ARG DA 86 -30.55 -58.22 36.24
C ARG DA 86 -29.96 -56.82 36.22
N GLY DA 87 -28.76 -56.70 36.76
CA GLY DA 87 -28.03 -55.46 36.77
C GLY DA 87 -26.54 -55.70 36.66
N SER DA 88 -25.89 -54.96 35.76
CA SER DA 88 -24.46 -55.10 35.50
C SER DA 88 -23.71 -54.01 36.23
N PHE DA 89 -23.06 -54.37 37.33
CA PHE DA 89 -22.26 -53.43 38.11
C PHE DA 89 -20.83 -53.55 37.65
N LYS DA 90 -20.32 -52.48 37.03
CA LYS DA 90 -18.93 -52.41 36.58
C LYS DA 90 -18.13 -51.55 37.55
N GLY DA 91 -16.98 -52.05 37.96
CA GLY DA 91 -16.09 -51.30 38.81
C GLY DA 91 -15.38 -50.21 38.04
N GLN DA 92 -14.43 -49.57 38.71
CA GLN DA 92 -13.51 -48.70 37.99
C GLN DA 92 -12.71 -49.52 36.98
N LYS DA 93 -11.98 -50.51 37.46
CA LYS DA 93 -11.22 -51.37 36.58
C LYS DA 93 -12.16 -52.21 35.72
N GLY DA 94 -11.58 -52.90 34.76
CA GLY DA 94 -12.35 -53.67 33.81
C GLY DA 94 -12.88 -54.96 34.38
N ALA DA 95 -13.87 -54.84 35.27
CA ALA DA 95 -14.52 -55.99 35.88
C ALA DA 95 -15.99 -55.70 36.03
N SER DA 96 -16.81 -56.73 35.86
CA SER DA 96 -18.26 -56.61 35.87
C SER DA 96 -18.83 -57.60 36.86
N VAL DA 97 -19.73 -57.11 37.72
CA VAL DA 97 -20.35 -57.90 38.78
C VAL DA 97 -21.82 -58.07 38.42
N PRO DA 98 -22.30 -59.27 38.08
CA PRO DA 98 -23.72 -59.44 37.85
C PRO DA 98 -24.50 -59.51 39.15
N VAL DA 99 -25.64 -58.83 39.16
CA VAL DA 99 -26.60 -58.87 40.26
C VAL DA 99 -27.92 -59.35 39.71
N VAL DA 100 -28.49 -60.35 40.36
CA VAL DA 100 -29.70 -61.03 39.90
C VAL DA 100 -30.67 -61.12 41.06
N ALA DA 101 -31.91 -60.73 40.82
CA ALA DA 101 -32.98 -60.86 41.78
C ALA DA 101 -34.14 -61.60 41.14
N THR DA 102 -34.15 -62.90 41.35
CA THR DA 102 -35.31 -63.69 40.95
C THR DA 102 -36.50 -63.29 41.80
N LEU DA 103 -37.61 -63.01 41.14
CA LEU DA 103 -38.86 -62.67 41.80
C LEU DA 103 -39.95 -63.64 41.39
N ARG DA 104 -40.96 -63.74 42.24
CA ARG DA 104 -42.15 -64.52 41.94
C ARG DA 104 -43.25 -64.03 42.85
N GLY DA 105 -44.35 -63.59 42.26
CA GLY DA 105 -45.42 -63.02 43.03
C GLY DA 105 -46.61 -62.63 42.17
N LEU DA 106 -47.11 -61.43 42.41
CA LEU DA 106 -48.31 -60.90 41.75
C LEU DA 106 -47.97 -59.61 41.04
N LEU DA 107 -48.37 -59.50 39.78
CA LEU DA 107 -48.31 -58.19 39.14
C LEU DA 107 -49.43 -57.36 39.73
N LYS DA 108 -49.10 -56.57 40.75
CA LYS DA 108 -50.11 -55.92 41.58
C LYS DA 108 -50.87 -54.86 40.81
N GLU DA 109 -50.18 -54.10 39.97
CA GLU DA 109 -50.69 -52.82 39.50
C GLU DA 109 -50.16 -52.54 38.11
N VAL DA 110 -51.00 -51.90 37.31
CA VAL DA 110 -50.63 -51.41 35.98
C VAL DA 110 -51.16 -49.98 35.89
N ASP DA 111 -50.24 -49.03 35.70
CA ASP DA 111 -50.55 -47.60 35.81
C ASP DA 111 -49.98 -46.89 34.59
N PRO DA 112 -50.71 -46.91 33.47
CA PRO DA 112 -50.30 -46.12 32.31
C PRO DA 112 -50.30 -44.65 32.62
N GLY DA 113 -49.15 -44.02 32.44
CA GLY DA 113 -49.04 -42.61 32.70
C GLY DA 113 -49.83 -41.78 31.72
N ASP DA 114 -49.68 -40.47 31.85
CA ASP DA 114 -50.39 -39.54 30.99
C ASP DA 114 -49.85 -39.63 29.57
N TRP DA 115 -50.73 -39.94 28.62
CA TRP DA 115 -50.39 -39.93 27.21
C TRP DA 115 -50.51 -38.50 26.70
N LYS DA 116 -49.37 -37.85 26.46
CA LYS DA 116 -49.32 -36.43 26.16
C LYS DA 116 -49.03 -36.12 24.69
N ALA DA 117 -49.10 -37.11 23.80
CA ALA DA 117 -49.04 -36.87 22.36
C ALA DA 117 -47.71 -36.23 21.96
N GLY DA 118 -46.65 -37.03 22.13
CA GLY DA 118 -45.29 -36.59 21.87
C GLY DA 118 -44.40 -36.74 23.08
N GLU DA 119 -44.79 -37.64 23.99
CA GLU DA 119 -44.02 -37.93 25.18
C GLU DA 119 -44.14 -39.41 25.46
N LYS DA 120 -43.16 -39.94 26.18
CA LYS DA 120 -43.11 -41.37 26.44
C LYS DA 120 -44.35 -41.83 27.20
N ALA DA 121 -44.77 -43.06 26.94
CA ALA DA 121 -45.96 -43.59 27.58
C ALA DA 121 -45.71 -43.85 29.06
N GLU DA 122 -44.63 -44.58 29.36
CA GLU DA 122 -44.20 -44.84 30.72
C GLU DA 122 -45.28 -45.60 31.51
N PHE DA 123 -45.52 -46.82 31.08
CA PHE DA 123 -46.33 -47.75 31.86
C PHE DA 123 -45.59 -48.09 33.15
N LYS DA 124 -46.18 -47.74 34.28
CA LYS DA 124 -45.66 -48.13 35.58
C LYS DA 124 -46.37 -49.40 36.02
N TYR DA 125 -45.59 -50.38 36.45
CA TYR DA 125 -46.10 -51.58 37.07
C TYR DA 125 -45.63 -51.63 38.51
N ALA DA 126 -46.32 -52.43 39.31
CA ALA DA 126 -45.86 -52.80 40.64
C ALA DA 126 -46.14 -54.28 40.83
N VAL DA 127 -45.23 -54.93 41.55
CA VAL DA 127 -45.30 -56.36 41.79
C VAL DA 127 -45.33 -56.58 43.30
N ALA DA 128 -46.27 -57.39 43.75
CA ALA DA 128 -46.28 -57.86 45.13
C ALA DA 128 -45.56 -59.19 45.19
N VAL DA 129 -44.44 -59.21 45.88
CA VAL DA 129 -43.48 -60.30 45.81
C VAL DA 129 -43.83 -61.36 46.84
N SER DA 130 -43.87 -62.61 46.39
CA SER DA 130 -44.01 -63.77 47.26
C SER DA 130 -42.77 -64.65 47.29
N TYR DA 131 -41.68 -64.23 46.65
CA TYR DA 131 -40.43 -64.95 46.71
C TYR DA 131 -39.33 -64.03 46.20
N TYR DA 132 -38.21 -64.02 46.89
CA TYR DA 132 -37.13 -63.08 46.62
C TYR DA 132 -35.80 -63.77 46.85
N LYS DA 133 -35.05 -64.00 45.77
CA LYS DA 133 -33.68 -64.49 45.84
C LYS DA 133 -32.78 -63.47 45.15
N LEU DA 134 -31.90 -62.85 45.92
CA LEU DA 134 -30.91 -61.92 45.39
C LEU DA 134 -29.58 -62.64 45.30
N GLU DA 135 -28.93 -62.51 44.15
CA GLU DA 135 -27.62 -63.09 43.91
C GLU DA 135 -26.68 -62.01 43.41
N VAL DA 136 -25.44 -62.05 43.90
CA VAL DA 136 -24.39 -61.13 43.50
C VAL DA 136 -23.20 -61.98 43.07
N ASP DA 137 -22.76 -61.78 41.82
CA ASP DA 137 -21.57 -62.46 41.31
C ASP DA 137 -21.75 -63.98 41.35
N GLY DA 138 -22.98 -64.42 41.07
CA GLY DA 138 -23.29 -65.83 41.05
C GLY DA 138 -23.45 -66.47 42.40
N ARG DA 139 -23.35 -65.70 43.49
CA ARG DA 139 -23.45 -66.22 44.84
C ARG DA 139 -24.75 -65.77 45.48
N GLU DA 140 -25.39 -66.67 46.20
CA GLU DA 140 -26.59 -66.34 46.95
C GLU DA 140 -26.24 -65.32 48.02
N VAL DA 141 -26.88 -64.16 47.95
CA VAL DA 141 -26.89 -63.21 49.05
C VAL DA 141 -28.09 -63.46 49.95
N TYR DA 142 -29.31 -63.34 49.41
CA TYR DA 142 -30.52 -63.64 50.17
C TYR DA 142 -31.33 -64.74 49.52
N GLU DA 143 -32.26 -65.28 50.30
CA GLU DA 143 -33.43 -65.95 49.76
C GLU DA 143 -34.53 -65.84 50.79
N ILE DA 144 -35.57 -65.07 50.48
CA ILE DA 144 -36.81 -65.12 51.24
C ILE DA 144 -37.68 -66.17 50.57
N ASP DA 145 -38.38 -66.93 51.41
CA ASP DA 145 -39.60 -67.62 50.99
C ASP DA 145 -40.59 -67.39 52.13
N PRO DA 146 -41.51 -66.42 52.00
CA PRO DA 146 -42.35 -66.09 53.16
C PRO DA 146 -43.21 -67.24 53.64
N VAL DA 147 -43.90 -67.90 52.72
CA VAL DA 147 -44.92 -68.87 53.10
C VAL DA 147 -44.29 -70.12 53.67
N ASN DA 148 -43.06 -70.44 53.28
CA ASN DA 148 -42.32 -71.55 53.85
C ASN DA 148 -41.45 -71.16 55.03
N GLY DA 149 -41.28 -69.87 55.30
CA GLY DA 149 -40.51 -69.43 56.45
C GLY DA 149 -39.02 -69.46 56.24
N VAL DA 150 -38.54 -69.01 55.08
CA VAL DA 150 -37.13 -68.94 54.77
C VAL DA 150 -36.71 -67.48 54.77
N ARG DA 151 -35.64 -67.18 55.49
CA ARG DA 151 -34.93 -65.90 55.40
C ARG DA 151 -33.46 -66.25 55.47
N ALA DA 152 -32.86 -66.50 54.31
CA ALA DA 152 -31.50 -67.01 54.23
C ALA DA 152 -30.54 -65.88 53.97
N ILE DA 153 -29.41 -65.91 54.65
CA ILE DA 153 -28.29 -65.02 54.42
C ILE DA 153 -27.09 -65.88 54.05
N ASN DA 154 -26.61 -65.74 52.83
CA ASN DA 154 -25.46 -66.51 52.34
C ASN DA 154 -25.70 -68.02 52.48
N GLY DA 155 -26.96 -68.43 52.36
CA GLY DA 155 -27.32 -69.82 52.51
C GLY DA 155 -27.67 -70.25 53.93
N VAL DA 156 -27.66 -69.32 54.89
CA VAL DA 156 -27.93 -69.63 56.28
C VAL DA 156 -29.33 -69.12 56.61
N ASP DA 157 -30.28 -70.04 56.73
CA ASP DA 157 -31.64 -69.69 57.11
C ASP DA 157 -31.65 -69.16 58.53
N GLN DA 158 -31.86 -67.85 58.67
CA GLN DA 158 -31.93 -67.23 59.98
C GLN DA 158 -33.16 -67.65 60.77
N LEU DA 159 -34.17 -68.19 60.09
CA LEU DA 159 -35.44 -68.54 60.71
C LEU DA 159 -35.51 -70.01 61.14
N ALA DA 160 -34.38 -70.72 61.14
CA ALA DA 160 -34.41 -72.14 61.51
C ALA DA 160 -34.86 -72.32 62.95
N GLY DA 161 -34.50 -71.40 63.83
CA GLY DA 161 -34.94 -71.48 65.21
C GLY DA 161 -36.45 -71.30 65.32
N MET DA 162 -37.01 -70.37 64.55
CA MET DA 162 -38.45 -70.18 64.53
C MET DA 162 -39.15 -71.43 64.00
N ARG DA 163 -38.60 -72.03 62.95
CA ARG DA 163 -39.20 -73.22 62.38
C ARG DA 163 -39.17 -74.38 63.36
N ASN DA 164 -38.08 -74.49 64.13
CA ASN DA 164 -38.03 -75.51 65.18
C ASN DA 164 -39.04 -75.22 66.27
N ASP DA 165 -39.17 -73.96 66.68
CA ASP DA 165 -40.08 -73.60 67.75
C ASP DA 165 -41.53 -73.86 67.36
N LEU DA 166 -41.88 -73.53 66.13
CA LEU DA 166 -43.24 -73.70 65.64
C LEU DA 166 -43.50 -75.08 65.03
N GLY DA 167 -42.46 -75.90 64.87
CA GLY DA 167 -42.64 -77.20 64.25
C GLY DA 167 -43.12 -77.07 62.83
N LEU DA 168 -42.33 -76.40 62.00
CA LEU DA 168 -42.72 -76.00 60.65
C LEU DA 168 -43.91 -75.05 60.72
#